data_3S9V
#
_entry.id   3S9V
#
_cell.length_a   92.840
_cell.length_b   189.085
_cell.length_c   99.895
_cell.angle_alpha   90.000
_cell.angle_beta   91.450
_cell.angle_gamma   90.000
#
_symmetry.space_group_name_H-M   'P 1 21 1'
#
loop_
_entity.id
_entity.type
_entity.pdbx_description
1 polymer 'Abietadiene synthase, chloroplastic'
2 water water
#
_entity_poly.entity_id   1
_entity_poly.type   'polypeptide(L)'
_entity_poly.pdbx_seq_one_letter_code
;MVKREFPPGFWKDDLIDSLTSSHKVAASDEKRIETLISEIKNMFRCMGYGETNPSAYDTAWVARIPAVDGSDNPHFPETV
EWILQNQLKDGSWGEGFYFLAYDRILATLACIITLTLWRTGETQVQKGIEFFRTQAGKMEDEADSHRPSGFEIVFPAMLK
EAKILGLDLPYDLPFLKQIIEKREAKLKRIPTDVLYALPTTLLYSLEGLQEIVDWQKIMKLQSKDGSFLSSPASTAAVFM
RTGNKKCLDFLNFVLKKFGNHVPCHYPLDLFERLWAVDTVERLGIDRHFKEEIKEALDYVYSHWDERGIGWARENPVPDI
DDTAMGLRILRLHGYNVSSDVLKTFRDENGEFFCFLGQTQRGVTDMLNVNRCSHVSFPGETIMEEAKLCTERYLRNALEN
VDAFDKWAFKKNIRGEVEYALKYPWHKSMPRLEARSYIENYGPDDVWLGKTVYMMPYISNEKYLELAKLDFNKVQSIHQT
ELQDLRRWWKSSGFTDLNFTRERVTEIYFSPASFIFEPEFSKCREVYTKTSNFTVILDDLYDAHGSLDDLKLFTESVKRW
DLSLVDQMPQQMKICFVGFYNTFNDIAKEGRERQGRDVLGYIQNVWKVQLEAYTKEAEWSEAKYVPSFNEYIENASVSIA
LGTVVLISALFTGEVLTDEVLSKIDRESRFLQLMGLTGRLVNDTKTYQAERGQGEVASAIQCYMKDHPKISEEEALQHVY
SVMENALEELNREFVNNKIPDIYKRLVFETARIMQLFYMQGDGLTLSHDMEIKEHVKNCLFQPVA
;
_entity_poly.pdbx_strand_id   A,B,C,D
#
# COMPACT_ATOMS: atom_id res chain seq x y z
N ALA A 27 44.05 -7.53 70.93
CA ALA A 27 43.12 -7.87 69.81
C ALA A 27 43.29 -6.89 68.65
N SER A 28 44.15 -7.26 67.70
CA SER A 28 44.41 -6.42 66.52
C SER A 28 43.15 -6.17 65.68
N ASP A 29 43.25 -5.24 64.74
CA ASP A 29 42.13 -4.91 63.88
C ASP A 29 41.69 -6.10 63.03
N GLU A 30 42.56 -7.10 62.89
CA GLU A 30 42.22 -8.28 62.11
C GLU A 30 41.28 -9.17 62.91
N LYS A 31 41.50 -9.26 64.21
CA LYS A 31 40.65 -10.06 65.07
C LYS A 31 39.31 -9.36 65.20
N ARG A 32 39.35 -8.03 65.30
CA ARG A 32 38.13 -7.24 65.42
C ARG A 32 37.27 -7.46 64.18
N ILE A 33 37.92 -7.50 63.01
CA ILE A 33 37.24 -7.71 61.73
C ILE A 33 36.55 -9.07 61.76
N GLU A 34 37.24 -10.07 62.27
CA GLU A 34 36.68 -11.42 62.34
C GLU A 34 35.47 -11.40 63.29
N THR A 35 35.61 -10.70 64.41
CA THR A 35 34.55 -10.61 65.40
C THR A 35 33.31 -9.97 64.78
N LEU A 36 33.50 -8.81 64.17
CA LEU A 36 32.40 -8.10 63.54
C LEU A 36 31.68 -8.96 62.52
N ILE A 37 32.43 -9.72 61.74
CA ILE A 37 31.86 -10.57 60.73
C ILE A 37 30.99 -11.67 61.31
N SER A 38 31.43 -12.29 62.40
CA SER A 38 30.62 -13.34 62.99
C SER A 38 29.39 -12.75 63.68
N GLU A 39 29.51 -11.52 64.17
CA GLU A 39 28.40 -10.86 64.84
C GLU A 39 27.33 -10.41 63.84
N ILE A 40 27.79 -9.98 62.67
CA ILE A 40 26.88 -9.54 61.62
C ILE A 40 26.23 -10.74 60.96
N LYS A 41 26.96 -11.86 60.91
CA LYS A 41 26.38 -13.07 60.33
C LYS A 41 25.25 -13.53 61.25
N ASN A 42 25.42 -13.35 62.55
CA ASN A 42 24.39 -13.74 63.49
C ASN A 42 23.16 -12.84 63.30
N MET A 43 23.39 -11.55 63.05
CA MET A 43 22.28 -10.65 62.81
C MET A 43 21.44 -11.18 61.66
N PHE A 44 22.08 -11.51 60.56
CA PHE A 44 21.34 -12.04 59.41
C PHE A 44 20.58 -13.31 59.74
N ARG A 45 21.20 -14.21 60.52
CA ARG A 45 20.56 -15.47 60.90
C ARG A 45 19.39 -15.24 61.85
N CYS A 46 19.41 -14.12 62.56
CA CYS A 46 18.35 -13.79 63.51
C CYS A 46 17.14 -13.13 62.84
N MET A 47 17.35 -12.53 61.67
CA MET A 47 16.26 -11.87 60.98
C MET A 47 15.00 -12.72 60.87
N GLY A 48 13.89 -12.14 61.32
CA GLY A 48 12.61 -12.82 61.27
C GLY A 48 11.56 -11.88 60.71
N TYR A 49 10.62 -11.45 61.54
CA TYR A 49 9.59 -10.52 61.07
C TYR A 49 10.04 -9.08 61.25
N GLY A 50 11.20 -8.88 61.87
CA GLY A 50 11.71 -7.54 62.04
C GLY A 50 12.07 -7.12 63.45
N GLU A 51 13.19 -6.42 63.56
CA GLU A 51 13.64 -5.91 64.84
C GLU A 51 13.43 -4.41 64.88
N THR A 52 12.76 -3.94 65.92
CA THR A 52 12.50 -2.51 66.06
C THR A 52 12.19 -2.21 67.52
N ASN A 53 12.03 -0.92 67.81
CA ASN A 53 11.76 -0.47 69.16
C ASN A 53 10.27 -0.40 69.46
N PRO A 54 9.92 -0.30 70.76
CA PRO A 54 8.51 -0.22 71.14
C PRO A 54 7.94 1.14 70.78
N SER A 55 6.65 1.18 70.49
CA SER A 55 5.97 2.43 70.18
C SER A 55 5.05 2.72 71.36
N ALA A 56 5.46 3.64 72.22
CA ALA A 56 4.64 3.96 73.38
C ALA A 56 3.22 4.33 72.93
N TYR A 57 3.13 5.08 71.85
CA TYR A 57 1.84 5.51 71.32
C TYR A 57 0.93 4.32 70.94
N ASP A 58 1.45 3.40 70.13
CA ASP A 58 0.67 2.25 69.70
C ASP A 58 0.38 1.32 70.87
N THR A 59 1.34 1.19 71.78
CA THR A 59 1.15 0.33 72.93
C THR A 59 0.00 0.88 73.76
N ALA A 60 -0.06 2.19 73.86
CA ALA A 60 -1.12 2.84 74.63
C ALA A 60 -2.48 2.50 74.02
N TRP A 61 -2.55 2.40 72.70
CA TRP A 61 -3.81 2.07 72.04
C TRP A 61 -4.20 0.61 72.25
N VAL A 62 -3.22 -0.28 72.20
CA VAL A 62 -3.50 -1.69 72.42
C VAL A 62 -4.00 -1.86 73.88
N ALA A 63 -3.38 -1.11 74.80
CA ALA A 63 -3.72 -1.18 76.22
C ALA A 63 -5.14 -0.73 76.52
N ARG A 64 -5.78 -0.05 75.57
CA ARG A 64 -7.13 0.40 75.75
C ARG A 64 -8.17 -0.70 75.60
N ILE A 65 -7.89 -1.70 74.79
CA ILE A 65 -8.85 -2.76 74.56
C ILE A 65 -9.27 -3.45 75.86
N PRO A 66 -10.56 -3.36 76.22
CA PRO A 66 -11.12 -3.97 77.44
C PRO A 66 -11.17 -5.50 77.35
N ALA A 67 -10.98 -6.18 78.49
CA ALA A 67 -11.01 -7.64 78.54
C ALA A 67 -12.21 -8.21 77.78
N VAL A 68 -11.95 -9.18 76.91
CA VAL A 68 -13.00 -9.79 76.12
C VAL A 68 -14.07 -10.49 76.95
N ASP A 69 -13.71 -10.96 78.14
CA ASP A 69 -14.69 -11.65 79.00
C ASP A 69 -15.66 -10.68 79.70
N GLY A 70 -15.60 -9.40 79.35
CA GLY A 70 -16.47 -8.42 79.96
C GLY A 70 -16.03 -7.90 81.32
N SER A 71 -14.95 -8.47 81.83
CA SER A 71 -14.40 -8.09 83.11
C SER A 71 -13.82 -6.68 83.05
N ASP A 72 -13.68 -6.03 84.21
CA ASP A 72 -13.12 -4.69 84.28
C ASP A 72 -11.59 -4.70 84.33
N ASN A 73 -10.98 -5.06 83.22
CA ASN A 73 -9.52 -5.12 83.12
C ASN A 73 -9.11 -4.93 81.67
N PRO A 74 -7.87 -4.52 81.44
CA PRO A 74 -7.46 -4.35 80.05
C PRO A 74 -7.37 -5.78 79.52
N HIS A 75 -7.59 -5.96 78.22
CA HIS A 75 -7.50 -7.29 77.65
C HIS A 75 -6.04 -7.74 77.65
N PHE A 76 -5.12 -6.78 77.54
CA PHE A 76 -3.69 -7.05 77.55
C PHE A 76 -3.05 -6.31 78.72
N PRO A 77 -3.23 -6.79 79.96
CA PRO A 77 -2.68 -6.17 81.17
C PRO A 77 -1.20 -5.82 81.11
N GLU A 78 -0.43 -6.63 80.38
CA GLU A 78 1.00 -6.41 80.27
C GLU A 78 1.32 -5.08 79.57
N THR A 79 0.48 -4.65 78.63
CA THR A 79 0.75 -3.39 77.94
C THR A 79 0.52 -2.21 78.87
N VAL A 80 -0.47 -2.32 79.75
CA VAL A 80 -0.72 -1.24 80.70
C VAL A 80 0.49 -1.12 81.63
N GLU A 81 0.99 -2.26 82.07
CA GLU A 81 2.15 -2.29 82.94
C GLU A 81 3.35 -1.70 82.19
N TRP A 82 3.48 -2.01 80.91
CA TRP A 82 4.58 -1.48 80.12
C TRP A 82 4.57 0.05 80.17
N ILE A 83 3.38 0.63 80.02
CA ILE A 83 3.25 2.08 80.04
C ILE A 83 3.73 2.61 81.39
N LEU A 84 3.27 1.99 82.47
CA LEU A 84 3.64 2.39 83.81
C LEU A 84 5.15 2.34 84.08
N GLN A 85 5.83 1.39 83.44
CA GLN A 85 7.26 1.20 83.63
C GLN A 85 8.17 1.94 82.67
N ASN A 86 7.63 2.50 81.59
CA ASN A 86 8.48 3.15 80.60
C ASN A 86 8.34 4.65 80.35
N GLN A 87 7.91 5.38 81.37
CA GLN A 87 7.80 6.82 81.24
C GLN A 87 9.23 7.36 81.42
N LEU A 88 9.56 8.43 80.70
CA LEU A 88 10.88 9.03 80.78
C LEU A 88 11.01 10.00 81.97
N LYS A 89 12.23 10.42 82.26
CA LYS A 89 12.50 11.33 83.38
C LYS A 89 11.78 12.68 83.33
N ASP A 90 11.58 13.22 82.13
CA ASP A 90 10.91 14.50 82.01
C ASP A 90 9.39 14.36 82.03
N GLY A 91 8.90 13.12 82.19
CA GLY A 91 7.46 12.90 82.26
C GLY A 91 6.81 12.50 80.95
N SER A 92 7.59 12.51 79.88
CA SER A 92 7.04 12.15 78.58
C SER A 92 7.22 10.65 78.32
N TRP A 93 6.62 10.19 77.22
CA TRP A 93 6.74 8.81 76.76
C TRP A 93 7.22 8.97 75.33
N GLY A 94 7.90 7.95 74.80
CA GLY A 94 8.38 8.03 73.44
C GLY A 94 9.78 7.45 73.38
N GLU A 95 10.46 7.65 72.26
CA GLU A 95 11.81 7.11 72.14
C GLU A 95 12.82 8.02 72.82
N GLY A 96 13.45 7.52 73.87
CA GLY A 96 14.43 8.32 74.59
C GLY A 96 15.69 8.56 73.75
N PHE A 97 16.11 7.55 73.01
CA PHE A 97 17.30 7.63 72.17
C PHE A 97 17.34 8.88 71.29
N TYR A 98 16.19 9.30 70.78
CA TYR A 98 16.12 10.46 69.90
C TYR A 98 14.90 11.32 70.18
N PHE A 99 15.15 12.57 70.56
CA PHE A 99 14.07 13.48 70.89
C PHE A 99 13.41 14.17 69.70
N LEU A 100 12.11 13.97 69.58
CA LEU A 100 11.31 14.63 68.54
C LEU A 100 10.09 15.12 69.30
N ALA A 101 9.89 16.43 69.31
CA ALA A 101 8.76 17.00 70.03
C ALA A 101 7.43 16.32 69.69
N TYR A 102 7.10 16.27 68.40
CA TYR A 102 5.83 15.64 67.98
C TYR A 102 5.66 14.25 68.57
N ASP A 103 6.71 13.43 68.44
CA ASP A 103 6.73 12.07 68.96
C ASP A 103 6.36 12.04 70.45
N ARG A 104 7.07 12.84 71.26
CA ARG A 104 6.82 12.86 72.70
C ARG A 104 5.42 13.31 73.10
N ILE A 105 4.91 14.40 72.53
CA ILE A 105 3.57 14.85 72.90
C ILE A 105 2.49 13.90 72.41
N LEU A 106 2.75 13.21 71.29
CA LEU A 106 1.81 12.23 70.74
C LEU A 106 1.71 11.06 71.69
N ALA A 107 2.87 10.50 72.04
CA ALA A 107 2.91 9.36 72.94
C ALA A 107 2.40 9.68 74.35
N THR A 108 2.77 10.85 74.87
CA THR A 108 2.36 11.24 76.22
C THR A 108 0.84 11.37 76.29
N LEU A 109 0.26 12.08 75.33
CA LEU A 109 -1.17 12.26 75.33
C LEU A 109 -1.84 10.89 75.29
N ALA A 110 -1.40 10.04 74.36
CA ALA A 110 -1.95 8.70 74.23
C ALA A 110 -1.85 7.88 75.52
N CYS A 111 -0.71 7.95 76.21
CA CYS A 111 -0.56 7.19 77.45
C CYS A 111 -1.39 7.74 78.60
N ILE A 112 -1.50 9.07 78.69
CA ILE A 112 -2.27 9.71 79.74
C ILE A 112 -3.74 9.34 79.62
N ILE A 113 -4.24 9.29 78.38
CA ILE A 113 -5.63 8.93 78.17
C ILE A 113 -5.88 7.47 78.60
N THR A 114 -4.97 6.57 78.24
CA THR A 114 -5.12 5.16 78.58
C THR A 114 -5.02 4.87 80.08
N LEU A 115 -4.07 5.51 80.76
CA LEU A 115 -3.94 5.29 82.20
C LEU A 115 -5.17 5.88 82.90
N THR A 116 -5.67 7.01 82.41
CA THR A 116 -6.85 7.63 82.98
C THR A 116 -8.04 6.69 82.82
N LEU A 117 -8.16 6.08 81.65
CA LEU A 117 -9.28 5.17 81.39
C LEU A 117 -9.23 3.95 82.31
N TRP A 118 -8.03 3.54 82.72
CA TRP A 118 -7.92 2.39 83.60
C TRP A 118 -7.79 2.79 85.07
N ARG A 119 -7.98 4.09 85.32
CA ARG A 119 -7.92 4.64 86.67
C ARG A 119 -6.65 4.19 87.37
N THR A 120 -5.54 4.20 86.65
CA THR A 120 -4.28 3.75 87.22
C THR A 120 -3.13 4.72 86.93
N GLY A 121 -2.00 4.50 87.61
CA GLY A 121 -0.82 5.32 87.45
C GLY A 121 -1.05 6.82 87.64
N GLU A 122 -1.73 7.18 88.74
CA GLU A 122 -2.03 8.58 89.03
C GLU A 122 -0.83 9.51 88.96
N THR A 123 0.31 9.08 89.50
CA THR A 123 1.49 9.93 89.48
C THR A 123 2.02 10.09 88.05
N GLN A 124 2.14 8.99 87.32
CA GLN A 124 2.64 9.07 85.95
C GLN A 124 1.75 9.98 85.10
N VAL A 125 0.45 9.89 85.29
CA VAL A 125 -0.46 10.74 84.54
C VAL A 125 -0.17 12.20 84.85
N GLN A 126 0.06 12.51 86.13
CA GLN A 126 0.36 13.89 86.52
C GLN A 126 1.66 14.39 85.90
N LYS A 127 2.72 13.57 85.96
CA LYS A 127 3.99 13.96 85.36
C LYS A 127 3.85 14.12 83.85
N GLY A 128 3.00 13.28 83.24
CA GLY A 128 2.79 13.36 81.81
C GLY A 128 2.08 14.65 81.46
N ILE A 129 1.09 15.02 82.26
CA ILE A 129 0.34 16.24 82.04
C ILE A 129 1.27 17.44 82.06
N GLU A 130 2.16 17.46 83.05
CA GLU A 130 3.11 18.56 83.19
C GLU A 130 4.05 18.61 81.99
N PHE A 131 4.55 17.47 81.55
CA PHE A 131 5.42 17.46 80.40
C PHE A 131 4.67 17.98 79.19
N PHE A 132 3.49 17.44 78.95
CA PHE A 132 2.69 17.85 77.82
C PHE A 132 2.45 19.35 77.82
N ARG A 133 2.17 19.92 78.99
CA ARG A 133 1.93 21.35 79.11
C ARG A 133 3.19 22.17 78.81
N THR A 134 4.33 21.72 79.33
CA THR A 134 5.56 22.45 79.09
C THR A 134 5.98 22.36 77.63
N GLN A 135 5.86 21.16 77.07
CA GLN A 135 6.23 20.93 75.68
C GLN A 135 5.23 21.57 74.71
N ALA A 136 3.96 21.62 75.08
CA ALA A 136 2.95 22.20 74.21
C ALA A 136 3.21 23.68 73.94
N GLY A 137 3.79 24.36 74.93
CA GLY A 137 4.09 25.78 74.77
C GLY A 137 5.37 26.12 74.05
N LYS A 138 6.11 25.10 73.60
CA LYS A 138 7.37 25.33 72.88
C LYS A 138 7.35 24.77 71.46
N MET A 139 6.16 24.37 71.01
CA MET A 139 6.01 23.80 69.67
C MET A 139 6.36 24.73 68.52
N GLU A 140 6.49 26.02 68.81
CA GLU A 140 6.82 26.98 67.77
C GLU A 140 8.30 26.99 67.41
N ASP A 141 9.13 26.29 68.20
CA ASP A 141 10.55 26.25 67.89
C ASP A 141 10.97 24.87 67.38
N GLU A 142 9.96 24.07 67.04
CA GLU A 142 10.18 22.73 66.52
C GLU A 142 9.45 22.65 65.18
N ALA A 143 9.10 23.81 64.64
CA ALA A 143 8.38 23.92 63.37
C ALA A 143 9.15 23.33 62.19
N ASP A 144 10.46 23.46 62.21
CA ASP A 144 11.31 22.94 61.12
C ASP A 144 11.51 21.43 61.20
N SER A 145 11.04 20.81 62.27
CA SER A 145 11.17 19.35 62.42
C SER A 145 10.09 18.70 61.56
N HIS A 146 10.27 17.43 61.23
CA HIS A 146 9.33 16.70 60.40
C HIS A 146 8.15 16.12 61.18
N ARG A 147 6.95 16.32 60.63
CA ARG A 147 5.72 15.84 61.24
C ARG A 147 5.59 14.33 61.05
N PRO A 148 5.32 13.57 62.13
CA PRO A 148 5.18 12.11 62.06
C PRO A 148 3.99 11.76 61.18
N SER A 149 4.02 10.56 60.59
CA SER A 149 2.96 10.10 59.70
C SER A 149 1.57 10.12 60.34
N GLY A 150 0.68 10.91 59.76
CA GLY A 150 -0.68 11.00 60.26
C GLY A 150 -0.85 11.83 61.52
N PHE A 151 0.17 12.60 61.89
CA PHE A 151 0.09 13.42 63.10
C PHE A 151 -1.14 14.29 63.19
N GLU A 152 -1.37 15.08 62.14
CA GLU A 152 -2.50 16.00 62.09
C GLU A 152 -3.87 15.33 62.08
N ILE A 153 -3.89 14.01 61.94
CA ILE A 153 -5.15 13.30 61.96
C ILE A 153 -5.35 12.70 63.34
N VAL A 154 -4.31 12.03 63.80
CA VAL A 154 -4.30 11.34 65.08
C VAL A 154 -4.15 12.19 66.35
N PHE A 155 -3.33 13.24 66.30
CA PHE A 155 -3.13 14.05 67.49
C PHE A 155 -4.36 14.86 67.93
N PRO A 156 -5.04 15.54 66.98
CA PRO A 156 -6.21 16.32 67.42
C PRO A 156 -7.37 15.43 67.86
N ALA A 157 -7.47 14.25 67.26
CA ALA A 157 -8.52 13.31 67.62
C ALA A 157 -8.43 12.97 69.10
N MET A 158 -7.22 12.81 69.62
CA MET A 158 -7.03 12.50 71.03
C MET A 158 -7.22 13.75 71.88
N LEU A 159 -6.90 14.91 71.31
CA LEU A 159 -7.09 16.18 72.05
C LEU A 159 -8.56 16.28 72.43
N LYS A 160 -9.44 15.93 71.48
CA LYS A 160 -10.88 15.97 71.72
C LYS A 160 -11.29 14.93 72.76
N GLU A 161 -10.65 13.76 72.74
CA GLU A 161 -10.97 12.73 73.72
C GLU A 161 -10.64 13.29 75.10
N ALA A 162 -9.40 13.77 75.23
CA ALA A 162 -8.90 14.33 76.47
C ALA A 162 -9.84 15.39 77.04
N LYS A 163 -10.32 16.28 76.18
CA LYS A 163 -11.23 17.34 76.59
C LYS A 163 -12.49 16.71 77.20
N ILE A 164 -13.07 15.73 76.51
CA ILE A 164 -14.28 15.06 77.00
C ILE A 164 -14.03 14.41 78.36
N LEU A 165 -12.82 13.91 78.58
CA LEU A 165 -12.47 13.27 79.85
C LEU A 165 -12.08 14.30 80.90
N GLY A 166 -12.08 15.57 80.51
CA GLY A 166 -11.75 16.62 81.45
C GLY A 166 -10.29 16.79 81.85
N LEU A 167 -9.37 16.29 81.03
CA LEU A 167 -7.95 16.44 81.33
C LEU A 167 -7.53 17.92 81.25
N ASP A 168 -6.73 18.36 82.22
CA ASP A 168 -6.27 19.74 82.28
C ASP A 168 -5.12 20.04 81.33
N LEU A 169 -5.46 20.40 80.10
CA LEU A 169 -4.45 20.72 79.10
C LEU A 169 -4.67 22.12 78.52
N PRO A 170 -3.58 22.75 78.05
CA PRO A 170 -3.57 24.09 77.47
C PRO A 170 -4.32 24.18 76.15
N TYR A 171 -5.55 23.68 76.11
CA TYR A 171 -6.36 23.69 74.90
C TYR A 171 -6.39 25.03 74.18
N ASP A 172 -6.31 26.12 74.94
CA ASP A 172 -6.36 27.45 74.32
C ASP A 172 -5.08 27.90 73.63
N LEU A 173 -4.01 27.12 73.78
CA LEU A 173 -2.77 27.48 73.11
C LEU A 173 -3.04 27.49 71.62
N PRO A 174 -2.57 28.52 70.91
CA PRO A 174 -2.78 28.58 69.46
C PRO A 174 -2.50 27.24 68.78
N PHE A 175 -1.30 26.70 69.01
CA PHE A 175 -0.92 25.43 68.40
C PHE A 175 -1.97 24.33 68.54
N LEU A 176 -2.44 24.11 69.77
CA LEU A 176 -3.42 23.06 70.02
C LEU A 176 -4.81 23.39 69.52
N LYS A 177 -5.21 24.66 69.67
CA LYS A 177 -6.54 25.06 69.21
C LYS A 177 -6.61 25.02 67.69
N GLN A 178 -5.54 25.46 67.03
CA GLN A 178 -5.51 25.50 65.57
C GLN A 178 -5.28 24.15 64.89
N ILE A 179 -4.64 23.20 65.57
CA ILE A 179 -4.42 21.92 64.92
C ILE A 179 -5.74 21.14 64.87
N ILE A 180 -6.61 21.40 65.84
CA ILE A 180 -7.91 20.73 65.89
C ILE A 180 -8.77 21.27 64.74
N GLU A 181 -8.73 22.58 64.56
CA GLU A 181 -9.50 23.23 63.50
C GLU A 181 -9.03 22.74 62.12
N LYS A 182 -7.72 22.59 61.97
CA LYS A 182 -7.15 22.14 60.71
C LYS A 182 -7.53 20.69 60.40
N ARG A 183 -7.57 19.86 61.43
CA ARG A 183 -7.92 18.46 61.27
C ARG A 183 -9.36 18.39 60.75
N GLU A 184 -10.23 19.21 61.33
CA GLU A 184 -11.63 19.22 60.95
C GLU A 184 -11.78 19.61 59.48
N ALA A 185 -10.97 20.57 59.03
CA ALA A 185 -11.02 21.03 57.64
C ALA A 185 -10.33 20.02 56.71
N LYS A 186 -9.69 19.03 57.30
CA LYS A 186 -8.98 18.01 56.52
C LYS A 186 -9.91 16.81 56.35
N LEU A 187 -10.67 16.48 57.39
CA LEU A 187 -11.59 15.36 57.33
C LEU A 187 -12.68 15.59 56.28
N LYS A 188 -13.31 16.76 56.33
CA LYS A 188 -14.38 17.10 55.38
C LYS A 188 -13.83 17.23 53.96
N ARG A 189 -12.52 17.09 53.82
CA ARG A 189 -11.89 17.23 52.52
C ARG A 189 -11.39 15.89 51.97
N ILE A 190 -11.62 14.81 52.72
CA ILE A 190 -11.18 13.47 52.29
C ILE A 190 -12.12 12.83 51.28
N PRO A 191 -11.57 12.33 50.15
CA PRO A 191 -12.34 11.68 49.09
C PRO A 191 -12.81 10.28 49.47
N THR A 192 -14.06 10.21 49.92
CA THR A 192 -14.71 8.97 50.35
C THR A 192 -14.47 7.79 49.40
N ASP A 193 -14.54 8.06 48.10
CA ASP A 193 -14.35 7.04 47.08
C ASP A 193 -13.02 6.32 47.28
N VAL A 194 -11.95 7.09 47.20
CA VAL A 194 -10.60 6.56 47.35
C VAL A 194 -10.43 5.86 48.69
N LEU A 195 -10.96 6.49 49.74
CA LEU A 195 -10.87 5.95 51.09
C LEU A 195 -11.46 4.54 51.24
N TYR A 196 -12.48 4.22 50.46
CA TYR A 196 -13.11 2.90 50.56
C TYR A 196 -12.87 1.95 49.40
N ALA A 197 -12.44 2.47 48.26
CA ALA A 197 -12.20 1.65 47.07
C ALA A 197 -11.10 0.61 47.23
N LEU A 198 -9.93 1.06 47.69
CA LEU A 198 -8.77 0.21 47.86
C LEU A 198 -8.04 0.57 49.15
N PRO A 199 -7.21 -0.35 49.66
CA PRO A 199 -6.48 -0.03 50.90
C PRO A 199 -5.54 1.13 50.58
N THR A 200 -5.45 2.11 51.46
CA THR A 200 -4.56 3.25 51.23
C THR A 200 -3.90 3.58 52.54
N THR A 201 -2.88 4.44 52.52
CA THR A 201 -2.20 4.78 53.77
C THR A 201 -3.08 5.52 54.78
N LEU A 202 -4.30 5.88 54.39
CA LEU A 202 -5.22 6.51 55.32
C LEU A 202 -5.56 5.50 56.42
N LEU A 203 -5.63 4.23 56.02
CA LEU A 203 -5.94 3.14 56.96
C LEU A 203 -4.87 2.97 58.03
N TYR A 204 -3.70 3.56 57.80
CA TYR A 204 -2.59 3.49 58.73
C TYR A 204 -2.92 4.26 60.00
N SER A 205 -3.88 5.19 59.90
CA SER A 205 -4.26 5.97 61.07
C SER A 205 -5.76 6.08 61.32
N LEU A 206 -6.44 4.93 61.25
CA LEU A 206 -7.88 4.87 61.48
C LEU A 206 -8.27 5.28 62.90
N GLU A 207 -7.34 5.18 63.85
CA GLU A 207 -7.64 5.56 65.22
C GLU A 207 -7.99 7.05 65.30
N GLY A 208 -7.63 7.80 64.25
CA GLY A 208 -7.95 9.22 64.23
C GLY A 208 -9.08 9.58 63.28
N LEU A 209 -9.77 8.58 62.74
CA LEU A 209 -10.87 8.81 61.80
C LEU A 209 -12.13 8.08 62.26
N GLN A 210 -12.11 7.61 63.49
CA GLN A 210 -13.23 6.87 64.07
C GLN A 210 -14.60 7.55 64.05
N GLU A 211 -14.64 8.87 63.90
CA GLU A 211 -15.92 9.56 63.89
C GLU A 211 -16.49 9.73 62.48
N ILE A 212 -15.68 9.56 61.46
CA ILE A 212 -16.18 9.76 60.10
C ILE A 212 -16.12 8.57 59.16
N VAL A 213 -15.78 7.39 59.67
CA VAL A 213 -15.65 6.24 58.80
C VAL A 213 -16.83 5.24 58.84
N ASP A 214 -17.10 4.59 57.70
CA ASP A 214 -18.15 3.57 57.59
C ASP A 214 -17.45 2.25 57.85
N TRP A 215 -17.53 1.76 59.09
CA TRP A 215 -16.84 0.54 59.47
C TRP A 215 -17.00 -0.65 58.54
N GLN A 216 -18.23 -0.87 58.07
CA GLN A 216 -18.47 -2.00 57.17
C GLN A 216 -17.62 -1.93 55.90
N LYS A 217 -17.56 -0.77 55.28
CA LYS A 217 -16.76 -0.62 54.07
C LYS A 217 -15.29 -0.79 54.40
N ILE A 218 -14.88 -0.32 55.58
CA ILE A 218 -13.49 -0.44 56.01
C ILE A 218 -13.05 -1.90 56.18
N MET A 219 -13.94 -2.74 56.70
CA MET A 219 -13.60 -4.16 56.93
C MET A 219 -13.15 -4.91 55.67
N LYS A 220 -13.58 -4.44 54.50
CA LYS A 220 -13.22 -5.09 53.25
C LYS A 220 -11.79 -4.80 52.86
N LEU A 221 -11.19 -3.82 53.51
CA LEU A 221 -9.83 -3.42 53.20
C LEU A 221 -8.82 -3.94 54.24
N GLN A 222 -9.27 -4.88 55.07
CA GLN A 222 -8.42 -5.47 56.10
C GLN A 222 -7.27 -6.25 55.44
N SER A 223 -6.13 -6.34 56.13
CA SER A 223 -4.97 -7.06 55.60
C SER A 223 -5.15 -8.56 55.76
N LYS A 224 -4.34 -9.34 55.06
CA LYS A 224 -4.44 -10.80 55.16
C LYS A 224 -4.16 -11.27 56.59
N ASP A 225 -3.23 -10.59 57.28
CA ASP A 225 -2.91 -10.96 58.65
C ASP A 225 -3.84 -10.28 59.66
N GLY A 226 -4.91 -9.68 59.14
CA GLY A 226 -5.87 -9.03 60.03
C GLY A 226 -5.58 -7.60 60.43
N SER A 227 -4.43 -7.07 60.03
CA SER A 227 -4.10 -5.70 60.41
C SER A 227 -4.70 -4.72 59.43
N PHE A 228 -4.63 -3.45 59.79
CA PHE A 228 -5.08 -2.39 58.92
C PHE A 228 -3.80 -1.61 58.63
N LEU A 229 -3.28 -1.84 57.43
CA LEU A 229 -2.03 -1.26 56.94
C LEU A 229 -0.87 -1.41 57.93
N SER A 230 -0.84 -2.57 58.58
CA SER A 230 0.20 -2.95 59.54
C SER A 230 0.30 -2.15 60.82
N SER A 231 -0.64 -1.23 61.04
CA SER A 231 -0.64 -0.39 62.23
C SER A 231 -1.38 -0.99 63.43
N PRO A 232 -0.67 -1.24 64.54
CA PRO A 232 -1.30 -1.81 65.75
C PRO A 232 -2.38 -0.92 66.36
N ALA A 233 -2.10 0.38 66.47
CA ALA A 233 -3.08 1.30 67.04
C ALA A 233 -4.32 1.36 66.14
N SER A 234 -4.09 1.36 64.84
CA SER A 234 -5.19 1.43 63.89
C SER A 234 -6.04 0.17 64.00
N THR A 235 -5.38 -0.98 64.13
CA THR A 235 -6.06 -2.25 64.25
C THR A 235 -6.80 -2.36 65.58
N ALA A 236 -6.20 -1.80 66.63
CA ALA A 236 -6.80 -1.82 67.96
C ALA A 236 -8.09 -1.02 67.95
N ALA A 237 -8.05 0.15 67.31
CA ALA A 237 -9.22 1.00 67.21
C ALA A 237 -10.32 0.28 66.44
N VAL A 238 -9.97 -0.32 65.30
CA VAL A 238 -10.98 -1.04 64.52
C VAL A 238 -11.60 -2.17 65.34
N PHE A 239 -10.78 -2.87 66.13
CA PHE A 239 -11.29 -3.98 66.93
C PHE A 239 -12.28 -3.49 67.96
N MET A 240 -11.94 -2.38 68.62
CA MET A 240 -12.82 -1.82 69.64
C MET A 240 -14.15 -1.33 69.06
N ARG A 241 -14.16 -1.00 67.77
CA ARG A 241 -15.38 -0.53 67.12
C ARG A 241 -16.23 -1.62 66.45
N THR A 242 -15.61 -2.74 66.10
CA THR A 242 -16.33 -3.83 65.42
C THR A 242 -16.21 -5.22 66.03
N GLY A 243 -15.29 -5.40 66.98
CA GLY A 243 -15.14 -6.71 67.57
C GLY A 243 -14.57 -7.74 66.60
N ASN A 244 -14.12 -7.28 65.43
CA ASN A 244 -13.57 -8.16 64.42
C ASN A 244 -12.40 -8.97 64.97
N LYS A 245 -12.53 -10.30 64.96
CA LYS A 245 -11.53 -11.21 65.50
C LYS A 245 -10.16 -11.25 64.82
N LYS A 246 -10.10 -11.10 63.50
CA LYS A 246 -8.81 -11.12 62.84
C LYS A 246 -7.94 -9.98 63.37
N CYS A 247 -8.56 -8.86 63.73
CA CYS A 247 -7.81 -7.74 64.30
C CYS A 247 -7.08 -8.26 65.53
N LEU A 248 -7.80 -9.03 66.36
CA LEU A 248 -7.21 -9.57 67.58
C LEU A 248 -6.07 -10.55 67.25
N ASP A 249 -6.24 -11.35 66.20
CA ASP A 249 -5.21 -12.29 65.81
C ASP A 249 -3.92 -11.54 65.45
N PHE A 250 -4.05 -10.38 64.80
CA PHE A 250 -2.89 -9.58 64.43
C PHE A 250 -2.19 -9.01 65.67
N LEU A 251 -2.97 -8.57 66.64
CA LEU A 251 -2.37 -8.03 67.86
C LEU A 251 -1.69 -9.15 68.64
N ASN A 252 -2.32 -10.31 68.73
CA ASN A 252 -1.71 -11.44 69.42
C ASN A 252 -0.38 -11.78 68.73
N PHE A 253 -0.41 -11.76 67.40
CA PHE A 253 0.77 -12.06 66.59
C PHE A 253 1.89 -11.06 66.85
N VAL A 254 1.56 -9.79 66.99
CA VAL A 254 2.57 -8.78 67.27
C VAL A 254 3.11 -8.99 68.68
N LEU A 255 2.21 -9.26 69.62
CA LEU A 255 2.61 -9.47 71.01
C LEU A 255 3.38 -10.78 71.20
N LYS A 256 3.25 -11.70 70.24
CA LYS A 256 3.97 -12.95 70.33
C LYS A 256 5.45 -12.63 70.18
N LYS A 257 5.74 -11.65 69.32
CA LYS A 257 7.11 -11.22 69.05
C LYS A 257 7.65 -10.28 70.15
N PHE A 258 6.85 -9.30 70.56
CA PHE A 258 7.34 -8.34 71.55
C PHE A 258 6.90 -8.50 73.01
N GLY A 259 6.09 -9.52 73.29
CA GLY A 259 5.66 -9.76 74.66
C GLY A 259 4.73 -8.78 75.38
N ASN A 260 5.22 -7.59 75.72
CA ASN A 260 4.41 -6.64 76.47
C ASN A 260 4.23 -5.25 75.83
N HIS A 261 4.58 -5.13 74.55
CA HIS A 261 4.43 -3.87 73.83
C HIS A 261 4.39 -4.12 72.33
N VAL A 262 4.13 -3.07 71.56
CA VAL A 262 4.07 -3.17 70.11
C VAL A 262 4.78 -2.01 69.41
N PRO A 263 5.18 -2.20 68.15
CA PRO A 263 5.85 -1.16 67.34
C PRO A 263 4.75 -0.32 66.64
N CYS A 264 5.14 0.61 65.78
CA CYS A 264 4.12 1.42 65.09
C CYS A 264 3.68 0.82 63.75
N HIS A 265 4.24 -0.35 63.44
CA HIS A 265 3.91 -1.09 62.22
C HIS A 265 4.68 -2.40 62.21
N TYR A 266 4.00 -3.46 61.79
CA TYR A 266 4.60 -4.79 61.75
C TYR A 266 3.77 -5.66 60.81
N PRO A 267 4.39 -6.68 60.20
CA PRO A 267 5.82 -6.99 60.36
C PRO A 267 6.69 -6.11 59.46
N LEU A 268 8.00 -6.34 59.47
CA LEU A 268 8.93 -5.54 58.66
C LEU A 268 9.97 -6.41 57.95
N ASP A 269 9.60 -7.66 57.69
CA ASP A 269 10.49 -8.64 57.08
C ASP A 269 11.11 -8.33 55.72
N LEU A 270 10.38 -7.68 54.82
CA LEU A 270 10.96 -7.38 53.51
C LEU A 270 11.82 -6.12 53.58
N PHE A 271 11.32 -5.14 54.33
CA PHE A 271 12.04 -3.90 54.52
C PHE A 271 13.38 -4.18 55.20
N GLU A 272 13.36 -4.97 56.27
CA GLU A 272 14.59 -5.27 57.00
C GLU A 272 15.64 -6.03 56.19
N ARG A 273 15.21 -7.07 55.48
CA ARG A 273 16.14 -7.86 54.69
C ARG A 273 16.76 -7.10 53.52
N LEU A 274 15.94 -6.36 52.77
CA LEU A 274 16.42 -5.60 51.62
C LEU A 274 17.37 -4.48 52.00
N TRP A 275 17.06 -3.78 53.09
CA TRP A 275 17.90 -2.67 53.53
C TRP A 275 19.21 -3.16 54.17
N ALA A 276 19.17 -4.29 54.85
CA ALA A 276 20.38 -4.82 55.46
C ALA A 276 21.36 -5.23 54.36
N VAL A 277 20.83 -5.89 53.33
CA VAL A 277 21.63 -6.34 52.19
C VAL A 277 22.21 -5.16 51.41
N ASP A 278 21.38 -4.16 51.18
CA ASP A 278 21.79 -2.98 50.42
C ASP A 278 22.86 -2.24 51.22
N THR A 279 22.70 -2.22 52.54
CA THR A 279 23.65 -1.55 53.42
C THR A 279 25.04 -2.16 53.34
N VAL A 280 25.13 -3.48 53.48
CA VAL A 280 26.43 -4.15 53.43
C VAL A 280 27.04 -4.11 52.02
N GLU A 281 26.19 -4.04 51.00
CA GLU A 281 26.72 -3.96 49.63
C GLU A 281 27.29 -2.56 49.40
N ARG A 282 26.51 -1.53 49.73
CA ARG A 282 26.93 -0.14 49.54
C ARG A 282 28.17 0.22 50.37
N LEU A 283 28.33 -0.42 51.53
CA LEU A 283 29.48 -0.18 52.38
C LEU A 283 30.70 -0.99 51.91
N GLY A 284 30.48 -1.84 50.91
CA GLY A 284 31.56 -2.64 50.34
C GLY A 284 32.05 -3.85 51.11
N ILE A 285 31.27 -4.33 52.07
CA ILE A 285 31.66 -5.49 52.88
C ILE A 285 30.81 -6.74 52.66
N ASP A 286 30.02 -6.72 51.59
CA ASP A 286 29.14 -7.83 51.27
C ASP A 286 29.84 -9.17 50.93
N ARG A 287 31.09 -9.13 50.48
CA ARG A 287 31.76 -10.39 50.13
C ARG A 287 31.86 -11.33 51.32
N HIS A 288 31.81 -10.76 52.53
CA HIS A 288 31.92 -11.54 53.75
C HIS A 288 30.63 -12.24 54.17
N PHE A 289 29.53 -12.00 53.46
CA PHE A 289 28.25 -12.60 53.84
C PHE A 289 27.44 -13.15 52.69
N LYS A 290 28.09 -13.77 51.71
CA LYS A 290 27.38 -14.29 50.57
C LYS A 290 26.27 -15.27 50.90
N GLU A 291 26.51 -16.16 51.85
CA GLU A 291 25.51 -17.16 52.25
C GLU A 291 24.32 -16.54 52.96
N GLU A 292 24.57 -15.49 53.73
CA GLU A 292 23.53 -14.80 54.48
C GLU A 292 22.65 -13.99 53.54
N ILE A 293 23.30 -13.28 52.61
CA ILE A 293 22.60 -12.45 51.64
C ILE A 293 21.75 -13.35 50.77
N LYS A 294 22.23 -14.56 50.53
CA LYS A 294 21.53 -15.54 49.71
C LYS A 294 20.26 -15.96 50.43
N GLU A 295 20.39 -16.31 51.71
CA GLU A 295 19.25 -16.75 52.50
C GLU A 295 18.19 -15.64 52.64
N ALA A 296 18.64 -14.40 52.77
CA ALA A 296 17.73 -13.27 52.92
C ALA A 296 16.98 -12.94 51.64
N LEU A 297 17.69 -12.97 50.51
CA LEU A 297 17.07 -12.67 49.22
C LEU A 297 16.11 -13.78 48.75
N ASP A 298 16.42 -15.04 49.08
CA ASP A 298 15.53 -16.14 48.71
C ASP A 298 14.19 -15.90 49.40
N TYR A 299 14.25 -15.46 50.65
CA TYR A 299 13.07 -15.17 51.44
C TYR A 299 12.26 -14.07 50.78
N VAL A 300 12.90 -12.95 50.47
CA VAL A 300 12.21 -11.84 49.83
C VAL A 300 11.58 -12.24 48.51
N TYR A 301 12.33 -13.00 47.70
CA TYR A 301 11.82 -13.42 46.40
C TYR A 301 10.61 -14.34 46.54
N SER A 302 10.60 -15.21 47.55
CA SER A 302 9.47 -16.11 47.75
C SER A 302 8.23 -15.32 48.11
N HIS A 303 8.41 -14.02 48.35
CA HIS A 303 7.29 -13.15 48.67
C HIS A 303 7.11 -12.08 47.60
N TRP A 304 7.85 -12.22 46.50
CA TRP A 304 7.77 -11.26 45.41
C TRP A 304 6.39 -11.30 44.76
N ASP A 305 5.88 -10.13 44.39
CA ASP A 305 4.58 -10.01 43.77
C ASP A 305 4.80 -9.14 42.54
N GLU A 306 4.18 -9.52 41.42
CA GLU A 306 4.32 -8.81 40.16
C GLU A 306 3.75 -7.39 40.17
N ARG A 307 2.99 -7.05 41.20
CA ARG A 307 2.43 -5.70 41.31
C ARG A 307 3.33 -4.86 42.22
N GLY A 308 4.38 -5.46 42.74
CA GLY A 308 5.28 -4.74 43.61
C GLY A 308 5.08 -5.25 45.04
N ILE A 309 5.99 -4.87 45.93
CA ILE A 309 5.88 -5.34 47.29
C ILE A 309 5.82 -4.19 48.26
N GLY A 310 5.48 -4.51 49.50
CA GLY A 310 5.41 -3.50 50.54
C GLY A 310 6.58 -3.78 51.46
N TRP A 311 6.47 -3.36 52.70
CA TRP A 311 7.52 -3.56 53.67
C TRP A 311 7.38 -4.90 54.39
N ALA A 312 6.16 -5.46 54.34
CA ALA A 312 5.87 -6.72 54.99
C ALA A 312 5.30 -7.71 53.98
N ARG A 313 5.58 -8.99 54.22
CA ARG A 313 5.08 -10.07 53.37
C ARG A 313 3.58 -9.87 53.18
N GLU A 314 3.12 -10.06 51.95
CA GLU A 314 1.70 -9.92 51.62
C GLU A 314 1.12 -8.63 52.19
N ASN A 315 1.80 -7.51 51.98
CA ASN A 315 1.33 -6.22 52.46
C ASN A 315 0.07 -5.82 51.68
N PRO A 316 -0.88 -5.15 52.35
CA PRO A 316 -2.12 -4.71 51.68
C PRO A 316 -1.84 -3.85 50.46
N VAL A 317 -0.81 -3.01 50.55
CA VAL A 317 -0.44 -2.14 49.44
C VAL A 317 1.08 -2.10 49.27
N PRO A 318 1.56 -2.13 48.02
CA PRO A 318 3.00 -2.10 47.79
C PRO A 318 3.45 -0.66 47.80
N ASP A 319 4.76 -0.44 47.92
CA ASP A 319 5.30 0.91 47.88
C ASP A 319 6.51 0.93 46.95
N ILE A 320 6.69 2.04 46.25
CA ILE A 320 7.78 2.17 45.30
C ILE A 320 9.17 2.00 45.91
N ASP A 321 9.34 2.37 47.17
CA ASP A 321 10.65 2.25 47.81
C ASP A 321 11.08 0.79 47.97
N ASP A 322 10.24 -0.02 48.62
CA ASP A 322 10.55 -1.44 48.81
C ASP A 322 10.60 -2.17 47.47
N THR A 323 9.72 -1.78 46.55
CA THR A 323 9.66 -2.41 45.25
C THR A 323 10.89 -2.08 44.40
N ALA A 324 11.30 -0.82 44.42
CA ALA A 324 12.49 -0.41 43.67
C ALA A 324 13.74 -1.06 44.27
N MET A 325 13.84 -1.13 45.59
CA MET A 325 14.99 -1.76 46.24
C MET A 325 15.04 -3.22 45.81
N GLY A 326 13.93 -3.92 46.04
CA GLY A 326 13.86 -5.32 45.68
C GLY A 326 14.12 -5.59 44.23
N LEU A 327 13.57 -4.75 43.34
CA LEU A 327 13.78 -4.96 41.91
C LEU A 327 15.27 -4.90 41.53
N ARG A 328 15.98 -3.89 42.02
CA ARG A 328 17.42 -3.78 41.70
C ARG A 328 18.27 -4.90 42.30
N ILE A 329 18.14 -5.11 43.60
CA ILE A 329 18.93 -6.14 44.27
C ILE A 329 18.62 -7.57 43.84
N LEU A 330 17.34 -7.88 43.65
CA LEU A 330 16.95 -9.23 43.20
C LEU A 330 17.42 -9.43 41.76
N ARG A 331 17.36 -8.37 40.97
CA ARG A 331 17.81 -8.46 39.60
C ARG A 331 19.31 -8.69 39.53
N LEU A 332 20.07 -7.89 40.28
CA LEU A 332 21.51 -8.06 40.26
C LEU A 332 21.94 -9.42 40.78
N HIS A 333 21.14 -10.03 41.64
CA HIS A 333 21.51 -11.34 42.16
C HIS A 333 20.97 -12.54 41.40
N GLY A 334 20.51 -12.30 40.17
CA GLY A 334 20.02 -13.38 39.31
C GLY A 334 18.59 -13.88 39.42
N TYR A 335 17.75 -13.17 40.17
CA TYR A 335 16.36 -13.57 40.33
C TYR A 335 15.53 -13.10 39.14
N ASN A 336 14.48 -13.84 38.82
CA ASN A 336 13.62 -13.48 37.70
C ASN A 336 12.53 -12.52 38.12
N VAL A 337 12.90 -11.24 38.13
CA VAL A 337 11.97 -10.18 38.49
C VAL A 337 11.81 -9.27 37.28
N SER A 338 10.64 -8.67 37.15
CA SER A 338 10.37 -7.79 36.02
C SER A 338 10.25 -6.34 36.45
N SER A 339 10.60 -5.43 35.54
CA SER A 339 10.49 -4.01 35.83
C SER A 339 9.02 -3.60 35.74
N ASP A 340 8.16 -4.52 35.32
CA ASP A 340 6.72 -4.22 35.24
C ASP A 340 6.17 -3.84 36.61
N VAL A 341 6.86 -4.25 37.68
CA VAL A 341 6.42 -3.93 39.04
C VAL A 341 6.30 -2.42 39.25
N LEU A 342 7.12 -1.65 38.56
CA LEU A 342 7.09 -0.19 38.69
C LEU A 342 5.86 0.47 38.06
N LYS A 343 5.21 -0.22 37.13
CA LYS A 343 4.03 0.35 36.48
C LYS A 343 2.95 0.72 37.49
N THR A 344 2.92 0.00 38.60
CA THR A 344 1.95 0.26 39.67
C THR A 344 2.07 1.67 40.25
N PHE A 345 3.26 2.28 40.14
CA PHE A 345 3.49 3.60 40.71
C PHE A 345 3.55 4.77 39.72
N ARG A 346 3.33 4.48 38.45
CA ARG A 346 3.37 5.49 37.40
C ARG A 346 1.99 6.08 37.15
N ASP A 347 1.90 7.41 37.05
CA ASP A 347 0.64 8.08 36.77
C ASP A 347 0.51 8.26 35.26
N GLU A 348 -0.67 8.69 34.81
CA GLU A 348 -0.92 8.90 33.38
C GLU A 348 0.07 9.85 32.70
N ASN A 349 0.85 10.59 33.47
CA ASN A 349 1.78 11.55 32.90
C ASN A 349 3.27 11.18 32.99
N GLY A 350 3.56 10.00 33.52
CA GLY A 350 4.95 9.59 33.62
C GLY A 350 5.67 9.97 34.92
N GLU A 351 4.93 10.45 35.90
CA GLU A 351 5.52 10.79 37.20
C GLU A 351 5.34 9.58 38.10
N PHE A 352 6.33 9.32 38.95
CA PHE A 352 6.23 8.18 39.86
C PHE A 352 6.07 8.65 41.29
N PHE A 353 5.22 7.94 42.03
CA PHE A 353 4.94 8.27 43.42
C PHE A 353 5.11 7.02 44.28
N CYS A 354 5.24 7.20 45.59
CA CYS A 354 5.46 6.08 46.51
C CYS A 354 4.29 5.11 46.61
N PHE A 355 3.07 5.60 46.39
CA PHE A 355 1.88 4.74 46.46
C PHE A 355 0.95 4.95 45.29
N LEU A 356 0.26 3.87 44.89
CA LEU A 356 -0.69 3.97 43.78
C LEU A 356 -1.80 4.92 44.20
N GLY A 357 -2.20 5.81 43.31
CA GLY A 357 -3.27 6.74 43.60
C GLY A 357 -2.99 7.87 44.56
N GLN A 358 -1.72 8.18 44.80
CA GLN A 358 -1.36 9.27 45.71
C GLN A 358 -0.27 10.12 45.08
N THR A 359 -0.06 11.32 45.63
CA THR A 359 0.94 12.25 45.12
C THR A 359 2.16 12.29 46.03
N GLN A 360 2.16 11.46 47.06
CA GLN A 360 3.26 11.43 48.01
C GLN A 360 4.53 10.77 47.48
N ARG A 361 5.67 11.36 47.84
CA ARG A 361 6.99 10.87 47.47
C ARG A 361 8.03 11.78 48.11
N GLY A 362 9.24 11.26 48.32
CA GLY A 362 10.30 12.05 48.91
C GLY A 362 11.68 11.68 48.44
N VAL A 363 12.66 12.54 48.74
CA VAL A 363 14.04 12.34 48.33
C VAL A 363 14.55 10.92 48.50
N THR A 364 14.32 10.35 49.67
CA THR A 364 14.79 9.01 49.94
C THR A 364 14.24 7.98 48.95
N ASP A 365 12.92 7.94 48.77
CA ASP A 365 12.37 6.97 47.83
C ASP A 365 12.69 7.26 46.35
N MET A 366 12.66 8.51 45.93
CA MET A 366 12.98 8.81 44.54
C MET A 366 14.42 8.40 44.30
N LEU A 367 15.26 8.50 45.33
CA LEU A 367 16.65 8.12 45.20
C LEU A 367 16.81 6.62 44.94
N ASN A 368 16.13 5.79 45.73
CA ASN A 368 16.23 4.35 45.50
C ASN A 368 15.64 3.95 44.17
N VAL A 369 14.64 4.71 43.72
CA VAL A 369 14.01 4.45 42.43
C VAL A 369 15.01 4.83 41.34
N ASN A 370 15.77 5.90 41.56
CA ASN A 370 16.77 6.35 40.58
C ASN A 370 17.89 5.31 40.41
N ARG A 371 18.39 4.79 41.53
CA ARG A 371 19.43 3.78 41.48
C ARG A 371 18.93 2.58 40.69
N CYS A 372 17.68 2.19 40.94
CA CYS A 372 17.06 1.07 40.25
C CYS A 372 16.90 1.29 38.74
N SER A 373 16.47 2.49 38.35
CA SER A 373 16.24 2.78 36.93
C SER A 373 17.45 2.65 36.01
N HIS A 374 18.65 2.69 36.57
CA HIS A 374 19.85 2.58 35.76
C HIS A 374 20.20 1.15 35.39
N VAL A 375 19.72 0.18 36.18
CA VAL A 375 20.02 -1.22 35.90
C VAL A 375 18.92 -1.79 35.04
N SER A 376 18.81 -1.25 33.83
CA SER A 376 17.78 -1.64 32.89
C SER A 376 18.28 -2.45 31.72
N PHE A 377 17.33 -3.13 31.08
CA PHE A 377 17.59 -3.96 29.92
C PHE A 377 16.97 -3.26 28.72
N PRO A 378 17.39 -3.63 27.50
CA PRO A 378 16.82 -2.99 26.32
C PRO A 378 15.32 -3.18 26.26
N GLY A 379 14.61 -2.13 25.87
CA GLY A 379 13.17 -2.20 25.76
C GLY A 379 12.36 -1.97 27.02
N GLU A 380 13.00 -1.66 28.14
CA GLU A 380 12.25 -1.43 29.37
C GLU A 380 11.94 0.06 29.49
N THR A 381 10.96 0.50 28.71
CA THR A 381 10.53 1.90 28.68
C THR A 381 10.24 2.48 30.07
N ILE A 382 9.62 1.68 30.94
CA ILE A 382 9.28 2.15 32.28
C ILE A 382 10.52 2.60 33.06
N MET A 383 11.64 1.89 32.91
CA MET A 383 12.87 2.23 33.61
C MET A 383 13.43 3.55 33.12
N GLU A 384 13.26 3.83 31.83
CA GLU A 384 13.72 5.09 31.25
C GLU A 384 12.88 6.23 31.83
N GLU A 385 11.57 6.01 31.90
CA GLU A 385 10.69 7.03 32.46
C GLU A 385 11.01 7.27 33.93
N ALA A 386 11.33 6.20 34.66
CA ALA A 386 11.66 6.31 36.08
C ALA A 386 12.93 7.13 36.23
N LYS A 387 13.90 6.85 35.35
CA LYS A 387 15.16 7.58 35.38
C LYS A 387 14.93 9.08 35.17
N LEU A 388 14.11 9.43 34.18
CA LEU A 388 13.84 10.84 33.90
C LEU A 388 13.12 11.56 35.04
N CYS A 389 12.04 10.96 35.54
CA CYS A 389 11.26 11.55 36.63
C CYS A 389 12.11 11.75 37.88
N THR A 390 12.81 10.71 38.30
CA THR A 390 13.64 10.79 39.49
C THR A 390 14.77 11.82 39.34
N GLU A 391 15.36 11.90 38.15
CA GLU A 391 16.43 12.87 37.93
C GLU A 391 15.91 14.30 38.12
N ARG A 392 14.80 14.64 37.47
CA ARG A 392 14.25 15.97 37.60
C ARG A 392 13.86 16.28 39.04
N TYR A 393 13.34 15.28 39.73
CA TYR A 393 12.94 15.47 41.11
C TYR A 393 14.11 15.58 42.09
N LEU A 394 15.13 14.76 41.91
CA LEU A 394 16.28 14.81 42.80
C LEU A 394 17.07 16.10 42.63
N ARG A 395 17.20 16.55 41.39
CA ARG A 395 17.94 17.78 41.10
C ARG A 395 17.19 19.00 41.61
N ASN A 396 15.87 18.97 41.55
CA ASN A 396 15.09 20.09 42.04
C ASN A 396 15.11 20.07 43.57
N ALA A 397 15.40 18.91 44.15
CA ALA A 397 15.44 18.77 45.60
C ALA A 397 16.76 19.26 46.20
N LEU A 398 17.86 19.07 45.46
CA LEU A 398 19.17 19.50 45.94
C LEU A 398 19.28 21.01 46.03
N GLU A 399 18.22 21.71 45.66
CA GLU A 399 18.20 23.17 45.72
C GLU A 399 17.62 23.61 47.05
N ASN A 400 16.75 22.77 47.62
CA ASN A 400 16.10 23.08 48.88
C ASN A 400 16.52 22.18 50.05
N VAL A 401 17.48 21.30 49.83
CA VAL A 401 17.94 20.41 50.89
C VAL A 401 19.41 20.68 51.19
N ASP A 402 19.75 20.75 52.48
CA ASP A 402 21.12 21.03 52.89
C ASP A 402 21.86 19.82 53.41
N ALA A 403 23.17 19.79 53.19
CA ALA A 403 24.01 18.68 53.64
C ALA A 403 24.01 18.59 55.16
N PHE A 404 23.92 17.36 55.65
CA PHE A 404 23.90 17.09 57.09
C PHE A 404 22.80 17.88 57.83
N ASP A 405 21.68 18.12 57.16
CA ASP A 405 20.57 18.87 57.77
C ASP A 405 20.23 18.31 59.14
N LYS A 406 20.33 19.16 60.15
CA LYS A 406 20.08 18.76 61.53
C LYS A 406 18.68 18.26 61.83
N TRP A 407 17.75 18.50 60.90
CA TRP A 407 16.36 18.07 61.10
C TRP A 407 16.04 16.76 60.39
N ALA A 408 16.86 16.37 59.43
CA ALA A 408 16.65 15.14 58.69
C ALA A 408 16.97 13.90 59.52
N PHE A 409 16.30 12.80 59.22
CA PHE A 409 16.53 11.55 59.94
C PHE A 409 17.69 10.75 59.35
N LYS A 410 18.11 11.12 58.14
CA LYS A 410 19.25 10.50 57.46
C LYS A 410 20.46 11.38 57.75
N LYS A 411 21.63 10.78 57.97
CA LYS A 411 22.83 11.55 58.27
C LYS A 411 23.16 12.59 57.18
N ASN A 412 23.12 12.19 55.91
CA ASN A 412 23.42 13.11 54.82
C ASN A 412 22.88 12.60 53.50
N ILE A 413 21.57 12.75 53.31
CA ILE A 413 20.92 12.31 52.10
C ILE A 413 21.45 13.08 50.90
N ARG A 414 21.77 14.36 51.10
CA ARG A 414 22.28 15.18 50.00
C ARG A 414 23.52 14.54 49.41
N GLY A 415 24.40 14.03 50.28
CA GLY A 415 25.61 13.40 49.82
C GLY A 415 25.31 12.16 48.99
N GLU A 416 24.29 11.40 49.40
CA GLU A 416 23.93 10.20 48.66
C GLU A 416 23.33 10.57 47.32
N VAL A 417 22.56 11.65 47.29
CA VAL A 417 21.96 12.10 46.06
C VAL A 417 23.06 12.59 45.12
N GLU A 418 23.86 13.54 45.58
CA GLU A 418 24.93 14.07 44.75
C GLU A 418 25.78 12.97 44.13
N TYR A 419 26.09 11.93 44.90
CA TYR A 419 26.89 10.83 44.38
C TYR A 419 26.11 10.06 43.30
N ALA A 420 24.89 9.67 43.64
CA ALA A 420 24.04 8.92 42.72
C ALA A 420 23.80 9.64 41.41
N LEU A 421 23.69 10.96 41.44
CA LEU A 421 23.44 11.72 40.23
C LEU A 421 24.68 11.93 39.37
N LYS A 422 25.82 12.15 40.02
CA LYS A 422 27.05 12.36 39.27
C LYS A 422 27.73 11.05 38.89
N TYR A 423 27.62 10.04 39.75
CA TYR A 423 28.23 8.73 39.49
C TYR A 423 27.20 7.60 39.45
N PRO A 424 26.33 7.58 38.42
CA PRO A 424 25.31 6.56 38.25
C PRO A 424 25.93 5.18 38.04
N TRP A 425 25.06 4.18 37.96
CA TRP A 425 25.42 2.79 37.74
C TRP A 425 26.66 2.56 36.85
N HIS A 426 26.56 2.96 35.59
CA HIS A 426 27.65 2.76 34.65
C HIS A 426 28.93 3.55 34.89
N LYS A 427 28.96 4.36 35.94
CA LYS A 427 30.14 5.17 36.25
C LYS A 427 30.58 5.00 37.69
N SER A 428 29.89 4.12 38.41
CA SER A 428 30.21 3.90 39.81
C SER A 428 31.06 2.65 40.06
N MET A 429 32.32 2.86 40.43
CA MET A 429 33.23 1.75 40.73
C MET A 429 33.06 1.39 42.21
N PRO A 430 33.04 0.09 42.53
CA PRO A 430 32.88 -0.42 43.91
C PRO A 430 33.61 0.33 45.03
N ARG A 431 34.92 0.54 44.89
CA ARG A 431 35.65 1.22 45.95
C ARG A 431 35.20 2.67 46.13
N LEU A 432 34.97 3.37 45.02
CA LEU A 432 34.54 4.76 45.09
C LEU A 432 33.15 4.89 45.72
N GLU A 433 32.24 3.98 45.37
CA GLU A 433 30.90 4.02 45.94
C GLU A 433 30.98 3.64 47.41
N ALA A 434 31.80 2.64 47.72
CA ALA A 434 31.96 2.20 49.09
C ALA A 434 32.51 3.33 49.95
N ARG A 435 33.47 4.09 49.41
CA ARG A 435 34.05 5.19 50.18
C ARG A 435 33.00 6.25 50.41
N SER A 436 32.22 6.54 49.38
CA SER A 436 31.18 7.55 49.48
C SER A 436 30.19 7.21 50.59
N TYR A 437 29.64 6.00 50.54
CA TYR A 437 28.67 5.61 51.54
C TYR A 437 29.25 5.52 52.94
N ILE A 438 30.51 5.09 53.04
CA ILE A 438 31.16 4.98 54.33
C ILE A 438 31.13 6.35 55.02
N GLU A 439 31.18 7.42 54.24
CA GLU A 439 31.16 8.76 54.80
C GLU A 439 29.75 9.34 55.00
N ASN A 440 28.78 8.86 54.23
CA ASN A 440 27.41 9.34 54.33
C ASN A 440 26.51 8.47 55.20
N TYR A 441 26.95 7.25 55.49
CA TYR A 441 26.17 6.33 56.29
C TYR A 441 26.00 6.75 57.75
N GLY A 442 24.75 6.82 58.20
CA GLY A 442 24.45 7.20 59.57
C GLY A 442 24.16 5.95 60.40
N PRO A 443 25.10 5.51 61.24
CA PRO A 443 24.97 4.32 62.08
C PRO A 443 23.91 4.42 63.17
N ASP A 444 23.51 5.64 63.50
CA ASP A 444 22.51 5.83 64.52
C ASP A 444 21.32 6.66 64.03
N ASP A 445 21.00 6.52 62.75
CA ASP A 445 19.86 7.24 62.20
C ASP A 445 18.59 6.59 62.74
N VAL A 446 17.55 7.38 62.89
CA VAL A 446 16.26 6.86 63.35
C VAL A 446 15.34 6.98 62.14
N TRP A 447 14.11 6.51 62.28
CA TRP A 447 13.17 6.55 61.18
C TRP A 447 11.88 7.17 61.65
N LEU A 448 11.13 7.77 60.73
CA LEU A 448 9.88 8.42 61.06
C LEU A 448 8.65 7.75 60.48
N GLY A 449 7.79 7.26 61.37
CA GLY A 449 6.54 6.63 60.94
C GLY A 449 5.44 7.32 61.72
N LYS A 450 4.49 6.55 62.25
CA LYS A 450 3.43 7.13 63.05
C LYS A 450 4.15 7.74 64.24
N THR A 451 5.30 7.14 64.57
CA THR A 451 6.16 7.58 65.68
C THR A 451 7.60 7.44 65.23
N VAL A 452 8.54 7.84 66.09
CA VAL A 452 9.95 7.67 65.75
C VAL A 452 10.30 6.23 66.07
N TYR A 453 10.91 5.53 65.13
CA TYR A 453 11.28 4.14 65.37
C TYR A 453 12.72 3.87 64.94
N MET A 454 13.26 2.75 65.38
CA MET A 454 14.65 2.40 65.08
C MET A 454 14.75 1.01 64.48
N MET A 455 15.66 0.85 63.52
CA MET A 455 15.85 -0.44 62.90
C MET A 455 17.29 -0.90 63.12
N PRO A 456 17.54 -1.58 64.25
CA PRO A 456 18.84 -2.12 64.69
C PRO A 456 19.64 -2.89 63.64
N TYR A 457 18.93 -3.49 62.67
CA TYR A 457 19.63 -4.27 61.64
C TYR A 457 19.88 -3.52 60.35
N ILE A 458 19.54 -2.23 60.32
CA ILE A 458 19.79 -1.41 59.14
C ILE A 458 20.74 -0.28 59.55
N SER A 459 20.46 0.32 60.71
CA SER A 459 21.27 1.41 61.27
C SER A 459 22.02 0.76 62.43
N ASN A 460 23.31 0.57 62.24
CA ASN A 460 24.12 -0.10 63.25
C ASN A 460 25.59 0.32 63.16
N GLU A 461 26.20 0.55 64.31
CA GLU A 461 27.60 0.95 64.39
C GLU A 461 28.55 -0.14 63.87
N LYS A 462 28.14 -1.40 63.99
CA LYS A 462 28.97 -2.50 63.56
C LYS A 462 29.21 -2.60 62.05
N TYR A 463 28.21 -2.24 61.24
CA TYR A 463 28.37 -2.28 59.80
C TYR A 463 29.46 -1.27 59.43
N LEU A 464 29.32 -0.05 59.94
CA LEU A 464 30.24 1.04 59.66
C LEU A 464 31.65 0.77 60.19
N GLU A 465 31.73 0.19 61.38
CA GLU A 465 33.03 -0.12 61.97
C GLU A 465 33.75 -1.10 61.06
N LEU A 466 33.03 -2.13 60.61
CA LEU A 466 33.64 -3.12 59.73
C LEU A 466 34.00 -2.54 58.37
N ALA A 467 33.14 -1.68 57.83
CA ALA A 467 33.37 -1.05 56.54
C ALA A 467 34.66 -0.22 56.53
N LYS A 468 34.94 0.47 57.63
CA LYS A 468 36.14 1.28 57.72
C LYS A 468 37.39 0.42 57.88
N LEU A 469 37.34 -0.53 58.81
CA LEU A 469 38.46 -1.41 59.03
C LEU A 469 38.81 -2.20 57.76
N ASP A 470 37.79 -2.68 57.06
CA ASP A 470 38.00 -3.48 55.86
C ASP A 470 38.51 -2.62 54.72
N PHE A 471 37.97 -1.41 54.59
CA PHE A 471 38.39 -0.51 53.51
C PHE A 471 39.86 -0.12 53.65
N ASN A 472 40.30 0.18 54.87
CA ASN A 472 41.69 0.55 55.09
C ASN A 472 42.62 -0.64 54.96
N LYS A 473 42.17 -1.81 55.41
CA LYS A 473 42.99 -3.02 55.31
C LYS A 473 43.25 -3.32 53.84
N VAL A 474 42.24 -3.14 53.00
CA VAL A 474 42.35 -3.38 51.56
C VAL A 474 43.25 -2.34 50.89
N GLN A 475 43.00 -1.07 51.21
CA GLN A 475 43.76 0.03 50.66
C GLN A 475 45.24 -0.09 51.02
N SER A 476 45.52 -0.63 52.20
CA SER A 476 46.89 -0.80 52.65
C SER A 476 47.61 -1.80 51.74
N ILE A 477 46.95 -2.93 51.49
CA ILE A 477 47.48 -3.96 50.63
C ILE A 477 47.72 -3.41 49.21
N HIS A 478 46.81 -2.53 48.78
CA HIS A 478 46.89 -1.91 47.45
C HIS A 478 48.09 -0.97 47.32
N GLN A 479 48.44 -0.27 48.40
CA GLN A 479 49.58 0.64 48.39
C GLN A 479 50.88 -0.13 48.22
N THR A 480 50.91 -1.34 48.75
CA THR A 480 52.08 -2.20 48.64
C THR A 480 52.20 -2.61 47.17
N GLU A 481 51.14 -3.22 46.65
CA GLU A 481 51.12 -3.67 45.26
C GLU A 481 51.56 -2.57 44.30
N LEU A 482 51.08 -1.36 44.56
CA LEU A 482 51.40 -0.22 43.72
C LEU A 482 52.91 0.01 43.68
N GLN A 483 53.55 -0.12 44.84
CA GLN A 483 54.99 0.07 44.94
C GLN A 483 55.70 -0.94 44.06
N ASP A 484 55.31 -2.21 44.19
CA ASP A 484 55.93 -3.26 43.41
C ASP A 484 55.65 -3.17 41.90
N LEU A 485 54.74 -2.29 41.50
CA LEU A 485 54.48 -2.11 40.07
C LEU A 485 55.34 -0.97 39.58
N ARG A 486 55.59 -0.03 40.49
CA ARG A 486 56.42 1.13 40.16
C ARG A 486 57.87 0.71 40.03
N ARG A 487 58.25 -0.36 40.73
CA ARG A 487 59.63 -0.86 40.65
C ARG A 487 59.79 -1.67 39.38
N TRP A 488 58.70 -2.29 38.93
CA TRP A 488 58.71 -3.08 37.71
C TRP A 488 58.93 -2.13 36.54
N TRP A 489 58.26 -0.98 36.61
CA TRP A 489 58.39 0.02 35.55
C TRP A 489 59.81 0.56 35.42
N LYS A 490 60.47 0.79 36.56
CA LYS A 490 61.83 1.31 36.55
C LYS A 490 62.84 0.23 36.15
N SER A 491 62.61 -0.99 36.58
CA SER A 491 63.49 -2.11 36.27
C SER A 491 63.42 -2.51 34.79
N SER A 492 62.33 -2.16 34.13
CA SER A 492 62.16 -2.49 32.71
C SER A 492 62.74 -1.40 31.83
N GLY A 493 63.31 -0.39 32.46
CA GLY A 493 63.92 0.71 31.74
C GLY A 493 62.95 1.46 30.83
N PHE A 494 61.66 1.29 31.04
CA PHE A 494 60.69 1.99 30.21
C PHE A 494 60.77 3.49 30.42
N THR A 495 61.67 3.90 31.31
CA THR A 495 61.86 5.32 31.57
C THR A 495 62.51 5.92 30.34
N ASP A 496 63.05 5.06 29.49
CA ASP A 496 63.73 5.46 28.26
C ASP A 496 62.74 5.87 27.17
N LEU A 497 61.62 5.17 27.09
CA LEU A 497 60.60 5.46 26.09
C LEU A 497 60.17 6.92 26.17
N ASN A 498 60.31 7.65 25.07
CA ASN A 498 59.95 9.05 25.03
C ASN A 498 58.68 9.32 24.25
N PHE A 499 58.03 8.27 23.77
CA PHE A 499 56.80 8.43 23.00
C PHE A 499 55.57 8.15 23.84
N THR A 500 55.78 7.85 25.12
CA THR A 500 54.66 7.58 26.01
C THR A 500 54.93 8.06 27.42
N ARG A 501 53.92 8.70 28.02
CA ARG A 501 54.00 9.24 29.37
C ARG A 501 53.72 8.18 30.43
N GLU A 502 54.65 8.01 31.36
CA GLU A 502 54.53 7.04 32.44
C GLU A 502 53.29 7.35 33.27
N ARG A 503 52.58 6.32 33.71
CA ARG A 503 51.37 6.50 34.51
C ARG A 503 50.86 5.20 35.17
N VAL A 504 51.76 4.50 35.84
CA VAL A 504 51.44 3.25 36.51
C VAL A 504 50.33 3.41 37.55
N THR A 505 50.40 4.48 38.33
CA THR A 505 49.41 4.76 39.37
C THR A 505 48.02 4.90 38.79
N GLU A 506 47.90 5.76 37.78
CA GLU A 506 46.65 6.03 37.11
C GLU A 506 46.07 4.72 36.55
N ILE A 507 46.94 3.87 36.02
CA ILE A 507 46.53 2.60 35.44
C ILE A 507 46.22 1.54 36.49
N TYR A 508 46.96 1.55 37.59
CA TYR A 508 46.74 0.58 38.66
C TYR A 508 45.42 0.87 39.38
N PHE A 509 45.00 2.12 39.34
CA PHE A 509 43.76 2.53 39.98
C PHE A 509 42.57 1.74 39.44
N SER A 510 42.54 1.56 38.12
CA SER A 510 41.46 0.85 37.46
C SER A 510 41.08 -0.48 38.09
N PRO A 511 41.94 -1.51 37.95
CA PRO A 511 41.53 -2.77 38.56
C PRO A 511 41.38 -2.68 40.07
N ALA A 512 42.18 -1.84 40.71
CA ALA A 512 42.11 -1.69 42.16
C ALA A 512 40.75 -1.18 42.60
N SER A 513 40.11 -0.41 41.74
CA SER A 513 38.81 0.15 42.07
C SER A 513 37.66 -0.86 42.01
N PHE A 514 37.83 -1.96 41.27
CA PHE A 514 36.75 -2.94 41.17
C PHE A 514 37.06 -4.38 41.60
N ILE A 515 38.25 -4.90 41.31
CA ILE A 515 38.62 -6.25 41.76
C ILE A 515 39.67 -6.05 42.84
N PHE A 516 39.21 -5.45 43.93
CA PHE A 516 40.01 -5.09 45.09
C PHE A 516 40.41 -6.17 46.08
N GLU A 517 39.66 -7.27 46.15
CA GLU A 517 39.96 -8.32 47.11
C GLU A 517 41.43 -8.75 47.14
N PRO A 518 41.97 -9.02 48.35
CA PRO A 518 43.37 -9.44 48.49
C PRO A 518 43.71 -10.67 47.65
N GLU A 519 42.72 -11.53 47.42
CA GLU A 519 42.90 -12.75 46.65
C GLU A 519 43.23 -12.53 45.18
N PHE A 520 42.86 -11.35 44.66
CA PHE A 520 43.10 -11.03 43.25
C PHE A 520 44.29 -10.11 43.02
N SER A 521 45.32 -10.22 43.85
CA SER A 521 46.49 -9.38 43.72
C SER A 521 47.22 -9.64 42.38
N LYS A 522 47.33 -10.91 42.01
CA LYS A 522 48.01 -11.29 40.78
C LYS A 522 47.25 -10.81 39.56
N CYS A 523 45.93 -10.91 39.59
CA CYS A 523 45.10 -10.45 38.47
C CYS A 523 45.27 -8.94 38.34
N ARG A 524 45.37 -8.25 39.46
CA ARG A 524 45.54 -6.79 39.42
C ARG A 524 46.88 -6.42 38.77
N GLU A 525 47.92 -7.18 39.12
CA GLU A 525 49.26 -6.93 38.60
C GLU A 525 49.28 -7.11 37.09
N VAL A 526 48.82 -8.26 36.63
CA VAL A 526 48.79 -8.56 35.21
C VAL A 526 47.86 -7.63 34.44
N TYR A 527 46.80 -7.17 35.09
CA TYR A 527 45.85 -6.27 34.46
C TYR A 527 46.58 -4.94 34.22
N THR A 528 47.30 -4.49 35.23
CA THR A 528 48.04 -3.24 35.17
C THR A 528 49.15 -3.26 34.12
N LYS A 529 49.95 -4.33 34.11
CA LYS A 529 51.03 -4.44 33.14
C LYS A 529 50.49 -4.51 31.71
N THR A 530 49.47 -5.33 31.53
CA THR A 530 48.86 -5.49 30.22
C THR A 530 48.24 -4.19 29.72
N SER A 531 47.56 -3.46 30.60
CA SER A 531 46.94 -2.19 30.23
C SER A 531 48.02 -1.19 29.85
N ASN A 532 49.08 -1.12 30.66
CA ASN A 532 50.17 -0.20 30.39
C ASN A 532 50.77 -0.51 29.01
N PHE A 533 50.88 -1.79 28.69
CA PHE A 533 51.42 -2.15 27.39
C PHE A 533 50.48 -1.79 26.24
N THR A 534 49.18 -1.78 26.48
CA THR A 534 48.26 -1.42 25.39
C THR A 534 48.41 0.09 25.15
N VAL A 535 48.79 0.84 26.19
CA VAL A 535 48.98 2.28 26.06
C VAL A 535 50.27 2.57 25.32
N ILE A 536 51.34 1.88 25.71
CA ILE A 536 52.65 2.04 25.09
C ILE A 536 52.62 1.67 23.61
N LEU A 537 52.06 0.51 23.29
CA LEU A 537 51.99 0.06 21.91
C LEU A 537 51.02 0.92 21.11
N ASP A 538 50.00 1.45 21.78
CA ASP A 538 49.05 2.32 21.10
C ASP A 538 49.79 3.56 20.62
N ASP A 539 50.66 4.11 21.47
CA ASP A 539 51.43 5.28 21.09
C ASP A 539 52.45 4.92 20.01
N LEU A 540 53.05 3.74 20.15
CA LEU A 540 54.04 3.28 19.19
C LEU A 540 53.42 3.19 17.78
N TYR A 541 52.33 2.43 17.66
CA TYR A 541 51.66 2.28 16.37
C TYR A 541 51.04 3.57 15.86
N ASP A 542 50.77 4.51 16.76
CA ASP A 542 50.17 5.77 16.35
C ASP A 542 51.22 6.87 16.29
N ALA A 543 52.49 6.49 16.44
CA ALA A 543 53.59 7.45 16.41
C ALA A 543 53.79 8.01 15.01
N HIS A 544 52.97 7.54 14.07
CA HIS A 544 53.05 8.00 12.67
C HIS A 544 54.43 7.78 12.07
N GLY A 545 55.16 6.81 12.62
CA GLY A 545 56.48 6.48 12.11
C GLY A 545 56.31 5.75 10.79
N SER A 546 57.06 4.66 10.59
CA SER A 546 56.94 3.92 9.35
C SER A 546 56.20 2.61 9.60
N LEU A 547 55.37 2.22 8.63
CA LEU A 547 54.59 1.00 8.72
C LEU A 547 55.52 -0.21 8.59
N ASP A 548 56.59 -0.05 7.82
CA ASP A 548 57.56 -1.11 7.63
C ASP A 548 58.18 -1.48 8.98
N ASP A 549 58.42 -0.46 9.81
CA ASP A 549 59.00 -0.67 11.13
C ASP A 549 58.02 -1.38 12.05
N LEU A 550 56.77 -0.92 12.05
CA LEU A 550 55.73 -1.52 12.88
C LEU A 550 55.60 -3.00 12.56
N LYS A 551 55.79 -3.32 11.28
CA LYS A 551 55.70 -4.70 10.84
C LYS A 551 56.74 -5.60 11.52
N LEU A 552 57.86 -5.04 11.92
CA LEU A 552 58.88 -5.82 12.61
C LEU A 552 58.37 -6.20 13.98
N PHE A 553 57.67 -5.27 14.63
CA PHE A 553 57.12 -5.55 15.95
C PHE A 553 56.05 -6.65 15.84
N THR A 554 55.13 -6.47 14.91
CA THR A 554 54.07 -7.45 14.70
C THR A 554 54.64 -8.83 14.39
N GLU A 555 55.66 -8.85 13.53
CA GLU A 555 56.31 -10.10 13.14
C GLU A 555 57.07 -10.72 14.32
N SER A 556 57.68 -9.88 15.15
CA SER A 556 58.42 -10.36 16.30
C SER A 556 57.47 -11.12 17.22
N VAL A 557 56.30 -10.55 17.44
CA VAL A 557 55.30 -11.16 18.30
C VAL A 557 54.81 -12.48 17.72
N LYS A 558 54.70 -12.55 16.39
CA LYS A 558 54.25 -13.77 15.74
C LYS A 558 55.23 -14.95 15.90
N ARG A 559 56.51 -14.72 15.64
CA ARG A 559 57.48 -15.79 15.75
C ARG A 559 57.99 -15.92 17.20
N TRP A 560 57.73 -14.88 17.99
CA TRP A 560 58.11 -14.80 19.39
C TRP A 560 59.58 -15.11 19.70
N ASP A 561 60.48 -14.29 19.16
CA ASP A 561 61.91 -14.43 19.40
C ASP A 561 62.54 -13.04 19.24
N LEU A 562 63.87 -12.99 19.26
CA LEU A 562 64.58 -11.72 19.14
C LEU A 562 65.37 -11.65 17.82
N SER A 563 64.86 -12.32 16.80
CA SER A 563 65.53 -12.34 15.51
C SER A 563 65.38 -11.08 14.65
N LEU A 564 64.60 -10.11 15.14
CA LEU A 564 64.39 -8.88 14.37
C LEU A 564 64.76 -7.62 15.15
N VAL A 565 65.15 -7.79 16.40
CA VAL A 565 65.53 -6.68 17.25
C VAL A 565 66.63 -5.78 16.66
N ASP A 566 67.48 -6.36 15.83
CA ASP A 566 68.57 -5.60 15.21
C ASP A 566 68.08 -4.69 14.08
N GLN A 567 66.92 -5.00 13.51
CA GLN A 567 66.37 -4.20 12.43
C GLN A 567 65.40 -3.16 12.97
N MET A 568 65.34 -3.03 14.30
CA MET A 568 64.43 -2.10 14.94
C MET A 568 64.99 -0.76 15.36
N PRO A 569 64.16 0.30 15.24
CA PRO A 569 64.57 1.65 15.63
C PRO A 569 64.95 1.58 17.10
N GLN A 570 65.68 2.58 17.58
CA GLN A 570 66.11 2.63 18.97
C GLN A 570 64.97 2.35 19.93
N GLN A 571 64.00 3.27 19.98
CA GLN A 571 62.85 3.17 20.85
C GLN A 571 62.04 1.87 20.73
N MET A 572 61.78 1.43 19.50
CA MET A 572 61.00 0.21 19.29
C MET A 572 61.68 -1.01 19.91
N LYS A 573 62.99 -1.12 19.73
CA LYS A 573 63.77 -2.24 20.25
C LYS A 573 63.56 -2.40 21.75
N ILE A 574 63.72 -1.30 22.46
CA ILE A 574 63.55 -1.27 23.91
C ILE A 574 62.13 -1.71 24.24
N CYS A 575 61.16 -1.07 23.59
CA CYS A 575 59.76 -1.39 23.82
C CYS A 575 59.51 -2.88 23.70
N PHE A 576 59.96 -3.49 22.61
CA PHE A 576 59.75 -4.90 22.39
C PHE A 576 60.45 -5.79 23.43
N VAL A 577 61.73 -5.56 23.67
CA VAL A 577 62.47 -6.36 24.65
C VAL A 577 61.67 -6.39 25.95
N GLY A 578 61.20 -5.22 26.38
CA GLY A 578 60.40 -5.14 27.59
C GLY A 578 59.13 -5.95 27.43
N PHE A 579 58.46 -5.80 26.29
CA PHE A 579 57.23 -6.53 26.00
C PHE A 579 57.49 -8.04 26.13
N TYR A 580 58.53 -8.51 25.46
CA TYR A 580 58.92 -9.92 25.46
C TYR A 580 59.29 -10.43 26.86
N ASN A 581 60.07 -9.66 27.61
CA ASN A 581 60.44 -10.09 28.95
C ASN A 581 59.23 -10.14 29.88
N THR A 582 58.37 -9.14 29.79
CA THR A 582 57.19 -9.10 30.62
C THR A 582 56.26 -10.27 30.33
N PHE A 583 55.97 -10.53 29.06
CA PHE A 583 55.05 -11.62 28.79
C PHE A 583 55.58 -13.04 28.89
N ASN A 584 56.89 -13.23 28.86
CA ASN A 584 57.43 -14.57 29.02
C ASN A 584 57.17 -14.89 30.50
N ASP A 585 57.23 -13.85 31.31
CA ASP A 585 56.99 -13.95 32.74
C ASP A 585 55.52 -14.32 32.98
N ILE A 586 54.62 -13.50 32.45
CA ILE A 586 53.18 -13.73 32.56
C ILE A 586 52.81 -15.10 31.96
N ALA A 587 53.53 -15.50 30.93
CA ALA A 587 53.27 -16.79 30.29
C ALA A 587 53.63 -17.94 31.22
N LYS A 588 54.77 -17.82 31.89
CA LYS A 588 55.26 -18.82 32.82
C LYS A 588 54.29 -18.97 34.00
N GLU A 589 53.96 -17.87 34.66
CA GLU A 589 53.04 -17.92 35.79
C GLU A 589 51.67 -18.38 35.33
N GLY A 590 51.31 -18.00 34.10
CA GLY A 590 50.02 -18.39 33.56
C GLY A 590 49.98 -19.88 33.28
N ARG A 591 51.09 -20.43 32.80
CA ARG A 591 51.16 -21.86 32.52
C ARG A 591 51.00 -22.67 33.81
N GLU A 592 51.54 -22.14 34.90
CA GLU A 592 51.47 -22.83 36.18
C GLU A 592 50.08 -22.76 36.82
N ARG A 593 49.35 -21.69 36.57
CA ARG A 593 48.01 -21.52 37.13
C ARG A 593 46.93 -22.11 36.23
N GLN A 594 47.28 -22.45 35.00
CA GLN A 594 46.32 -23.01 34.06
C GLN A 594 46.52 -24.50 33.77
N GLY A 595 47.68 -25.03 34.14
CA GLY A 595 47.93 -26.44 33.91
C GLY A 595 48.25 -26.77 32.47
N ARG A 596 48.56 -25.75 31.66
CA ARG A 596 48.91 -25.96 30.26
C ARG A 596 49.65 -24.72 29.76
N ASP A 597 50.30 -24.83 28.60
CA ASP A 597 51.02 -23.69 28.06
C ASP A 597 50.03 -22.63 27.57
N VAL A 598 50.31 -21.38 27.90
CA VAL A 598 49.45 -20.27 27.54
C VAL A 598 50.10 -19.25 26.64
N LEU A 599 51.29 -19.57 26.12
CA LEU A 599 51.99 -18.65 25.25
C LEU A 599 51.26 -18.47 23.93
N GLY A 600 50.74 -19.57 23.37
CA GLY A 600 50.02 -19.48 22.12
C GLY A 600 48.80 -18.59 22.28
N TYR A 601 48.13 -18.73 23.42
CA TYR A 601 46.94 -17.98 23.76
C TYR A 601 47.27 -16.48 23.83
N ILE A 602 48.33 -16.17 24.57
CA ILE A 602 48.78 -14.80 24.75
C ILE A 602 49.20 -14.19 23.41
N GLN A 603 49.81 -15.00 22.55
CA GLN A 603 50.25 -14.50 21.24
C GLN A 603 49.06 -14.19 20.35
N ASN A 604 48.03 -15.04 20.39
CA ASN A 604 46.86 -14.83 19.58
C ASN A 604 46.09 -13.60 20.08
N VAL A 605 46.01 -13.43 21.39
CA VAL A 605 45.32 -12.26 21.94
C VAL A 605 45.98 -11.03 21.35
N TRP A 606 47.30 -10.97 21.42
CA TRP A 606 48.07 -9.84 20.90
C TRP A 606 48.04 -9.75 19.37
N LYS A 607 48.00 -10.89 18.70
CA LYS A 607 47.96 -10.92 17.24
C LYS A 607 46.82 -10.05 16.74
N VAL A 608 45.62 -10.27 17.27
CA VAL A 608 44.44 -9.51 16.86
C VAL A 608 44.53 -8.04 17.26
N GLN A 609 45.13 -7.79 18.43
CA GLN A 609 45.28 -6.42 18.92
C GLN A 609 46.20 -5.60 18.01
N LEU A 610 47.35 -6.18 17.67
CA LEU A 610 48.33 -5.49 16.82
C LEU A 610 47.74 -5.29 15.43
N GLU A 611 46.98 -6.27 14.96
CA GLU A 611 46.34 -6.15 13.66
C GLU A 611 45.38 -4.97 13.68
N ALA A 612 44.67 -4.78 14.79
CA ALA A 612 43.74 -3.66 14.89
C ALA A 612 44.54 -2.32 14.86
N TYR A 613 45.66 -2.28 15.58
CA TYR A 613 46.50 -1.07 15.59
C TYR A 613 47.03 -0.82 14.18
N THR A 614 47.39 -1.90 13.50
CA THR A 614 47.92 -1.80 12.16
C THR A 614 46.93 -1.23 11.16
N LYS A 615 45.66 -1.59 11.28
CA LYS A 615 44.66 -1.08 10.35
C LYS A 615 44.49 0.43 10.55
N GLU A 616 44.50 0.89 11.80
CA GLU A 616 44.35 2.32 12.07
C GLU A 616 45.56 3.09 11.52
N ALA A 617 46.75 2.52 11.70
CA ALA A 617 47.97 3.15 11.24
C ALA A 617 47.98 3.30 9.71
N GLU A 618 47.53 2.26 9.01
CA GLU A 618 47.50 2.31 7.55
C GLU A 618 46.48 3.32 7.09
N TRP A 619 45.34 3.38 7.76
CA TRP A 619 44.30 4.34 7.41
C TRP A 619 44.84 5.74 7.67
N SER A 620 45.60 5.87 8.76
CA SER A 620 46.17 7.15 9.15
C SER A 620 47.17 7.69 8.13
N GLU A 621 48.18 6.89 7.79
CA GLU A 621 49.18 7.32 6.82
C GLU A 621 48.53 7.63 5.46
N ALA A 622 47.47 6.90 5.13
CA ALA A 622 46.78 7.13 3.86
C ALA A 622 45.66 8.14 4.06
N LYS A 623 45.52 8.62 5.30
CA LYS A 623 44.49 9.59 5.66
C LYS A 623 43.14 9.15 5.14
N TYR A 624 42.78 7.91 5.46
CA TYR A 624 41.51 7.34 5.04
C TYR A 624 40.50 7.44 6.17
N VAL A 625 39.26 7.74 5.80
CA VAL A 625 38.20 7.84 6.78
C VAL A 625 37.13 6.83 6.38
N PRO A 626 37.18 5.63 6.97
CA PRO A 626 36.20 4.59 6.64
C PRO A 626 34.81 4.94 7.12
N SER A 627 33.83 4.13 6.73
CA SER A 627 32.45 4.35 7.14
C SER A 627 32.40 4.07 8.64
N PHE A 628 31.26 4.39 9.25
CA PHE A 628 31.08 4.17 10.68
C PHE A 628 31.24 2.68 11.04
N ASN A 629 30.41 1.83 10.43
CA ASN A 629 30.46 0.40 10.68
C ASN A 629 31.84 -0.21 10.57
N GLU A 630 32.56 0.13 9.49
CA GLU A 630 33.88 -0.42 9.32
C GLU A 630 34.83 0.10 10.39
N TYR A 631 34.74 1.39 10.69
CA TYR A 631 35.60 1.98 11.70
C TYR A 631 35.34 1.35 13.07
N ILE A 632 34.09 1.43 13.52
CA ILE A 632 33.71 0.88 14.80
C ILE A 632 34.12 -0.58 14.99
N GLU A 633 33.98 -1.41 13.96
CA GLU A 633 34.38 -2.81 14.10
C GLU A 633 35.86 -2.95 14.48
N ASN A 634 36.74 -2.19 13.83
CA ASN A 634 38.17 -2.25 14.14
C ASN A 634 38.49 -1.48 15.43
N ALA A 635 37.87 -0.31 15.59
CA ALA A 635 38.09 0.55 16.75
C ALA A 635 37.62 -0.08 18.07
N SER A 636 36.60 -0.95 18.00
CA SER A 636 36.08 -1.62 19.18
C SER A 636 37.17 -2.53 19.74
N VAL A 637 38.10 -2.92 18.86
CA VAL A 637 39.21 -3.77 19.24
C VAL A 637 40.48 -2.96 19.54
N SER A 638 40.75 -1.94 18.73
CA SER A 638 41.94 -1.12 18.93
C SER A 638 41.92 -0.43 20.30
N ILE A 639 40.73 -0.21 20.86
CA ILE A 639 40.63 0.44 22.17
C ILE A 639 41.33 -0.42 23.23
N ALA A 640 41.61 -1.67 22.86
CA ALA A 640 42.33 -2.64 23.68
C ALA A 640 41.77 -3.18 25.00
N LEU A 641 40.51 -2.91 25.30
CA LEU A 641 39.94 -3.44 26.55
C LEU A 641 39.86 -4.97 26.50
N GLY A 642 39.54 -5.51 25.32
CA GLY A 642 39.45 -6.95 25.20
C GLY A 642 40.74 -7.66 25.59
N THR A 643 41.86 -7.12 25.12
CA THR A 643 43.20 -7.69 25.38
C THR A 643 43.50 -7.75 26.88
N VAL A 644 43.23 -6.65 27.58
CA VAL A 644 43.44 -6.57 29.01
C VAL A 644 42.65 -7.68 29.72
N VAL A 645 41.40 -7.83 29.34
CA VAL A 645 40.54 -8.85 29.93
C VAL A 645 41.01 -10.27 29.66
N LEU A 646 41.25 -10.59 28.39
CA LEU A 646 41.65 -11.94 28.02
C LEU A 646 42.94 -12.42 28.67
N ILE A 647 43.87 -11.51 28.92
CA ILE A 647 45.11 -11.92 29.57
C ILE A 647 44.92 -11.98 31.09
N SER A 648 44.19 -11.02 31.66
CA SER A 648 43.93 -11.02 33.09
C SER A 648 43.09 -12.25 33.54
N ALA A 649 42.20 -12.70 32.66
CA ALA A 649 41.31 -13.84 32.94
C ALA A 649 42.05 -15.15 33.22
N LEU A 650 43.35 -15.17 32.99
CA LEU A 650 44.15 -16.37 33.26
C LEU A 650 44.61 -16.38 34.72
N PHE A 651 44.43 -15.27 35.42
CA PHE A 651 44.90 -15.17 36.79
C PHE A 651 43.85 -14.90 37.88
N THR A 652 42.67 -15.49 37.73
CA THR A 652 41.59 -15.30 38.70
C THR A 652 41.71 -16.21 39.93
N GLY A 653 42.38 -17.34 39.75
CA GLY A 653 42.52 -18.28 40.86
C GLY A 653 41.91 -19.62 40.51
N GLU A 654 41.23 -19.67 39.38
CA GLU A 654 40.59 -20.89 38.90
C GLU A 654 40.99 -21.14 37.45
N VAL A 655 41.09 -22.41 37.07
CA VAL A 655 41.45 -22.77 35.71
C VAL A 655 40.42 -22.21 34.74
N LEU A 656 40.88 -21.54 33.69
CA LEU A 656 39.97 -20.98 32.69
C LEU A 656 39.69 -22.04 31.64
N THR A 657 38.53 -22.67 31.74
CA THR A 657 38.14 -23.72 30.80
C THR A 657 37.74 -23.14 29.44
N ASP A 658 37.77 -23.97 28.41
CA ASP A 658 37.40 -23.53 27.07
C ASP A 658 35.95 -23.07 27.01
N GLU A 659 35.09 -23.64 27.84
CA GLU A 659 33.69 -23.25 27.85
C GLU A 659 33.52 -21.85 28.45
N VAL A 660 34.23 -21.57 29.53
CA VAL A 660 34.16 -20.25 30.16
C VAL A 660 34.77 -19.21 29.23
N LEU A 661 35.89 -19.56 28.60
CA LEU A 661 36.57 -18.65 27.68
C LEU A 661 35.65 -18.25 26.53
N SER A 662 35.01 -19.23 25.90
CA SER A 662 34.11 -18.97 24.79
C SER A 662 33.01 -17.97 25.13
N LYS A 663 32.77 -17.76 26.43
CA LYS A 663 31.75 -16.82 26.86
C LYS A 663 32.28 -15.39 27.05
N ILE A 664 33.59 -15.21 26.92
CA ILE A 664 34.17 -13.88 27.09
C ILE A 664 35.26 -13.57 26.06
N ASP A 665 35.40 -14.44 25.07
CA ASP A 665 36.44 -14.22 24.05
C ASP A 665 36.02 -13.19 23.02
N ARG A 666 36.87 -12.97 22.02
CA ARG A 666 36.60 -11.97 21.01
C ARG A 666 35.35 -12.24 20.16
N GLU A 667 34.88 -13.48 20.16
CA GLU A 667 33.68 -13.85 19.41
C GLU A 667 32.40 -13.67 20.21
N SER A 668 32.51 -13.39 21.51
CA SER A 668 31.31 -13.21 22.33
C SER A 668 30.73 -11.79 22.24
N ARG A 669 29.41 -11.70 22.31
CA ARG A 669 28.71 -10.43 22.25
C ARG A 669 29.10 -9.61 23.49
N PHE A 670 29.29 -10.29 24.61
CA PHE A 670 29.64 -9.67 25.88
C PHE A 670 30.91 -8.83 25.76
N LEU A 671 32.01 -9.45 25.36
CA LEU A 671 33.28 -8.73 25.21
C LEU A 671 33.20 -7.67 24.11
N GLN A 672 32.47 -7.95 23.05
CA GLN A 672 32.32 -7.01 21.95
C GLN A 672 31.64 -5.72 22.40
N LEU A 673 30.60 -5.85 23.22
CA LEU A 673 29.88 -4.68 23.72
C LEU A 673 30.76 -3.83 24.63
N MET A 674 31.60 -4.49 25.42
CA MET A 674 32.51 -3.82 26.33
C MET A 674 33.43 -2.94 25.49
N GLY A 675 34.02 -3.56 24.48
CA GLY A 675 34.90 -2.82 23.59
C GLY A 675 34.18 -1.69 22.88
N LEU A 676 32.97 -1.96 22.42
CA LEU A 676 32.19 -0.93 21.73
C LEU A 676 31.93 0.27 22.62
N THR A 677 31.38 0.03 23.82
CA THR A 677 31.10 1.16 24.71
C THR A 677 32.36 1.93 25.10
N GLY A 678 33.46 1.22 25.30
CA GLY A 678 34.69 1.89 25.67
C GLY A 678 35.15 2.80 24.56
N ARG A 679 35.13 2.27 23.34
CA ARG A 679 35.54 3.04 22.18
C ARG A 679 34.72 4.32 22.00
N LEU A 680 33.40 4.19 22.06
CA LEU A 680 32.52 5.33 21.86
C LEU A 680 32.62 6.42 22.92
N VAL A 681 32.72 6.06 24.19
CA VAL A 681 32.81 7.08 25.22
C VAL A 681 34.12 7.82 25.03
N ASN A 682 35.18 7.07 24.73
CA ASN A 682 36.50 7.63 24.49
C ASN A 682 36.49 8.61 23.31
N ASP A 683 35.81 8.22 22.24
CA ASP A 683 35.74 9.03 21.02
C ASP A 683 34.88 10.29 21.13
N THR A 684 33.71 10.19 21.75
CA THR A 684 32.85 11.36 21.89
C THR A 684 33.57 12.45 22.68
N LYS A 685 34.52 12.04 23.51
CA LYS A 685 35.29 12.96 24.32
C LYS A 685 36.53 13.48 23.59
N THR A 686 37.56 12.63 23.51
CA THR A 686 38.82 12.97 22.87
C THR A 686 38.77 13.50 21.44
N TYR A 687 37.75 13.12 20.68
CA TYR A 687 37.65 13.59 19.30
C TYR A 687 37.77 15.12 19.28
N GLN A 688 37.45 15.72 20.42
CA GLN A 688 37.50 17.16 20.61
C GLN A 688 38.83 17.77 20.19
N ALA A 689 39.91 17.32 20.82
CA ALA A 689 41.25 17.83 20.54
C ALA A 689 41.99 17.08 19.43
N GLU A 690 41.78 15.78 19.33
CA GLU A 690 42.47 14.99 18.30
C GLU A 690 42.01 15.36 16.90
N ARG A 691 40.81 15.92 16.80
CA ARG A 691 40.27 16.35 15.51
C ARG A 691 41.18 17.42 14.91
N GLY A 692 41.99 18.02 15.77
CA GLY A 692 42.91 19.06 15.35
C GLY A 692 44.36 18.60 15.45
N GLN A 693 44.58 17.52 16.20
CA GLN A 693 45.92 16.96 16.37
C GLN A 693 46.33 16.20 15.11
N GLY A 694 45.34 15.78 14.31
CA GLY A 694 45.64 15.05 13.10
C GLY A 694 44.58 14.06 12.67
N GLU A 695 44.63 12.86 13.27
CA GLU A 695 43.69 11.78 12.97
C GLU A 695 42.30 12.30 12.62
N VAL A 696 41.83 11.98 11.42
CA VAL A 696 40.52 12.44 10.97
C VAL A 696 39.51 11.29 10.98
N ALA A 697 39.90 10.14 11.51
CA ALA A 697 39.02 8.98 11.56
C ALA A 697 38.59 8.65 12.97
N SER A 698 37.31 8.90 13.28
CA SER A 698 36.79 8.62 14.60
C SER A 698 35.29 8.31 14.54
N ALA A 699 34.73 7.88 15.65
CA ALA A 699 33.32 7.58 15.68
C ALA A 699 32.52 8.73 15.07
N ILE A 700 32.61 9.91 15.66
CA ILE A 700 31.89 11.08 15.17
C ILE A 700 32.24 11.44 13.73
N GLN A 701 33.53 11.63 13.47
CA GLN A 701 34.00 11.99 12.13
C GLN A 701 33.47 11.05 11.05
N CYS A 702 33.50 9.75 11.34
CA CYS A 702 33.03 8.75 10.39
C CYS A 702 31.52 8.78 10.21
N TYR A 703 30.80 8.98 11.29
CA TYR A 703 29.34 9.01 11.20
C TYR A 703 28.94 10.19 10.34
N MET A 704 29.67 11.28 10.48
CA MET A 704 29.39 12.48 9.72
C MET A 704 29.68 12.25 8.24
N LYS A 705 30.64 11.37 7.95
CA LYS A 705 30.97 11.09 6.54
C LYS A 705 29.90 10.21 5.91
N ASP A 706 29.22 9.40 6.72
CA ASP A 706 28.18 8.54 6.19
C ASP A 706 26.85 9.30 6.09
N HIS A 707 26.81 10.48 6.68
CA HIS A 707 25.62 11.31 6.65
C HIS A 707 26.01 12.80 6.60
N PRO A 708 26.52 13.27 5.44
CA PRO A 708 26.91 14.68 5.34
C PRO A 708 25.69 15.58 5.50
N LYS A 709 24.53 15.00 5.25
CA LYS A 709 23.24 15.68 5.35
C LYS A 709 22.77 15.65 6.82
N ILE A 710 23.72 15.77 7.74
CA ILE A 710 23.43 15.75 9.17
C ILE A 710 24.23 16.80 9.94
N SER A 711 23.62 17.32 11.00
CA SER A 711 24.26 18.34 11.83
C SER A 711 25.24 17.72 12.82
N GLU A 712 26.39 18.38 12.99
CA GLU A 712 27.45 17.91 13.88
C GLU A 712 26.91 17.50 15.26
N GLU A 713 26.12 18.38 15.87
CA GLU A 713 25.55 18.09 17.18
C GLU A 713 24.69 16.82 17.10
N GLU A 714 23.88 16.74 16.04
CA GLU A 714 22.99 15.59 15.82
C GLU A 714 23.77 14.27 15.80
N ALA A 715 25.02 14.35 15.36
CA ALA A 715 25.90 13.19 15.28
C ALA A 715 26.36 12.81 16.67
N LEU A 716 27.13 13.69 17.31
CA LEU A 716 27.63 13.43 18.65
C LEU A 716 26.53 12.80 19.48
N GLN A 717 25.33 13.37 19.40
CA GLN A 717 24.20 12.85 20.14
C GLN A 717 23.86 11.43 19.69
N HIS A 718 23.83 11.20 18.38
CA HIS A 718 23.52 9.86 17.90
C HIS A 718 24.50 8.82 18.45
N VAL A 719 25.78 9.20 18.52
CA VAL A 719 26.80 8.32 19.05
C VAL A 719 26.55 8.03 20.53
N TYR A 720 26.02 9.03 21.25
CA TYR A 720 25.70 8.85 22.66
C TYR A 720 24.54 7.88 22.78
N SER A 721 23.67 7.90 21.77
CA SER A 721 22.51 7.03 21.74
C SER A 721 22.94 5.58 21.55
N VAL A 722 23.83 5.35 20.59
CA VAL A 722 24.35 4.01 20.31
C VAL A 722 25.07 3.47 21.55
N MET A 723 25.88 4.31 22.18
CA MET A 723 26.62 3.92 23.37
C MET A 723 25.66 3.48 24.44
N GLU A 724 24.63 4.29 24.66
CA GLU A 724 23.61 4.01 25.67
C GLU A 724 22.87 2.70 25.45
N ASN A 725 22.43 2.45 24.22
CA ASN A 725 21.73 1.20 23.95
C ASN A 725 22.68 0.05 24.19
N ALA A 726 23.95 0.26 23.87
CA ALA A 726 24.97 -0.76 24.05
C ALA A 726 25.21 -1.03 25.53
N LEU A 727 25.17 0.02 26.34
CA LEU A 727 25.36 -0.13 27.79
C LEU A 727 24.17 -0.88 28.38
N GLU A 728 23.01 -0.62 27.80
CA GLU A 728 21.78 -1.27 28.25
C GLU A 728 21.87 -2.75 27.92
N GLU A 729 22.36 -3.07 26.72
CA GLU A 729 22.50 -4.45 26.32
C GLU A 729 23.58 -5.11 27.19
N LEU A 730 24.61 -4.34 27.53
CA LEU A 730 25.69 -4.84 28.36
C LEU A 730 25.18 -5.20 29.76
N ASN A 731 24.19 -4.46 30.26
CA ASN A 731 23.62 -4.77 31.57
C ASN A 731 23.01 -6.17 31.52
N ARG A 732 22.20 -6.41 30.49
CA ARG A 732 21.53 -7.69 30.38
C ARG A 732 22.53 -8.82 30.31
N GLU A 733 23.64 -8.60 29.60
CA GLU A 733 24.66 -9.64 29.50
C GLU A 733 25.28 -9.89 30.88
N PHE A 734 25.69 -8.81 31.53
CA PHE A 734 26.30 -8.88 32.84
C PHE A 734 25.41 -9.61 33.84
N VAL A 735 24.11 -9.36 33.74
CA VAL A 735 23.18 -9.98 34.66
C VAL A 735 22.69 -11.37 34.28
N ASN A 736 22.29 -11.56 33.03
CA ASN A 736 21.75 -12.86 32.63
C ASN A 736 22.68 -13.97 32.14
N ASN A 737 23.87 -13.62 31.67
CA ASN A 737 24.79 -14.66 31.18
C ASN A 737 25.28 -15.56 32.32
N LYS A 738 25.22 -16.86 32.09
CA LYS A 738 25.66 -17.84 33.08
C LYS A 738 27.17 -18.00 32.98
N ILE A 739 27.89 -17.07 33.60
CA ILE A 739 29.35 -17.04 33.58
C ILE A 739 29.85 -16.81 35.00
N PRO A 740 30.99 -17.41 35.38
CA PRO A 740 31.48 -17.20 36.74
C PRO A 740 31.60 -15.70 37.02
N ASP A 741 31.12 -15.29 38.20
CA ASP A 741 31.10 -13.90 38.63
C ASP A 741 32.35 -13.07 38.35
N ILE A 742 33.52 -13.60 38.69
CA ILE A 742 34.76 -12.87 38.49
C ILE A 742 35.01 -12.43 37.05
N TYR A 743 34.63 -13.26 36.08
CA TYR A 743 34.83 -12.92 34.68
C TYR A 743 33.83 -11.85 34.22
N LYS A 744 32.63 -11.87 34.79
CA LYS A 744 31.62 -10.87 34.46
C LYS A 744 32.05 -9.51 35.00
N ARG A 745 32.73 -9.51 36.14
CA ARG A 745 33.22 -8.27 36.74
C ARG A 745 34.36 -7.71 35.89
N LEU A 746 35.24 -8.59 35.43
CA LEU A 746 36.37 -8.15 34.60
C LEU A 746 35.88 -7.50 33.33
N VAL A 747 34.83 -8.06 32.73
CA VAL A 747 34.29 -7.50 31.51
C VAL A 747 33.49 -6.23 31.75
N PHE A 748 32.52 -6.30 32.66
CA PHE A 748 31.64 -5.16 32.95
C PHE A 748 32.31 -3.98 33.65
N GLU A 749 33.21 -4.25 34.58
CA GLU A 749 33.90 -3.20 35.30
C GLU A 749 34.89 -2.46 34.41
N THR A 750 35.49 -3.19 33.46
CA THR A 750 36.43 -2.56 32.55
C THR A 750 35.66 -1.53 31.72
N ALA A 751 34.43 -1.86 31.30
CA ALA A 751 33.63 -0.89 30.54
C ALA A 751 33.31 0.32 31.43
N ARG A 752 32.98 0.07 32.69
CA ARG A 752 32.66 1.15 33.63
C ARG A 752 33.82 2.10 33.83
N ILE A 753 35.02 1.54 34.01
CA ILE A 753 36.20 2.37 34.21
C ILE A 753 36.30 3.39 33.08
N MET A 754 35.97 2.99 31.85
CA MET A 754 36.04 3.91 30.72
C MET A 754 34.92 4.96 30.80
N GLN A 755 33.73 4.54 31.22
CA GLN A 755 32.64 5.47 31.36
C GLN A 755 33.04 6.54 32.39
N LEU A 756 33.80 6.14 33.40
CA LEU A 756 34.25 7.08 34.44
C LEU A 756 35.36 8.01 33.96
N PHE A 757 36.40 7.44 33.35
CA PHE A 757 37.51 8.27 32.89
C PHE A 757 37.11 9.26 31.80
N TYR A 758 36.18 8.87 30.94
CA TYR A 758 35.76 9.73 29.85
C TYR A 758 34.33 10.23 29.98
N MET A 759 33.84 10.33 31.21
CA MET A 759 32.48 10.79 31.44
C MET A 759 32.24 12.22 31.01
N GLN A 760 30.98 12.52 30.72
CA GLN A 760 30.58 13.85 30.31
C GLN A 760 30.81 14.82 31.47
N GLY A 761 31.77 15.71 31.31
CA GLY A 761 32.07 16.66 32.37
C GLY A 761 31.04 17.77 32.47
N ASP A 762 31.46 18.98 32.12
CA ASP A 762 30.57 20.14 32.16
C ASP A 762 31.21 21.29 31.38
N SER A 767 40.94 20.55 35.97
CA SER A 767 39.58 20.23 35.56
C SER A 767 39.41 18.74 35.29
N HIS A 768 39.56 18.36 34.03
CA HIS A 768 39.43 16.97 33.61
C HIS A 768 40.34 16.05 34.41
N ASP A 769 41.65 16.20 34.22
CA ASP A 769 42.63 15.37 34.92
C ASP A 769 42.62 15.57 36.43
N MET A 770 41.98 16.65 36.87
CA MET A 770 41.88 16.94 38.30
C MET A 770 40.92 15.93 38.91
N GLU A 771 39.91 15.54 38.13
CA GLU A 771 38.93 14.56 38.57
C GLU A 771 39.63 13.23 38.84
N ILE A 772 40.40 12.76 37.86
CA ILE A 772 41.13 11.51 38.00
C ILE A 772 41.96 11.57 39.28
N LYS A 773 42.74 12.64 39.42
CA LYS A 773 43.58 12.85 40.60
C LYS A 773 42.78 12.55 41.87
N GLU A 774 41.56 13.08 41.94
CA GLU A 774 40.67 12.90 43.08
C GLU A 774 40.30 11.42 43.31
N HIS A 775 40.01 10.70 42.23
CA HIS A 775 39.63 9.30 42.33
C HIS A 775 40.78 8.46 42.84
N VAL A 776 41.98 8.73 42.32
CA VAL A 776 43.17 8.02 42.73
C VAL A 776 43.40 8.21 44.22
N LYS A 777 43.24 9.44 44.68
CA LYS A 777 43.43 9.77 46.08
C LYS A 777 42.43 9.00 46.97
N ASN A 778 41.15 9.05 46.60
CA ASN A 778 40.09 8.38 47.36
C ASN A 778 40.19 6.88 47.44
N CYS A 779 40.76 6.26 46.41
CA CYS A 779 40.85 4.82 46.38
C CYS A 779 42.15 4.26 46.92
N LEU A 780 43.26 4.93 46.63
CA LEU A 780 44.56 4.42 47.06
C LEU A 780 45.32 5.12 48.17
N PHE A 781 45.07 6.40 48.41
CA PHE A 781 45.84 7.10 49.43
C PHE A 781 45.13 7.53 50.71
N GLN A 782 44.11 8.38 50.57
CA GLN A 782 43.36 8.87 51.71
C GLN A 782 42.55 7.72 52.35
N PRO A 783 42.85 7.36 53.60
CA PRO A 783 42.08 6.27 54.21
C PRO A 783 40.77 6.82 54.77
N VAL A 784 39.83 5.93 55.07
CA VAL A 784 38.55 6.36 55.63
C VAL A 784 38.63 6.35 57.15
N ALA A 785 38.03 7.36 57.79
CA ALA A 785 38.03 7.47 59.24
C ALA A 785 36.62 7.56 59.78
N ALA B 27 22.97 -53.38 -9.66
CA ALA B 27 22.75 -52.10 -10.40
C ALA B 27 21.67 -51.23 -9.74
N SER B 28 21.29 -51.58 -8.50
CA SER B 28 20.28 -50.80 -7.79
C SER B 28 20.83 -49.41 -7.51
N ASP B 29 19.94 -48.47 -7.22
CA ASP B 29 20.34 -47.09 -6.96
C ASP B 29 21.25 -46.95 -5.73
N GLU B 30 20.90 -47.63 -4.65
CA GLU B 30 21.69 -47.57 -3.43
C GLU B 30 23.13 -48.04 -3.69
N LYS B 31 23.27 -49.20 -4.32
CA LYS B 31 24.59 -49.73 -4.62
C LYS B 31 25.32 -48.77 -5.57
N ARG B 32 24.57 -48.18 -6.49
CA ARG B 32 25.15 -47.24 -7.43
C ARG B 32 25.69 -46.02 -6.67
N ILE B 33 24.92 -45.53 -5.70
CA ILE B 33 25.33 -44.39 -4.91
C ILE B 33 26.64 -44.68 -4.18
N GLU B 34 26.73 -45.85 -3.57
CA GLU B 34 27.93 -46.27 -2.86
C GLU B 34 29.13 -46.23 -3.83
N THR B 35 28.92 -46.75 -5.03
CA THR B 35 29.99 -46.80 -6.03
C THR B 35 30.45 -45.42 -6.45
N LEU B 36 29.50 -44.53 -6.73
CA LEU B 36 29.83 -43.18 -7.13
C LEU B 36 30.57 -42.46 -6.02
N ILE B 37 30.13 -42.68 -4.78
CA ILE B 37 30.78 -42.05 -3.65
C ILE B 37 32.24 -42.43 -3.50
N SER B 38 32.55 -43.73 -3.64
CA SER B 38 33.94 -44.18 -3.51
C SER B 38 34.79 -43.66 -4.67
N GLU B 39 34.21 -43.64 -5.86
CA GLU B 39 34.92 -43.15 -7.04
C GLU B 39 35.27 -41.67 -6.94
N ILE B 40 34.36 -40.89 -6.35
CA ILE B 40 34.57 -39.46 -6.20
C ILE B 40 35.61 -39.19 -5.11
N LYS B 41 35.56 -39.96 -4.03
CA LYS B 41 36.55 -39.77 -2.97
C LYS B 41 37.93 -40.05 -3.58
N ASN B 42 38.00 -41.05 -4.46
CA ASN B 42 39.29 -41.37 -5.08
C ASN B 42 39.77 -40.21 -5.93
N MET B 43 38.84 -39.51 -6.59
CA MET B 43 39.22 -38.37 -7.41
C MET B 43 39.85 -37.31 -6.51
N PHE B 44 39.19 -37.03 -5.39
CA PHE B 44 39.72 -36.05 -4.45
C PHE B 44 41.11 -36.44 -3.94
N ARG B 45 41.26 -37.70 -3.53
CA ARG B 45 42.55 -38.17 -3.01
C ARG B 45 43.66 -38.15 -4.05
N CYS B 46 43.30 -38.09 -5.33
CA CYS B 46 44.30 -38.06 -6.40
C CYS B 46 44.61 -36.65 -6.90
N MET B 47 43.94 -35.65 -6.36
CA MET B 47 44.17 -34.27 -6.79
C MET B 47 45.60 -33.83 -6.51
N GLY B 48 46.23 -33.25 -7.51
CA GLY B 48 47.59 -32.78 -7.36
C GLY B 48 47.73 -31.39 -7.94
N TYR B 49 48.43 -31.28 -9.06
CA TYR B 49 48.61 -29.99 -9.71
C TYR B 49 47.53 -29.70 -10.75
N GLY B 50 46.63 -30.66 -10.94
CA GLY B 50 45.55 -30.47 -11.89
C GLY B 50 45.42 -31.50 -12.98
N GLU B 51 44.19 -31.94 -13.22
CA GLU B 51 43.92 -32.90 -14.27
C GLU B 51 43.38 -32.11 -15.45
N THR B 52 43.97 -32.31 -16.63
CA THR B 52 43.51 -31.59 -17.79
C THR B 52 44.01 -32.25 -19.08
N ASN B 53 43.36 -31.91 -20.19
CA ASN B 53 43.69 -32.47 -21.50
C ASN B 53 44.91 -31.82 -22.14
N PRO B 54 45.47 -32.45 -23.16
CA PRO B 54 46.64 -31.87 -23.81
C PRO B 54 46.23 -30.67 -24.67
N SER B 55 47.18 -29.77 -24.89
CA SER B 55 46.95 -28.61 -25.73
C SER B 55 47.86 -28.82 -26.93
N ALA B 56 47.28 -29.09 -28.09
CA ALA B 56 48.06 -29.30 -29.29
C ALA B 56 48.91 -28.06 -29.58
N TYR B 57 48.29 -26.90 -29.46
CA TYR B 57 48.97 -25.63 -29.70
C TYR B 57 50.24 -25.43 -28.84
N ASP B 58 50.08 -25.47 -27.52
CA ASP B 58 51.23 -25.28 -26.63
C ASP B 58 52.26 -26.38 -26.83
N THR B 59 51.79 -27.61 -27.01
CA THR B 59 52.69 -28.73 -27.20
C THR B 59 53.56 -28.51 -28.44
N ALA B 60 52.99 -27.86 -29.45
CA ALA B 60 53.73 -27.58 -30.68
C ALA B 60 54.81 -26.55 -30.40
N TRP B 61 54.56 -25.66 -29.44
CA TRP B 61 55.55 -24.65 -29.11
C TRP B 61 56.71 -25.23 -28.29
N VAL B 62 56.40 -26.13 -27.37
CA VAL B 62 57.45 -26.77 -26.59
C VAL B 62 58.31 -27.58 -27.56
N ALA B 63 57.68 -28.15 -28.58
CA ALA B 63 58.37 -28.96 -29.58
C ALA B 63 59.35 -28.18 -30.47
N ARG B 64 59.17 -26.87 -30.57
CA ARG B 64 60.07 -26.05 -31.41
C ARG B 64 61.46 -25.87 -30.80
N ILE B 65 61.55 -26.01 -29.48
CA ILE B 65 62.81 -25.83 -28.77
C ILE B 65 63.91 -26.79 -29.24
N PRO B 66 64.99 -26.23 -29.81
CA PRO B 66 66.12 -27.04 -30.28
C PRO B 66 66.97 -27.55 -29.13
N ALA B 67 67.51 -28.76 -29.27
CA ALA B 67 68.34 -29.38 -28.23
C ALA B 67 69.43 -28.46 -27.66
N VAL B 68 69.53 -28.46 -26.33
CA VAL B 68 70.49 -27.62 -25.62
C VAL B 68 71.96 -27.96 -25.93
N ASP B 69 72.20 -29.13 -26.51
CA ASP B 69 73.57 -29.53 -26.83
C ASP B 69 74.00 -29.14 -28.24
N GLY B 70 73.17 -28.35 -28.93
CA GLY B 70 73.51 -27.92 -30.27
C GLY B 70 73.10 -28.89 -31.36
N SER B 71 72.77 -30.12 -30.96
CA SER B 71 72.33 -31.14 -31.90
C SER B 71 71.13 -30.61 -32.67
N ASP B 72 70.98 -31.05 -33.92
CA ASP B 72 69.84 -30.59 -34.75
C ASP B 72 68.61 -31.47 -34.52
N ASN B 73 68.16 -31.50 -33.27
CA ASN B 73 66.99 -32.28 -32.89
C ASN B 73 66.24 -31.53 -31.78
N PRO B 74 64.94 -31.76 -31.66
CA PRO B 74 64.18 -31.07 -30.62
C PRO B 74 64.76 -31.39 -29.24
N HIS B 75 64.73 -30.42 -28.34
CA HIS B 75 65.23 -30.66 -26.99
C HIS B 75 64.30 -31.66 -26.32
N PHE B 76 63.03 -31.67 -26.74
CA PHE B 76 62.02 -32.58 -26.19
C PHE B 76 61.42 -33.45 -27.31
N PRO B 77 62.17 -34.46 -27.76
CA PRO B 77 61.72 -35.38 -28.83
C PRO B 77 60.31 -35.91 -28.58
N GLU B 78 60.08 -36.29 -27.33
CA GLU B 78 58.79 -36.81 -26.89
C GLU B 78 57.59 -36.03 -27.43
N THR B 79 57.67 -34.70 -27.37
CA THR B 79 56.57 -33.86 -27.84
C THR B 79 56.34 -33.90 -29.33
N VAL B 80 57.43 -33.97 -30.11
CA VAL B 80 57.29 -34.03 -31.56
C VAL B 80 56.57 -35.33 -31.87
N GLU B 81 56.91 -36.37 -31.12
CA GLU B 81 56.28 -37.66 -31.35
C GLU B 81 54.78 -37.50 -31.06
N TRP B 82 54.45 -36.91 -29.92
CA TRP B 82 53.05 -36.70 -29.54
C TRP B 82 52.27 -36.08 -30.71
N ILE B 83 52.79 -34.97 -31.24
CA ILE B 83 52.14 -34.27 -32.33
C ILE B 83 51.90 -35.19 -33.52
N LEU B 84 52.90 -36.00 -33.85
CA LEU B 84 52.78 -36.91 -34.98
C LEU B 84 51.61 -37.89 -34.81
N GLN B 85 51.55 -38.52 -33.64
CA GLN B 85 50.52 -39.51 -33.37
C GLN B 85 49.20 -39.00 -32.78
N ASN B 86 48.96 -37.68 -32.85
CA ASN B 86 47.72 -37.16 -32.29
C ASN B 86 46.96 -36.19 -33.16
N GLN B 87 47.15 -36.29 -34.47
CA GLN B 87 46.40 -35.44 -35.40
C GLN B 87 45.03 -36.10 -35.49
N LEU B 88 43.99 -35.30 -35.68
CA LEU B 88 42.63 -35.82 -35.78
C LEU B 88 42.31 -36.31 -37.18
N LYS B 89 41.11 -36.85 -37.37
CA LYS B 89 40.67 -37.37 -38.66
C LYS B 89 40.65 -36.35 -39.79
N ASP B 90 40.01 -35.20 -39.56
CA ASP B 90 39.95 -34.17 -40.59
C ASP B 90 41.30 -33.49 -40.80
N GLY B 91 42.34 -34.04 -40.18
CA GLY B 91 43.67 -33.49 -40.33
C GLY B 91 44.00 -32.31 -39.43
N SER B 92 43.09 -31.97 -38.54
CA SER B 92 43.32 -30.84 -37.64
C SER B 92 43.94 -31.34 -36.35
N TRP B 93 44.31 -30.38 -35.51
CA TRP B 93 44.86 -30.69 -34.20
C TRP B 93 43.96 -29.91 -33.23
N GLY B 94 43.89 -30.38 -32.00
CA GLY B 94 43.05 -29.71 -31.01
C GLY B 94 42.25 -30.70 -30.21
N GLU B 95 41.26 -30.22 -29.47
CA GLU B 95 40.44 -31.10 -28.64
C GLU B 95 39.32 -31.72 -29.47
N GLY B 96 39.33 -33.04 -29.55
CA GLY B 96 38.31 -33.73 -30.31
C GLY B 96 36.95 -33.68 -29.65
N PHE B 97 36.92 -33.83 -28.33
CA PHE B 97 35.68 -33.82 -27.56
C PHE B 97 34.75 -32.66 -27.91
N TYR B 98 35.31 -31.48 -28.11
CA TYR B 98 34.50 -30.30 -28.42
C TYR B 98 35.11 -29.52 -29.57
N PHE B 99 34.32 -29.32 -30.62
CA PHE B 99 34.79 -28.59 -31.80
C PHE B 99 34.60 -27.08 -31.71
N LEU B 100 35.71 -26.36 -31.84
CA LEU B 100 35.71 -24.89 -31.85
C LEU B 100 36.65 -24.47 -32.99
N ALA B 101 36.09 -23.85 -34.02
CA ALA B 101 36.88 -23.42 -35.17
C ALA B 101 38.21 -22.77 -34.78
N TYR B 102 38.15 -21.70 -34.00
CA TYR B 102 39.35 -21.00 -33.56
C TYR B 102 40.38 -21.97 -32.98
N ASP B 103 39.90 -22.88 -32.15
CA ASP B 103 40.76 -23.87 -31.51
C ASP B 103 41.50 -24.71 -32.56
N ARG B 104 40.73 -25.28 -33.48
CA ARG B 104 41.27 -26.13 -34.53
C ARG B 104 42.28 -25.45 -35.46
N ILE B 105 41.94 -24.28 -35.98
CA ILE B 105 42.87 -23.58 -36.86
C ILE B 105 44.12 -23.16 -36.10
N LEU B 106 43.95 -22.75 -34.85
CA LEU B 106 45.07 -22.32 -34.03
C LEU B 106 46.08 -23.44 -33.82
N ALA B 107 45.59 -24.57 -33.32
CA ALA B 107 46.44 -25.71 -33.07
C ALA B 107 47.04 -26.31 -34.34
N THR B 108 46.27 -26.31 -35.43
CA THR B 108 46.74 -26.90 -36.68
C THR B 108 47.88 -26.07 -37.27
N LEU B 109 47.70 -24.75 -37.29
CA LEU B 109 48.75 -23.87 -37.80
C LEU B 109 50.03 -24.06 -37.01
N ALA B 110 49.92 -24.06 -35.69
CA ALA B 110 51.08 -24.24 -34.83
C ALA B 110 51.81 -25.56 -35.10
N CYS B 111 51.03 -26.62 -35.27
CA CYS B 111 51.59 -27.96 -35.54
C CYS B 111 52.23 -28.11 -36.92
N ILE B 112 51.67 -27.48 -37.94
CA ILE B 112 52.27 -27.63 -39.26
C ILE B 112 53.62 -26.90 -39.27
N ILE B 113 53.65 -25.72 -38.65
CA ILE B 113 54.88 -24.93 -38.59
C ILE B 113 56.01 -25.68 -37.87
N THR B 114 55.71 -26.28 -36.72
CA THR B 114 56.72 -27.03 -35.97
C THR B 114 57.22 -28.28 -36.70
N LEU B 115 56.30 -29.02 -37.32
CA LEU B 115 56.68 -30.22 -38.06
C LEU B 115 57.57 -29.83 -39.22
N THR B 116 57.26 -28.70 -39.84
CA THR B 116 58.05 -28.20 -40.94
C THR B 116 59.46 -27.91 -40.42
N LEU B 117 59.55 -27.08 -39.39
CA LEU B 117 60.83 -26.70 -38.81
C LEU B 117 61.76 -27.88 -38.53
N TRP B 118 61.18 -29.02 -38.17
CA TRP B 118 62.00 -30.21 -37.91
C TRP B 118 62.04 -31.17 -39.10
N ARG B 119 61.56 -30.69 -40.25
CA ARG B 119 61.55 -31.48 -41.49
C ARG B 119 61.04 -32.89 -41.23
N THR B 120 59.84 -33.01 -40.68
CA THR B 120 59.27 -34.32 -40.39
C THR B 120 57.76 -34.32 -40.58
N GLY B 121 57.15 -35.50 -40.47
CA GLY B 121 55.71 -35.64 -40.64
C GLY B 121 55.13 -34.96 -41.87
N GLU B 122 55.78 -35.13 -43.01
CA GLU B 122 55.32 -34.50 -44.25
C GLU B 122 53.86 -34.78 -44.58
N THR B 123 53.43 -36.02 -44.37
CA THR B 123 52.07 -36.42 -44.66
C THR B 123 51.07 -35.73 -43.72
N GLN B 124 51.43 -35.61 -42.45
CA GLN B 124 50.55 -34.95 -41.49
C GLN B 124 50.47 -33.48 -41.87
N VAL B 125 51.62 -32.91 -42.22
CA VAL B 125 51.66 -31.51 -42.60
C VAL B 125 50.65 -31.23 -43.69
N GLN B 126 50.68 -32.01 -44.78
CA GLN B 126 49.75 -31.79 -45.87
C GLN B 126 48.30 -31.98 -45.39
N LYS B 127 48.06 -33.01 -44.57
CA LYS B 127 46.71 -33.23 -44.04
C LYS B 127 46.30 -31.96 -43.28
N GLY B 128 47.19 -31.49 -42.41
CA GLY B 128 46.92 -30.29 -41.63
C GLY B 128 46.71 -29.08 -42.50
N ILE B 129 47.52 -28.93 -43.55
CA ILE B 129 47.39 -27.79 -44.44
C ILE B 129 46.03 -27.80 -45.15
N GLU B 130 45.58 -29.00 -45.53
CA GLU B 130 44.29 -29.15 -46.22
C GLU B 130 43.16 -28.71 -45.30
N PHE B 131 43.17 -29.24 -44.08
CA PHE B 131 42.14 -28.88 -43.10
C PHE B 131 42.10 -27.37 -42.92
N PHE B 132 43.27 -26.77 -42.76
CA PHE B 132 43.37 -25.33 -42.55
C PHE B 132 42.78 -24.50 -43.67
N ARG B 133 43.13 -24.81 -44.92
CA ARG B 133 42.60 -24.04 -46.04
C ARG B 133 41.08 -24.12 -46.08
N THR B 134 40.55 -25.30 -45.78
CA THR B 134 39.11 -25.51 -45.77
C THR B 134 38.45 -24.76 -44.60
N GLN B 135 38.93 -24.99 -43.38
CA GLN B 135 38.34 -24.31 -42.24
C GLN B 135 38.44 -22.80 -42.34
N ALA B 136 39.51 -22.31 -42.95
CA ALA B 136 39.73 -20.88 -43.09
C ALA B 136 38.64 -20.21 -43.93
N GLY B 137 38.02 -20.96 -44.84
CA GLY B 137 36.98 -20.39 -45.69
C GLY B 137 35.61 -20.28 -45.03
N LYS B 138 35.41 -20.98 -43.92
CA LYS B 138 34.13 -20.97 -43.22
C LYS B 138 34.11 -20.15 -41.92
N MET B 139 35.22 -19.50 -41.59
CA MET B 139 35.30 -18.70 -40.36
C MET B 139 34.22 -17.62 -40.27
N GLU B 140 33.82 -17.07 -41.41
CA GLU B 140 32.81 -16.03 -41.43
C GLU B 140 31.49 -16.49 -40.84
N ASP B 141 31.21 -17.78 -40.97
CA ASP B 141 29.96 -18.36 -40.47
C ASP B 141 29.98 -18.62 -38.97
N GLU B 142 31.01 -18.14 -38.27
CA GLU B 142 31.10 -18.36 -36.83
C GLU B 142 31.59 -17.18 -36.01
N ALA B 143 31.01 -16.01 -36.26
CA ALA B 143 31.38 -14.81 -35.53
C ALA B 143 30.84 -14.92 -34.11
N ASP B 144 29.83 -15.77 -33.94
CA ASP B 144 29.21 -15.98 -32.63
C ASP B 144 30.04 -16.84 -31.68
N SER B 145 31.03 -17.54 -32.21
CA SER B 145 31.90 -18.37 -31.38
C SER B 145 32.70 -17.46 -30.45
N HIS B 146 33.15 -18.01 -29.33
CA HIS B 146 33.97 -17.20 -28.44
C HIS B 146 35.42 -17.42 -28.83
N ARG B 147 36.16 -16.33 -28.97
CA ARG B 147 37.55 -16.40 -29.36
C ARG B 147 38.43 -16.71 -28.15
N PRO B 148 39.36 -17.67 -28.31
CA PRO B 148 40.28 -18.06 -27.23
C PRO B 148 41.06 -16.85 -26.76
N SER B 149 41.61 -16.92 -25.56
CA SER B 149 42.38 -15.83 -25.00
C SER B 149 43.66 -15.64 -25.80
N GLY B 150 43.96 -14.39 -26.15
CA GLY B 150 45.16 -14.10 -26.91
C GLY B 150 45.15 -14.52 -28.37
N PHE B 151 44.01 -14.97 -28.89
CA PHE B 151 43.92 -15.41 -30.28
C PHE B 151 44.28 -14.33 -31.30
N GLU B 152 43.76 -13.13 -31.09
CA GLU B 152 44.01 -12.01 -32.00
C GLU B 152 45.50 -11.69 -32.02
N ILE B 153 46.19 -12.04 -30.95
CA ILE B 153 47.62 -11.78 -30.82
C ILE B 153 48.50 -12.93 -31.32
N VAL B 154 48.17 -14.12 -30.87
CA VAL B 154 48.93 -15.31 -31.20
C VAL B 154 48.74 -15.88 -32.60
N PHE B 155 47.51 -15.81 -33.13
CA PHE B 155 47.22 -16.37 -34.43
C PHE B 155 47.86 -15.67 -35.64
N PRO B 156 47.70 -14.34 -35.76
CA PRO B 156 48.29 -13.60 -36.89
C PRO B 156 49.82 -13.64 -36.90
N ALA B 157 50.41 -13.75 -35.72
CA ALA B 157 51.86 -13.82 -35.60
C ALA B 157 52.35 -15.11 -36.27
N MET B 158 51.65 -16.22 -36.02
CA MET B 158 52.05 -17.48 -36.63
C MET B 158 51.76 -17.48 -38.13
N LEU B 159 50.77 -16.70 -38.56
CA LEU B 159 50.44 -16.61 -39.98
C LEU B 159 51.66 -16.05 -40.70
N LYS B 160 52.27 -15.04 -40.08
CA LYS B 160 53.46 -14.39 -40.63
C LYS B 160 54.65 -15.35 -40.65
N GLU B 161 54.83 -16.12 -39.57
CA GLU B 161 55.91 -17.08 -39.53
C GLU B 161 55.72 -18.09 -40.66
N ALA B 162 54.46 -18.42 -40.92
CA ALA B 162 54.09 -19.37 -41.97
C ALA B 162 54.43 -18.85 -43.36
N LYS B 163 54.24 -17.55 -43.58
CA LYS B 163 54.55 -16.96 -44.87
C LYS B 163 56.07 -17.07 -45.07
N ILE B 164 56.84 -16.71 -44.05
CA ILE B 164 58.31 -16.78 -44.14
C ILE B 164 58.76 -18.20 -44.51
N LEU B 165 58.09 -19.20 -43.95
CA LEU B 165 58.42 -20.59 -44.23
C LEU B 165 57.95 -21.01 -45.62
N GLY B 166 57.05 -20.21 -46.19
CA GLY B 166 56.54 -20.51 -47.51
C GLY B 166 55.44 -21.55 -47.57
N LEU B 167 54.57 -21.56 -46.56
CA LEU B 167 53.46 -22.52 -46.53
C LEU B 167 52.31 -21.99 -47.37
N ASP B 168 51.70 -22.87 -48.14
CA ASP B 168 50.58 -22.49 -49.02
C ASP B 168 49.26 -22.36 -48.28
N LEU B 169 49.01 -21.17 -47.74
CA LEU B 169 47.79 -20.87 -47.01
C LEU B 169 47.07 -19.73 -47.73
N PRO B 170 45.76 -19.60 -47.53
CA PRO B 170 44.95 -18.55 -48.15
C PRO B 170 45.15 -17.15 -47.57
N TYR B 171 46.40 -16.75 -47.39
CA TYR B 171 46.74 -15.45 -46.81
C TYR B 171 45.86 -14.29 -47.28
N ASP B 172 45.37 -14.36 -48.51
CA ASP B 172 44.54 -13.28 -49.06
C ASP B 172 43.06 -13.34 -48.67
N LEU B 173 42.66 -14.40 -47.96
CA LEU B 173 41.29 -14.53 -47.51
C LEU B 173 41.07 -13.40 -46.51
N PRO B 174 40.06 -12.54 -46.74
CA PRO B 174 39.77 -11.42 -45.83
C PRO B 174 40.03 -11.70 -44.34
N PHE B 175 39.41 -12.75 -43.82
CA PHE B 175 39.56 -13.11 -42.41
C PHE B 175 41.02 -13.16 -41.97
N LEU B 176 41.83 -13.96 -42.65
CA LEU B 176 43.24 -14.09 -42.31
C LEU B 176 44.01 -12.80 -42.57
N LYS B 177 43.67 -12.13 -43.66
CA LYS B 177 44.35 -10.90 -44.03
C LYS B 177 44.03 -9.77 -43.05
N GLN B 178 42.77 -9.63 -42.67
CA GLN B 178 42.36 -8.59 -41.75
C GLN B 178 42.77 -8.82 -40.30
N ILE B 179 42.85 -10.07 -39.87
CA ILE B 179 43.23 -10.33 -38.50
C ILE B 179 44.70 -9.95 -38.27
N ILE B 180 45.49 -9.97 -39.33
CA ILE B 180 46.90 -9.60 -39.23
C ILE B 180 46.98 -8.09 -39.05
N GLU B 181 46.14 -7.37 -39.78
CA GLU B 181 46.08 -5.92 -39.69
C GLU B 181 45.60 -5.48 -38.31
N LYS B 182 44.54 -6.12 -37.84
CA LYS B 182 43.98 -5.79 -36.52
C LYS B 182 45.02 -6.03 -35.43
N ARG B 183 45.93 -6.97 -35.67
CA ARG B 183 46.98 -7.26 -34.70
C ARG B 183 48.05 -6.17 -34.71
N GLU B 184 48.42 -5.71 -35.90
CA GLU B 184 49.43 -4.66 -35.99
C GLU B 184 48.92 -3.37 -35.36
N ALA B 185 47.60 -3.24 -35.26
CA ALA B 185 47.00 -2.07 -34.64
C ALA B 185 47.06 -2.21 -33.12
N LYS B 186 46.57 -3.34 -32.62
CA LYS B 186 46.57 -3.59 -31.19
C LYS B 186 47.99 -3.54 -30.59
N LEU B 187 48.96 -3.99 -31.36
CA LEU B 187 50.35 -4.00 -30.89
C LEU B 187 50.90 -2.59 -30.64
N LYS B 188 50.48 -1.63 -31.46
CA LYS B 188 50.95 -0.25 -31.30
C LYS B 188 50.13 0.45 -30.23
N ARG B 189 48.95 -0.07 -29.96
CA ARG B 189 48.04 0.49 -28.95
C ARG B 189 48.33 -0.02 -27.53
N ILE B 190 49.20 -1.03 -27.41
CA ILE B 190 49.54 -1.60 -26.12
C ILE B 190 50.43 -0.70 -25.24
N PRO B 191 49.97 -0.41 -24.00
CA PRO B 191 50.70 0.43 -23.04
C PRO B 191 51.96 -0.23 -22.48
N THR B 192 53.11 0.22 -22.98
CA THR B 192 54.44 -0.25 -22.61
C THR B 192 54.71 -0.36 -21.11
N ASP B 193 54.45 0.72 -20.38
CA ASP B 193 54.66 0.76 -18.94
C ASP B 193 53.99 -0.44 -18.29
N VAL B 194 52.67 -0.49 -18.42
CA VAL B 194 51.87 -1.58 -17.85
C VAL B 194 52.46 -2.93 -18.21
N LEU B 195 52.92 -3.08 -19.45
CA LEU B 195 53.50 -4.34 -19.91
C LEU B 195 54.73 -4.73 -19.09
N TYR B 196 55.51 -3.75 -18.64
CA TYR B 196 56.73 -4.07 -17.89
C TYR B 196 56.73 -3.84 -16.39
N ALA B 197 55.81 -3.01 -15.90
CA ALA B 197 55.75 -2.70 -14.47
C ALA B 197 55.46 -3.91 -13.58
N LEU B 198 54.38 -4.62 -13.89
CA LEU B 198 53.98 -5.79 -13.11
C LEU B 198 53.47 -6.90 -14.01
N PRO B 199 53.44 -8.13 -13.49
CA PRO B 199 52.96 -9.27 -14.29
C PRO B 199 51.51 -9.02 -14.69
N THR B 200 51.20 -9.23 -15.96
CA THR B 200 49.84 -9.02 -16.46
C THR B 200 49.47 -10.15 -17.41
N THR B 201 48.18 -10.28 -17.72
CA THR B 201 47.70 -11.32 -18.61
C THR B 201 48.36 -11.33 -19.98
N LEU B 202 49.04 -10.24 -20.34
CA LEU B 202 49.71 -10.20 -21.62
C LEU B 202 50.85 -11.21 -21.66
N LEU B 203 51.45 -11.47 -20.52
CA LEU B 203 52.57 -12.42 -20.44
C LEU B 203 52.13 -13.83 -20.80
N TYR B 204 50.81 -13.99 -20.93
CA TYR B 204 50.20 -15.26 -21.24
C TYR B 204 50.36 -15.57 -22.74
N SER B 205 50.60 -14.54 -23.53
CA SER B 205 50.74 -14.71 -24.97
C SER B 205 52.03 -14.11 -25.55
N LEU B 206 53.14 -14.25 -24.83
CA LEU B 206 54.42 -13.71 -25.30
C LEU B 206 54.87 -14.32 -26.62
N GLU B 207 54.48 -15.58 -26.88
CA GLU B 207 54.88 -16.23 -28.11
C GLU B 207 54.38 -15.47 -29.33
N GLY B 208 53.40 -14.59 -29.13
CA GLY B 208 52.88 -13.80 -30.24
C GLY B 208 53.21 -12.32 -30.16
N LEU B 209 54.13 -11.96 -29.28
CA LEU B 209 54.53 -10.56 -29.13
C LEU B 209 56.06 -10.44 -29.25
N GLN B 210 56.69 -11.51 -29.71
CA GLN B 210 58.14 -11.58 -29.87
C GLN B 210 58.77 -10.48 -30.71
N GLU B 211 57.96 -9.68 -31.38
CA GLU B 211 58.49 -8.63 -32.25
C GLU B 211 58.58 -7.25 -31.61
N ILE B 212 57.89 -7.05 -30.50
CA ILE B 212 57.92 -5.75 -29.83
C ILE B 212 58.10 -5.85 -28.32
N VAL B 213 58.82 -6.87 -27.90
CA VAL B 213 59.05 -7.10 -26.48
C VAL B 213 60.52 -6.91 -26.10
N ASP B 214 60.76 -6.26 -24.96
CA ASP B 214 62.12 -6.05 -24.46
C ASP B 214 62.35 -7.24 -23.54
N TRP B 215 62.97 -8.27 -24.07
CA TRP B 215 63.20 -9.48 -23.28
C TRP B 215 63.82 -9.26 -21.91
N GLN B 216 64.70 -8.29 -21.79
CA GLN B 216 65.35 -8.05 -20.50
C GLN B 216 64.35 -7.60 -19.45
N LYS B 217 63.44 -6.71 -19.83
CA LYS B 217 62.43 -6.24 -18.88
C LYS B 217 61.45 -7.37 -18.56
N ILE B 218 61.06 -8.11 -19.60
CA ILE B 218 60.12 -9.23 -19.43
C ILE B 218 60.63 -10.23 -18.39
N MET B 219 61.93 -10.49 -18.41
CA MET B 219 62.54 -11.44 -17.48
C MET B 219 62.25 -11.13 -16.01
N LYS B 220 62.02 -9.85 -15.70
CA LYS B 220 61.76 -9.43 -14.32
C LYS B 220 60.36 -9.81 -13.84
N LEU B 221 59.52 -10.30 -14.76
CA LEU B 221 58.16 -10.64 -14.43
C LEU B 221 57.92 -12.15 -14.42
N GLN B 222 59.00 -12.91 -14.42
CA GLN B 222 58.92 -14.35 -14.42
C GLN B 222 58.27 -14.88 -13.13
N SER B 223 57.53 -15.97 -13.25
CA SER B 223 56.87 -16.58 -12.10
C SER B 223 57.88 -17.31 -11.22
N LYS B 224 57.53 -17.51 -9.95
CA LYS B 224 58.39 -18.21 -9.02
C LYS B 224 58.75 -19.61 -9.54
N ASP B 225 57.88 -20.20 -10.36
CA ASP B 225 58.15 -21.53 -10.88
C ASP B 225 58.86 -21.52 -12.24
N GLY B 226 59.24 -20.34 -12.70
CA GLY B 226 59.94 -20.21 -13.96
C GLY B 226 59.07 -19.95 -15.17
N SER B 227 57.75 -20.00 -14.99
CA SER B 227 56.88 -19.78 -16.11
C SER B 227 56.51 -18.32 -16.27
N PHE B 228 55.83 -18.05 -17.38
CA PHE B 228 55.34 -16.73 -17.70
C PHE B 228 53.83 -16.91 -17.74
N LEU B 229 53.21 -16.47 -16.65
CA LEU B 229 51.77 -16.59 -16.41
C LEU B 229 51.25 -18.00 -16.65
N SER B 230 52.02 -18.98 -16.19
CA SER B 230 51.69 -20.41 -16.28
C SER B 230 51.54 -20.98 -17.68
N SER B 231 51.83 -20.21 -18.72
CA SER B 231 51.71 -20.73 -20.09
C SER B 231 52.98 -21.39 -20.61
N PRO B 232 52.89 -22.66 -21.05
CA PRO B 232 54.06 -23.37 -21.59
C PRO B 232 54.51 -22.79 -22.92
N ALA B 233 53.54 -22.33 -23.72
CA ALA B 233 53.84 -21.75 -25.00
C ALA B 233 54.62 -20.46 -24.79
N SER B 234 54.10 -19.60 -23.94
CA SER B 234 54.76 -18.34 -23.66
C SER B 234 56.14 -18.59 -23.07
N THR B 235 56.23 -19.59 -22.21
CA THR B 235 57.50 -19.93 -21.57
C THR B 235 58.49 -20.49 -22.60
N ALA B 236 58.02 -21.34 -23.50
CA ALA B 236 58.87 -21.93 -24.54
C ALA B 236 59.46 -20.82 -25.41
N ALA B 237 58.62 -19.85 -25.76
CA ALA B 237 59.06 -18.74 -26.59
C ALA B 237 60.12 -17.90 -25.87
N VAL B 238 59.90 -17.61 -24.58
CA VAL B 238 60.88 -16.83 -23.84
C VAL B 238 62.21 -17.57 -23.72
N PHE B 239 62.15 -18.88 -23.52
CA PHE B 239 63.37 -19.68 -23.41
C PHE B 239 64.20 -19.63 -24.66
N MET B 240 63.56 -19.89 -25.80
CA MET B 240 64.25 -19.90 -27.07
C MET B 240 64.93 -18.56 -27.38
N ARG B 241 64.40 -17.47 -26.83
CA ARG B 241 64.96 -16.14 -27.07
C ARG B 241 65.93 -15.68 -25.98
N THR B 242 65.92 -16.37 -24.84
CA THR B 242 66.78 -15.98 -23.71
C THR B 242 67.77 -17.01 -23.20
N GLY B 243 67.36 -18.28 -23.17
CA GLY B 243 68.24 -19.33 -22.68
C GLY B 243 68.06 -19.50 -21.18
N ASN B 244 67.16 -18.71 -20.60
CA ASN B 244 66.89 -18.75 -19.17
C ASN B 244 66.58 -20.16 -18.67
N LYS B 245 67.33 -20.61 -17.65
CA LYS B 245 67.18 -21.95 -17.09
C LYS B 245 65.86 -22.25 -16.39
N LYS B 246 65.35 -21.33 -15.57
CA LYS B 246 64.10 -21.54 -14.87
C LYS B 246 62.93 -21.82 -15.82
N CYS B 247 62.96 -21.24 -17.01
CA CYS B 247 61.92 -21.48 -17.99
C CYS B 247 61.92 -22.97 -18.29
N LEU B 248 63.12 -23.50 -18.52
CA LEU B 248 63.26 -24.91 -18.82
C LEU B 248 62.81 -25.77 -17.65
N ASP B 249 63.10 -25.32 -16.44
CA ASP B 249 62.70 -26.09 -15.26
C ASP B 249 61.17 -26.20 -15.19
N PHE B 250 60.48 -25.13 -15.57
CA PHE B 250 59.03 -25.15 -15.56
C PHE B 250 58.53 -26.19 -16.56
N LEU B 251 59.09 -26.15 -17.76
CA LEU B 251 58.71 -27.08 -18.81
C LEU B 251 58.91 -28.53 -18.41
N ASN B 252 60.03 -28.82 -17.74
CA ASN B 252 60.28 -30.18 -17.28
C ASN B 252 59.31 -30.49 -16.15
N PHE B 253 58.88 -29.45 -15.44
CA PHE B 253 57.93 -29.63 -14.36
C PHE B 253 56.59 -30.10 -14.95
N VAL B 254 56.16 -29.45 -16.02
CA VAL B 254 54.91 -29.80 -16.66
C VAL B 254 54.99 -31.18 -17.31
N LEU B 255 56.07 -31.43 -18.04
CA LEU B 255 56.26 -32.72 -18.69
C LEU B 255 56.40 -33.86 -17.69
N LYS B 256 56.80 -33.56 -16.46
CA LYS B 256 56.94 -34.61 -15.46
C LYS B 256 55.58 -35.20 -15.13
N LYS B 257 54.54 -34.41 -15.34
CA LYS B 257 53.17 -34.82 -15.05
C LYS B 257 52.48 -35.41 -16.26
N PHE B 258 52.66 -34.75 -17.40
CA PHE B 258 52.00 -35.18 -18.62
C PHE B 258 52.82 -36.06 -19.56
N GLY B 259 54.09 -36.26 -19.21
CA GLY B 259 54.95 -37.12 -20.01
C GLY B 259 55.42 -36.63 -21.36
N ASN B 260 54.54 -36.62 -22.34
CA ASN B 260 54.93 -36.22 -23.69
C ASN B 260 54.15 -35.07 -24.30
N HIS B 261 53.40 -34.35 -23.47
CA HIS B 261 52.63 -33.21 -23.96
C HIS B 261 52.42 -32.18 -22.85
N VAL B 262 51.78 -31.06 -23.20
CA VAL B 262 51.53 -30.02 -22.21
C VAL B 262 50.16 -29.37 -22.39
N PRO B 263 49.59 -28.84 -21.29
CA PRO B 263 48.29 -28.16 -21.28
C PRO B 263 48.54 -26.69 -21.65
N CYS B 264 47.50 -25.85 -21.66
CA CYS B 264 47.71 -24.46 -22.02
C CYS B 264 48.08 -23.56 -20.84
N HIS B 265 48.09 -24.14 -19.64
CA HIS B 265 48.46 -23.41 -18.43
C HIS B 265 48.58 -24.40 -17.30
N TYR B 266 49.56 -24.18 -16.43
CA TYR B 266 49.81 -25.12 -15.36
C TYR B 266 50.72 -24.49 -14.32
N PRO B 267 50.57 -24.87 -13.04
CA PRO B 267 49.58 -25.84 -12.56
C PRO B 267 48.18 -25.24 -12.42
N LEU B 268 47.25 -26.02 -11.91
CA LEU B 268 45.88 -25.55 -11.74
C LEU B 268 45.34 -26.03 -10.39
N ASP B 269 46.24 -26.30 -9.46
CA ASP B 269 45.89 -26.81 -8.15
C ASP B 269 44.88 -26.08 -7.25
N LEU B 270 44.82 -24.74 -7.31
CA LEU B 270 43.86 -24.03 -6.46
C LEU B 270 42.52 -24.00 -7.18
N PHE B 271 42.59 -23.80 -8.49
CA PHE B 271 41.41 -23.75 -9.33
C PHE B 271 40.64 -25.07 -9.25
N GLU B 272 41.33 -26.17 -9.49
CA GLU B 272 40.68 -27.48 -9.47
C GLU B 272 40.09 -27.84 -8.11
N ARG B 273 40.84 -27.62 -7.05
CA ARG B 273 40.35 -27.93 -5.71
C ARG B 273 39.14 -27.09 -5.33
N LEU B 274 39.24 -25.77 -5.49
CA LEU B 274 38.13 -24.89 -5.13
C LEU B 274 36.85 -25.17 -5.91
N TRP B 275 36.98 -25.43 -7.22
CA TRP B 275 35.81 -25.72 -8.03
C TRP B 275 35.23 -27.12 -7.78
N ALA B 276 36.08 -28.07 -7.38
CA ALA B 276 35.59 -29.41 -7.10
C ALA B 276 34.71 -29.34 -5.87
N VAL B 277 35.21 -28.64 -4.85
CA VAL B 277 34.48 -28.47 -3.61
C VAL B 277 33.18 -27.69 -3.83
N ASP B 278 33.27 -26.61 -4.60
CA ASP B 278 32.10 -25.77 -4.88
C ASP B 278 31.02 -26.59 -5.61
N THR B 279 31.47 -27.50 -6.47
CA THR B 279 30.60 -28.34 -7.25
C THR B 279 29.82 -29.34 -6.41
N VAL B 280 30.52 -30.09 -5.56
CA VAL B 280 29.80 -31.06 -4.73
C VAL B 280 28.86 -30.39 -3.74
N GLU B 281 29.23 -29.20 -3.25
CA GLU B 281 28.34 -28.50 -2.32
C GLU B 281 27.10 -27.93 -3.01
N ARG B 282 27.28 -27.33 -4.19
CA ARG B 282 26.15 -26.75 -4.91
C ARG B 282 25.18 -27.83 -5.35
N LEU B 283 25.71 -29.00 -5.70
CA LEU B 283 24.89 -30.11 -6.12
C LEU B 283 24.20 -30.78 -4.93
N GLY B 284 24.61 -30.39 -3.72
CA GLY B 284 24.00 -30.93 -2.51
C GLY B 284 24.46 -32.31 -2.06
N ILE B 285 25.63 -32.75 -2.51
CA ILE B 285 26.16 -34.06 -2.14
C ILE B 285 27.45 -34.04 -1.32
N ASP B 286 27.84 -32.86 -0.83
CA ASP B 286 29.08 -32.74 -0.06
C ASP B 286 29.14 -33.48 1.28
N ARG B 287 28.01 -33.86 1.86
CA ARG B 287 28.07 -34.54 3.15
C ARG B 287 28.80 -35.89 3.03
N HIS B 288 28.90 -36.40 1.81
CA HIS B 288 29.57 -37.66 1.58
C HIS B 288 31.09 -37.52 1.48
N PHE B 289 31.60 -36.30 1.45
CA PHE B 289 33.04 -36.11 1.29
C PHE B 289 33.68 -35.12 2.26
N LYS B 290 33.26 -35.15 3.51
CA LYS B 290 33.80 -34.21 4.50
C LYS B 290 35.31 -34.23 4.68
N GLU B 291 35.90 -35.42 4.74
CA GLU B 291 37.34 -35.52 4.92
C GLU B 291 38.12 -35.09 3.68
N GLU B 292 37.61 -35.48 2.51
CA GLU B 292 38.27 -35.13 1.27
C GLU B 292 38.23 -33.62 1.10
N ILE B 293 37.09 -33.02 1.43
CA ILE B 293 36.94 -31.58 1.31
C ILE B 293 37.85 -30.85 2.30
N LYS B 294 37.96 -31.37 3.51
CA LYS B 294 38.83 -30.71 4.48
C LYS B 294 40.27 -30.71 3.99
N GLU B 295 40.70 -31.84 3.44
CA GLU B 295 42.04 -31.99 2.92
C GLU B 295 42.31 -30.99 1.77
N ALA B 296 41.37 -30.87 0.85
CA ALA B 296 41.51 -29.96 -0.29
C ALA B 296 41.59 -28.51 0.16
N LEU B 297 40.78 -28.17 1.15
CA LEU B 297 40.75 -26.80 1.66
C LEU B 297 41.98 -26.44 2.47
N ASP B 298 42.53 -27.39 3.23
CA ASP B 298 43.74 -27.10 4.01
C ASP B 298 44.84 -26.76 3.01
N TYR B 299 44.86 -27.48 1.89
CA TYR B 299 45.86 -27.24 0.87
C TYR B 299 45.69 -25.82 0.35
N VAL B 300 44.48 -25.47 -0.07
CA VAL B 300 44.23 -24.14 -0.59
C VAL B 300 44.63 -23.06 0.42
N TYR B 301 44.22 -23.24 1.67
CA TYR B 301 44.53 -22.27 2.70
C TYR B 301 46.04 -22.12 2.95
N SER B 302 46.80 -23.20 2.80
CA SER B 302 48.25 -23.09 3.03
C SER B 302 48.89 -22.26 1.92
N HIS B 303 48.13 -21.97 0.88
CA HIS B 303 48.62 -21.17 -0.24
C HIS B 303 47.88 -19.85 -0.34
N TRP B 304 47.10 -19.54 0.70
CA TRP B 304 46.35 -18.30 0.74
C TRP B 304 47.26 -17.08 0.87
N ASP B 305 46.95 -16.05 0.12
CA ASP B 305 47.72 -14.82 0.12
C ASP B 305 46.77 -13.66 0.41
N GLU B 306 47.17 -12.73 1.26
CA GLU B 306 46.31 -11.60 1.61
C GLU B 306 46.03 -10.67 0.43
N ARG B 307 46.76 -10.83 -0.66
CA ARG B 307 46.54 -10.00 -1.84
C ARG B 307 45.58 -10.71 -2.79
N GLY B 308 45.19 -11.92 -2.42
CA GLY B 308 44.29 -12.69 -3.25
C GLY B 308 45.07 -13.85 -3.86
N ILE B 309 44.38 -14.79 -4.48
CA ILE B 309 45.07 -15.93 -5.07
C ILE B 309 44.77 -16.05 -6.55
N GLY B 310 45.59 -16.87 -7.22
CA GLY B 310 45.42 -17.14 -8.63
C GLY B 310 44.92 -18.57 -8.75
N TRP B 311 45.02 -19.16 -9.93
CA TRP B 311 44.55 -20.52 -10.14
C TRP B 311 45.58 -21.56 -9.72
N ALA B 312 46.83 -21.11 -9.54
CA ALA B 312 47.94 -21.98 -9.15
C ALA B 312 48.68 -21.42 -7.94
N ARG B 313 49.19 -22.31 -7.09
CA ARG B 313 49.95 -21.90 -5.91
C ARG B 313 51.06 -20.95 -6.30
N GLU B 314 51.18 -19.85 -5.56
CA GLU B 314 52.20 -18.85 -5.82
C GLU B 314 52.11 -18.31 -7.25
N ASN B 315 50.89 -18.08 -7.74
CA ASN B 315 50.71 -17.58 -9.10
C ASN B 315 51.25 -16.15 -9.23
N PRO B 316 51.82 -15.82 -10.41
CA PRO B 316 52.39 -14.49 -10.69
C PRO B 316 51.40 -13.37 -10.37
N VAL B 317 50.12 -13.63 -10.63
CA VAL B 317 49.08 -12.65 -10.37
C VAL B 317 47.82 -13.35 -9.89
N PRO B 318 47.09 -12.72 -8.96
CA PRO B 318 45.86 -13.32 -8.44
C PRO B 318 44.70 -12.89 -9.34
N ASP B 319 43.58 -13.60 -9.28
CA ASP B 319 42.42 -13.23 -10.07
C ASP B 319 41.22 -13.22 -9.13
N ILE B 320 40.25 -12.36 -9.44
CA ILE B 320 39.07 -12.22 -8.59
C ILE B 320 38.19 -13.47 -8.52
N ASP B 321 38.23 -14.32 -9.54
CA ASP B 321 37.41 -15.53 -9.56
C ASP B 321 37.90 -16.53 -8.52
N ASP B 322 39.19 -16.86 -8.58
CA ASP B 322 39.79 -17.79 -7.62
C ASP B 322 39.74 -17.19 -6.23
N THR B 323 39.99 -15.88 -6.16
CA THR B 323 39.97 -15.18 -4.87
C THR B 323 38.58 -15.13 -4.24
N ALA B 324 37.56 -14.79 -5.02
CA ALA B 324 36.20 -14.74 -4.49
C ALA B 324 35.69 -16.14 -4.12
N MET B 325 36.03 -17.14 -4.92
CA MET B 325 35.60 -18.50 -4.64
C MET B 325 36.30 -19.00 -3.38
N GLY B 326 37.60 -18.72 -3.28
CA GLY B 326 38.36 -19.15 -2.12
C GLY B 326 37.93 -18.46 -0.85
N LEU B 327 37.63 -17.16 -0.95
CA LEU B 327 37.20 -16.37 0.20
C LEU B 327 35.90 -16.89 0.78
N ARG B 328 34.93 -17.17 -0.08
CA ARG B 328 33.64 -17.66 0.39
C ARG B 328 33.71 -19.06 1.02
N ILE B 329 34.30 -20.01 0.30
CA ILE B 329 34.40 -21.38 0.79
C ILE B 329 35.28 -21.54 2.02
N LEU B 330 36.44 -20.88 2.05
CA LEU B 330 37.34 -20.98 3.20
C LEU B 330 36.71 -20.29 4.41
N ARG B 331 35.95 -19.23 4.17
CA ARG B 331 35.29 -18.52 5.26
C ARG B 331 34.18 -19.39 5.85
N LEU B 332 33.37 -19.99 4.98
CA LEU B 332 32.27 -20.82 5.43
C LEU B 332 32.76 -22.07 6.15
N HIS B 333 33.99 -22.52 5.84
CA HIS B 333 34.52 -23.70 6.50
C HIS B 333 35.37 -23.39 7.72
N GLY B 334 35.26 -22.15 8.21
CA GLY B 334 35.96 -21.76 9.42
C GLY B 334 37.38 -21.25 9.35
N TYR B 335 37.93 -21.08 8.15
CA TYR B 335 39.30 -20.61 8.01
C TYR B 335 39.40 -19.11 8.26
N ASN B 336 40.57 -18.67 8.69
CA ASN B 336 40.78 -17.26 8.98
C ASN B 336 41.15 -16.47 7.75
N VAL B 337 40.15 -16.17 6.93
CA VAL B 337 40.39 -15.40 5.71
C VAL B 337 39.72 -14.03 5.83
N SER B 338 40.28 -13.06 5.12
CA SER B 338 39.78 -11.69 5.15
C SER B 338 39.24 -11.21 3.81
N SER B 339 38.21 -10.38 3.86
CA SER B 339 37.61 -9.84 2.65
C SER B 339 38.50 -8.74 2.07
N ASP B 340 39.57 -8.38 2.81
CA ASP B 340 40.50 -7.36 2.33
C ASP B 340 41.12 -7.80 1.03
N VAL B 341 41.05 -9.10 0.76
CA VAL B 341 41.62 -9.64 -0.47
C VAL B 341 40.94 -9.09 -1.73
N LEU B 342 39.68 -8.65 -1.60
CA LEU B 342 38.95 -8.12 -2.74
C LEU B 342 39.37 -6.70 -3.13
N LYS B 343 40.12 -6.03 -2.27
CA LYS B 343 40.56 -4.67 -2.54
C LYS B 343 41.52 -4.56 -3.73
N THR B 344 42.21 -5.64 -4.05
CA THR B 344 43.16 -5.66 -5.14
C THR B 344 42.47 -5.53 -6.49
N PHE B 345 41.20 -5.90 -6.55
CA PHE B 345 40.46 -5.87 -7.79
C PHE B 345 39.48 -4.69 -7.97
N ARG B 346 39.40 -3.84 -6.96
CA ARG B 346 38.49 -2.69 -7.00
C ARG B 346 39.17 -1.45 -7.60
N ASP B 347 38.52 -0.78 -8.54
CA ASP B 347 39.09 0.44 -9.11
C ASP B 347 38.57 1.60 -8.26
N GLU B 348 39.13 2.79 -8.44
CA GLU B 348 38.72 3.94 -7.64
C GLU B 348 37.22 4.25 -7.61
N ASN B 349 36.49 3.85 -8.64
CA ASN B 349 35.05 4.13 -8.71
C ASN B 349 34.15 3.07 -8.07
N GLY B 350 34.74 2.05 -7.47
CA GLY B 350 33.94 1.01 -6.85
C GLY B 350 33.61 -0.16 -7.78
N GLU B 351 34.28 -0.22 -8.92
CA GLU B 351 34.04 -1.30 -9.88
C GLU B 351 35.08 -2.39 -9.68
N PHE B 352 34.66 -3.64 -9.84
CA PHE B 352 35.58 -4.77 -9.69
C PHE B 352 35.88 -5.47 -11.01
N PHE B 353 37.14 -5.84 -11.21
CA PHE B 353 37.55 -6.50 -12.43
C PHE B 353 38.31 -7.80 -12.13
N CYS B 354 38.39 -8.69 -13.12
CA CYS B 354 39.05 -9.96 -12.90
C CYS B 354 40.52 -9.87 -12.52
N PHE B 355 41.22 -8.85 -13.02
CA PHE B 355 42.63 -8.67 -12.70
C PHE B 355 42.93 -7.22 -12.38
N LEU B 356 43.92 -7.01 -11.52
CA LEU B 356 44.33 -5.67 -11.14
C LEU B 356 44.83 -4.91 -12.37
N GLY B 357 44.52 -3.61 -12.43
CA GLY B 357 44.98 -2.80 -13.55
C GLY B 357 44.39 -3.07 -14.92
N GLN B 358 43.44 -3.99 -15.01
CA GLN B 358 42.79 -4.33 -16.28
C GLN B 358 41.28 -4.14 -16.18
N THR B 359 40.61 -4.10 -17.33
CA THR B 359 39.16 -3.93 -17.37
C THR B 359 38.44 -5.21 -17.77
N GLN B 360 39.17 -6.31 -17.84
CA GLN B 360 38.58 -7.59 -18.19
C GLN B 360 37.72 -8.17 -17.07
N ARG B 361 36.57 -8.72 -17.44
CA ARG B 361 35.64 -9.37 -16.51
C ARG B 361 34.52 -10.00 -17.30
N GLY B 362 33.81 -10.95 -16.69
CA GLY B 362 32.72 -11.63 -17.38
C GLY B 362 31.66 -12.16 -16.42
N VAL B 363 30.60 -12.71 -16.99
CA VAL B 363 29.48 -13.23 -16.21
C VAL B 363 29.87 -14.29 -15.17
N THR B 364 30.72 -15.25 -15.52
CA THR B 364 31.07 -16.28 -14.54
C THR B 364 31.81 -15.75 -13.32
N ASP B 365 32.78 -14.87 -13.52
CA ASP B 365 33.52 -14.36 -12.38
C ASP B 365 32.72 -13.36 -11.55
N MET B 366 31.88 -12.55 -12.19
CA MET B 366 31.09 -11.61 -11.40
C MET B 366 30.05 -12.39 -10.60
N LEU B 367 29.63 -13.54 -11.12
CA LEU B 367 28.66 -14.37 -10.42
C LEU B 367 29.34 -14.95 -9.17
N ASN B 368 30.58 -15.41 -9.30
CA ASN B 368 31.26 -15.95 -8.12
C ASN B 368 31.56 -14.87 -7.09
N VAL B 369 31.82 -13.65 -7.56
CA VAL B 369 32.09 -12.56 -6.64
C VAL B 369 30.76 -12.21 -5.95
N ASN B 370 29.67 -12.19 -6.72
CA ASN B 370 28.37 -11.87 -6.15
C ASN B 370 27.97 -12.88 -5.07
N ARG B 371 28.16 -14.16 -5.32
CA ARG B 371 27.84 -15.18 -4.31
C ARG B 371 28.70 -14.97 -3.07
N CYS B 372 29.94 -14.59 -3.29
CA CYS B 372 30.86 -14.34 -2.19
C CYS B 372 30.48 -13.09 -1.39
N SER B 373 30.01 -12.06 -2.08
CA SER B 373 29.68 -10.81 -1.42
C SER B 373 28.54 -10.89 -0.41
N HIS B 374 27.69 -11.91 -0.51
CA HIS B 374 26.58 -12.04 0.44
C HIS B 374 27.00 -12.63 1.79
N VAL B 375 28.11 -13.35 1.83
CA VAL B 375 28.57 -13.95 3.08
C VAL B 375 29.48 -12.97 3.81
N SER B 376 28.95 -11.77 4.08
CA SER B 376 29.75 -10.74 4.71
C SER B 376 29.50 -10.59 6.20
N PHE B 377 30.50 -10.00 6.87
CA PHE B 377 30.43 -9.73 8.30
C PHE B 377 30.23 -8.22 8.48
N PRO B 378 29.81 -7.78 9.68
CA PRO B 378 29.61 -6.35 9.88
C PRO B 378 30.89 -5.53 9.71
N GLY B 379 30.74 -4.39 9.03
CA GLY B 379 31.88 -3.52 8.82
C GLY B 379 32.64 -3.78 7.53
N GLU B 380 32.24 -4.79 6.77
CA GLU B 380 32.94 -5.10 5.54
C GLU B 380 32.41 -4.31 4.34
N THR B 381 32.84 -3.05 4.26
CA THR B 381 32.43 -2.13 3.19
C THR B 381 32.75 -2.67 1.79
N ILE B 382 33.86 -3.39 1.67
CA ILE B 382 34.25 -3.93 0.37
C ILE B 382 33.26 -4.99 -0.14
N MET B 383 32.69 -5.80 0.76
CA MET B 383 31.73 -6.82 0.34
C MET B 383 30.45 -6.15 -0.18
N GLU B 384 30.02 -5.09 0.51
CA GLU B 384 28.85 -4.35 0.12
C GLU B 384 29.08 -3.72 -1.27
N GLU B 385 30.26 -3.16 -1.49
CA GLU B 385 30.55 -2.56 -2.78
C GLU B 385 30.58 -3.65 -3.85
N ALA B 386 31.11 -4.83 -3.50
CA ALA B 386 31.18 -5.94 -4.45
C ALA B 386 29.77 -6.39 -4.82
N LYS B 387 28.88 -6.44 -3.83
CA LYS B 387 27.49 -6.83 -4.07
C LYS B 387 26.82 -5.88 -5.04
N LEU B 388 26.98 -4.59 -4.80
CA LEU B 388 26.36 -3.60 -5.67
C LEU B 388 26.94 -3.65 -7.08
N CYS B 389 28.26 -3.71 -7.19
CA CYS B 389 28.86 -3.76 -8.50
C CYS B 389 28.43 -4.99 -9.28
N THR B 390 28.52 -6.18 -8.67
CA THR B 390 28.13 -7.40 -9.38
C THR B 390 26.65 -7.44 -9.71
N GLU B 391 25.80 -6.91 -8.83
CA GLU B 391 24.37 -6.90 -9.10
C GLU B 391 24.04 -6.10 -10.36
N ARG B 392 24.57 -4.88 -10.45
CA ARG B 392 24.33 -4.06 -11.64
C ARG B 392 24.85 -4.80 -12.86
N TYR B 393 26.08 -5.30 -12.77
CA TYR B 393 26.67 -6.01 -13.89
C TYR B 393 25.88 -7.25 -14.34
N LEU B 394 25.53 -8.12 -13.40
CA LEU B 394 24.80 -9.33 -13.75
C LEU B 394 23.39 -9.09 -14.28
N ARG B 395 22.71 -8.08 -13.76
CA ARG B 395 21.36 -7.80 -14.25
C ARG B 395 21.43 -7.24 -15.67
N ASN B 396 22.47 -6.46 -15.97
CA ASN B 396 22.59 -5.92 -17.30
C ASN B 396 22.97 -7.03 -18.28
N ALA B 397 23.71 -8.01 -17.78
CA ALA B 397 24.11 -9.13 -18.62
C ALA B 397 22.92 -10.02 -18.96
N LEU B 398 22.00 -10.16 -18.00
CA LEU B 398 20.81 -10.99 -18.19
C LEU B 398 20.01 -10.66 -19.44
N GLU B 399 19.89 -9.38 -19.75
CA GLU B 399 19.12 -8.95 -20.91
C GLU B 399 19.93 -8.99 -22.22
N ASN B 400 20.95 -9.84 -22.27
CA ASN B 400 21.80 -9.99 -23.45
C ASN B 400 22.32 -11.41 -23.56
N VAL B 401 22.14 -12.18 -22.49
CA VAL B 401 22.57 -13.56 -22.47
C VAL B 401 21.33 -14.43 -22.57
N ASP B 402 21.42 -15.54 -23.32
CA ASP B 402 20.29 -16.42 -23.48
C ASP B 402 20.48 -17.71 -22.68
N ALA B 403 19.38 -18.28 -22.22
CA ALA B 403 19.43 -19.52 -21.45
C ALA B 403 19.87 -20.67 -22.36
N PHE B 404 20.76 -21.51 -21.85
CA PHE B 404 21.29 -22.64 -22.59
C PHE B 404 21.87 -22.21 -23.94
N ASP B 405 22.50 -21.03 -23.95
CA ASP B 405 23.11 -20.51 -25.18
C ASP B 405 23.99 -21.59 -25.80
N LYS B 406 23.78 -21.84 -27.10
CA LYS B 406 24.54 -22.88 -27.79
C LYS B 406 26.02 -22.58 -27.98
N TRP B 407 26.41 -21.31 -27.89
CA TRP B 407 27.82 -20.93 -28.06
C TRP B 407 28.56 -20.82 -26.74
N ALA B 408 27.84 -20.88 -25.63
CA ALA B 408 28.46 -20.78 -24.31
C ALA B 408 29.14 -22.08 -23.89
N PHE B 409 30.17 -21.94 -23.05
CA PHE B 409 30.90 -23.10 -22.58
C PHE B 409 30.25 -23.73 -21.36
N LYS B 410 29.51 -22.92 -20.59
CA LYS B 410 28.78 -23.41 -19.43
C LYS B 410 27.39 -23.85 -19.90
N LYS B 411 26.85 -24.91 -19.32
CA LYS B 411 25.54 -25.39 -19.73
C LYS B 411 24.43 -24.33 -19.68
N ASN B 412 24.36 -23.58 -18.58
CA ASN B 412 23.33 -22.55 -18.46
C ASN B 412 23.63 -21.51 -17.40
N ILE B 413 24.57 -20.63 -17.68
CA ILE B 413 24.96 -19.59 -16.75
C ILE B 413 23.79 -18.66 -16.43
N ARG B 414 22.94 -18.40 -17.42
CA ARG B 414 21.81 -17.52 -17.19
C ARG B 414 20.98 -18.03 -16.01
N GLY B 415 20.66 -19.32 -16.02
CA GLY B 415 19.89 -19.90 -14.94
C GLY B 415 20.63 -19.79 -13.63
N GLU B 416 21.95 -19.92 -13.66
CA GLU B 416 22.76 -19.81 -12.44
C GLU B 416 22.66 -18.39 -11.91
N VAL B 417 22.76 -17.41 -12.80
CA VAL B 417 22.66 -16.01 -12.42
C VAL B 417 21.27 -15.66 -11.89
N GLU B 418 20.23 -16.11 -12.59
CA GLU B 418 18.86 -15.83 -12.17
C GLU B 418 18.61 -16.36 -10.77
N TYR B 419 19.04 -17.60 -10.52
CA TYR B 419 18.86 -18.18 -9.19
C TYR B 419 19.61 -17.35 -8.13
N ALA B 420 20.84 -16.96 -8.46
CA ALA B 420 21.67 -16.20 -7.53
C ALA B 420 21.11 -14.80 -7.24
N LEU B 421 20.49 -14.19 -8.22
CA LEU B 421 19.94 -12.85 -8.02
C LEU B 421 18.61 -12.86 -7.28
N LYS B 422 17.79 -13.86 -7.53
CA LYS B 422 16.49 -13.95 -6.87
C LYS B 422 16.57 -14.63 -5.52
N TYR B 423 17.47 -15.59 -5.39
CA TYR B 423 17.62 -16.31 -4.13
C TYR B 423 19.07 -16.25 -3.61
N PRO B 424 19.49 -15.07 -3.13
CA PRO B 424 20.85 -14.93 -2.62
C PRO B 424 20.99 -15.72 -1.31
N TRP B 425 22.22 -15.73 -0.78
CA TRP B 425 22.59 -16.41 0.46
C TRP B 425 21.51 -16.47 1.55
N HIS B 426 21.04 -15.33 2.03
CA HIS B 426 20.04 -15.33 3.10
C HIS B 426 18.66 -15.90 2.79
N LYS B 427 18.41 -16.23 1.53
CA LYS B 427 17.12 -16.78 1.11
C LYS B 427 17.28 -18.08 0.35
N SER B 428 18.50 -18.62 0.34
CA SER B 428 18.77 -19.84 -0.41
C SER B 428 18.76 -21.10 0.45
N MET B 429 17.71 -21.91 0.34
CA MET B 429 17.64 -23.13 1.12
C MET B 429 18.42 -24.23 0.39
N PRO B 430 19.18 -25.04 1.16
CA PRO B 430 20.00 -26.14 0.62
C PRO B 430 19.39 -26.98 -0.49
N ARG B 431 18.23 -27.59 -0.24
CA ARG B 431 17.59 -28.43 -1.26
C ARG B 431 17.16 -27.63 -2.49
N LEU B 432 16.70 -26.40 -2.31
CA LEU B 432 16.28 -25.60 -3.46
C LEU B 432 17.47 -25.22 -4.32
N GLU B 433 18.58 -24.84 -3.67
CA GLU B 433 19.79 -24.50 -4.41
C GLU B 433 20.34 -25.76 -5.06
N ALA B 434 20.24 -26.90 -4.37
CA ALA B 434 20.73 -28.15 -4.94
C ALA B 434 19.93 -28.50 -6.20
N ARG B 435 18.61 -28.43 -6.10
CA ARG B 435 17.76 -28.77 -7.24
C ARG B 435 18.06 -27.85 -8.42
N SER B 436 18.22 -26.55 -8.14
CA SER B 436 18.54 -25.59 -9.20
C SER B 436 19.86 -25.90 -9.92
N TYR B 437 20.91 -26.18 -9.15
CA TYR B 437 22.19 -26.45 -9.79
C TYR B 437 22.20 -27.80 -10.49
N ILE B 438 21.44 -28.76 -9.98
CA ILE B 438 21.37 -30.07 -10.61
C ILE B 438 20.80 -29.93 -12.02
N GLU B 439 19.93 -28.95 -12.21
CA GLU B 439 19.34 -28.74 -13.53
C GLU B 439 20.22 -27.88 -14.43
N ASN B 440 21.06 -27.04 -13.85
CA ASN B 440 21.94 -26.17 -14.64
C ASN B 440 23.37 -26.64 -14.83
N TYR B 441 23.86 -27.50 -13.94
CA TYR B 441 25.22 -28.03 -14.01
C TYR B 441 25.48 -28.79 -15.32
N GLY B 442 26.60 -28.48 -15.98
CA GLY B 442 26.95 -29.15 -17.22
C GLY B 442 28.12 -30.11 -17.00
N PRO B 443 27.87 -31.42 -16.94
CA PRO B 443 28.91 -32.43 -16.73
C PRO B 443 29.88 -32.58 -17.88
N ASP B 444 29.55 -32.05 -19.05
CA ASP B 444 30.46 -32.16 -20.19
C ASP B 444 30.93 -30.80 -20.69
N ASP B 445 30.87 -29.79 -19.82
CA ASP B 445 31.30 -28.45 -20.19
C ASP B 445 32.80 -28.41 -20.45
N VAL B 446 33.20 -27.65 -21.45
CA VAL B 446 34.60 -27.50 -21.73
C VAL B 446 34.95 -26.09 -21.24
N TRP B 447 36.24 -25.76 -21.27
CA TRP B 447 36.69 -24.45 -20.80
C TRP B 447 37.53 -23.76 -21.86
N LEU B 448 37.50 -22.43 -21.86
CA LEU B 448 38.25 -21.66 -22.84
C LEU B 448 39.36 -20.83 -22.23
N GLY B 449 40.58 -21.12 -22.69
CA GLY B 449 41.76 -20.39 -22.25
C GLY B 449 42.50 -20.04 -23.53
N LYS B 450 43.79 -20.39 -23.62
CA LYS B 450 44.57 -20.13 -24.82
C LYS B 450 44.00 -21.07 -25.88
N THR B 451 43.59 -22.24 -25.44
CA THR B 451 42.99 -23.26 -26.30
C THR B 451 41.80 -23.84 -25.53
N VAL B 452 41.09 -24.80 -26.12
CA VAL B 452 39.96 -25.41 -25.41
C VAL B 452 40.51 -26.51 -24.50
N TYR B 453 40.16 -26.45 -23.23
CA TYR B 453 40.66 -27.47 -22.31
C TYR B 453 39.54 -28.09 -21.49
N MET B 454 39.86 -29.19 -20.81
CA MET B 454 38.87 -29.90 -20.01
C MET B 454 39.39 -30.11 -18.59
N MET B 455 38.49 -30.01 -17.63
CA MET B 455 38.81 -30.19 -16.22
C MET B 455 37.93 -31.35 -15.74
N PRO B 456 38.41 -32.60 -15.93
CA PRO B 456 37.70 -33.83 -15.54
C PRO B 456 37.27 -33.87 -14.08
N TYR B 457 37.97 -33.15 -13.22
CA TYR B 457 37.62 -33.15 -11.81
C TYR B 457 36.63 -32.05 -11.42
N ILE B 458 36.17 -31.29 -12.40
CA ILE B 458 35.18 -30.25 -12.16
C ILE B 458 33.91 -30.58 -12.96
N SER B 459 34.10 -30.86 -14.24
CA SER B 459 33.01 -31.21 -15.15
C SER B 459 33.05 -32.71 -15.35
N ASN B 460 32.20 -33.41 -14.61
CA ASN B 460 32.19 -34.86 -14.64
C ASN B 460 30.77 -35.43 -14.51
N GLU B 461 30.48 -36.46 -15.31
CA GLU B 461 29.18 -37.11 -15.30
C GLU B 461 28.86 -37.74 -13.95
N LYS B 462 29.88 -38.16 -13.21
CA LYS B 462 29.67 -38.79 -11.91
C LYS B 462 29.06 -37.88 -10.84
N TYR B 463 29.45 -36.61 -10.81
CA TYR B 463 28.89 -35.70 -9.82
C TYR B 463 27.38 -35.58 -9.99
N LEU B 464 26.96 -35.37 -11.23
CA LEU B 464 25.54 -35.21 -11.52
C LEU B 464 24.77 -36.49 -11.28
N GLU B 465 25.34 -37.63 -11.66
CA GLU B 465 24.64 -38.90 -11.46
C GLU B 465 24.36 -39.08 -9.98
N LEU B 466 25.39 -38.84 -9.17
CA LEU B 466 25.24 -38.97 -7.72
C LEU B 466 24.26 -37.94 -7.19
N ALA B 467 24.40 -36.70 -7.61
CA ALA B 467 23.50 -35.64 -7.15
C ALA B 467 22.02 -36.00 -7.37
N LYS B 468 21.72 -36.57 -8.53
CA LYS B 468 20.34 -36.96 -8.84
C LYS B 468 19.87 -38.15 -8.02
N LEU B 469 20.66 -39.22 -7.97
CA LEU B 469 20.27 -40.40 -7.18
C LEU B 469 20.05 -40.01 -5.73
N ASP B 470 20.96 -39.22 -5.17
CA ASP B 470 20.88 -38.82 -3.78
C ASP B 470 19.68 -37.90 -3.51
N PHE B 471 19.42 -36.98 -4.44
CA PHE B 471 18.31 -36.05 -4.28
C PHE B 471 16.96 -36.75 -4.30
N ASN B 472 16.79 -37.69 -5.22
CA ASN B 472 15.52 -38.41 -5.31
C ASN B 472 15.36 -39.35 -4.14
N LYS B 473 16.46 -39.95 -3.70
CA LYS B 473 16.43 -40.86 -2.56
C LYS B 473 16.00 -40.06 -1.32
N VAL B 474 16.68 -38.95 -1.05
CA VAL B 474 16.32 -38.08 0.09
C VAL B 474 14.85 -37.65 0.03
N GLN B 475 14.42 -37.17 -1.13
CA GLN B 475 13.04 -36.73 -1.34
C GLN B 475 12.06 -37.87 -1.12
N SER B 476 12.44 -39.07 -1.57
CA SER B 476 11.60 -40.24 -1.42
C SER B 476 11.29 -40.44 0.05
N ILE B 477 12.33 -40.35 0.89
CA ILE B 477 12.18 -40.49 2.33
C ILE B 477 11.22 -39.44 2.89
N HIS B 478 11.42 -38.18 2.47
CA HIS B 478 10.58 -37.08 2.92
C HIS B 478 9.09 -37.28 2.66
N GLN B 479 8.73 -37.85 1.52
CA GLN B 479 7.33 -38.08 1.18
C GLN B 479 6.69 -39.05 2.17
N THR B 480 7.49 -40.00 2.63
CA THR B 480 7.01 -40.98 3.60
C THR B 480 6.75 -40.25 4.91
N GLU B 481 7.73 -39.46 5.35
CA GLU B 481 7.61 -38.70 6.58
C GLU B 481 6.42 -37.76 6.53
N LEU B 482 6.26 -37.06 5.41
CA LEU B 482 5.16 -36.12 5.25
C LEU B 482 3.80 -36.78 5.42
N GLN B 483 3.66 -37.99 4.90
CA GLN B 483 2.39 -38.71 5.02
C GLN B 483 2.07 -39.00 6.48
N ASP B 484 3.06 -39.48 7.23
CA ASP B 484 2.85 -39.77 8.64
C ASP B 484 2.39 -38.52 9.39
N LEU B 485 2.98 -37.38 9.07
CA LEU B 485 2.60 -36.13 9.74
C LEU B 485 1.18 -35.68 9.36
N ARG B 486 0.75 -36.02 8.14
CA ARG B 486 -0.60 -35.66 7.73
C ARG B 486 -1.59 -36.54 8.49
N ARG B 487 -1.16 -37.73 8.89
CA ARG B 487 -2.01 -38.62 9.66
C ARG B 487 -2.09 -38.09 11.09
N TRP B 488 -0.97 -37.58 11.60
CA TRP B 488 -0.91 -37.01 12.94
C TRP B 488 -1.99 -35.94 13.05
N TRP B 489 -2.02 -35.05 12.07
CA TRP B 489 -2.99 -33.96 12.06
C TRP B 489 -4.44 -34.45 12.05
N LYS B 490 -4.70 -35.61 11.44
CA LYS B 490 -6.05 -36.17 11.41
C LYS B 490 -6.30 -36.89 12.73
N SER B 491 -5.34 -37.72 13.12
CA SER B 491 -5.43 -38.48 14.35
C SER B 491 -5.30 -37.57 15.58
N SER B 492 -5.58 -36.29 15.38
CA SER B 492 -5.51 -35.32 16.45
C SER B 492 -6.79 -34.51 16.54
N GLY B 493 -7.55 -34.51 15.45
CA GLY B 493 -8.80 -33.79 15.41
C GLY B 493 -8.65 -32.28 15.31
N PHE B 494 -7.46 -31.81 14.92
CA PHE B 494 -7.24 -30.38 14.79
C PHE B 494 -7.99 -29.82 13.60
N THR B 495 -8.87 -30.64 13.03
CA THR B 495 -9.69 -30.25 11.91
C THR B 495 -10.85 -29.45 12.49
N ASP B 496 -11.04 -29.60 13.80
CA ASP B 496 -12.08 -28.91 14.54
C ASP B 496 -11.72 -27.43 14.63
N LEU B 497 -10.49 -27.16 15.07
CA LEU B 497 -9.98 -25.80 15.22
C LEU B 497 -10.23 -24.98 13.97
N ASN B 498 -11.17 -24.04 14.04
CA ASN B 498 -11.51 -23.21 12.90
C ASN B 498 -10.93 -21.80 12.97
N PHE B 499 -10.10 -21.53 13.97
CA PHE B 499 -9.49 -20.22 14.10
C PHE B 499 -8.12 -20.21 13.43
N THR B 500 -7.75 -21.34 12.83
CA THR B 500 -6.46 -21.45 12.15
C THR B 500 -6.58 -22.31 10.90
N ARG B 501 -5.78 -21.99 9.88
CA ARG B 501 -5.77 -22.73 8.62
C ARG B 501 -4.70 -23.83 8.64
N GLU B 502 -5.08 -25.02 8.21
CA GLU B 502 -4.16 -26.15 8.17
C GLU B 502 -3.19 -26.08 6.99
N ARG B 503 -1.93 -26.40 7.25
CA ARG B 503 -0.90 -26.39 6.22
C ARG B 503 0.35 -27.17 6.62
N VAL B 504 0.14 -28.45 6.96
CA VAL B 504 1.22 -29.35 7.37
C VAL B 504 2.29 -29.48 6.29
N THR B 505 1.87 -29.48 5.02
CA THR B 505 2.80 -29.59 3.89
C THR B 505 3.75 -28.41 3.83
N GLU B 506 3.17 -27.22 3.84
CA GLU B 506 3.92 -25.97 3.79
C GLU B 506 4.89 -25.86 4.97
N ILE B 507 4.48 -26.32 6.15
CA ILE B 507 5.33 -26.24 7.34
C ILE B 507 6.41 -27.33 7.35
N TYR B 508 6.08 -28.52 6.87
CA TYR B 508 7.06 -29.61 6.83
C TYR B 508 8.18 -29.29 5.85
N PHE B 509 7.81 -28.58 4.79
CA PHE B 509 8.76 -28.18 3.76
C PHE B 509 9.96 -27.50 4.38
N SER B 510 9.69 -26.55 5.27
CA SER B 510 10.75 -25.78 5.91
C SER B 510 11.92 -26.62 6.38
N PRO B 511 11.70 -27.47 7.40
CA PRO B 511 12.84 -28.28 7.85
C PRO B 511 13.32 -29.26 6.78
N ALA B 512 12.39 -29.78 5.99
CA ALA B 512 12.80 -30.72 4.95
C ALA B 512 13.81 -30.03 4.00
N SER B 513 13.64 -28.72 3.82
CA SER B 513 14.51 -27.97 2.92
C SER B 513 15.95 -27.74 3.41
N PHE B 514 16.19 -27.76 4.72
CA PHE B 514 17.55 -27.52 5.20
C PHE B 514 18.22 -28.64 6.01
N ILE B 515 17.47 -29.35 6.85
CA ILE B 515 18.03 -30.48 7.60
C ILE B 515 17.34 -31.67 6.95
N PHE B 516 17.82 -32.01 5.76
CA PHE B 516 17.24 -33.06 4.92
C PHE B 516 17.74 -34.48 5.10
N GLU B 517 18.97 -34.65 5.60
CA GLU B 517 19.53 -35.99 5.76
C GLU B 517 18.59 -36.99 6.43
N PRO B 518 18.65 -38.27 6.00
CA PRO B 518 17.82 -39.32 6.58
C PRO B 518 17.91 -39.42 8.11
N GLU B 519 19.11 -39.19 8.66
CA GLU B 519 19.32 -39.29 10.10
C GLU B 519 18.54 -38.29 10.94
N PHE B 520 17.99 -37.24 10.31
CA PHE B 520 17.26 -36.22 11.05
C PHE B 520 15.74 -36.27 10.87
N SER B 521 15.21 -37.45 10.60
CA SER B 521 13.78 -37.61 10.41
C SER B 521 13.02 -37.22 11.69
N LYS B 522 13.57 -37.56 12.85
CA LYS B 522 12.91 -37.22 14.10
C LYS B 522 12.91 -35.71 14.32
N CYS B 523 14.07 -35.09 14.14
CA CYS B 523 14.21 -33.65 14.28
C CYS B 523 13.19 -32.94 13.38
N ARG B 524 13.04 -33.43 12.16
CA ARG B 524 12.09 -32.85 11.20
C ARG B 524 10.65 -32.96 11.69
N GLU B 525 10.35 -34.08 12.34
CA GLU B 525 9.01 -34.38 12.86
C GLU B 525 8.62 -33.40 13.98
N VAL B 526 9.50 -33.30 14.97
CA VAL B 526 9.30 -32.42 16.10
C VAL B 526 9.27 -30.96 15.65
N TYR B 527 10.16 -30.63 14.73
CA TYR B 527 10.26 -29.27 14.20
C TYR B 527 8.92 -28.91 13.57
N THR B 528 8.38 -29.82 12.77
CA THR B 528 7.10 -29.59 12.10
C THR B 528 5.95 -29.42 13.09
N LYS B 529 5.87 -30.31 14.07
CA LYS B 529 4.81 -30.24 15.05
C LYS B 529 4.91 -28.98 15.90
N THR B 530 6.09 -28.73 16.48
CA THR B 530 6.29 -27.54 17.30
C THR B 530 5.96 -26.28 16.50
N SER B 531 6.39 -26.24 15.25
CA SER B 531 6.14 -25.11 14.40
C SER B 531 4.63 -24.96 14.13
N ASN B 532 3.94 -26.08 13.96
CA ASN B 532 2.52 -26.04 13.68
C ASN B 532 1.74 -25.51 14.89
N PHE B 533 2.17 -25.89 16.09
CA PHE B 533 1.51 -25.41 17.29
C PHE B 533 1.81 -23.94 17.52
N THR B 534 2.93 -23.48 16.95
CA THR B 534 3.32 -22.10 17.04
C THR B 534 2.27 -21.31 16.27
N VAL B 535 1.91 -21.82 15.09
CA VAL B 535 0.90 -21.20 14.25
C VAL B 535 -0.46 -21.18 14.94
N ILE B 536 -0.87 -22.36 15.43
CA ILE B 536 -2.14 -22.53 16.11
C ILE B 536 -2.29 -21.54 17.27
N LEU B 537 -1.32 -21.55 18.18
CA LEU B 537 -1.37 -20.66 19.34
C LEU B 537 -1.31 -19.18 19.01
N ASP B 538 -0.51 -18.79 18.01
CA ASP B 538 -0.46 -17.38 17.67
C ASP B 538 -1.86 -16.97 17.22
N ASP B 539 -2.56 -17.88 16.54
CA ASP B 539 -3.91 -17.57 16.10
C ASP B 539 -4.86 -17.46 17.29
N LEU B 540 -4.66 -18.35 18.27
CA LEU B 540 -5.49 -18.37 19.46
C LEU B 540 -5.35 -17.06 20.25
N TYR B 541 -4.13 -16.72 20.62
CA TYR B 541 -3.85 -15.51 21.38
C TYR B 541 -4.08 -14.21 20.62
N ASP B 542 -4.12 -14.29 19.29
CA ASP B 542 -4.32 -13.10 18.48
C ASP B 542 -5.76 -13.03 17.96
N ALA B 543 -6.58 -13.98 18.38
CA ALA B 543 -7.98 -14.05 17.96
C ALA B 543 -8.86 -12.97 18.59
N HIS B 544 -8.23 -11.99 19.24
CA HIS B 544 -8.96 -10.90 19.89
C HIS B 544 -10.06 -11.44 20.80
N GLY B 545 -9.76 -12.55 21.49
CA GLY B 545 -10.74 -13.14 22.37
C GLY B 545 -10.71 -12.56 23.78
N SER B 546 -10.83 -13.44 24.77
CA SER B 546 -10.80 -13.03 26.16
C SER B 546 -9.44 -13.25 26.81
N LEU B 547 -8.89 -12.19 27.39
CA LEU B 547 -7.60 -12.30 28.06
C LEU B 547 -7.69 -13.28 29.20
N ASP B 548 -8.85 -13.33 29.85
CA ASP B 548 -9.03 -14.24 30.97
C ASP B 548 -8.99 -15.69 30.54
N ASP B 549 -9.47 -15.98 29.34
CA ASP B 549 -9.44 -17.34 28.84
C ASP B 549 -8.00 -17.70 28.49
N LEU B 550 -7.27 -16.74 27.91
CA LEU B 550 -5.88 -16.98 27.55
C LEU B 550 -5.07 -17.28 28.81
N LYS B 551 -5.49 -16.71 29.94
CA LYS B 551 -4.81 -16.95 31.20
C LYS B 551 -4.95 -18.43 31.58
N LEU B 552 -6.06 -19.04 31.19
CA LEU B 552 -6.32 -20.45 31.48
C LEU B 552 -5.34 -21.34 30.73
N PHE B 553 -5.10 -21.02 29.47
CA PHE B 553 -4.17 -21.80 28.66
C PHE B 553 -2.77 -21.65 29.25
N THR B 554 -2.35 -20.41 29.47
CA THR B 554 -1.03 -20.14 30.04
C THR B 554 -0.83 -20.87 31.36
N GLU B 555 -1.84 -20.81 32.22
CA GLU B 555 -1.79 -21.44 33.53
C GLU B 555 -1.80 -22.97 33.38
N SER B 556 -2.53 -23.46 32.39
CA SER B 556 -2.62 -24.90 32.14
C SER B 556 -1.23 -25.44 31.77
N VAL B 557 -0.52 -24.71 30.93
CA VAL B 557 0.81 -25.13 30.52
C VAL B 557 1.73 -25.07 31.73
N LYS B 558 1.53 -24.08 32.58
CA LYS B 558 2.36 -23.92 33.78
C LYS B 558 2.29 -25.10 34.75
N ARG B 559 1.08 -25.56 35.07
CA ARG B 559 0.92 -26.67 36.00
C ARG B 559 0.94 -28.01 35.27
N TRP B 560 0.89 -27.93 33.95
CA TRP B 560 0.91 -29.10 33.08
C TRP B 560 -0.02 -30.25 33.47
N ASP B 561 -1.33 -30.00 33.34
CA ASP B 561 -2.35 -30.99 33.64
C ASP B 561 -3.67 -30.53 33.03
N LEU B 562 -4.71 -31.34 33.20
CA LEU B 562 -6.01 -31.00 32.65
C LEU B 562 -6.99 -30.43 33.69
N SER B 563 -6.46 -29.76 34.72
CA SER B 563 -7.31 -29.21 35.78
C SER B 563 -8.02 -27.88 35.46
N LEU B 564 -7.80 -27.34 34.27
CA LEU B 564 -8.46 -26.08 33.90
C LEU B 564 -9.26 -26.22 32.61
N VAL B 565 -9.18 -27.40 32.00
CA VAL B 565 -9.87 -27.69 30.75
C VAL B 565 -11.38 -27.50 30.82
N ASP B 566 -11.97 -27.74 31.99
CA ASP B 566 -13.41 -27.59 32.16
C ASP B 566 -13.87 -26.14 32.03
N GLN B 567 -12.98 -25.20 32.34
CA GLN B 567 -13.33 -23.79 32.26
C GLN B 567 -13.17 -23.21 30.86
N MET B 568 -12.14 -23.68 30.15
CA MET B 568 -11.84 -23.19 28.81
C MET B 568 -13.00 -23.17 27.83
N PRO B 569 -12.96 -22.24 26.87
CA PRO B 569 -14.05 -22.17 25.88
C PRO B 569 -13.90 -23.49 25.10
N GLN B 570 -14.84 -23.77 24.20
CA GLN B 570 -14.79 -25.02 23.45
C GLN B 570 -13.53 -25.29 22.61
N GLN B 571 -13.28 -24.46 21.60
CA GLN B 571 -12.12 -24.67 20.75
C GLN B 571 -10.76 -24.55 21.45
N MET B 572 -10.71 -23.82 22.56
CA MET B 572 -9.48 -23.65 23.31
C MET B 572 -9.22 -24.92 24.12
N LYS B 573 -10.31 -25.65 24.37
CA LYS B 573 -10.27 -26.90 25.12
C LYS B 573 -9.60 -27.99 24.29
N ILE B 574 -10.03 -28.12 23.04
CA ILE B 574 -9.48 -29.11 22.13
C ILE B 574 -8.05 -28.70 21.79
N CYS B 575 -7.86 -27.41 21.59
CA CYS B 575 -6.55 -26.88 21.27
C CYS B 575 -5.55 -27.28 22.35
N PHE B 576 -5.90 -27.10 23.61
CA PHE B 576 -4.99 -27.46 24.70
C PHE B 576 -4.79 -28.96 24.86
N VAL B 577 -5.86 -29.73 24.66
CA VAL B 577 -5.75 -31.17 24.79
C VAL B 577 -4.74 -31.69 23.79
N GLY B 578 -4.85 -31.20 22.55
CA GLY B 578 -3.93 -31.59 21.52
C GLY B 578 -2.52 -31.13 21.84
N PHE B 579 -2.40 -29.92 22.38
CA PHE B 579 -1.09 -29.37 22.75
C PHE B 579 -0.46 -30.28 23.80
N TYR B 580 -1.27 -30.65 24.78
CA TYR B 580 -0.86 -31.50 25.89
C TYR B 580 -0.48 -32.92 25.45
N ASN B 581 -1.26 -33.53 24.58
CA ASN B 581 -0.95 -34.89 24.11
C ASN B 581 0.32 -34.85 23.26
N THR B 582 0.35 -33.90 22.31
CA THR B 582 1.49 -33.75 21.41
C THR B 582 2.80 -33.62 22.17
N PHE B 583 2.86 -32.66 23.10
CA PHE B 583 4.10 -32.46 23.83
C PHE B 583 4.41 -33.49 24.90
N ASN B 584 3.41 -34.28 25.27
CA ASN B 584 3.65 -35.32 26.25
C ASN B 584 4.40 -36.42 25.49
N ASP B 585 3.96 -36.69 24.26
CA ASP B 585 4.63 -37.69 23.44
C ASP B 585 6.05 -37.22 23.16
N ILE B 586 6.18 -35.96 22.73
CA ILE B 586 7.48 -35.39 22.45
C ILE B 586 8.38 -35.44 23.68
N ALA B 587 7.84 -35.09 24.85
CA ALA B 587 8.60 -35.12 26.09
C ALA B 587 9.06 -36.55 26.39
N LYS B 588 8.19 -37.52 26.10
CA LYS B 588 8.49 -38.93 26.33
C LYS B 588 9.76 -39.32 25.53
N GLU B 589 9.69 -39.12 24.22
CA GLU B 589 10.81 -39.44 23.35
C GLU B 589 12.08 -38.66 23.69
N GLY B 590 11.90 -37.40 24.05
CA GLY B 590 13.04 -36.57 24.41
C GLY B 590 13.76 -37.14 25.61
N ARG B 591 13.02 -37.78 26.51
CA ARG B 591 13.61 -38.36 27.71
C ARG B 591 14.57 -39.49 27.34
N GLU B 592 14.11 -40.35 26.43
CA GLU B 592 14.92 -41.48 26.00
C GLU B 592 16.23 -41.00 25.38
N ARG B 593 16.12 -40.02 24.47
CA ARG B 593 17.28 -39.49 23.77
C ARG B 593 18.25 -38.66 24.60
N GLN B 594 17.74 -37.86 25.55
CA GLN B 594 18.59 -37.01 26.37
C GLN B 594 19.14 -37.64 27.65
N GLY B 595 18.49 -38.70 28.13
CA GLY B 595 18.95 -39.33 29.36
C GLY B 595 18.55 -38.53 30.58
N ARG B 596 17.38 -37.90 30.51
CA ARG B 596 16.85 -37.09 31.60
C ARG B 596 15.52 -36.50 31.17
N ASP B 597 14.63 -36.23 32.13
CA ASP B 597 13.33 -35.65 31.81
C ASP B 597 13.54 -34.30 31.14
N VAL B 598 12.66 -33.95 30.20
CA VAL B 598 12.77 -32.70 29.48
C VAL B 598 11.46 -31.93 29.43
N LEU B 599 10.45 -32.38 30.19
CA LEU B 599 9.17 -31.72 30.22
C LEU B 599 9.32 -30.33 30.83
N GLY B 600 10.17 -30.24 31.85
CA GLY B 600 10.40 -28.96 32.50
C GLY B 600 11.04 -28.00 31.51
N TYR B 601 12.01 -28.51 30.76
CA TYR B 601 12.71 -27.73 29.75
C TYR B 601 11.66 -27.25 28.75
N ILE B 602 10.80 -28.17 28.32
CA ILE B 602 9.74 -27.86 27.37
C ILE B 602 8.74 -26.85 27.92
N GLN B 603 8.38 -26.97 29.19
CA GLN B 603 7.43 -26.04 29.81
C GLN B 603 8.02 -24.64 29.85
N ASN B 604 9.29 -24.56 30.26
CA ASN B 604 9.98 -23.30 30.36
C ASN B 604 10.15 -22.64 28.98
N VAL B 605 10.30 -23.46 27.94
CA VAL B 605 10.43 -22.91 26.60
C VAL B 605 9.11 -22.27 26.20
N TRP B 606 8.01 -22.99 26.39
CA TRP B 606 6.71 -22.45 26.02
C TRP B 606 6.24 -21.30 26.92
N LYS B 607 6.68 -21.32 28.17
CA LYS B 607 6.33 -20.28 29.14
C LYS B 607 6.71 -18.90 28.58
N VAL B 608 7.97 -18.76 28.19
CA VAL B 608 8.45 -17.50 27.66
C VAL B 608 7.66 -17.16 26.39
N GLN B 609 7.39 -18.18 25.58
CA GLN B 609 6.66 -17.99 24.35
C GLN B 609 5.23 -17.48 24.62
N LEU B 610 4.54 -18.11 25.55
CA LEU B 610 3.17 -17.71 25.88
C LEU B 610 3.12 -16.31 26.50
N GLU B 611 4.16 -15.97 27.27
CA GLU B 611 4.24 -14.64 27.89
C GLU B 611 4.34 -13.56 26.81
N ALA B 612 5.06 -13.86 25.73
CA ALA B 612 5.19 -12.90 24.65
C ALA B 612 3.85 -12.78 23.91
N TYR B 613 3.19 -13.91 23.68
CA TYR B 613 1.89 -13.89 23.02
C TYR B 613 0.94 -13.05 23.85
N THR B 614 0.98 -13.28 25.16
CA THR B 614 0.11 -12.58 26.10
C THR B 614 0.34 -11.07 26.10
N LYS B 615 1.60 -10.64 26.18
CA LYS B 615 1.90 -9.22 26.19
C LYS B 615 1.40 -8.52 24.94
N GLU B 616 1.46 -9.21 23.80
CA GLU B 616 0.98 -8.62 22.55
C GLU B 616 -0.54 -8.56 22.53
N ALA B 617 -1.15 -9.55 23.16
CA ALA B 617 -2.61 -9.63 23.24
C ALA B 617 -3.11 -8.45 24.07
N GLU B 618 -2.43 -8.16 25.17
CA GLU B 618 -2.81 -7.06 26.05
C GLU B 618 -2.61 -5.74 25.32
N TRP B 619 -1.44 -5.56 24.72
CA TRP B 619 -1.19 -4.32 23.99
C TRP B 619 -2.29 -4.09 22.96
N SER B 620 -2.65 -5.15 22.26
CA SER B 620 -3.68 -5.06 21.22
C SER B 620 -5.05 -4.73 21.81
N GLU B 621 -5.36 -5.36 22.94
CA GLU B 621 -6.63 -5.14 23.63
C GLU B 621 -6.75 -3.69 24.10
N ALA B 622 -5.64 -2.96 24.12
CA ALA B 622 -5.64 -1.58 24.57
C ALA B 622 -5.20 -0.65 23.44
N LYS B 623 -5.00 -1.21 22.25
CA LYS B 623 -4.57 -0.44 21.09
C LYS B 623 -3.33 0.37 21.43
N TYR B 624 -2.52 -0.18 22.33
CA TYR B 624 -1.27 0.44 22.77
C TYR B 624 -0.18 0.24 21.75
N VAL B 625 0.58 1.30 21.47
CA VAL B 625 1.68 1.21 20.53
C VAL B 625 2.98 1.50 21.27
N PRO B 626 3.68 0.45 21.73
CA PRO B 626 4.94 0.64 22.45
C PRO B 626 6.01 1.19 21.55
N SER B 627 7.11 1.65 22.13
CA SER B 627 8.22 2.19 21.36
C SER B 627 8.82 1.03 20.56
N PHE B 628 9.68 1.35 19.60
CA PHE B 628 10.31 0.33 18.79
C PHE B 628 11.10 -0.69 19.61
N ASN B 629 11.97 -0.19 20.49
CA ASN B 629 12.80 -1.04 21.33
C ASN B 629 12.01 -2.01 22.19
N GLU B 630 10.95 -1.53 22.82
CA GLU B 630 10.12 -2.38 23.68
C GLU B 630 9.37 -3.40 22.85
N TYR B 631 8.86 -2.97 21.70
CA TYR B 631 8.12 -3.85 20.81
C TYR B 631 9.03 -4.94 20.28
N ILE B 632 10.17 -4.52 19.75
CA ILE B 632 11.15 -5.43 19.19
C ILE B 632 11.58 -6.53 20.16
N GLU B 633 11.90 -6.15 21.40
CA GLU B 633 12.32 -7.15 22.38
C GLU B 633 11.31 -8.27 22.61
N ASN B 634 10.02 -7.95 22.62
CA ASN B 634 9.00 -8.96 22.83
C ASN B 634 8.62 -9.70 21.54
N ALA B 635 8.47 -8.96 20.46
CA ALA B 635 8.09 -9.53 19.18
C ALA B 635 9.16 -10.47 18.60
N SER B 636 10.43 -10.28 19.01
CA SER B 636 11.53 -11.12 18.55
C SER B 636 11.29 -12.52 19.10
N VAL B 637 10.55 -12.58 20.20
CA VAL B 637 10.23 -13.84 20.84
C VAL B 637 8.89 -14.36 20.36
N SER B 638 7.91 -13.48 20.19
CA SER B 638 6.58 -13.90 19.75
C SER B 638 6.61 -14.49 18.34
N ILE B 639 7.61 -14.12 17.54
CA ILE B 639 7.73 -14.65 16.19
C ILE B 639 7.88 -16.18 16.27
N ALA B 640 8.20 -16.65 17.47
CA ALA B 640 8.32 -18.07 17.80
C ALA B 640 9.40 -18.96 17.17
N LEU B 641 10.37 -18.37 16.48
CA LEU B 641 11.42 -19.18 15.88
C LEU B 641 12.26 -19.84 16.97
N GLY B 642 12.54 -19.09 18.04
CA GLY B 642 13.35 -19.62 19.12
C GLY B 642 12.77 -20.89 19.71
N THR B 643 11.45 -20.88 19.91
CA THR B 643 10.73 -22.00 20.46
C THR B 643 10.92 -23.25 19.60
N VAL B 644 10.67 -23.13 18.30
CA VAL B 644 10.81 -24.27 17.41
C VAL B 644 12.22 -24.85 17.46
N VAL B 645 13.23 -23.97 17.45
CA VAL B 645 14.62 -24.41 17.51
C VAL B 645 14.95 -25.11 18.82
N LEU B 646 14.63 -24.47 19.94
CA LEU B 646 14.92 -25.02 21.26
C LEU B 646 14.32 -26.40 21.54
N ILE B 647 13.14 -26.68 21.02
CA ILE B 647 12.55 -27.99 21.23
C ILE B 647 13.13 -29.01 20.23
N SER B 648 13.38 -28.58 19.00
CA SER B 648 13.95 -29.46 17.97
C SER B 648 15.39 -29.86 18.31
N ALA B 649 16.07 -29.01 19.06
CA ALA B 649 17.46 -29.26 19.44
C ALA B 649 17.64 -30.51 20.32
N LEU B 650 16.56 -30.99 20.88
CA LEU B 650 16.60 -32.18 21.72
C LEU B 650 16.58 -33.45 20.89
N PHE B 651 16.32 -33.32 19.59
CA PHE B 651 16.22 -34.50 18.74
C PHE B 651 17.20 -34.53 17.56
N THR B 652 18.44 -34.10 17.80
CA THR B 652 19.45 -34.10 16.74
C THR B 652 20.22 -35.41 16.69
N GLY B 653 20.00 -36.27 17.69
CA GLY B 653 20.70 -37.54 17.73
C GLY B 653 21.88 -37.51 18.68
N GLU B 654 22.09 -36.36 19.32
CA GLU B 654 23.15 -36.18 20.29
C GLU B 654 22.61 -35.54 21.56
N VAL B 655 23.24 -35.84 22.69
CA VAL B 655 22.78 -35.27 23.95
C VAL B 655 23.08 -33.79 24.01
N LEU B 656 22.06 -32.99 24.30
CA LEU B 656 22.21 -31.55 24.37
C LEU B 656 22.75 -31.20 25.75
N THR B 657 24.04 -30.91 25.81
CA THR B 657 24.67 -30.55 27.07
C THR B 657 24.27 -29.13 27.47
N ASP B 658 24.45 -28.78 28.74
CA ASP B 658 24.10 -27.45 29.21
C ASP B 658 25.02 -26.43 28.54
N GLU B 659 26.22 -26.87 28.19
CA GLU B 659 27.19 -26.00 27.54
C GLU B 659 26.70 -25.62 26.15
N VAL B 660 26.36 -26.62 25.34
CA VAL B 660 25.88 -26.36 23.98
C VAL B 660 24.62 -25.54 24.02
N LEU B 661 23.73 -25.86 24.95
CA LEU B 661 22.47 -25.15 25.09
C LEU B 661 22.70 -23.67 25.39
N SER B 662 23.70 -23.36 26.20
CA SER B 662 23.98 -21.97 26.54
C SER B 662 24.47 -21.19 25.32
N LYS B 663 24.69 -21.88 24.22
CA LYS B 663 25.16 -21.22 23.01
C LYS B 663 24.01 -20.90 22.07
N ILE B 664 22.87 -21.57 22.26
CA ILE B 664 21.70 -21.34 21.42
C ILE B 664 20.41 -21.03 22.18
N ASP B 665 20.50 -20.76 23.48
CA ASP B 665 19.29 -20.47 24.25
C ASP B 665 18.81 -19.04 24.10
N ARG B 666 17.79 -18.67 24.86
CA ARG B 666 17.21 -17.34 24.80
C ARG B 666 18.13 -16.20 25.23
N GLU B 667 19.17 -16.50 26.01
CA GLU B 667 20.11 -15.47 26.44
C GLU B 667 21.24 -15.27 25.46
N SER B 668 21.33 -16.12 24.44
CA SER B 668 22.39 -16.00 23.45
C SER B 668 22.09 -14.98 22.36
N ARG B 669 23.12 -14.27 21.94
CA ARG B 669 23.00 -13.29 20.89
C ARG B 669 22.56 -14.00 19.62
N PHE B 670 23.07 -15.22 19.43
CA PHE B 670 22.78 -16.03 18.26
C PHE B 670 21.28 -16.27 18.06
N LEU B 671 20.62 -16.79 19.08
CA LEU B 671 19.19 -17.04 18.96
C LEU B 671 18.39 -15.74 18.90
N GLN B 672 18.85 -14.70 19.59
CA GLN B 672 18.14 -13.41 19.59
C GLN B 672 18.17 -12.78 18.20
N LEU B 673 19.31 -12.86 17.52
CA LEU B 673 19.44 -12.31 16.17
C LEU B 673 18.49 -13.02 15.19
N MET B 674 18.45 -14.34 15.27
CA MET B 674 17.58 -15.13 14.41
C MET B 674 16.14 -14.64 14.60
N GLY B 675 15.73 -14.53 15.87
CA GLY B 675 14.37 -14.05 16.17
C GLY B 675 14.10 -12.66 15.63
N LEU B 676 15.07 -11.77 15.79
CA LEU B 676 14.93 -10.40 15.31
C LEU B 676 14.73 -10.32 13.79
N THR B 677 15.65 -10.90 13.03
CA THR B 677 15.54 -10.88 11.58
C THR B 677 14.22 -11.50 11.15
N GLY B 678 13.80 -12.56 11.82
CA GLY B 678 12.55 -13.22 11.47
C GLY B 678 11.37 -12.29 11.66
N ARG B 679 11.36 -11.61 12.80
CA ARG B 679 10.31 -10.66 13.16
C ARG B 679 10.24 -9.48 12.21
N LEU B 680 11.40 -8.89 11.94
CA LEU B 680 11.47 -7.74 11.05
C LEU B 680 11.04 -8.03 9.61
N VAL B 681 11.44 -9.18 9.08
CA VAL B 681 11.06 -9.51 7.71
C VAL B 681 9.57 -9.81 7.64
N ASN B 682 9.04 -10.47 8.65
CA ASN B 682 7.61 -10.78 8.66
C ASN B 682 6.81 -9.47 8.70
N ASP B 683 7.24 -8.54 9.54
CA ASP B 683 6.58 -7.24 9.70
C ASP B 683 6.65 -6.35 8.47
N THR B 684 7.80 -6.33 7.78
CA THR B 684 7.92 -5.52 6.60
C THR B 684 6.87 -5.95 5.57
N LYS B 685 6.50 -7.22 5.64
CA LYS B 685 5.54 -7.77 4.71
C LYS B 685 4.08 -7.67 5.18
N THR B 686 3.82 -8.05 6.43
CA THR B 686 2.46 -8.05 6.95
C THR B 686 1.88 -6.76 7.56
N TYR B 687 2.74 -5.88 8.05
CA TYR B 687 2.25 -4.64 8.66
C TYR B 687 1.36 -3.86 7.68
N GLN B 688 1.57 -4.10 6.40
CA GLN B 688 0.80 -3.44 5.35
C GLN B 688 -0.69 -3.70 5.51
N ALA B 689 -1.10 -4.93 5.23
CA ALA B 689 -2.51 -5.33 5.35
C ALA B 689 -3.06 -5.16 6.76
N GLU B 690 -2.41 -5.77 7.74
CA GLU B 690 -2.89 -5.68 9.13
C GLU B 690 -3.00 -4.28 9.70
N ARG B 691 -2.37 -3.30 9.04
CA ARG B 691 -2.44 -1.92 9.50
C ARG B 691 -3.89 -1.43 9.38
N GLY B 692 -4.50 -1.71 8.23
CA GLY B 692 -5.87 -1.30 7.99
C GLY B 692 -6.87 -2.27 8.57
N GLN B 693 -6.38 -3.35 9.17
CA GLN B 693 -7.24 -4.36 9.76
C GLN B 693 -7.47 -4.06 11.24
N GLY B 694 -6.47 -3.48 11.89
CA GLY B 694 -6.61 -3.16 13.30
C GLY B 694 -5.31 -2.91 14.04
N GLU B 695 -4.50 -3.97 14.21
CA GLU B 695 -3.23 -3.86 14.92
C GLU B 695 -2.48 -2.59 14.56
N VAL B 696 -2.11 -1.83 15.59
CA VAL B 696 -1.37 -0.60 15.38
C VAL B 696 0.06 -0.83 15.86
N ALA B 697 0.35 -2.05 16.30
CA ALA B 697 1.68 -2.39 16.79
C ALA B 697 2.48 -3.26 15.83
N SER B 698 3.53 -2.68 15.26
CA SER B 698 4.39 -3.39 14.32
C SER B 698 5.74 -2.68 14.31
N ALA B 699 6.74 -3.34 13.73
CA ALA B 699 8.06 -2.75 13.65
C ALA B 699 8.00 -1.36 13.00
N ILE B 700 7.31 -1.26 11.88
CA ILE B 700 7.21 0.01 11.16
C ILE B 700 6.39 1.04 11.93
N GLN B 701 5.18 0.66 12.35
CA GLN B 701 4.32 1.58 13.08
C GLN B 701 5.00 2.09 14.36
N CYS B 702 5.59 1.16 15.12
CA CYS B 702 6.25 1.52 16.36
C CYS B 702 7.42 2.46 16.14
N TYR B 703 8.14 2.27 15.05
CA TYR B 703 9.26 3.15 14.79
C TYR B 703 8.71 4.54 14.50
N MET B 704 7.64 4.59 13.70
CA MET B 704 7.03 5.88 13.36
C MET B 704 6.62 6.65 14.60
N LYS B 705 6.01 5.96 15.57
CA LYS B 705 5.57 6.61 16.80
C LYS B 705 6.75 7.16 17.59
N ASP B 706 7.94 6.66 17.31
CA ASP B 706 9.15 7.13 17.98
C ASP B 706 9.75 8.31 17.22
N HIS B 707 9.38 8.42 15.95
CA HIS B 707 9.86 9.50 15.09
C HIS B 707 8.69 9.98 14.23
N PRO B 708 7.72 10.67 14.87
CA PRO B 708 6.51 11.22 14.26
C PRO B 708 6.66 11.81 12.87
N LYS B 709 7.60 12.74 12.69
CA LYS B 709 7.79 13.34 11.38
C LYS B 709 8.78 12.57 10.52
N ILE B 710 8.51 11.29 10.33
CA ILE B 710 9.34 10.42 9.51
C ILE B 710 8.44 9.70 8.51
N SER B 711 8.74 9.86 7.22
CA SER B 711 7.94 9.23 6.18
C SER B 711 7.77 7.74 6.42
N GLU B 712 6.59 7.22 6.13
CA GLU B 712 6.31 5.81 6.31
C GLU B 712 7.30 4.98 5.51
N GLU B 713 7.80 5.55 4.43
CA GLU B 713 8.76 4.86 3.59
C GLU B 713 10.13 4.87 4.27
N GLU B 714 10.53 6.04 4.76
CA GLU B 714 11.81 6.20 5.43
C GLU B 714 11.90 5.26 6.64
N ALA B 715 10.75 4.95 7.21
CA ALA B 715 10.67 4.05 8.36
C ALA B 715 10.83 2.62 7.86
N LEU B 716 10.14 2.31 6.78
CA LEU B 716 10.22 0.98 6.19
C LEU B 716 11.66 0.72 5.77
N GLN B 717 12.30 1.74 5.22
CA GLN B 717 13.68 1.63 4.77
C GLN B 717 14.61 1.42 5.95
N HIS B 718 14.26 2.02 7.08
CA HIS B 718 15.06 1.87 8.29
C HIS B 718 15.00 0.44 8.82
N VAL B 719 13.78 -0.09 8.93
CA VAL B 719 13.57 -1.44 9.42
C VAL B 719 14.37 -2.42 8.55
N TYR B 720 14.36 -2.20 7.24
CA TYR B 720 15.10 -3.05 6.33
C TYR B 720 16.59 -2.92 6.60
N SER B 721 17.01 -1.69 6.92
CA SER B 721 18.40 -1.42 7.22
C SER B 721 18.81 -2.16 8.49
N VAL B 722 17.92 -2.16 9.48
CA VAL B 722 18.18 -2.83 10.74
C VAL B 722 18.27 -4.33 10.49
N MET B 723 17.36 -4.83 9.65
CA MET B 723 17.31 -6.25 9.32
C MET B 723 18.62 -6.69 8.69
N GLU B 724 19.05 -5.94 7.69
CA GLU B 724 20.28 -6.24 6.99
C GLU B 724 21.46 -6.27 7.96
N ASN B 725 21.51 -5.27 8.85
CA ASN B 725 22.59 -5.23 9.83
C ASN B 725 22.58 -6.49 10.67
N ALA B 726 21.38 -6.90 11.08
CA ALA B 726 21.21 -8.11 11.89
C ALA B 726 21.63 -9.38 11.15
N LEU B 727 21.27 -9.47 9.87
CA LEU B 727 21.62 -10.65 9.07
C LEU B 727 23.14 -10.74 8.91
N GLU B 728 23.77 -9.58 8.81
CA GLU B 728 25.22 -9.52 8.67
C GLU B 728 25.85 -10.04 9.96
N GLU B 729 25.33 -9.60 11.09
CA GLU B 729 25.83 -10.09 12.38
C GLU B 729 25.52 -11.59 12.52
N LEU B 730 24.36 -12.02 12.03
CA LEU B 730 24.01 -13.43 12.09
C LEU B 730 25.00 -14.27 11.28
N ASN B 731 25.44 -13.76 10.13
CA ASN B 731 26.43 -14.46 9.31
C ASN B 731 27.67 -14.73 10.15
N ARG B 732 28.12 -13.72 10.88
CA ARG B 732 29.32 -13.87 11.68
C ARG B 732 29.14 -14.88 12.80
N GLU B 733 27.97 -14.84 13.45
CA GLU B 733 27.69 -15.78 14.53
C GLU B 733 27.76 -17.18 13.98
N PHE B 734 27.04 -17.39 12.89
CA PHE B 734 26.97 -18.67 12.20
C PHE B 734 28.33 -19.23 11.80
N VAL B 735 29.21 -18.37 11.30
CA VAL B 735 30.55 -18.82 10.88
C VAL B 735 31.57 -18.97 12.02
N ASN B 736 31.74 -17.94 12.83
CA ASN B 736 32.71 -17.97 13.93
C ASN B 736 32.36 -18.65 15.26
N ASN B 737 31.08 -18.82 15.57
CA ASN B 737 30.71 -19.45 16.84
C ASN B 737 31.15 -20.90 16.92
N LYS B 738 31.74 -21.27 18.05
CA LYS B 738 32.19 -22.63 18.27
C LYS B 738 31.01 -23.41 18.85
N ILE B 739 30.14 -23.84 17.95
CA ILE B 739 28.93 -24.58 18.29
C ILE B 739 28.83 -25.73 17.30
N PRO B 740 28.36 -26.90 17.74
CA PRO B 740 28.25 -28.02 16.78
C PRO B 740 27.37 -27.65 15.59
N ASP B 741 27.85 -27.98 14.40
CA ASP B 741 27.20 -27.72 13.13
C ASP B 741 25.68 -27.86 13.03
N ILE B 742 25.12 -28.94 13.57
CA ILE B 742 23.68 -29.14 13.48
C ILE B 742 22.88 -28.04 14.17
N TYR B 743 23.38 -27.55 15.31
CA TYR B 743 22.67 -26.49 16.02
C TYR B 743 22.77 -25.17 15.29
N LYS B 744 23.91 -24.93 14.64
CA LYS B 744 24.08 -23.69 13.89
C LYS B 744 23.16 -23.72 12.68
N ARG B 745 23.01 -24.90 12.08
CA ARG B 745 22.10 -25.02 10.95
C ARG B 745 20.67 -24.74 11.43
N LEU B 746 20.28 -25.38 12.53
CA LEU B 746 18.93 -25.17 13.07
C LEU B 746 18.61 -23.69 13.29
N VAL B 747 19.54 -22.96 13.89
CA VAL B 747 19.35 -21.55 14.16
C VAL B 747 19.41 -20.68 12.88
N PHE B 748 20.45 -20.88 12.09
CA PHE B 748 20.65 -20.11 10.86
C PHE B 748 19.62 -20.39 9.78
N GLU B 749 19.38 -21.67 9.51
CA GLU B 749 18.43 -22.08 8.50
C GLU B 749 17.01 -21.63 8.82
N THR B 750 16.65 -21.58 10.10
CA THR B 750 15.32 -21.14 10.49
C THR B 750 15.17 -19.66 10.09
N ALA B 751 16.24 -18.89 10.24
CA ALA B 751 16.21 -17.48 9.86
C ALA B 751 16.02 -17.34 8.33
N ARG B 752 16.78 -18.15 7.58
CA ARG B 752 16.70 -18.13 6.12
C ARG B 752 15.30 -18.49 5.60
N ILE B 753 14.63 -19.41 6.29
CA ILE B 753 13.28 -19.81 5.91
C ILE B 753 12.32 -18.61 5.94
N MET B 754 12.47 -17.73 6.93
CA MET B 754 11.59 -16.56 7.02
C MET B 754 11.94 -15.56 5.92
N GLN B 755 13.24 -15.42 5.64
CA GLN B 755 13.69 -14.52 4.59
C GLN B 755 13.08 -15.00 3.27
N LEU B 756 12.94 -16.32 3.11
CA LEU B 756 12.38 -16.90 1.89
C LEU B 756 10.87 -16.66 1.80
N PHE B 757 10.12 -17.06 2.82
CA PHE B 757 8.68 -16.88 2.78
C PHE B 757 8.27 -15.43 2.70
N TYR B 758 9.00 -14.57 3.38
CA TYR B 758 8.67 -13.15 3.37
C TYR B 758 9.56 -12.30 2.46
N MET B 759 10.10 -12.91 1.42
CA MET B 759 10.93 -12.14 0.50
C MET B 759 10.01 -11.19 -0.26
N GLN B 760 10.59 -10.14 -0.83
CA GLN B 760 9.81 -9.19 -1.59
C GLN B 760 9.49 -9.79 -2.96
N GLY B 761 8.20 -9.95 -3.24
CA GLY B 761 7.76 -10.52 -4.50
C GLY B 761 7.71 -9.53 -5.65
N ASP B 762 7.07 -9.93 -6.74
CA ASP B 762 6.95 -9.08 -7.91
C ASP B 762 5.70 -8.21 -7.89
N GLY B 763 4.69 -8.63 -7.13
CA GLY B 763 3.48 -7.83 -7.05
C GLY B 763 2.17 -8.54 -7.40
N LEU B 764 2.21 -9.50 -8.31
CA LEU B 764 1.00 -10.22 -8.69
C LEU B 764 0.23 -10.69 -7.47
N THR B 765 -1.09 -10.57 -7.52
CA THR B 765 -1.95 -10.98 -6.40
C THR B 765 -1.72 -12.42 -5.98
N LEU B 766 -1.39 -13.29 -6.93
CA LEU B 766 -1.20 -14.69 -6.62
C LEU B 766 0.26 -15.15 -6.60
N SER B 767 1.19 -14.23 -6.84
CA SER B 767 2.62 -14.58 -6.86
C SER B 767 3.12 -15.27 -5.60
N HIS B 768 2.86 -14.68 -4.44
CA HIS B 768 3.32 -15.24 -3.17
C HIS B 768 2.97 -16.71 -3.02
N ASP B 769 1.67 -17.03 -3.06
CA ASP B 769 1.20 -18.40 -2.92
C ASP B 769 1.75 -19.30 -4.03
N MET B 770 1.98 -18.70 -5.20
CA MET B 770 2.48 -19.44 -6.35
C MET B 770 3.95 -19.83 -6.13
N GLU B 771 4.69 -18.99 -5.41
CA GLU B 771 6.10 -19.25 -5.12
C GLU B 771 6.22 -20.37 -4.09
N ILE B 772 5.54 -20.20 -2.95
CA ILE B 772 5.57 -21.20 -1.89
C ILE B 772 5.16 -22.55 -2.47
N LYS B 773 4.10 -22.54 -3.26
CA LYS B 773 3.59 -23.76 -3.88
C LYS B 773 4.71 -24.38 -4.73
N GLU B 774 5.41 -23.52 -5.46
CA GLU B 774 6.50 -23.98 -6.32
C GLU B 774 7.68 -24.53 -5.50
N HIS B 775 7.96 -23.92 -4.34
CA HIS B 775 9.07 -24.38 -3.50
C HIS B 775 8.77 -25.78 -2.97
N VAL B 776 7.53 -25.98 -2.53
CA VAL B 776 7.10 -27.28 -1.99
C VAL B 776 7.20 -28.36 -3.06
N LYS B 777 6.81 -28.00 -4.28
CA LYS B 777 6.86 -28.94 -5.38
C LYS B 777 8.33 -29.31 -5.69
N ASN B 778 9.18 -28.29 -5.80
CA ASN B 778 10.59 -28.50 -6.10
C ASN B 778 11.34 -29.30 -5.04
N CYS B 779 10.95 -29.14 -3.79
CA CYS B 779 11.62 -29.84 -2.70
C CYS B 779 11.03 -31.21 -2.40
N LEU B 780 9.71 -31.26 -2.27
CA LEU B 780 9.01 -32.49 -1.90
C LEU B 780 8.37 -33.42 -2.92
N PHE B 781 7.89 -32.90 -4.05
CA PHE B 781 7.22 -33.78 -5.00
C PHE B 781 7.86 -34.06 -6.36
N GLN B 782 8.36 -33.03 -7.03
CA GLN B 782 8.97 -33.18 -8.34
C GLN B 782 10.37 -33.78 -8.23
N PRO B 783 10.56 -34.99 -8.77
CA PRO B 783 11.87 -35.64 -8.72
C PRO B 783 12.77 -34.95 -9.73
N VAL B 784 14.08 -35.20 -9.66
CA VAL B 784 15.00 -34.61 -10.64
C VAL B 784 15.46 -35.71 -11.59
N ALA B 785 15.81 -35.31 -12.81
CA ALA B 785 16.28 -36.25 -13.82
C ALA B 785 17.14 -35.53 -14.85
N ALA C 27 -6.46 11.79 29.04
CA ALA C 27 -6.68 13.27 29.12
C ALA C 27 -6.40 13.96 27.78
N SER C 28 -5.74 13.24 26.88
CA SER C 28 -5.39 13.76 25.57
C SER C 28 -6.63 13.89 24.69
N ASP C 29 -6.52 14.73 23.65
CA ASP C 29 -7.62 14.96 22.73
C ASP C 29 -8.04 13.68 22.00
N GLU C 30 -7.08 12.80 21.73
CA GLU C 30 -7.39 11.56 21.04
C GLU C 30 -8.32 10.68 21.88
N LYS C 31 -8.08 10.70 23.20
CA LYS C 31 -8.90 9.92 24.10
C LYS C 31 -10.28 10.55 24.21
N ARG C 32 -10.31 11.89 24.27
CA ARG C 32 -11.55 12.64 24.38
C ARG C 32 -12.43 12.40 23.15
N ILE C 33 -11.79 12.32 21.99
CA ILE C 33 -12.51 12.06 20.75
C ILE C 33 -13.22 10.72 20.86
N GLU C 34 -12.46 9.68 21.18
CA GLU C 34 -13.01 8.34 21.29
C GLU C 34 -14.17 8.29 22.29
N THR C 35 -14.02 8.96 23.42
CA THR C 35 -15.07 8.97 24.41
C THR C 35 -16.35 9.64 23.87
N LEU C 36 -16.20 10.78 23.20
CA LEU C 36 -17.36 11.50 22.66
C LEU C 36 -18.05 10.67 21.57
N ILE C 37 -17.26 9.91 20.82
CA ILE C 37 -17.83 9.06 19.77
C ILE C 37 -18.73 8.00 20.38
N SER C 38 -18.25 7.37 21.46
CA SER C 38 -19.03 6.32 22.11
C SER C 38 -20.29 6.87 22.75
N GLU C 39 -20.18 8.06 23.32
CA GLU C 39 -21.33 8.69 23.96
C GLU C 39 -22.38 9.11 22.93
N ILE C 40 -21.91 9.59 21.79
CA ILE C 40 -22.83 10.00 20.72
C ILE C 40 -23.47 8.77 20.09
N LYS C 41 -22.72 7.69 19.97
CA LYS C 41 -23.28 6.47 19.42
C LYS C 41 -24.40 6.01 20.35
N ASN C 42 -24.17 6.09 21.65
CA ASN C 42 -25.18 5.69 22.62
C ASN C 42 -26.46 6.55 22.50
N MET C 43 -26.30 7.84 22.25
CA MET C 43 -27.46 8.73 22.09
C MET C 43 -28.29 8.23 20.91
N PHE C 44 -27.61 7.94 19.81
CA PHE C 44 -28.30 7.45 18.63
C PHE C 44 -29.06 6.15 18.91
N ARG C 45 -28.42 5.24 19.64
CA ARG C 45 -29.08 3.97 19.95
C ARG C 45 -30.27 4.15 20.88
N CYS C 46 -30.24 5.16 21.74
CA CYS C 46 -31.36 5.39 22.64
C CYS C 46 -32.50 6.18 22.00
N MET C 47 -32.28 6.72 20.81
CA MET C 47 -33.35 7.48 20.16
C MET C 47 -34.61 6.63 20.06
N GLY C 48 -35.70 7.22 20.51
CA GLY C 48 -36.98 6.56 20.49
C GLY C 48 -38.02 7.52 19.96
N TYR C 49 -38.97 7.92 20.80
CA TYR C 49 -39.99 8.84 20.36
C TYR C 49 -39.60 10.30 20.48
N GLY C 50 -38.40 10.54 21.03
CA GLY C 50 -37.91 11.90 21.17
C GLY C 50 -37.60 12.34 22.58
N GLU C 51 -36.43 12.96 22.77
CA GLU C 51 -36.01 13.47 24.07
C GLU C 51 -36.28 14.95 24.15
N THR C 52 -37.05 15.37 25.15
CA THR C 52 -37.35 16.79 25.30
C THR C 52 -37.73 17.18 26.72
N ASN C 53 -37.69 18.48 27.00
CA ASN C 53 -38.00 19.01 28.31
C ASN C 53 -39.49 19.05 28.62
N PRO C 54 -39.84 19.13 29.91
CA PRO C 54 -41.25 19.19 30.29
C PRO C 54 -41.85 20.55 29.95
N SER C 55 -43.14 20.54 29.61
CA SER C 55 -43.87 21.76 29.31
C SER C 55 -44.82 22.00 30.49
N ALA C 56 -44.58 23.04 31.27
CA ALA C 56 -45.44 23.33 32.42
C ALA C 56 -46.85 23.64 31.96
N TYR C 57 -46.98 24.47 30.95
CA TYR C 57 -48.27 24.87 30.40
C TYR C 57 -49.12 23.64 30.03
N ASP C 58 -48.54 22.71 29.28
CA ASP C 58 -49.25 21.50 28.85
C ASP C 58 -49.49 20.57 30.04
N THR C 59 -48.49 20.46 30.92
CA THR C 59 -48.66 19.61 32.08
C THR C 59 -49.83 20.15 32.89
N ALA C 60 -49.96 21.47 32.94
CA ALA C 60 -51.03 22.13 33.67
C ALA C 60 -52.41 21.77 33.11
N TRP C 61 -52.53 21.71 31.79
CA TRP C 61 -53.81 21.37 31.18
C TRP C 61 -54.15 19.90 31.41
N VAL C 62 -53.17 19.02 31.29
CA VAL C 62 -53.41 17.62 31.54
C VAL C 62 -53.83 17.45 33.01
N ALA C 63 -53.25 18.28 33.87
CA ALA C 63 -53.54 18.22 35.30
C ALA C 63 -54.96 18.65 35.63
N ARG C 64 -55.65 19.22 34.65
CA ARG C 64 -57.02 19.68 34.85
C ARG C 64 -58.06 18.60 34.69
N ILE C 65 -57.74 17.56 33.94
CA ILE C 65 -58.69 16.48 33.71
C ILE C 65 -59.18 15.84 35.02
N PRO C 66 -60.50 15.92 35.28
CA PRO C 66 -61.08 15.33 36.50
C PRO C 66 -61.07 13.80 36.42
N ALA C 67 -60.95 13.15 37.57
CA ALA C 67 -60.92 11.69 37.65
C ALA C 67 -62.09 11.02 36.93
N VAL C 68 -61.77 10.05 36.09
CA VAL C 68 -62.78 9.32 35.32
C VAL C 68 -63.82 8.60 36.18
N ASP C 69 -63.41 8.19 37.37
CA ASP C 69 -64.31 7.47 38.28
C ASP C 69 -65.41 8.34 38.90
N GLY C 70 -65.31 9.66 38.71
CA GLY C 70 -66.33 10.55 39.26
C GLY C 70 -65.86 11.28 40.51
N SER C 71 -64.83 10.75 41.14
CA SER C 71 -64.27 11.36 42.35
C SER C 71 -63.84 12.79 42.08
N ASP C 72 -63.75 13.60 43.13
CA ASP C 72 -63.32 14.99 42.96
C ASP C 72 -61.82 15.13 43.07
N ASN C 73 -61.11 14.51 42.12
CA ASN C 73 -59.65 14.55 42.11
C ASN C 73 -59.15 14.54 40.67
N PRO C 74 -57.88 14.88 40.47
CA PRO C 74 -57.32 14.88 39.12
C PRO C 74 -57.20 13.43 38.65
N HIS C 75 -57.36 13.19 37.35
CA HIS C 75 -57.23 11.85 36.80
C HIS C 75 -55.76 11.46 36.78
N PHE C 76 -54.88 12.47 36.71
CA PHE C 76 -53.44 12.25 36.69
C PHE C 76 -52.82 13.06 37.83
N PRO C 77 -52.97 12.56 39.08
CA PRO C 77 -52.47 13.18 40.31
C PRO C 77 -51.00 13.61 40.27
N GLU C 78 -50.17 12.78 39.68
CA GLU C 78 -48.75 13.08 39.58
C GLU C 78 -48.45 14.37 38.80
N THR C 79 -49.32 14.73 37.85
CA THR C 79 -49.07 15.95 37.08
C THR C 79 -49.30 17.14 37.99
N VAL C 80 -50.35 17.05 38.82
CA VAL C 80 -50.63 18.13 39.75
C VAL C 80 -49.45 18.28 40.69
N GLU C 81 -48.89 17.15 41.13
CA GLU C 81 -47.74 17.21 42.04
C GLU C 81 -46.53 17.81 41.32
N TRP C 82 -46.38 17.48 40.04
CA TRP C 82 -45.26 18.02 39.28
C TRP C 82 -45.27 19.57 39.34
N ILE C 83 -46.43 20.15 39.06
CA ILE C 83 -46.59 21.60 39.08
C ILE C 83 -46.15 22.17 40.41
N LEU C 84 -46.63 21.57 41.50
CA LEU C 84 -46.32 22.00 42.85
C LEU C 84 -44.82 21.96 43.17
N GLN C 85 -44.11 21.01 42.58
CA GLN C 85 -42.68 20.87 42.84
C GLN C 85 -41.75 21.50 41.79
N ASN C 86 -42.32 22.14 40.77
CA ASN C 86 -41.48 22.75 39.73
C ASN C 86 -41.64 24.23 39.45
N GLN C 87 -42.06 24.98 40.47
CA GLN C 87 -42.20 26.42 40.34
C GLN C 87 -40.77 26.97 40.41
N LEU C 88 -40.49 28.04 39.67
CA LEU C 88 -39.15 28.63 39.67
C LEU C 88 -39.03 29.61 40.84
N LYS C 89 -37.78 30.03 41.12
CA LYS C 89 -37.52 30.95 42.23
C LYS C 89 -38.39 32.18 42.20
N ASP C 90 -38.46 32.85 41.04
CA ASP C 90 -39.24 34.07 40.90
C ASP C 90 -40.73 33.88 41.00
N GLY C 91 -41.18 32.63 41.06
CA GLY C 91 -42.60 32.37 41.18
C GLY C 91 -43.30 32.03 39.89
N SER C 92 -42.54 31.88 38.82
CA SER C 92 -43.13 31.51 37.54
C SER C 92 -42.89 30.04 37.29
N TRP C 93 -43.49 29.54 36.22
CA TRP C 93 -43.33 28.17 35.77
C TRP C 93 -42.87 28.36 34.33
N GLY C 94 -42.22 27.35 33.76
CA GLY C 94 -41.76 27.46 32.40
C GLY C 94 -40.37 26.88 32.33
N GLU C 95 -39.66 27.09 31.23
CA GLU C 95 -38.30 26.56 31.12
C GLU C 95 -37.30 27.48 31.81
N GLY C 96 -36.63 26.96 32.84
CA GLY C 96 -35.66 27.75 33.57
C GLY C 96 -34.39 28.04 32.78
N PHE C 97 -33.94 27.04 32.03
CA PHE C 97 -32.74 27.15 31.20
C PHE C 97 -32.72 28.36 30.26
N TYR C 98 -33.90 28.83 29.86
CA TYR C 98 -33.97 29.96 28.94
C TYR C 98 -35.19 30.83 29.18
N PHE C 99 -34.94 32.07 29.59
CA PHE C 99 -36.02 33.00 29.88
C PHE C 99 -36.68 33.65 28.67
N LEU C 100 -38.00 33.48 28.56
CA LEU C 100 -38.79 34.11 27.51
C LEU C 100 -40.05 34.56 28.24
N ALA C 101 -40.20 35.86 28.37
CA ALA C 101 -41.36 36.41 29.07
C ALA C 101 -42.68 35.75 28.68
N TYR C 102 -42.93 35.61 27.38
CA TYR C 102 -44.17 34.99 26.91
C TYR C 102 -44.34 33.57 27.47
N ASP C 103 -43.25 32.82 27.49
CA ASP C 103 -43.25 31.46 27.97
C ASP C 103 -43.62 31.42 29.46
N ARG C 104 -43.05 32.32 30.24
CA ARG C 104 -43.30 32.36 31.67
C ARG C 104 -44.72 32.80 32.03
N ILE C 105 -45.22 33.88 31.44
CA ILE C 105 -46.58 34.31 31.78
C ILE C 105 -47.61 33.28 31.32
N LEU C 106 -47.31 32.56 30.24
CA LEU C 106 -48.21 31.54 29.73
C LEU C 106 -48.29 30.37 30.71
N ALA C 107 -47.13 29.78 31.01
CA ALA C 107 -47.08 28.65 31.93
C ALA C 107 -47.58 29.00 33.33
N THR C 108 -47.26 30.20 33.80
CA THR C 108 -47.66 30.61 35.13
C THR C 108 -49.17 30.75 35.25
N LEU C 109 -49.79 31.39 34.26
CA LEU C 109 -51.24 31.57 34.30
C LEU C 109 -51.95 30.22 34.27
N ALA C 110 -51.45 29.31 33.45
CA ALA C 110 -52.04 27.98 33.33
C ALA C 110 -51.94 27.18 34.62
N CYS C 111 -50.78 27.24 35.28
CA CYS C 111 -50.59 26.50 36.53
C CYS C 111 -51.40 27.10 37.68
N ILE C 112 -51.52 28.42 37.70
CA ILE C 112 -52.30 29.11 38.72
C ILE C 112 -53.76 28.68 38.65
N ILE C 113 -54.30 28.63 37.43
CA ILE C 113 -55.69 28.22 37.24
C ILE C 113 -55.88 26.75 37.63
N THR C 114 -54.98 25.89 37.22
CA THR C 114 -55.10 24.48 37.53
C THR C 114 -55.00 24.17 39.02
N LEU C 115 -54.12 24.87 39.74
CA LEU C 115 -54.01 24.65 41.18
C LEU C 115 -55.25 25.21 41.88
N THR C 116 -55.76 26.32 41.36
CA THR C 116 -56.95 26.94 41.92
C THR C 116 -58.16 26.01 41.76
N LEU C 117 -58.27 25.38 40.59
CA LEU C 117 -59.37 24.46 40.34
C LEU C 117 -59.33 23.27 41.29
N TRP C 118 -58.14 22.85 41.70
CA TRP C 118 -58.02 21.72 42.62
C TRP C 118 -57.83 22.14 44.07
N ARG C 119 -58.14 23.40 44.36
CA ARG C 119 -58.04 23.92 45.72
C ARG C 119 -56.76 23.49 46.41
N THR C 120 -55.65 23.55 45.71
CA THR C 120 -54.39 23.17 46.31
C THR C 120 -53.25 24.14 46.00
N GLY C 121 -52.11 23.92 46.62
CA GLY C 121 -50.95 24.78 46.41
C GLY C 121 -51.18 26.27 46.60
N GLU C 122 -51.85 26.65 47.69
CA GLU C 122 -52.13 28.06 47.95
C GLU C 122 -50.92 28.97 47.86
N THR C 123 -49.81 28.53 48.45
CA THR C 123 -48.59 29.32 48.45
C THR C 123 -47.99 29.49 47.06
N GLN C 124 -48.02 28.43 46.26
CA GLN C 124 -47.49 28.51 44.90
C GLN C 124 -48.36 29.45 44.07
N VAL C 125 -49.68 29.33 44.22
CA VAL C 125 -50.58 30.18 43.47
C VAL C 125 -50.30 31.64 43.78
N GLN C 126 -50.17 31.96 45.06
CA GLN C 126 -49.91 33.33 45.45
C GLN C 126 -48.62 33.84 44.84
N LYS C 127 -47.57 33.04 44.89
CA LYS C 127 -46.27 33.43 44.31
C LYS C 127 -46.39 33.57 42.80
N GLY C 128 -47.21 32.71 42.18
CA GLY C 128 -47.40 32.76 40.74
C GLY C 128 -48.12 34.05 40.36
N ILE C 129 -49.12 34.42 41.15
CA ILE C 129 -49.89 35.63 40.92
C ILE C 129 -48.97 36.84 41.01
N GLU C 130 -48.06 36.83 41.98
CA GLU C 130 -47.11 37.93 42.15
C GLU C 130 -46.16 38.03 40.95
N PHE C 131 -45.66 36.89 40.49
CA PHE C 131 -44.77 36.91 39.33
C PHE C 131 -45.53 37.44 38.13
N PHE C 132 -46.73 36.93 37.91
CA PHE C 132 -47.56 37.33 36.78
C PHE C 132 -47.80 38.83 36.73
N ARG C 133 -48.18 39.40 37.87
CA ARG C 133 -48.44 40.84 37.95
C ARG C 133 -47.17 41.65 37.66
N THR C 134 -46.05 41.20 38.19
CA THR C 134 -44.79 41.89 37.96
C THR C 134 -44.37 41.78 36.50
N GLN C 135 -44.53 40.59 35.93
CA GLN C 135 -44.12 40.36 34.54
C GLN C 135 -45.08 40.97 33.51
N ALA C 136 -46.35 41.06 33.87
CA ALA C 136 -47.35 41.61 32.97
C ALA C 136 -47.09 43.09 32.74
N GLY C 137 -46.47 43.74 33.73
CA GLY C 137 -46.19 45.15 33.63
C GLY C 137 -44.95 45.52 32.83
N LYS C 138 -44.14 44.51 32.46
CA LYS C 138 -42.92 44.76 31.70
C LYS C 138 -42.92 44.16 30.30
N MET C 139 -44.10 43.83 29.77
CA MET C 139 -44.20 43.23 28.44
C MET C 139 -43.82 44.18 27.32
N GLU C 140 -44.39 45.37 27.31
CA GLU C 140 -44.06 46.36 26.29
C GLU C 140 -42.65 46.83 26.63
N ASP C 141 -41.75 45.87 26.74
CA ASP C 141 -40.36 46.10 27.07
C ASP C 141 -39.62 44.90 26.46
N GLU C 142 -40.40 44.05 25.81
CA GLU C 142 -39.88 42.85 25.16
C GLU C 142 -40.76 42.47 23.96
N ALA C 143 -41.05 43.48 23.13
CA ALA C 143 -41.88 43.29 21.95
C ALA C 143 -41.09 42.67 20.79
N ASP C 144 -39.77 42.77 20.85
CA ASP C 144 -38.93 42.20 19.80
C ASP C 144 -38.74 40.69 19.98
N SER C 145 -39.35 40.14 21.02
CA SER C 145 -39.27 38.71 21.30
C SER C 145 -40.24 37.97 20.40
N HIS C 146 -39.96 36.71 20.14
CA HIS C 146 -40.83 35.88 19.31
C HIS C 146 -41.99 35.32 20.13
N ARG C 147 -43.18 35.39 19.57
CA ARG C 147 -44.39 34.88 20.23
C ARG C 147 -44.51 33.38 20.05
N PRO C 148 -44.75 32.64 21.15
CA PRO C 148 -44.90 31.18 21.09
C PRO C 148 -46.08 30.87 20.17
N SER C 149 -46.05 29.70 19.52
CA SER C 149 -47.13 29.30 18.63
C SER C 149 -48.50 29.36 19.30
N GLY C 150 -49.43 30.06 18.65
CA GLY C 150 -50.79 30.18 19.15
C GLY C 150 -50.96 30.94 20.45
N PHE C 151 -49.97 31.75 20.81
CA PHE C 151 -50.04 32.53 22.03
C PHE C 151 -51.23 33.49 22.07
N GLU C 152 -51.43 34.19 20.95
CA GLU C 152 -52.52 35.15 20.84
C GLU C 152 -53.86 34.45 20.98
N ILE C 153 -53.86 33.13 20.89
CA ILE C 153 -55.10 32.40 21.02
C ILE C 153 -55.32 31.75 22.39
N VAL C 154 -54.29 31.14 22.95
CA VAL C 154 -54.46 30.48 24.25
C VAL C 154 -54.31 31.34 25.49
N PHE C 155 -53.53 32.40 25.38
CA PHE C 155 -53.33 33.28 26.54
C PHE C 155 -54.55 34.11 26.93
N PRO C 156 -55.21 34.77 25.97
CA PRO C 156 -56.38 35.58 26.35
C PRO C 156 -57.53 34.68 26.81
N ALA C 157 -57.56 33.46 26.28
CA ALA C 157 -58.59 32.50 26.65
C ALA C 157 -58.49 32.17 28.15
N MET C 158 -57.28 31.93 28.62
CA MET C 158 -57.11 31.63 30.04
C MET C 158 -57.36 32.87 30.86
N LEU C 159 -57.08 34.05 30.29
CA LEU C 159 -57.32 35.30 31.01
C LEU C 159 -58.80 35.42 31.34
N LYS C 160 -59.64 35.03 30.38
CA LYS C 160 -61.09 35.08 30.58
C LYS C 160 -61.51 34.04 31.60
N GLU C 161 -60.82 32.89 31.62
CA GLU C 161 -61.15 31.86 32.61
C GLU C 161 -60.83 32.39 34.00
N ALA C 162 -59.63 32.97 34.14
CA ALA C 162 -59.16 33.48 35.42
C ALA C 162 -60.05 34.58 36.00
N LYS C 163 -60.62 35.40 35.13
CA LYS C 163 -61.49 36.47 35.58
C LYS C 163 -62.73 35.85 36.24
N ILE C 164 -63.25 34.79 35.63
CA ILE C 164 -64.42 34.07 36.14
C ILE C 164 -64.09 33.41 37.49
N LEU C 165 -62.84 32.97 37.64
CA LEU C 165 -62.39 32.33 38.86
C LEU C 165 -62.06 33.38 39.92
N GLY C 166 -62.21 34.65 39.55
CA GLY C 166 -61.94 35.73 40.47
C GLY C 166 -60.48 35.97 40.82
N LEU C 167 -59.56 35.51 39.97
CA LEU C 167 -58.14 35.71 40.23
C LEU C 167 -57.77 37.19 40.12
N ASP C 168 -57.00 37.68 41.10
CA ASP C 168 -56.59 39.08 41.12
C ASP C 168 -55.40 39.36 40.21
N LEU C 169 -55.69 39.53 38.93
CA LEU C 169 -54.68 39.81 37.91
C LEU C 169 -54.90 41.26 37.43
N PRO C 170 -53.85 41.91 36.94
CA PRO C 170 -53.95 43.30 36.45
C PRO C 170 -54.64 43.40 35.08
N TYR C 171 -55.85 42.88 34.99
CA TYR C 171 -56.62 42.89 33.75
C TYR C 171 -56.64 44.21 32.97
N ASP C 172 -56.65 45.34 33.68
CA ASP C 172 -56.69 46.63 33.01
C ASP C 172 -55.40 47.11 32.36
N LEU C 173 -54.29 46.41 32.62
CA LEU C 173 -53.04 46.79 31.99
C LEU C 173 -53.27 46.67 30.48
N PRO C 174 -52.93 47.72 29.71
CA PRO C 174 -53.11 47.71 28.26
C PRO C 174 -52.76 46.38 27.60
N PHE C 175 -51.51 45.94 27.77
CA PHE C 175 -51.05 44.68 27.20
C PHE C 175 -52.08 43.56 27.35
N LEU C 176 -52.52 43.32 28.57
CA LEU C 176 -53.49 42.27 28.84
C LEU C 176 -54.88 42.64 28.33
N LYS C 177 -55.24 43.91 28.45
CA LYS C 177 -56.55 44.35 28.00
C LYS C 177 -56.68 44.23 26.48
N GLN C 178 -55.66 44.71 25.77
CA GLN C 178 -55.66 44.67 24.30
C GLN C 178 -55.53 43.27 23.69
N ILE C 179 -54.75 42.39 24.30
CA ILE C 179 -54.59 41.06 23.73
C ILE C 179 -55.92 40.29 23.72
N ILE C 180 -56.77 40.54 24.72
CA ILE C 180 -58.06 39.89 24.79
C ILE C 180 -58.91 40.33 23.60
N GLU C 181 -58.95 41.64 23.38
CA GLU C 181 -59.72 42.21 22.28
C GLU C 181 -59.17 41.72 20.95
N LYS C 182 -57.85 41.70 20.85
CA LYS C 182 -57.17 41.26 19.64
C LYS C 182 -57.61 39.84 19.29
N ARG C 183 -57.75 38.99 20.31
CA ARG C 183 -58.17 37.62 20.10
C ARG C 183 -59.62 37.56 19.66
N GLU C 184 -60.46 38.40 20.25
CA GLU C 184 -61.88 38.43 19.90
C GLU C 184 -62.04 38.75 18.42
N ALA C 185 -61.18 39.62 17.92
CA ALA C 185 -61.22 40.00 16.51
C ALA C 185 -60.78 38.83 15.62
N LYS C 186 -59.70 38.15 16.00
CA LYS C 186 -59.22 37.03 15.19
C LYS C 186 -60.19 35.84 15.16
N LEU C 187 -60.91 35.63 16.26
CA LEU C 187 -61.86 34.53 16.33
C LEU C 187 -62.99 34.63 15.31
N LYS C 188 -63.26 35.85 14.83
CA LYS C 188 -64.32 36.08 13.86
C LYS C 188 -63.76 35.92 12.44
N ARG C 189 -62.52 36.37 12.27
CA ARG C 189 -61.83 36.30 10.99
C ARG C 189 -61.46 34.86 10.62
N ILE C 190 -61.53 33.96 11.58
CA ILE C 190 -61.19 32.56 11.32
C ILE C 190 -62.20 31.87 10.41
N PRO C 191 -61.72 31.29 9.30
CA PRO C 191 -62.54 30.58 8.31
C PRO C 191 -62.98 29.18 8.75
N THR C 192 -64.28 29.04 8.99
CA THR C 192 -64.88 27.78 9.43
C THR C 192 -64.63 26.59 8.50
N ASP C 193 -64.86 26.79 7.21
CA ASP C 193 -64.67 25.74 6.22
C ASP C 193 -63.30 25.10 6.42
N VAL C 194 -62.25 25.93 6.39
CA VAL C 194 -60.89 25.46 6.56
C VAL C 194 -60.67 24.74 7.90
N LEU C 195 -61.15 25.35 8.98
CA LEU C 195 -60.97 24.75 10.31
C LEU C 195 -61.55 23.34 10.39
N TYR C 196 -62.52 23.03 9.55
CA TYR C 196 -63.16 21.72 9.61
C TYR C 196 -62.88 20.73 8.49
N ALA C 197 -62.57 21.25 7.31
CA ALA C 197 -62.29 20.39 6.15
C ALA C 197 -61.16 19.40 6.37
N LEU C 198 -59.98 19.92 6.72
CA LEU C 198 -58.80 19.09 6.95
C LEU C 198 -58.02 19.51 8.19
N PRO C 199 -57.17 18.60 8.71
CA PRO C 199 -56.38 18.92 9.90
C PRO C 199 -55.48 20.11 9.57
N THR C 200 -55.45 21.10 10.47
CA THR C 200 -54.61 22.29 10.26
C THR C 200 -53.95 22.66 11.57
N THR C 201 -52.98 23.57 11.52
CA THR C 201 -52.25 23.96 12.73
C THR C 201 -53.11 24.62 13.79
N LEU C 202 -54.34 24.98 13.44
CA LEU C 202 -55.22 25.60 14.44
C LEU C 202 -55.52 24.57 15.52
N LEU C 203 -55.59 23.29 15.11
CA LEU C 203 -55.88 22.19 16.02
C LEU C 203 -54.84 22.03 17.12
N TYR C 204 -53.70 22.68 16.94
CA TYR C 204 -52.62 22.61 17.92
C TYR C 204 -52.96 23.46 19.14
N SER C 205 -53.93 24.36 18.97
CA SER C 205 -54.34 25.24 20.04
C SER C 205 -55.83 25.18 20.41
N LEU C 206 -56.41 23.98 20.39
CA LEU C 206 -57.83 23.82 20.72
C LEU C 206 -58.21 24.24 22.13
N GLU C 207 -57.27 24.15 23.06
CA GLU C 207 -57.55 24.55 24.43
C GLU C 207 -57.90 26.04 24.48
N GLY C 208 -57.60 26.75 23.40
CA GLY C 208 -57.90 28.17 23.35
C GLY C 208 -59.03 28.53 22.41
N LEU C 209 -59.74 27.52 21.92
CA LEU C 209 -60.86 27.73 21.00
C LEU C 209 -62.10 26.98 21.48
N GLN C 210 -62.09 26.60 22.75
CA GLN C 210 -63.18 25.84 23.34
C GLN C 210 -64.60 26.39 23.23
N GLU C 211 -64.74 27.71 23.13
CA GLU C 211 -66.08 28.29 23.05
C GLU C 211 -66.53 28.64 21.64
N ILE C 212 -65.71 28.31 20.64
CA ILE C 212 -66.07 28.64 19.27
C ILE C 212 -66.03 27.47 18.30
N VAL C 213 -65.68 26.28 18.77
CA VAL C 213 -65.57 25.14 17.89
C VAL C 213 -66.71 24.11 18.00
N ASP C 214 -66.99 23.43 16.88
CA ASP C 214 -68.01 22.38 16.80
C ASP C 214 -67.29 21.07 17.08
N TRP C 215 -67.37 20.60 18.32
CA TRP C 215 -66.67 19.38 18.71
C TRP C 215 -66.90 18.17 17.81
N GLN C 216 -68.11 18.02 17.30
CA GLN C 216 -68.42 16.88 16.44
C GLN C 216 -67.54 16.89 15.19
N LYS C 217 -67.47 18.03 14.53
CA LYS C 217 -66.65 18.14 13.32
C LYS C 217 -65.17 17.98 13.64
N ILE C 218 -64.74 18.47 14.81
CA ILE C 218 -63.34 18.37 15.22
C ILE C 218 -62.90 16.93 15.47
N MET C 219 -63.80 16.12 16.02
CA MET C 219 -63.47 14.71 16.31
C MET C 219 -62.96 13.99 15.07
N LYS C 220 -63.40 14.44 13.90
CA LYS C 220 -63.02 13.83 12.62
C LYS C 220 -61.57 14.10 12.23
N LEU C 221 -60.95 15.09 12.86
CA LEU C 221 -59.58 15.44 12.53
C LEU C 221 -58.56 14.89 13.52
N GLN C 222 -59.00 13.94 14.35
CA GLN C 222 -58.13 13.34 15.34
C GLN C 222 -57.00 12.56 14.69
N SER C 223 -55.83 12.55 15.33
CA SER C 223 -54.69 11.82 14.79
C SER C 223 -54.87 10.32 15.00
N LYS C 224 -54.04 9.52 14.35
CA LYS C 224 -54.11 8.08 14.48
C LYS C 224 -53.82 7.71 15.93
N ASP C 225 -52.94 8.47 16.59
CA ASP C 225 -52.60 8.17 17.98
C ASP C 225 -53.55 8.79 18.99
N GLY C 226 -54.59 9.47 18.51
CA GLY C 226 -55.56 10.05 19.41
C GLY C 226 -55.32 11.49 19.79
N SER C 227 -54.13 12.01 19.46
CA SER C 227 -53.84 13.39 19.79
C SER C 227 -54.50 14.29 18.76
N PHE C 228 -54.43 15.58 19.03
CA PHE C 228 -54.94 16.58 18.13
C PHE C 228 -53.71 17.42 17.82
N LEU C 229 -53.16 17.19 16.63
CA LEU C 229 -51.95 17.86 16.15
C LEU C 229 -50.78 17.64 17.12
N SER C 230 -50.76 16.47 17.75
CA SER C 230 -49.73 16.04 18.71
C SER C 230 -49.57 16.88 19.98
N SER C 231 -50.52 17.77 20.25
CA SER C 231 -50.43 18.62 21.42
C SER C 231 -51.19 18.08 22.63
N PRO C 232 -50.48 17.84 23.75
CA PRO C 232 -51.17 17.30 24.94
C PRO C 232 -52.24 18.25 25.47
N ALA C 233 -51.92 19.54 25.58
CA ALA C 233 -52.89 20.50 26.08
C ALA C 233 -54.16 20.43 25.26
N SER C 234 -54.03 20.58 23.95
CA SER C 234 -55.16 20.54 23.04
C SER C 234 -55.95 19.23 23.21
N THR C 235 -55.22 18.13 23.31
CA THR C 235 -55.87 16.83 23.49
C THR C 235 -56.60 16.76 24.83
N ALA C 236 -56.02 17.39 25.86
CA ALA C 236 -56.66 17.38 27.17
C ALA C 236 -58.00 18.13 27.09
N ALA C 237 -58.00 19.30 26.46
CA ALA C 237 -59.21 20.11 26.33
C ALA C 237 -60.31 19.34 25.58
N VAL C 238 -59.95 18.71 24.47
CA VAL C 238 -60.94 17.96 23.72
C VAL C 238 -61.52 16.85 24.60
N PHE C 239 -60.68 16.09 25.28
CA PHE C 239 -61.16 15.01 26.14
C PHE C 239 -62.14 15.52 27.20
N MET C 240 -61.75 16.55 27.93
CA MET C 240 -62.62 17.09 28.96
C MET C 240 -63.96 17.53 28.39
N ARG C 241 -63.99 17.86 27.11
CA ARG C 241 -65.23 18.29 26.45
C ARG C 241 -65.92 17.16 25.69
N THR C 242 -65.21 16.05 25.46
CA THR C 242 -65.75 14.94 24.69
C THR C 242 -65.76 13.57 25.36
N GLY C 243 -64.76 13.31 26.19
CA GLY C 243 -64.70 12.01 26.84
C GLY C 243 -64.14 10.97 25.90
N ASN C 244 -63.80 11.40 24.68
CA ASN C 244 -63.24 10.50 23.67
C ASN C 244 -62.10 9.68 24.26
N LYS C 245 -62.24 8.36 24.22
CA LYS C 245 -61.24 7.46 24.79
C LYS C 245 -59.84 7.52 24.18
N LYS C 246 -59.73 7.78 22.88
CA LYS C 246 -58.43 7.82 22.26
C LYS C 246 -57.58 9.01 22.71
N CYS C 247 -58.23 10.13 23.03
CA CYS C 247 -57.49 11.29 23.52
C CYS C 247 -56.73 10.83 24.75
N LEU C 248 -57.43 10.10 25.62
CA LEU C 248 -56.83 9.60 26.85
C LEU C 248 -55.70 8.65 26.52
N ASP C 249 -55.93 7.75 25.57
CA ASP C 249 -54.90 6.80 25.16
C ASP C 249 -53.61 7.54 24.77
N PHE C 250 -53.74 8.64 24.05
CA PHE C 250 -52.58 9.42 23.65
C PHE C 250 -51.88 10.01 24.87
N LEU C 251 -52.67 10.53 25.80
CA LEU C 251 -52.13 11.12 27.01
C LEU C 251 -51.40 10.08 27.85
N ASN C 252 -51.97 8.89 28.01
CA ASN C 252 -51.29 7.83 28.77
C ASN C 252 -50.01 7.46 28.02
N PHE C 253 -50.07 7.56 26.69
CA PHE C 253 -48.90 7.24 25.88
C PHE C 253 -47.79 8.22 26.20
N VAL C 254 -48.13 9.51 26.22
CA VAL C 254 -47.12 10.52 26.52
C VAL C 254 -46.59 10.32 27.94
N LEU C 255 -47.49 10.12 28.89
CA LEU C 255 -47.11 9.93 30.29
C LEU C 255 -46.30 8.66 30.54
N LYS C 256 -46.44 7.68 29.65
CA LYS C 256 -45.68 6.45 29.81
C LYS C 256 -44.20 6.75 29.61
N LYS C 257 -43.92 7.72 28.75
CA LYS C 257 -42.55 8.11 28.44
C LYS C 257 -41.98 9.07 29.49
N PHE C 258 -42.79 10.04 29.90
CA PHE C 258 -42.31 11.05 30.84
C PHE C 258 -42.67 10.92 32.31
N GLY C 259 -43.65 10.07 32.62
CA GLY C 259 -44.02 9.84 34.00
C GLY C 259 -45.03 10.74 34.70
N ASN C 260 -44.61 11.96 35.04
CA ASN C 260 -45.47 12.90 35.76
C ASN C 260 -45.61 14.27 35.09
N HIS C 261 -45.32 14.35 33.81
CA HIS C 261 -45.42 15.61 33.07
C HIS C 261 -45.38 15.32 31.58
N VAL C 262 -45.74 16.33 30.78
CA VAL C 262 -45.76 16.17 29.34
C VAL C 262 -45.09 17.34 28.62
N PRO C 263 -44.64 17.11 27.37
CA PRO C 263 -43.99 18.16 26.57
C PRO C 263 -45.11 18.93 25.85
N CYS C 264 -44.77 19.84 24.93
CA CYS C 264 -45.80 20.61 24.22
C CYS C 264 -46.22 20.01 22.88
N HIS C 265 -45.64 18.85 22.56
CA HIS C 265 -45.96 18.12 21.34
C HIS C 265 -45.17 16.82 21.39
N TYR C 266 -45.80 15.73 20.96
CA TYR C 266 -45.16 14.43 21.01
C TYR C 266 -45.98 13.48 20.14
N PRO C 267 -45.32 12.48 19.53
CA PRO C 267 -43.87 12.24 19.64
C PRO C 267 -43.08 13.12 18.68
N LEU C 268 -41.76 12.94 18.69
CA LEU C 268 -40.86 13.71 17.84
C LEU C 268 -39.83 12.79 17.17
N ASP C 269 -40.25 11.57 16.86
CA ASP C 269 -39.37 10.60 16.25
C ASP C 269 -38.76 10.94 14.89
N LEU C 270 -39.52 11.55 13.99
CA LEU C 270 -38.93 11.87 12.68
C LEU C 270 -38.04 13.13 12.79
N PHE C 271 -38.54 14.13 13.49
CA PHE C 271 -37.83 15.38 13.69
C PHE C 271 -36.46 15.13 14.33
N GLU C 272 -36.46 14.41 15.44
CA GLU C 272 -35.24 14.12 16.16
C GLU C 272 -34.19 13.37 15.35
N ARG C 273 -34.59 12.28 14.72
CA ARG C 273 -33.62 11.49 13.96
C ARG C 273 -33.06 12.22 12.75
N LEU C 274 -33.90 12.96 12.04
CA LEU C 274 -33.43 13.67 10.85
C LEU C 274 -32.48 14.80 11.23
N TRP C 275 -32.81 15.55 12.28
CA TRP C 275 -31.94 16.66 12.69
C TRP C 275 -30.65 16.18 13.34
N ALA C 276 -30.70 15.05 14.03
CA ALA C 276 -29.48 14.54 14.66
C ALA C 276 -28.53 14.15 13.53
N VAL C 277 -29.06 13.45 12.52
CA VAL C 277 -28.27 13.02 11.38
C VAL C 277 -27.73 14.23 10.61
N ASP C 278 -28.62 15.16 10.29
CA ASP C 278 -28.24 16.36 9.54
C ASP C 278 -27.15 17.11 10.29
N THR C 279 -27.31 17.17 11.60
CA THR C 279 -26.35 17.86 12.45
C THR C 279 -24.96 17.24 12.38
N VAL C 280 -24.83 15.93 12.58
CA VAL C 280 -23.49 15.32 12.52
C VAL C 280 -22.87 15.39 11.13
N GLU C 281 -23.70 15.42 10.09
CA GLU C 281 -23.16 15.52 8.75
C GLU C 281 -22.69 16.95 8.48
N ARG C 282 -23.46 17.94 8.91
CA ARG C 282 -23.08 19.35 8.67
C ARG C 282 -21.82 19.71 9.43
N LEU C 283 -21.66 19.16 10.62
CA LEU C 283 -20.49 19.42 11.43
C LEU C 283 -19.29 18.64 10.91
N GLY C 284 -19.54 17.75 9.95
CA GLY C 284 -18.46 16.97 9.37
C GLY C 284 -17.92 15.78 10.15
N ILE C 285 -18.66 15.30 11.15
CA ILE C 285 -18.23 14.17 11.97
C ILE C 285 -19.02 12.89 11.71
N ASP C 286 -19.88 12.90 10.70
CA ASP C 286 -20.71 11.74 10.37
C ASP C 286 -20.01 10.42 10.05
N ARG C 287 -18.76 10.44 9.62
CA ARG C 287 -18.09 9.19 9.28
C ARG C 287 -17.93 8.24 10.47
N HIS C 288 -18.06 8.77 11.69
CA HIS C 288 -17.92 7.96 12.89
C HIS C 288 -19.21 7.28 13.32
N PHE C 289 -20.32 7.58 12.64
CA PHE C 289 -21.59 7.01 13.03
C PHE C 289 -22.38 6.39 11.89
N LYS C 290 -21.69 5.79 10.94
CA LYS C 290 -22.36 5.21 9.77
C LYS C 290 -23.46 4.22 10.08
N GLU C 291 -23.22 3.32 11.03
CA GLU C 291 -24.23 2.31 11.39
C GLU C 291 -25.43 2.96 12.07
N GLU C 292 -25.17 3.86 13.00
CA GLU C 292 -26.23 4.54 13.74
C GLU C 292 -27.04 5.39 12.77
N ILE C 293 -26.38 6.04 11.82
CA ILE C 293 -27.09 6.87 10.86
C ILE C 293 -27.98 6.01 9.97
N LYS C 294 -27.51 4.82 9.60
CA LYS C 294 -28.30 3.92 8.77
C LYS C 294 -29.55 3.49 9.49
N GLU C 295 -29.38 3.08 10.75
CA GLU C 295 -30.50 2.62 11.55
C GLU C 295 -31.55 3.74 11.68
N ALA C 296 -31.07 4.95 11.96
CA ALA C 296 -31.94 6.11 12.11
C ALA C 296 -32.71 6.42 10.83
N LEU C 297 -32.01 6.39 9.70
CA LEU C 297 -32.63 6.67 8.42
C LEU C 297 -33.56 5.54 7.98
N ASP C 298 -33.22 4.29 8.30
CA ASP C 298 -34.09 3.18 7.95
C ASP C 298 -35.42 3.43 8.66
N TYR C 299 -35.33 3.94 9.90
CA TYR C 299 -36.53 4.23 10.67
C TYR C 299 -37.38 5.28 9.97
N VAL C 300 -36.79 6.43 9.68
CA VAL C 300 -37.55 7.48 9.00
C VAL C 300 -38.17 7.02 7.69
N TYR C 301 -37.41 6.26 6.91
CA TYR C 301 -37.91 5.76 5.63
C TYR C 301 -39.12 4.82 5.77
N SER C 302 -39.12 3.97 6.80
CA SER C 302 -40.24 3.05 6.98
C SER C 302 -41.51 3.82 7.31
N HIS C 303 -41.36 5.10 7.63
CA HIS C 303 -42.49 5.95 7.96
C HIS C 303 -42.72 7.02 6.90
N TRP C 304 -41.93 6.97 5.82
CA TRP C 304 -42.05 7.93 4.72
C TRP C 304 -43.42 7.82 4.04
N ASP C 305 -43.95 8.96 3.61
CA ASP C 305 -45.25 9.03 2.97
C ASP C 305 -45.11 9.87 1.70
N GLU C 306 -45.73 9.43 0.61
CA GLU C 306 -45.62 10.17 -0.64
C GLU C 306 -46.23 11.58 -0.62
N ARG C 307 -46.97 11.93 0.43
CA ARG C 307 -47.55 13.26 0.54
C ARG C 307 -46.61 14.16 1.36
N GLY C 308 -45.56 13.56 1.92
CA GLY C 308 -44.63 14.31 2.75
C GLY C 308 -44.80 13.82 4.17
N ILE C 309 -43.95 14.28 5.08
CA ILE C 309 -44.03 13.85 6.46
C ILE C 309 -44.06 14.99 7.45
N GLY C 310 -44.42 14.66 8.69
CA GLY C 310 -44.45 15.64 9.74
C GLY C 310 -43.31 15.34 10.71
N TRP C 311 -43.38 15.85 11.94
CA TRP C 311 -42.32 15.63 12.92
C TRP C 311 -42.44 14.29 13.61
N ALA C 312 -43.60 13.66 13.50
CA ALA C 312 -43.86 12.37 14.13
C ALA C 312 -44.41 11.35 13.14
N ARG C 313 -44.16 10.08 13.44
CA ARG C 313 -44.65 8.98 12.62
C ARG C 313 -46.15 9.12 12.41
N GLU C 314 -46.57 9.07 11.15
CA GLU C 314 -47.97 9.16 10.79
C GLU C 314 -48.59 10.41 11.41
N ASN C 315 -47.89 11.53 11.32
CA ASN C 315 -48.40 12.78 11.87
C ASN C 315 -49.68 13.14 11.09
N PRO C 316 -50.59 13.89 11.72
CA PRO C 316 -51.85 14.30 11.08
C PRO C 316 -51.62 15.10 9.80
N VAL C 317 -50.64 16.00 9.84
CA VAL C 317 -50.33 16.85 8.68
C VAL C 317 -48.83 16.93 8.51
N PRO C 318 -48.36 16.88 7.25
CA PRO C 318 -46.92 16.96 7.01
C PRO C 318 -46.47 18.42 7.01
N ASP C 319 -45.16 18.64 7.15
CA ASP C 319 -44.64 20.01 7.09
C ASP C 319 -43.44 20.02 6.16
N ILE C 320 -43.28 21.11 5.44
CA ILE C 320 -42.20 21.25 4.48
C ILE C 320 -40.79 21.16 5.05
N ASP C 321 -40.63 21.50 6.32
CA ASP C 321 -39.30 21.45 6.93
C ASP C 321 -38.86 19.99 7.11
N ASP C 322 -39.67 19.20 7.81
CA ASP C 322 -39.34 17.79 8.00
C ASP C 322 -39.26 17.09 6.65
N THR C 323 -40.17 17.46 5.73
CA THR C 323 -40.20 16.84 4.41
C THR C 323 -38.96 17.18 3.58
N ALA C 324 -38.63 18.46 3.51
CA ALA C 324 -37.45 18.87 2.77
C ALA C 324 -36.21 18.17 3.34
N MET C 325 -36.07 18.17 4.65
CA MET C 325 -34.92 17.53 5.30
C MET C 325 -34.88 16.05 4.95
N GLY C 326 -36.00 15.36 5.16
CA GLY C 326 -36.05 13.94 4.86
C GLY C 326 -35.78 13.67 3.39
N LEU C 327 -36.36 14.47 2.51
CA LEU C 327 -36.16 14.27 1.09
C LEU C 327 -34.69 14.34 0.71
N ARG C 328 -34.01 15.41 1.15
CA ARG C 328 -32.59 15.55 0.81
C ARG C 328 -31.71 14.46 1.42
N ILE C 329 -31.80 14.28 2.74
CA ILE C 329 -31.00 13.29 3.42
C ILE C 329 -31.26 11.86 2.92
N LEU C 330 -32.52 11.47 2.81
CA LEU C 330 -32.87 10.13 2.34
C LEU C 330 -32.45 9.94 0.89
N ARG C 331 -32.58 10.97 0.08
CA ARG C 331 -32.14 10.88 -1.30
C ARG C 331 -30.63 10.67 -1.37
N LEU C 332 -29.87 11.47 -0.62
CA LEU C 332 -28.42 11.37 -0.62
C LEU C 332 -27.93 10.03 -0.09
N HIS C 333 -28.75 9.38 0.72
CA HIS C 333 -28.38 8.08 1.27
C HIS C 333 -28.94 6.91 0.48
N GLY C 334 -29.30 7.16 -0.77
CA GLY C 334 -29.77 6.11 -1.66
C GLY C 334 -31.17 5.54 -1.49
N TYR C 335 -32.03 6.20 -0.73
CA TYR C 335 -33.40 5.71 -0.55
C TYR C 335 -34.27 6.14 -1.72
N ASN C 336 -35.31 5.38 -2.00
CA ASN C 336 -36.21 5.73 -3.09
C ASN C 336 -37.26 6.74 -2.65
N VAL C 337 -36.92 8.01 -2.75
CA VAL C 337 -37.84 9.08 -2.38
C VAL C 337 -38.03 9.97 -3.59
N SER C 338 -39.18 10.64 -3.66
CA SER C 338 -39.46 11.50 -4.78
C SER C 338 -39.65 12.95 -4.40
N SER C 339 -39.28 13.83 -5.33
CA SER C 339 -39.44 15.26 -5.10
C SER C 339 -40.92 15.63 -5.15
N ASP C 340 -41.77 14.68 -5.55
CA ASP C 340 -43.21 14.92 -5.60
C ASP C 340 -43.77 15.34 -4.26
N VAL C 341 -43.10 14.96 -3.18
CA VAL C 341 -43.56 15.34 -1.84
C VAL C 341 -43.67 16.85 -1.70
N LEU C 342 -42.83 17.59 -2.39
CA LEU C 342 -42.87 19.04 -2.32
C LEU C 342 -44.14 19.65 -2.90
N LYS C 343 -44.82 18.91 -3.78
CA LYS C 343 -46.04 19.42 -4.42
C LYS C 343 -47.12 19.84 -3.44
N THR C 344 -47.13 19.22 -2.27
CA THR C 344 -48.13 19.54 -1.26
C THR C 344 -48.02 20.95 -0.71
N PHE C 345 -46.84 21.53 -0.77
CA PHE C 345 -46.62 22.85 -0.21
C PHE C 345 -46.57 24.01 -1.19
N ARG C 346 -46.70 23.71 -2.46
CA ARG C 346 -46.66 24.73 -3.49
C ARG C 346 -48.06 25.32 -3.69
N ASP C 347 -48.15 26.64 -3.79
CA ASP C 347 -49.44 27.30 -4.01
C ASP C 347 -49.55 27.57 -5.50
N GLU C 348 -50.71 28.02 -5.95
CA GLU C 348 -50.95 28.30 -7.36
C GLU C 348 -49.90 29.16 -8.08
N ASN C 349 -49.25 30.07 -7.37
CA ASN C 349 -48.27 30.95 -8.00
C ASN C 349 -46.82 30.52 -7.88
N GLY C 350 -46.58 29.34 -7.32
CA GLY C 350 -45.21 28.87 -7.18
C GLY C 350 -44.48 29.27 -5.91
N GLU C 351 -45.23 29.61 -4.86
CA GLU C 351 -44.64 29.96 -3.57
C GLU C 351 -44.82 28.74 -2.68
N PHE C 352 -43.86 28.48 -1.81
CA PHE C 352 -43.97 27.33 -0.92
C PHE C 352 -44.12 27.75 0.54
N PHE C 353 -44.98 27.03 1.25
CA PHE C 353 -45.23 27.33 2.63
C PHE C 353 -45.01 26.10 3.50
N CYS C 354 -44.84 26.33 4.80
CA CYS C 354 -44.58 25.23 5.72
C CYS C 354 -45.72 24.20 5.78
N PHE C 355 -46.96 24.68 5.64
CA PHE C 355 -48.12 23.78 5.67
C PHE C 355 -49.07 24.07 4.52
N LEU C 356 -49.76 23.03 4.08
CA LEU C 356 -50.73 23.14 2.99
C LEU C 356 -51.90 24.04 3.40
N GLY C 357 -52.24 25.01 2.56
CA GLY C 357 -53.36 25.88 2.86
C GLY C 357 -53.13 27.05 3.80
N GLN C 358 -51.90 27.25 4.25
CA GLN C 358 -51.59 28.37 5.13
C GLN C 358 -50.41 29.13 4.52
N THR C 359 -50.28 30.40 4.87
CA THR C 359 -49.20 31.22 4.33
C THR C 359 -48.02 31.37 5.29
N GLN C 360 -48.03 30.59 6.37
CA GLN C 360 -46.96 30.64 7.34
C GLN C 360 -45.67 29.98 6.82
N ARG C 361 -44.54 30.59 7.15
CA ARG C 361 -43.24 30.06 6.75
C ARG C 361 -42.19 30.92 7.42
N GLY C 362 -40.96 30.41 7.49
CA GLY C 362 -39.89 31.15 8.13
C GLY C 362 -38.53 30.84 7.55
N VAL C 363 -37.53 31.64 7.94
CA VAL C 363 -36.18 31.48 7.46
C VAL C 363 -35.62 30.08 7.60
N THR C 364 -35.72 29.50 8.81
CA THR C 364 -35.19 28.17 9.03
C THR C 364 -35.78 27.12 8.08
N ASP C 365 -37.10 27.08 7.95
CA ASP C 365 -37.69 26.09 7.04
C ASP C 365 -37.36 26.42 5.57
N MET C 366 -37.45 27.69 5.19
CA MET C 366 -37.13 28.04 3.81
C MET C 366 -35.66 27.71 3.52
N LEU C 367 -34.81 27.80 4.54
CA LEU C 367 -33.39 27.46 4.32
C LEU C 367 -33.28 25.96 4.03
N ASN C 368 -33.93 25.13 4.84
CA ASN C 368 -33.86 23.69 4.60
C ASN C 368 -34.46 23.27 3.26
N VAL C 369 -35.47 24.01 2.80
CA VAL C 369 -36.09 23.72 1.52
C VAL C 369 -35.09 24.09 0.46
N ASN C 370 -34.38 25.20 0.68
CA ASN C 370 -33.38 25.66 -0.27
C ASN C 370 -32.26 24.63 -0.40
N ARG C 371 -31.72 24.17 0.73
CA ARG C 371 -30.64 23.18 0.69
C ARG C 371 -31.12 21.95 -0.09
N CYS C 372 -32.36 21.56 0.15
CA CYS C 372 -32.96 20.42 -0.55
C CYS C 372 -33.19 20.67 -2.05
N SER C 373 -33.65 21.85 -2.42
CA SER C 373 -33.91 22.14 -3.84
C SER C 373 -32.70 22.00 -4.73
N HIS C 374 -31.49 22.11 -4.19
CA HIS C 374 -30.29 22.00 -5.02
C HIS C 374 -29.89 20.56 -5.38
N VAL C 375 -30.39 19.57 -4.65
CA VAL C 375 -30.04 18.18 -4.95
C VAL C 375 -31.11 17.57 -5.86
N SER C 376 -31.30 18.21 -7.01
CA SER C 376 -32.31 17.82 -7.99
C SER C 376 -31.84 16.93 -9.11
N PHE C 377 -32.80 16.20 -9.68
CA PHE C 377 -32.56 15.31 -10.80
C PHE C 377 -33.22 15.95 -12.02
N PRO C 378 -32.71 15.65 -13.22
CA PRO C 378 -33.29 16.23 -14.44
C PRO C 378 -34.78 15.98 -14.53
N GLY C 379 -35.52 17.00 -14.95
CA GLY C 379 -36.95 16.87 -15.08
C GLY C 379 -37.73 17.22 -13.82
N GLU C 380 -37.03 17.52 -12.72
CA GLU C 380 -37.72 17.86 -11.48
C GLU C 380 -38.04 19.36 -11.39
N THR C 381 -39.06 19.77 -12.14
CA THR C 381 -39.52 21.16 -12.20
C THR C 381 -39.79 21.73 -10.80
N ILE C 382 -40.43 20.93 -9.96
CA ILE C 382 -40.77 21.34 -8.60
C ILE C 382 -39.54 21.81 -7.81
N MET C 383 -38.40 21.16 -8.01
CA MET C 383 -37.19 21.52 -7.29
C MET C 383 -36.63 22.86 -7.76
N GLU C 384 -36.78 23.18 -9.03
CA GLU C 384 -36.27 24.47 -9.51
C GLU C 384 -37.19 25.57 -8.99
N GLU C 385 -38.48 25.28 -8.89
CA GLU C 385 -39.43 26.29 -8.37
C GLU C 385 -39.14 26.52 -6.88
N ALA C 386 -38.80 25.46 -6.16
CA ALA C 386 -38.50 25.57 -4.74
C ALA C 386 -37.23 26.39 -4.55
N LYS C 387 -36.26 26.19 -5.46
CA LYS C 387 -35.00 26.93 -5.38
C LYS C 387 -35.23 28.43 -5.64
N LEU C 388 -36.06 28.74 -6.63
CA LEU C 388 -36.35 30.13 -6.95
C LEU C 388 -37.03 30.84 -5.80
N CYS C 389 -38.10 30.22 -5.29
CA CYS C 389 -38.88 30.77 -4.19
C CYS C 389 -38.04 30.97 -2.92
N THR C 390 -37.34 29.93 -2.47
CA THR C 390 -36.55 30.05 -1.26
C THR C 390 -35.45 31.09 -1.41
N GLU C 391 -34.87 31.18 -2.60
CA GLU C 391 -33.79 32.13 -2.83
C GLU C 391 -34.28 33.57 -2.69
N ARG C 392 -35.44 33.88 -3.28
CA ARG C 392 -35.98 35.24 -3.16
C ARG C 392 -36.31 35.53 -1.70
N TYR C 393 -36.98 34.59 -1.05
CA TYR C 393 -37.37 34.78 0.34
C TYR C 393 -36.14 34.91 1.27
N LEU C 394 -35.10 34.13 1.01
CA LEU C 394 -33.92 34.20 1.87
C LEU C 394 -33.12 35.48 1.70
N ARG C 395 -32.91 35.91 0.47
CA ARG C 395 -32.17 37.14 0.23
C ARG C 395 -32.94 38.34 0.77
N ASN C 396 -34.26 38.28 0.73
CA ASN C 396 -35.07 39.38 1.24
C ASN C 396 -34.98 39.40 2.76
N ALA C 397 -34.93 38.22 3.38
CA ALA C 397 -34.84 38.11 4.83
C ALA C 397 -33.49 38.60 5.35
N LEU C 398 -32.43 38.39 4.58
CA LEU C 398 -31.10 38.85 4.97
C LEU C 398 -31.07 40.36 5.08
N GLU C 399 -32.09 41.01 4.53
CA GLU C 399 -32.18 42.47 4.54
C GLU C 399 -32.77 42.97 5.86
N ASN C 400 -33.26 42.04 6.68
CA ASN C 400 -33.88 42.43 7.94
C ASN C 400 -33.38 41.66 9.16
N VAL C 401 -32.67 40.56 8.95
CA VAL C 401 -32.14 39.75 10.05
C VAL C 401 -30.71 40.16 10.38
N ASP C 402 -30.31 40.04 11.63
CA ASP C 402 -28.96 40.39 12.05
C ASP C 402 -28.18 39.15 12.46
N ALA C 403 -26.86 39.21 12.34
CA ALA C 403 -26.00 38.09 12.74
C ALA C 403 -26.00 37.97 14.25
N PHE C 404 -26.17 36.76 14.75
CA PHE C 404 -26.18 36.50 16.18
C PHE C 404 -27.27 37.32 16.90
N ASP C 405 -28.40 37.52 16.22
CA ASP C 405 -29.53 38.28 16.79
C ASP C 405 -29.87 37.72 18.17
N LYS C 406 -29.78 38.57 19.19
CA LYS C 406 -30.05 38.17 20.57
C LYS C 406 -31.46 37.68 20.86
N TRP C 407 -32.42 37.96 19.97
CA TRP C 407 -33.79 37.53 20.18
C TRP C 407 -34.10 36.25 19.41
N ALA C 408 -33.15 35.77 18.62
CA ALA C 408 -33.35 34.56 17.83
C ALA C 408 -33.04 33.29 18.64
N PHE C 409 -33.65 32.18 18.25
CA PHE C 409 -33.46 30.91 18.92
C PHE C 409 -32.32 30.12 18.30
N LYS C 410 -31.95 30.46 17.07
CA LYS C 410 -30.83 29.84 16.39
C LYS C 410 -29.64 30.74 16.74
N LYS C 411 -28.45 30.17 16.91
CA LYS C 411 -27.30 30.98 17.25
C LYS C 411 -26.93 31.99 16.16
N ASN C 412 -27.02 31.58 14.91
CA ASN C 412 -26.67 32.48 13.83
C ASN C 412 -27.22 32.02 12.48
N ILE C 413 -28.53 32.13 12.32
CA ILE C 413 -29.19 31.73 11.10
C ILE C 413 -28.74 32.58 9.91
N ARG C 414 -28.34 33.82 10.18
CA ARG C 414 -27.89 34.68 9.10
C ARG C 414 -26.63 34.08 8.48
N GLY C 415 -25.75 33.55 9.33
CA GLY C 415 -24.52 32.94 8.83
C GLY C 415 -24.81 31.67 8.04
N GLU C 416 -25.78 30.88 8.48
CA GLU C 416 -26.12 29.64 7.76
C GLU C 416 -26.69 29.97 6.39
N VAL C 417 -27.56 30.96 6.34
CA VAL C 417 -28.19 31.40 5.10
C VAL C 417 -27.14 31.97 4.16
N GLU C 418 -26.29 32.86 4.68
CA GLU C 418 -25.26 33.46 3.86
C GLU C 418 -24.40 32.38 3.21
N TYR C 419 -24.08 31.34 3.98
CA TYR C 419 -23.27 30.25 3.45
C TYR C 419 -24.05 29.44 2.41
N ALA C 420 -25.31 29.16 2.70
CA ALA C 420 -26.12 28.36 1.79
C ALA C 420 -26.39 29.07 0.47
N LEU C 421 -26.53 30.39 0.49
CA LEU C 421 -26.80 31.13 -0.74
C LEU C 421 -25.54 31.30 -1.59
N LYS C 422 -24.42 31.66 -0.96
CA LYS C 422 -23.18 31.86 -1.68
C LYS C 422 -22.50 30.53 -2.07
N TYR C 423 -22.60 29.53 -1.20
CA TYR C 423 -22.00 28.24 -1.48
C TYR C 423 -23.04 27.13 -1.51
N PRO C 424 -23.86 27.10 -2.57
CA PRO C 424 -24.86 26.03 -2.62
C PRO C 424 -24.25 24.68 -2.97
N TRP C 425 -25.04 23.63 -2.75
CA TRP C 425 -24.67 22.25 -3.04
C TRP C 425 -23.51 22.04 -4.01
N HIS C 426 -23.66 22.43 -5.27
CA HIS C 426 -22.60 22.23 -6.25
C HIS C 426 -21.28 22.97 -6.03
N LYS C 427 -21.22 23.86 -5.05
CA LYS C 427 -20.00 24.63 -4.80
C LYS C 427 -19.58 24.52 -3.35
N SER C 428 -20.19 23.61 -2.61
CA SER C 428 -19.87 23.46 -1.20
C SER C 428 -18.97 22.27 -0.89
N MET C 429 -17.70 22.54 -0.63
CA MET C 429 -16.78 21.45 -0.32
C MET C 429 -16.99 21.06 1.15
N PRO C 430 -17.00 19.75 1.44
CA PRO C 430 -17.19 19.19 2.79
C PRO C 430 -16.47 19.89 3.94
N ARG C 431 -15.15 20.04 3.84
CA ARG C 431 -14.41 20.70 4.93
C ARG C 431 -14.85 22.14 5.14
N LEU C 432 -15.12 22.85 4.04
CA LEU C 432 -15.54 24.24 4.14
C LEU C 432 -16.92 24.35 4.75
N GLU C 433 -17.85 23.48 4.35
CA GLU C 433 -19.19 23.53 4.92
C GLU C 433 -19.12 23.16 6.40
N ALA C 434 -18.28 22.20 6.77
CA ALA C 434 -18.15 21.79 8.17
C ALA C 434 -17.63 22.95 9.02
N ARG C 435 -16.59 23.62 8.55
CA ARG C 435 -16.03 24.74 9.29
C ARG C 435 -17.09 25.81 9.48
N SER C 436 -17.84 26.08 8.41
CA SER C 436 -18.88 27.09 8.47
C SER C 436 -19.94 26.76 9.53
N TYR C 437 -20.42 25.52 9.55
CA TYR C 437 -21.43 25.14 10.53
C TYR C 437 -20.86 25.05 11.94
N ILE C 438 -19.61 24.63 12.05
CA ILE C 438 -18.96 24.52 13.36
C ILE C 438 -18.99 25.90 14.03
N GLU C 439 -18.92 26.95 13.23
CA GLU C 439 -18.94 28.31 13.75
C GLU C 439 -20.34 28.88 13.98
N ASN C 440 -21.35 28.35 13.30
CA ASN C 440 -22.72 28.85 13.46
C ASN C 440 -23.67 27.93 14.22
N TYR C 441 -23.22 26.71 14.53
CA TYR C 441 -24.06 25.76 15.26
C TYR C 441 -24.22 26.15 16.73
N GLY C 442 -25.46 26.16 17.20
CA GLY C 442 -25.74 26.52 18.58
C GLY C 442 -25.99 25.30 19.47
N PRO C 443 -25.02 24.88 20.27
CA PRO C 443 -25.16 23.72 21.14
C PRO C 443 -26.22 23.89 22.23
N ASP C 444 -26.49 25.13 22.60
CA ASP C 444 -27.51 25.37 23.63
C ASP C 444 -28.73 26.12 23.10
N ASP C 445 -29.04 25.92 21.83
CA ASP C 445 -30.21 26.58 21.25
C ASP C 445 -31.48 25.96 21.80
N VAL C 446 -32.51 26.78 21.94
CA VAL C 446 -33.79 26.31 22.41
C VAL C 446 -34.73 26.38 21.22
N TRP C 447 -35.95 25.88 21.39
CA TRP C 447 -36.90 25.87 20.30
C TRP C 447 -38.21 26.49 20.74
N LEU C 448 -38.94 27.05 19.78
CA LEU C 448 -40.22 27.67 20.12
C LEU C 448 -41.40 26.95 19.50
N GLY C 449 -42.29 26.49 20.36
CA GLY C 449 -43.50 25.81 19.93
C GLY C 449 -44.58 26.49 20.74
N LYS C 450 -45.44 25.70 21.36
CA LYS C 450 -46.50 26.25 22.21
C LYS C 450 -45.78 26.98 23.33
N THR C 451 -44.64 26.42 23.72
CA THR C 451 -43.82 26.98 24.79
C THR C 451 -42.39 26.78 24.38
N VAL C 452 -41.45 27.14 25.24
CA VAL C 452 -40.06 26.94 24.95
C VAL C 452 -39.71 25.49 25.26
N TYR C 453 -39.05 24.82 24.33
CA TYR C 453 -38.68 23.43 24.54
C TYR C 453 -37.24 23.19 24.12
N MET C 454 -36.69 22.07 24.54
CA MET C 454 -35.30 21.75 24.22
C MET C 454 -35.19 20.39 23.57
N MET C 455 -34.24 20.26 22.65
CA MET C 455 -33.99 19.00 21.95
C MET C 455 -32.53 18.59 22.19
N PRO C 456 -32.26 17.95 23.34
CA PRO C 456 -30.94 17.48 23.79
C PRO C 456 -30.18 16.60 22.79
N TYR C 457 -30.90 15.89 21.93
CA TYR C 457 -30.25 15.03 20.94
C TYR C 457 -29.99 15.75 19.62
N ILE C 458 -30.38 17.03 19.56
CA ILE C 458 -30.15 17.85 18.38
C ILE C 458 -29.19 18.98 18.77
N SER C 459 -29.53 19.69 19.84
CA SER C 459 -28.71 20.78 20.34
C SER C 459 -27.93 20.20 21.51
N ASN C 460 -26.69 19.79 21.25
CA ASN C 460 -25.85 19.18 22.26
C ASN C 460 -24.39 19.63 22.18
N GLU C 461 -23.81 19.93 23.34
CA GLU C 461 -22.41 20.36 23.45
C GLU C 461 -21.43 19.32 22.90
N LYS C 462 -21.74 18.05 23.08
CA LYS C 462 -20.85 16.97 22.62
C LYS C 462 -20.62 16.93 21.11
N TYR C 463 -21.64 17.28 20.32
CA TYR C 463 -21.50 17.30 18.87
C TYR C 463 -20.43 18.33 18.48
N LEU C 464 -20.55 19.53 19.05
CA LEU C 464 -19.62 20.61 18.74
C LEU C 464 -18.21 20.36 19.23
N GLU C 465 -18.09 19.76 20.42
CA GLU C 465 -16.76 19.47 20.98
C GLU C 465 -16.05 18.47 20.07
N LEU C 466 -16.76 17.41 19.70
CA LEU C 466 -16.19 16.40 18.82
C LEU C 466 -15.87 16.98 17.44
N ALA C 467 -16.71 17.89 16.95
CA ALA C 467 -16.48 18.47 15.63
C ALA C 467 -15.19 19.28 15.58
N LYS C 468 -14.96 20.09 16.62
CA LYS C 468 -13.76 20.91 16.68
C LYS C 468 -12.50 20.07 16.83
N LEU C 469 -12.54 19.07 17.72
CA LEU C 469 -11.39 18.20 17.92
C LEU C 469 -11.07 17.46 16.63
N ASP C 470 -12.08 16.89 16.01
CA ASP C 470 -11.86 16.13 14.79
C ASP C 470 -11.38 17.03 13.64
N PHE C 471 -11.96 18.21 13.53
CA PHE C 471 -11.57 19.12 12.46
C PHE C 471 -10.10 19.50 12.58
N ASN C 472 -9.68 19.90 13.77
CA ASN C 472 -8.29 20.32 14.00
C ASN C 472 -7.31 19.15 13.87
N LYS C 473 -7.75 17.95 14.23
CA LYS C 473 -6.89 16.78 14.12
C LYS C 473 -6.65 16.50 12.63
N VAL C 474 -7.73 16.48 11.86
CA VAL C 474 -7.62 16.24 10.42
C VAL C 474 -6.72 17.30 9.77
N GLN C 475 -7.00 18.57 10.08
CA GLN C 475 -6.22 19.69 9.54
C GLN C 475 -4.72 19.55 9.89
N SER C 476 -4.44 19.10 11.10
CA SER C 476 -3.05 18.91 11.51
C SER C 476 -2.37 17.90 10.59
N ILE C 477 -3.07 16.82 10.27
CA ILE C 477 -2.53 15.79 9.37
C ILE C 477 -2.28 16.42 7.99
N HIS C 478 -3.25 17.19 7.53
CA HIS C 478 -3.14 17.87 6.24
C HIS C 478 -1.93 18.81 6.16
N GLN C 479 -1.67 19.53 7.24
CA GLN C 479 -0.53 20.46 7.28
C GLN C 479 0.81 19.74 7.07
N THR C 480 0.89 18.51 7.56
CA THR C 480 2.08 17.68 7.42
C THR C 480 2.21 17.22 5.98
N GLU C 481 1.10 16.75 5.43
CA GLU C 481 1.07 16.29 4.04
C GLU C 481 1.47 17.39 3.09
N LEU C 482 0.96 18.60 3.33
CA LEU C 482 1.28 19.73 2.48
C LEU C 482 2.78 19.94 2.44
N GLN C 483 3.43 19.86 3.60
CA GLN C 483 4.88 20.04 3.67
C GLN C 483 5.62 19.04 2.80
N ASP C 484 5.23 17.77 2.89
CA ASP C 484 5.89 16.76 2.08
C ASP C 484 5.70 17.00 0.59
N LEU C 485 4.52 17.48 0.19
CA LEU C 485 4.30 17.76 -1.21
C LEU C 485 5.14 18.95 -1.68
N ARG C 486 5.41 19.87 -0.77
CA ARG C 486 6.23 21.03 -1.10
C ARG C 486 7.69 20.60 -1.29
N ARG C 487 8.15 19.66 -0.47
CA ARG C 487 9.53 19.18 -0.61
C ARG C 487 9.64 18.47 -1.96
N TRP C 488 8.61 17.70 -2.32
CA TRP C 488 8.59 16.97 -3.57
C TRP C 488 8.84 17.95 -4.72
N TRP C 489 8.07 19.02 -4.78
CA TRP C 489 8.25 20.01 -5.84
C TRP C 489 9.65 20.64 -5.82
N LYS C 490 10.25 20.75 -4.63
CA LYS C 490 11.59 21.32 -4.51
C LYS C 490 12.69 20.28 -4.69
N SER C 491 12.31 19.03 -4.90
CA SER C 491 13.26 17.95 -5.09
C SER C 491 13.24 17.46 -6.53
N SER C 492 12.29 17.95 -7.31
CA SER C 492 12.18 17.56 -8.70
C SER C 492 12.73 18.66 -9.61
N GLY C 493 13.24 19.71 -8.97
CA GLY C 493 13.81 20.83 -9.70
C GLY C 493 12.83 21.60 -10.55
N PHE C 494 11.54 21.44 -10.27
CA PHE C 494 10.51 22.14 -11.04
C PHE C 494 10.57 23.64 -10.79
N THR C 495 11.41 24.03 -9.85
CA THR C 495 11.60 25.45 -9.54
C THR C 495 12.22 26.11 -10.76
N ASP C 496 12.72 25.28 -11.67
CA ASP C 496 13.37 25.75 -12.89
C ASP C 496 12.37 26.04 -14.01
N LEU C 497 11.22 25.36 -13.98
CA LEU C 497 10.22 25.57 -15.00
C LEU C 497 9.77 27.02 -14.95
N ASN C 498 9.91 27.72 -16.07
CA ASN C 498 9.54 29.13 -16.15
C ASN C 498 8.22 29.36 -16.89
N PHE C 499 7.68 28.29 -17.48
CA PHE C 499 6.42 28.40 -18.21
C PHE C 499 5.22 28.00 -17.35
N THR C 500 5.43 27.83 -16.05
CA THR C 500 4.35 27.45 -15.14
C THR C 500 4.53 27.98 -13.73
N ARG C 501 3.50 28.64 -13.21
CA ARG C 501 3.54 29.20 -11.85
C ARG C 501 3.24 28.14 -10.80
N GLU C 502 4.18 27.93 -9.89
CA GLU C 502 4.02 26.95 -8.83
C GLU C 502 2.83 27.28 -7.93
N ARG C 503 2.06 26.25 -7.58
CA ARG C 503 0.89 26.42 -6.73
C ARG C 503 0.51 25.11 -6.03
N VAL C 504 1.49 24.49 -5.39
CA VAL C 504 1.28 23.24 -4.69
C VAL C 504 0.19 23.33 -3.62
N THR C 505 0.23 24.39 -2.82
CA THR C 505 -0.77 24.58 -1.77
C THR C 505 -2.20 24.68 -2.32
N GLU C 506 -2.38 25.49 -3.35
CA GLU C 506 -3.69 25.68 -3.98
C GLU C 506 -4.20 24.36 -4.53
N ILE C 507 -3.30 23.56 -5.08
CA ILE C 507 -3.68 22.26 -5.66
C ILE C 507 -3.96 21.21 -4.59
N TYR C 508 -3.17 21.22 -3.51
CA TYR C 508 -3.36 20.26 -2.43
C TYR C 508 -4.71 20.54 -1.73
N PHE C 509 -5.08 21.81 -1.69
CA PHE C 509 -6.34 22.22 -1.08
C PHE C 509 -7.53 21.44 -1.62
N SER C 510 -7.61 21.33 -2.95
CA SER C 510 -8.73 20.65 -3.58
C SER C 510 -9.04 19.29 -2.96
N PRO C 511 -8.13 18.31 -3.09
CA PRO C 511 -8.44 17.01 -2.49
C PRO C 511 -8.58 17.07 -0.96
N ALA C 512 -7.78 17.88 -0.31
CA ALA C 512 -7.87 17.95 1.15
C ALA C 512 -9.25 18.40 1.61
N SER C 513 -9.93 19.17 0.75
CA SER C 513 -11.24 19.69 1.06
C SER C 513 -12.39 18.66 0.97
N PHE C 514 -12.21 17.58 0.22
CA PHE C 514 -13.28 16.59 0.09
C PHE C 514 -12.98 15.13 0.45
N ILE C 515 -11.75 14.67 0.23
CA ILE C 515 -11.38 13.31 0.62
C ILE C 515 -10.34 13.56 1.70
N PHE C 516 -10.84 14.09 2.81
CA PHE C 516 -10.03 14.49 3.95
C PHE C 516 -9.64 13.44 4.97
N GLU C 517 -10.37 12.34 5.03
CA GLU C 517 -10.07 11.31 6.02
C GLU C 517 -8.59 10.97 6.11
N PRO C 518 -8.10 10.68 7.33
CA PRO C 518 -6.69 10.33 7.51
C PRO C 518 -6.27 9.13 6.66
N GLU C 519 -7.22 8.24 6.36
CA GLU C 519 -6.90 7.04 5.56
C GLU C 519 -6.65 7.29 4.09
N PHE C 520 -7.05 8.44 3.58
CA PHE C 520 -6.86 8.72 2.16
C PHE C 520 -5.66 9.60 1.83
N SER C 521 -4.62 9.55 2.66
CA SER C 521 -3.43 10.36 2.46
C SER C 521 -2.68 10.02 1.17
N LYS C 522 -2.64 8.75 0.81
CA LYS C 522 -1.95 8.34 -0.40
C LYS C 522 -2.73 8.82 -1.62
N CYS C 523 -4.05 8.77 -1.52
CA CYS C 523 -4.91 9.22 -2.59
C CYS C 523 -4.75 10.73 -2.77
N ARG C 524 -4.66 11.45 -1.65
CA ARG C 524 -4.49 12.91 -1.69
C ARG C 524 -3.17 13.29 -2.36
N GLU C 525 -2.14 12.51 -2.06
CA GLU C 525 -0.81 12.73 -2.61
C GLU C 525 -0.83 12.57 -4.13
N VAL C 526 -1.28 11.42 -4.60
CA VAL C 526 -1.34 11.13 -6.03
C VAL C 526 -2.26 12.11 -6.76
N TYR C 527 -3.35 12.50 -6.11
CA TYR C 527 -4.29 13.45 -6.69
C TYR C 527 -3.57 14.76 -6.93
N THR C 528 -2.85 15.23 -5.91
CA THR C 528 -2.11 16.49 -5.99
C THR C 528 -1.03 16.47 -7.06
N LYS C 529 -0.21 15.42 -7.09
CA LYS C 529 0.85 15.32 -8.07
C LYS C 529 0.29 15.22 -9.49
N THR C 530 -0.74 14.40 -9.67
CA THR C 530 -1.35 14.28 -10.99
C THR C 530 -1.98 15.62 -11.42
N SER C 531 -2.63 16.31 -10.48
CA SER C 531 -3.24 17.61 -10.79
C SER C 531 -2.16 18.58 -11.22
N ASN C 532 -1.04 18.57 -10.51
CA ASN C 532 0.04 19.47 -10.85
C ASN C 532 0.56 19.22 -12.25
N PHE C 533 0.73 17.95 -12.61
CA PHE C 533 1.20 17.63 -13.94
C PHE C 533 0.22 18.01 -15.04
N THR C 534 -1.07 17.97 -14.77
CA THR C 534 -2.02 18.37 -15.80
C THR C 534 -1.84 19.87 -16.03
N VAL C 535 -1.61 20.62 -14.97
CA VAL C 535 -1.40 22.07 -15.10
C VAL C 535 -0.10 22.33 -15.85
N ILE C 536 0.98 21.68 -15.42
CA ILE C 536 2.28 21.85 -16.05
C ILE C 536 2.23 21.51 -17.55
N LEU C 537 1.73 20.33 -17.87
CA LEU C 537 1.65 19.91 -19.27
C LEU C 537 0.69 20.78 -20.08
N ASP C 538 -0.34 21.29 -19.42
CA ASP C 538 -1.32 22.14 -20.09
C ASP C 538 -0.60 23.40 -20.58
N ASP C 539 0.27 23.94 -19.73
CA ASP C 539 1.05 25.12 -20.08
C ASP C 539 2.09 24.78 -21.17
N LEU C 540 2.63 23.57 -21.12
CA LEU C 540 3.62 23.16 -22.11
C LEU C 540 3.02 23.01 -23.51
N TYR C 541 1.86 22.37 -23.61
CA TYR C 541 1.21 22.19 -24.90
C TYR C 541 0.51 23.45 -25.39
N ASP C 542 0.30 24.40 -24.50
CA ASP C 542 -0.38 25.63 -24.87
C ASP C 542 0.60 26.78 -25.00
N ALA C 543 1.88 26.48 -24.84
CA ALA C 543 2.93 27.50 -24.93
C ALA C 543 3.11 27.95 -26.38
N HIS C 544 2.25 27.45 -27.26
CA HIS C 544 2.30 27.81 -28.68
C HIS C 544 3.72 27.70 -29.23
N GLY C 545 4.40 26.61 -28.87
CA GLY C 545 5.76 26.40 -29.34
C GLY C 545 5.74 25.69 -30.69
N SER C 546 6.21 24.45 -30.72
CA SER C 546 6.22 23.68 -31.95
C SER C 546 5.58 22.31 -31.74
N LEU C 547 4.68 21.97 -32.64
CA LEU C 547 3.99 20.70 -32.58
C LEU C 547 4.99 19.56 -32.70
N ASP C 548 6.09 19.80 -33.41
CA ASP C 548 7.11 18.77 -33.58
C ASP C 548 7.76 18.45 -32.23
N ASP C 549 8.03 19.48 -31.44
CA ASP C 549 8.61 19.26 -30.13
C ASP C 549 7.61 18.54 -29.23
N LEU C 550 6.32 18.86 -29.38
CA LEU C 550 5.29 18.23 -28.57
C LEU C 550 5.14 16.74 -28.90
N LYS C 551 5.33 16.37 -30.17
CA LYS C 551 5.26 14.97 -30.58
C LYS C 551 6.28 14.17 -29.79
N LEU C 552 7.40 14.80 -29.46
CA LEU C 552 8.45 14.14 -28.70
C LEU C 552 7.93 13.73 -27.33
N PHE C 553 7.33 14.68 -26.63
CA PHE C 553 6.80 14.39 -25.30
C PHE C 553 5.75 13.28 -25.39
N THR C 554 4.83 13.41 -26.33
CA THR C 554 3.76 12.42 -26.51
C THR C 554 4.32 11.04 -26.85
N GLU C 555 5.33 11.01 -27.71
CA GLU C 555 5.95 9.74 -28.10
C GLU C 555 6.73 9.14 -26.95
N SER C 556 7.38 9.98 -26.16
CA SER C 556 8.16 9.51 -25.01
C SER C 556 7.25 8.79 -24.03
N VAL C 557 6.03 9.28 -23.88
CA VAL C 557 5.06 8.67 -22.97
C VAL C 557 4.59 7.33 -23.52
N LYS C 558 4.49 7.23 -24.84
CA LYS C 558 4.05 5.99 -25.47
C LYS C 558 5.12 4.89 -25.34
N ARG C 559 6.37 5.21 -25.65
CA ARG C 559 7.43 4.22 -25.54
C ARG C 559 7.94 4.12 -24.09
N TRP C 560 7.45 5.02 -23.25
CA TRP C 560 7.80 5.08 -21.84
C TRP C 560 9.27 4.80 -21.51
N ASP C 561 10.16 5.62 -22.07
CA ASP C 561 11.59 5.54 -21.82
C ASP C 561 12.17 6.90 -22.14
N LEU C 562 13.47 7.09 -21.91
CA LEU C 562 14.06 8.39 -22.19
C LEU C 562 14.94 8.38 -23.44
N SER C 563 14.44 7.75 -24.50
CA SER C 563 15.18 7.66 -25.75
C SER C 563 15.09 8.91 -26.60
N LEU C 564 14.15 9.81 -26.29
CA LEU C 564 14.00 11.03 -27.07
C LEU C 564 14.36 12.29 -26.29
N VAL C 565 14.77 12.12 -25.03
CA VAL C 565 15.11 13.26 -24.20
C VAL C 565 16.24 14.12 -24.78
N ASP C 566 17.14 13.48 -25.53
CA ASP C 566 18.26 14.20 -26.13
C ASP C 566 17.85 15.03 -27.33
N GLN C 567 16.56 15.05 -27.63
CA GLN C 567 16.05 15.82 -28.76
C GLN C 567 15.13 16.95 -28.29
N MET C 568 14.69 16.89 -27.04
CA MET C 568 13.78 17.89 -26.49
C MET C 568 14.44 19.21 -26.12
N PRO C 569 13.67 20.30 -26.12
CA PRO C 569 14.20 21.61 -25.76
C PRO C 569 14.50 21.55 -24.26
N GLN C 570 15.36 22.45 -23.77
CA GLN C 570 15.72 22.46 -22.36
C GLN C 570 14.56 22.21 -21.41
N GLN C 571 13.64 23.16 -21.33
CA GLN C 571 12.48 23.05 -20.46
C GLN C 571 11.72 21.73 -20.61
N MET C 572 11.47 21.32 -21.84
CA MET C 572 10.73 20.09 -22.08
C MET C 572 11.41 18.89 -21.47
N LYS C 573 12.74 18.88 -21.49
CA LYS C 573 13.52 17.78 -20.95
C LYS C 573 13.35 17.61 -19.45
N ILE C 574 13.43 18.71 -18.71
CA ILE C 574 13.27 18.64 -17.26
C ILE C 574 11.86 18.21 -16.93
N CYS C 575 10.90 18.79 -17.66
CA CYS C 575 9.50 18.49 -17.47
C CYS C 575 9.23 17.00 -17.64
N PHE C 576 9.78 16.39 -18.70
CA PHE C 576 9.57 14.98 -18.95
C PHE C 576 10.26 14.03 -17.97
N VAL C 577 11.50 14.37 -17.58
CA VAL C 577 12.22 13.54 -16.63
C VAL C 577 11.44 13.49 -15.33
N GLY C 578 10.96 14.66 -14.88
CA GLY C 578 10.19 14.73 -13.65
C GLY C 578 8.89 13.94 -13.78
N PHE C 579 8.26 14.03 -14.95
CA PHE C 579 7.01 13.32 -15.23
C PHE C 579 7.25 11.81 -15.19
N TYR C 580 8.38 11.40 -15.76
CA TYR C 580 8.78 10.00 -15.82
C TYR C 580 9.08 9.44 -14.43
N ASN C 581 9.93 10.12 -13.67
CA ASN C 581 10.28 9.68 -12.33
C ASN C 581 9.05 9.61 -11.43
N THR C 582 8.30 10.70 -11.39
CA THR C 582 7.11 10.76 -10.56
C THR C 582 6.17 9.60 -10.86
N PHE C 583 5.79 9.43 -12.13
CA PHE C 583 4.87 8.35 -12.43
C PHE C 583 5.41 6.94 -12.34
N ASN C 584 6.73 6.78 -12.30
CA ASN C 584 7.28 5.44 -12.12
C ASN C 584 7.02 5.09 -10.66
N ASP C 585 7.27 6.05 -9.77
CA ASP C 585 7.03 5.83 -8.35
C ASP C 585 5.56 5.50 -8.16
N ILE C 586 4.69 6.28 -8.80
CA ILE C 586 3.25 6.04 -8.71
C ILE C 586 2.90 4.67 -9.30
N ALA C 587 3.49 4.33 -10.44
CA ALA C 587 3.21 3.02 -11.06
C ALA C 587 3.68 1.89 -10.15
N LYS C 588 4.81 2.10 -9.48
CA LYS C 588 5.37 1.11 -8.57
C LYS C 588 4.47 0.89 -7.35
N GLU C 589 3.94 1.98 -6.80
CA GLU C 589 3.06 1.89 -5.64
C GLU C 589 1.68 1.36 -6.04
N GLY C 590 1.23 1.75 -7.23
CA GLY C 590 -0.06 1.28 -7.71
C GLY C 590 -0.07 -0.22 -7.96
N ARG C 591 1.08 -0.75 -8.37
CA ARG C 591 1.19 -2.18 -8.63
C ARG C 591 1.03 -2.96 -7.34
N GLU C 592 1.73 -2.52 -6.29
CA GLU C 592 1.64 -3.19 -5.01
C GLU C 592 0.20 -3.18 -4.49
N ARG C 593 -0.52 -2.10 -4.76
CA ARG C 593 -1.90 -1.98 -4.29
C ARG C 593 -2.96 -2.65 -5.16
N GLN C 594 -2.65 -2.87 -6.43
CA GLN C 594 -3.62 -3.48 -7.33
C GLN C 594 -3.35 -4.94 -7.64
N GLY C 595 -2.13 -5.41 -7.33
CA GLY C 595 -1.81 -6.79 -7.59
C GLY C 595 -1.52 -7.08 -9.05
N ARG C 596 -1.48 -6.03 -9.87
CA ARG C 596 -1.20 -6.17 -11.29
C ARG C 596 -0.45 -4.91 -11.70
N ASP C 597 0.14 -4.93 -12.88
CA ASP C 597 0.89 -3.79 -13.37
C ASP C 597 -0.08 -2.69 -13.81
N VAL C 598 0.20 -1.45 -13.39
CA VAL C 598 -0.65 -0.31 -13.74
C VAL C 598 0.03 0.67 -14.68
N LEU C 599 1.25 0.36 -15.09
CA LEU C 599 1.97 1.27 -15.99
C LEU C 599 1.20 1.39 -17.31
N GLY C 600 0.70 0.27 -17.81
CA GLY C 600 -0.06 0.29 -19.05
C GLY C 600 -1.26 1.22 -18.90
N TYR C 601 -1.95 1.07 -17.78
CA TYR C 601 -3.12 1.86 -17.45
C TYR C 601 -2.77 3.36 -17.38
N ILE C 602 -1.71 3.68 -16.65
CA ILE C 602 -1.25 5.06 -16.51
C ILE C 602 -0.96 5.66 -17.88
N GLN C 603 -0.23 4.93 -18.70
CA GLN C 603 0.14 5.39 -20.04
C GLN C 603 -1.08 5.70 -20.89
N ASN C 604 -2.07 4.81 -20.85
CA ASN C 604 -3.29 4.96 -21.62
C ASN C 604 -4.13 6.15 -21.16
N VAL C 605 -4.13 6.43 -19.87
CA VAL C 605 -4.87 7.57 -19.34
C VAL C 605 -4.23 8.84 -19.91
N TRP C 606 -2.91 8.94 -19.80
CA TRP C 606 -2.19 10.10 -20.30
C TRP C 606 -2.22 10.20 -21.83
N LYS C 607 -2.24 9.05 -22.49
CA LYS C 607 -2.28 9.03 -23.95
C LYS C 607 -3.44 9.87 -24.43
N VAL C 608 -4.62 9.60 -23.89
CA VAL C 608 -5.82 10.33 -24.26
C VAL C 608 -5.73 11.81 -23.87
N GLN C 609 -5.17 12.08 -22.71
CA GLN C 609 -5.00 13.45 -22.24
C GLN C 609 -4.09 14.25 -23.18
N LEU C 610 -2.94 13.67 -23.52
CA LEU C 610 -2.01 14.36 -24.39
C LEU C 610 -2.61 14.57 -25.79
N GLU C 611 -3.40 13.61 -26.24
CA GLU C 611 -4.05 13.75 -27.54
C GLU C 611 -5.02 14.93 -27.54
N ALA C 612 -5.68 15.16 -26.40
CA ALA C 612 -6.62 16.29 -26.31
C ALA C 612 -5.86 17.62 -26.33
N TYR C 613 -4.76 17.69 -25.59
CA TYR C 613 -3.95 18.91 -25.59
C TYR C 613 -3.42 19.15 -27.01
N THR C 614 -2.98 18.08 -27.66
CA THR C 614 -2.42 18.17 -29.00
C THR C 614 -3.43 18.70 -30.00
N LYS C 615 -4.64 18.17 -29.98
CA LYS C 615 -5.68 18.62 -30.90
C LYS C 615 -5.92 20.13 -30.70
N GLU C 616 -5.94 20.57 -29.44
CA GLU C 616 -6.16 21.98 -29.17
C GLU C 616 -4.99 22.82 -29.67
N ALA C 617 -3.78 22.30 -29.52
CA ALA C 617 -2.58 23.00 -29.97
C ALA C 617 -2.59 23.20 -31.49
N GLU C 618 -3.04 22.17 -32.22
CA GLU C 618 -3.09 22.25 -33.67
C GLU C 618 -4.18 23.23 -34.09
N TRP C 619 -5.33 23.15 -33.44
CA TRP C 619 -6.43 24.07 -33.74
C TRP C 619 -5.92 25.49 -33.53
N SER C 620 -5.11 25.65 -32.49
CA SER C 620 -4.54 26.93 -32.11
C SER C 620 -3.58 27.46 -33.18
N GLU C 621 -2.58 26.64 -33.53
CA GLU C 621 -1.59 26.99 -34.53
C GLU C 621 -2.25 27.44 -35.84
N ALA C 622 -3.45 26.93 -36.10
CA ALA C 622 -4.16 27.28 -37.32
C ALA C 622 -5.29 28.27 -37.06
N LYS C 623 -5.41 28.71 -35.80
CA LYS C 623 -6.47 29.64 -35.42
C LYS C 623 -7.81 29.15 -35.92
N TYR C 624 -8.05 27.85 -35.73
CA TYR C 624 -9.29 27.21 -36.15
C TYR C 624 -10.31 27.30 -35.01
N VAL C 625 -11.56 27.47 -35.37
CA VAL C 625 -12.63 27.56 -34.39
C VAL C 625 -13.64 26.48 -34.74
N PRO C 626 -13.55 25.33 -34.06
CA PRO C 626 -14.48 24.21 -34.31
C PRO C 626 -15.90 24.52 -33.84
N SER C 627 -16.85 23.68 -34.22
CA SER C 627 -18.22 23.88 -33.79
C SER C 627 -18.28 23.53 -32.30
N PHE C 628 -19.35 23.95 -31.64
CA PHE C 628 -19.52 23.67 -30.22
C PHE C 628 -19.36 22.19 -29.88
N ASN C 629 -20.03 21.32 -30.63
CA ASN C 629 -19.95 19.88 -30.37
C ASN C 629 -18.55 19.29 -30.52
N GLU C 630 -17.85 19.66 -31.58
CA GLU C 630 -16.51 19.13 -31.76
C GLU C 630 -15.60 19.72 -30.69
N TYR C 631 -15.78 21.00 -30.37
CA TYR C 631 -14.94 21.63 -29.36
C TYR C 631 -15.13 20.97 -28.00
N ILE C 632 -16.39 20.93 -27.56
CA ILE C 632 -16.72 20.35 -26.27
C ILE C 632 -16.28 18.93 -26.08
N GLU C 633 -16.33 18.12 -27.14
CA GLU C 633 -15.91 16.73 -27.03
C GLU C 633 -14.42 16.62 -26.72
N ASN C 634 -13.61 17.50 -27.29
CA ASN C 634 -12.19 17.45 -27.01
C ASN C 634 -11.88 18.22 -25.72
N ALA C 635 -12.50 19.38 -25.58
CA ALA C 635 -12.28 20.24 -24.44
C ALA C 635 -12.73 19.64 -23.10
N SER C 636 -13.80 18.83 -23.10
CA SER C 636 -14.26 18.24 -21.85
C SER C 636 -13.20 17.24 -21.34
N VAL C 637 -12.27 16.88 -22.23
CA VAL C 637 -11.17 15.97 -21.87
C VAL C 637 -9.90 16.78 -21.61
N SER C 638 -9.65 17.81 -22.41
CA SER C 638 -8.45 18.62 -22.21
C SER C 638 -8.47 19.29 -20.82
N ILE C 639 -9.67 19.47 -20.27
CA ILE C 639 -9.82 20.10 -18.95
C ILE C 639 -9.09 19.24 -17.90
N ALA C 640 -8.75 18.02 -18.30
CA ALA C 640 -7.96 17.10 -17.48
C ALA C 640 -8.50 16.53 -16.17
N LEU C 641 -9.76 16.79 -15.83
CA LEU C 641 -10.27 16.25 -14.58
C LEU C 641 -10.32 14.72 -14.62
N GLY C 642 -10.68 14.16 -15.77
CA GLY C 642 -10.74 12.71 -15.90
C GLY C 642 -9.43 12.06 -15.53
N THR C 643 -8.35 12.60 -16.08
CA THR C 643 -7.00 12.09 -15.82
C THR C 643 -6.68 12.04 -14.34
N VAL C 644 -6.96 13.14 -13.64
CA VAL C 644 -6.68 13.20 -12.21
C VAL C 644 -7.43 12.10 -11.47
N VAL C 645 -8.72 11.92 -11.80
CA VAL C 645 -9.52 10.92 -11.14
C VAL C 645 -9.09 9.48 -11.46
N LEU C 646 -8.92 9.17 -12.74
CA LEU C 646 -8.53 7.82 -13.15
C LEU C 646 -7.23 7.33 -12.52
N ILE C 647 -6.27 8.20 -12.32
CA ILE C 647 -5.02 7.77 -11.71
C ILE C 647 -5.13 7.70 -10.18
N SER C 648 -5.92 8.60 -9.61
CA SER C 648 -6.11 8.62 -8.16
C SER C 648 -6.97 7.44 -7.68
N ALA C 649 -7.84 6.94 -8.55
CA ALA C 649 -8.71 5.83 -8.20
C ALA C 649 -7.92 4.54 -7.91
N LEU C 650 -6.63 4.55 -8.18
CA LEU C 650 -5.79 3.37 -7.94
C LEU C 650 -5.26 3.35 -6.50
N PHE C 651 -5.48 4.43 -5.77
CA PHE C 651 -4.95 4.51 -4.42
C PHE C 651 -5.97 4.76 -3.33
N THR C 652 -7.17 4.24 -3.48
CA THR C 652 -8.21 4.44 -2.47
C THR C 652 -8.09 3.45 -1.30
N GLY C 653 -7.45 2.31 -1.55
CA GLY C 653 -7.31 1.32 -0.50
C GLY C 653 -8.00 0.00 -0.84
N GLU C 654 -8.74 -0.01 -1.95
CA GLU C 654 -9.46 -1.20 -2.42
C GLU C 654 -8.99 -1.52 -3.83
N VAL C 655 -8.80 -2.79 -4.15
CA VAL C 655 -8.38 -3.14 -5.49
C VAL C 655 -9.43 -2.60 -6.46
N LEU C 656 -8.97 -1.93 -7.51
CA LEU C 656 -9.86 -1.38 -8.51
C LEU C 656 -10.15 -2.43 -9.55
N THR C 657 -11.36 -2.96 -9.55
CA THR C 657 -11.76 -4.00 -10.49
C THR C 657 -12.22 -3.44 -11.83
N ASP C 658 -12.15 -4.26 -12.87
CA ASP C 658 -12.57 -3.87 -14.21
C ASP C 658 -14.03 -3.42 -14.22
N GLU C 659 -14.85 -4.07 -13.39
CA GLU C 659 -16.28 -3.76 -13.28
C GLU C 659 -16.53 -2.36 -12.72
N VAL C 660 -15.78 -1.99 -11.69
CA VAL C 660 -15.93 -0.66 -11.08
C VAL C 660 -15.30 0.38 -12.00
N LEU C 661 -14.18 0.03 -12.60
CA LEU C 661 -13.48 0.94 -13.50
C LEU C 661 -14.38 1.34 -14.68
N SER C 662 -15.12 0.38 -15.19
CA SER C 662 -16.02 0.63 -16.33
C SER C 662 -17.14 1.61 -15.96
N LYS C 663 -17.32 1.87 -14.66
CA LYS C 663 -18.35 2.79 -14.22
C LYS C 663 -17.81 4.22 -14.10
N ILE C 664 -16.50 4.38 -14.17
CA ILE C 664 -15.89 5.71 -14.03
C ILE C 664 -14.84 6.06 -15.09
N ASP C 665 -14.68 5.21 -16.11
CA ASP C 665 -13.69 5.47 -17.13
C ASP C 665 -14.16 6.49 -18.16
N ARG C 666 -13.29 6.79 -19.12
CA ARG C 666 -13.59 7.77 -20.16
C ARG C 666 -14.85 7.51 -20.98
N GLU C 667 -15.32 6.25 -21.02
CA GLU C 667 -16.54 5.91 -21.75
C GLU C 667 -17.80 6.05 -20.90
N SER C 668 -17.65 6.24 -19.60
CA SER C 668 -18.80 6.39 -18.72
C SER C 668 -19.43 7.77 -18.77
N ARG C 669 -20.75 7.81 -18.78
CA ARG C 669 -21.50 9.07 -18.81
C ARG C 669 -21.12 9.89 -17.56
N PHE C 670 -20.85 9.19 -16.47
CA PHE C 670 -20.47 9.82 -15.20
C PHE C 670 -19.21 10.68 -15.32
N LEU C 671 -18.12 10.10 -15.82
CA LEU C 671 -16.87 10.86 -15.96
C LEU C 671 -16.97 11.93 -17.05
N GLN C 672 -17.73 11.64 -18.11
CA GLN C 672 -17.90 12.58 -19.21
C GLN C 672 -18.62 13.85 -18.73
N LEU C 673 -19.66 13.69 -17.92
CA LEU C 673 -20.40 14.84 -17.38
C LEU C 673 -19.50 15.69 -16.47
N MET C 674 -18.67 15.03 -15.68
CA MET C 674 -17.76 15.71 -14.77
C MET C 674 -16.84 16.62 -15.57
N GLY C 675 -16.28 16.08 -16.65
CA GLY C 675 -15.39 16.86 -17.48
C GLY C 675 -16.11 18.00 -18.20
N LEU C 676 -17.33 17.73 -18.64
CA LEU C 676 -18.13 18.72 -19.34
C LEU C 676 -18.42 19.91 -18.42
N THR C 677 -18.88 19.62 -17.20
CA THR C 677 -19.20 20.68 -16.25
C THR C 677 -17.97 21.50 -15.88
N GLY C 678 -16.82 20.84 -15.78
CA GLY C 678 -15.61 21.56 -15.41
C GLY C 678 -15.16 22.47 -16.55
N ARG C 679 -15.23 21.96 -17.76
CA ARG C 679 -14.85 22.70 -18.94
C ARG C 679 -15.70 23.94 -19.11
N LEU C 680 -17.02 23.77 -19.02
CA LEU C 680 -17.95 24.86 -19.20
C LEU C 680 -17.83 25.97 -18.16
N VAL C 681 -17.62 25.61 -16.89
CA VAL C 681 -17.49 26.63 -15.86
C VAL C 681 -16.18 27.39 -16.03
N ASN C 682 -15.13 26.67 -16.42
CA ASN C 682 -13.81 27.27 -16.64
C ASN C 682 -13.91 28.28 -17.79
N ASP C 683 -14.48 27.82 -18.89
CA ASP C 683 -14.64 28.65 -20.09
C ASP C 683 -15.50 29.89 -19.88
N THR C 684 -16.62 29.76 -19.18
CA THR C 684 -17.49 30.90 -18.94
C THR C 684 -16.77 32.02 -18.18
N LYS C 685 -15.68 31.67 -17.51
CA LYS C 685 -14.94 32.65 -16.72
C LYS C 685 -13.56 33.01 -17.28
N THR C 686 -13.15 32.37 -18.37
CA THR C 686 -11.82 32.65 -18.93
C THR C 686 -11.80 33.11 -20.39
N TYR C 687 -12.73 32.63 -21.21
CA TYR C 687 -12.76 33.00 -22.63
C TYR C 687 -12.62 34.50 -22.83
N GLN C 688 -13.23 35.27 -21.94
CA GLN C 688 -13.19 36.72 -22.01
C GLN C 688 -11.77 37.26 -22.11
N ALA C 689 -10.96 37.02 -21.08
CA ALA C 689 -9.58 37.50 -21.06
C ALA C 689 -8.71 36.83 -22.12
N GLU C 690 -8.95 35.55 -22.37
CA GLU C 690 -8.17 34.79 -23.35
C GLU C 690 -8.47 35.22 -24.79
N ARG C 691 -9.69 35.70 -25.01
CA ARG C 691 -10.11 36.16 -26.33
C ARG C 691 -9.13 37.23 -26.81
N GLY C 692 -8.71 38.08 -25.88
CA GLY C 692 -7.78 39.15 -26.20
C GLY C 692 -6.32 38.72 -26.02
N GLN C 693 -6.13 37.44 -25.65
CA GLN C 693 -4.80 36.90 -25.45
C GLN C 693 -4.37 36.12 -26.69
N GLY C 694 -5.29 35.96 -27.64
CA GLY C 694 -4.96 35.24 -28.86
C GLY C 694 -5.98 34.21 -29.29
N GLU C 695 -6.29 33.28 -28.40
CA GLU C 695 -7.23 32.20 -28.67
C GLU C 695 -8.59 32.68 -29.16
N VAL C 696 -9.24 31.84 -29.96
CA VAL C 696 -10.54 32.14 -30.52
C VAL C 696 -11.47 30.95 -30.38
N ALA C 697 -11.01 29.92 -29.65
CA ALA C 697 -11.81 28.73 -29.46
C ALA C 697 -12.15 28.49 -28.00
N SER C 698 -13.45 28.52 -27.69
CA SER C 698 -13.95 28.29 -26.34
C SER C 698 -15.41 27.90 -26.45
N ALA C 699 -16.00 27.45 -25.35
CA ALA C 699 -17.39 27.07 -25.37
C ALA C 699 -18.23 28.22 -25.96
N ILE C 700 -17.99 29.44 -25.49
CA ILE C 700 -18.75 30.59 -25.96
C ILE C 700 -18.44 30.95 -27.41
N GLN C 701 -17.16 31.20 -27.70
CA GLN C 701 -16.75 31.57 -29.06
C GLN C 701 -17.20 30.55 -30.09
N CYS C 702 -17.11 29.28 -29.74
CA CYS C 702 -17.52 28.20 -30.65
C CYS C 702 -19.04 28.13 -30.79
N TYR C 703 -19.76 28.42 -29.72
CA TYR C 703 -21.21 28.37 -29.81
C TYR C 703 -21.67 29.54 -30.67
N MET C 704 -20.99 30.67 -30.51
CA MET C 704 -21.33 31.85 -31.27
C MET C 704 -21.13 31.61 -32.76
N LYS C 705 -20.06 30.90 -33.13
CA LYS C 705 -19.82 30.65 -34.55
C LYS C 705 -20.93 29.78 -35.15
N ASP C 706 -21.46 28.85 -34.37
CA ASP C 706 -22.54 27.99 -34.87
C ASP C 706 -23.86 28.76 -34.95
N HIS C 707 -23.93 29.85 -34.21
CA HIS C 707 -25.14 30.70 -34.18
C HIS C 707 -24.73 32.16 -34.27
N PRO C 708 -24.39 32.65 -35.48
CA PRO C 708 -23.98 34.04 -35.64
C PRO C 708 -25.15 35.01 -35.48
N LYS C 709 -26.35 34.44 -35.39
CA LYS C 709 -27.57 35.23 -35.23
C LYS C 709 -27.72 35.76 -33.80
N ILE C 710 -27.34 34.94 -32.81
CA ILE C 710 -27.45 35.32 -31.40
C ILE C 710 -26.30 36.20 -30.91
N SER C 711 -26.53 36.89 -29.80
CA SER C 711 -25.52 37.77 -29.22
C SER C 711 -24.60 37.03 -28.25
N GLU C 712 -23.47 37.65 -27.93
CA GLU C 712 -22.51 37.06 -27.01
C GLU C 712 -23.12 36.72 -25.66
N GLU C 713 -23.90 37.64 -25.10
CA GLU C 713 -24.52 37.40 -23.81
C GLU C 713 -25.51 36.24 -23.88
N GLU C 714 -26.25 36.17 -24.98
CA GLU C 714 -27.23 35.11 -25.16
C GLU C 714 -26.53 33.75 -25.27
N ALA C 715 -25.28 33.79 -25.74
CA ALA C 715 -24.49 32.58 -25.89
C ALA C 715 -23.97 32.17 -24.51
N LEU C 716 -23.41 33.12 -23.78
CA LEU C 716 -22.91 32.86 -22.44
C LEU C 716 -24.02 32.25 -21.60
N GLN C 717 -25.23 32.78 -21.75
CA GLN C 717 -26.37 32.29 -21.00
C GLN C 717 -26.71 30.86 -21.42
N HIS C 718 -26.52 30.54 -22.68
CA HIS C 718 -26.80 29.17 -23.14
C HIS C 718 -25.76 28.19 -22.58
N VAL C 719 -24.52 28.65 -22.42
CA VAL C 719 -23.47 27.79 -21.89
C VAL C 719 -23.77 27.46 -20.42
N TYR C 720 -24.18 28.48 -19.65
CA TYR C 720 -24.52 28.28 -18.25
C TYR C 720 -25.70 27.34 -18.14
N SER C 721 -26.61 27.45 -19.10
CA SER C 721 -27.80 26.61 -19.12
C SER C 721 -27.44 25.15 -19.35
N VAL C 722 -26.51 24.90 -20.27
CA VAL C 722 -26.06 23.54 -20.56
C VAL C 722 -25.31 23.00 -19.34
N MET C 723 -24.49 23.86 -18.73
CA MET C 723 -23.71 23.47 -17.56
C MET C 723 -24.66 23.07 -16.45
N GLU C 724 -25.73 23.84 -16.28
CA GLU C 724 -26.71 23.54 -15.24
C GLU C 724 -27.40 22.19 -15.48
N ASN C 725 -27.87 21.94 -16.69
CA ASN C 725 -28.53 20.68 -16.98
C ASN C 725 -27.57 19.54 -16.70
N ALA C 726 -26.30 19.74 -17.04
CA ALA C 726 -25.27 18.74 -16.83
C ALA C 726 -25.03 18.43 -15.34
N LEU C 727 -25.03 19.46 -14.50
CA LEU C 727 -24.83 19.28 -13.06
C LEU C 727 -26.02 18.54 -12.46
N GLU C 728 -27.19 18.78 -13.04
CA GLU C 728 -28.40 18.11 -12.57
C GLU C 728 -28.30 16.63 -12.95
N GLU C 729 -27.79 16.36 -14.15
CA GLU C 729 -27.63 14.98 -14.57
C GLU C 729 -26.51 14.36 -13.72
N LEU C 730 -25.50 15.15 -13.38
CA LEU C 730 -24.41 14.66 -12.55
C LEU C 730 -24.94 14.25 -11.16
N ASN C 731 -25.88 15.02 -10.61
CA ASN C 731 -26.45 14.65 -9.29
C ASN C 731 -27.04 13.24 -9.31
N ARG C 732 -27.84 12.95 -10.33
CA ARG C 732 -28.50 11.65 -10.42
C ARG C 732 -27.52 10.49 -10.54
N GLU C 733 -26.41 10.71 -11.24
CA GLU C 733 -25.38 9.68 -11.41
C GLU C 733 -24.73 9.46 -10.06
N PHE C 734 -24.43 10.57 -9.39
CA PHE C 734 -23.79 10.54 -8.08
C PHE C 734 -24.62 9.78 -7.06
N VAL C 735 -25.92 10.04 -7.07
CA VAL C 735 -26.81 9.40 -6.12
C VAL C 735 -27.24 7.98 -6.49
N ASN C 736 -27.59 7.76 -7.75
CA ASN C 736 -28.07 6.44 -8.17
C ASN C 736 -27.10 5.37 -8.67
N ASN C 737 -25.93 5.76 -9.17
CA ASN C 737 -25.00 4.77 -9.67
C ASN C 737 -24.50 3.81 -8.58
N LYS C 738 -24.49 2.53 -8.92
CA LYS C 738 -24.03 1.48 -8.03
C LYS C 738 -22.51 1.44 -8.15
N ILE C 739 -21.85 2.28 -7.36
CA ILE C 739 -20.40 2.40 -7.37
C ILE C 739 -19.96 2.72 -5.94
N PRO C 740 -18.89 2.07 -5.45
CA PRO C 740 -18.43 2.35 -4.09
C PRO C 740 -18.33 3.87 -3.88
N ASP C 741 -18.76 4.34 -2.71
CA ASP C 741 -18.77 5.77 -2.38
C ASP C 741 -17.52 6.57 -2.73
N ILE C 742 -16.35 6.01 -2.42
CA ILE C 742 -15.10 6.72 -2.65
C ILE C 742 -14.86 7.13 -4.10
N TYR C 743 -15.34 6.33 -5.05
CA TYR C 743 -15.14 6.68 -6.45
C TYR C 743 -16.16 7.72 -6.88
N LYS C 744 -17.38 7.61 -6.36
CA LYS C 744 -18.40 8.60 -6.69
C LYS C 744 -17.98 9.94 -6.11
N ARG C 745 -17.23 9.90 -5.01
CA ARG C 745 -16.76 11.13 -4.38
C ARG C 745 -15.63 11.73 -5.22
N LEU C 746 -14.69 10.90 -5.65
CA LEU C 746 -13.60 11.41 -6.48
C LEU C 746 -14.14 12.09 -7.75
N VAL C 747 -15.15 11.49 -8.37
CA VAL C 747 -15.72 12.07 -9.57
C VAL C 747 -16.52 13.35 -9.29
N PHE C 748 -17.52 13.24 -8.44
CA PHE C 748 -18.42 14.32 -8.07
C PHE C 748 -17.74 15.52 -7.40
N GLU C 749 -16.88 15.26 -6.42
CA GLU C 749 -16.19 16.35 -5.70
C GLU C 749 -15.23 17.10 -6.62
N THR C 750 -14.60 16.38 -7.55
CA THR C 750 -13.66 17.00 -8.48
C THR C 750 -14.44 18.03 -9.29
N ALA C 751 -15.67 17.68 -9.67
CA ALA C 751 -16.53 18.60 -10.43
C ALA C 751 -16.90 19.82 -9.55
N ARG C 752 -17.24 19.58 -8.29
CA ARG C 752 -17.60 20.67 -7.38
C ARG C 752 -16.45 21.64 -7.19
N ILE C 753 -15.23 21.10 -7.11
CA ILE C 753 -14.04 21.92 -6.93
C ILE C 753 -13.92 22.98 -8.01
N MET C 754 -14.20 22.60 -9.26
CA MET C 754 -14.14 23.55 -10.35
C MET C 754 -15.25 24.60 -10.19
N GLN C 755 -16.44 24.15 -9.80
CA GLN C 755 -17.58 25.05 -9.61
C GLN C 755 -17.24 26.13 -8.60
N LEU C 756 -16.45 25.78 -7.60
CA LEU C 756 -16.04 26.72 -6.57
C LEU C 756 -15.00 27.67 -7.13
N PHE C 757 -13.92 27.13 -7.67
CA PHE C 757 -12.84 27.94 -8.21
C PHE C 757 -13.27 28.95 -9.26
N TYR C 758 -14.14 28.53 -10.17
CA TYR C 758 -14.61 29.40 -11.25
C TYR C 758 -16.03 29.93 -11.06
N MET C 759 -16.43 30.17 -9.82
CA MET C 759 -17.78 30.68 -9.56
C MET C 759 -17.84 32.17 -9.90
N GLN C 760 -19.05 32.67 -10.15
CA GLN C 760 -19.24 34.08 -10.46
C GLN C 760 -19.00 34.95 -9.23
N GLY C 761 -18.00 35.82 -9.30
CA GLY C 761 -17.67 36.67 -8.16
C GLY C 761 -18.44 37.98 -8.07
N ASP C 762 -17.75 39.04 -7.63
CA ASP C 762 -18.38 40.35 -7.48
C ASP C 762 -17.73 41.45 -8.32
N GLY C 763 -16.64 41.12 -9.02
CA GLY C 763 -15.99 42.11 -9.87
C GLY C 763 -14.72 42.74 -9.33
N LEU C 764 -14.64 42.90 -8.00
CA LEU C 764 -13.47 43.50 -7.37
C LEU C 764 -12.21 42.76 -7.84
N THR C 765 -11.10 43.49 -7.96
CA THR C 765 -9.84 42.89 -8.40
C THR C 765 -9.48 41.65 -7.58
N LEU C 766 -8.86 41.86 -6.43
CA LEU C 766 -8.44 40.76 -5.56
C LEU C 766 -9.57 39.77 -5.29
N SER C 767 -10.81 40.24 -5.31
CA SER C 767 -11.97 39.39 -5.06
C SER C 767 -11.77 37.94 -5.50
N HIS C 768 -11.15 37.77 -6.67
CA HIS C 768 -10.88 36.44 -7.21
C HIS C 768 -9.91 35.68 -6.33
N ASP C 769 -8.63 36.00 -6.46
CA ASP C 769 -7.56 35.35 -5.71
C ASP C 769 -7.74 35.49 -4.20
N MET C 770 -8.61 36.41 -3.79
CA MET C 770 -8.86 36.65 -2.38
C MET C 770 -9.70 35.55 -1.76
N GLU C 771 -10.72 35.10 -2.49
CA GLU C 771 -11.61 34.03 -2.00
C GLU C 771 -10.80 32.75 -1.94
N ILE C 772 -9.99 32.53 -2.97
CA ILE C 772 -9.16 31.34 -3.05
C ILE C 772 -8.26 31.33 -1.83
N LYS C 773 -7.66 32.49 -1.54
CA LYS C 773 -6.78 32.64 -0.40
C LYS C 773 -7.53 32.19 0.86
N GLU C 774 -8.73 32.74 1.05
CA GLU C 774 -9.56 32.43 2.21
C GLU C 774 -9.95 30.95 2.31
N HIS C 775 -10.31 30.33 1.20
CA HIS C 775 -10.69 28.92 1.25
C HIS C 775 -9.51 28.13 1.77
N VAL C 776 -8.32 28.38 1.21
CA VAL C 776 -7.11 27.67 1.63
C VAL C 776 -6.85 27.88 3.11
N LYS C 777 -7.00 29.12 3.57
CA LYS C 777 -6.78 29.43 4.97
C LYS C 777 -7.75 28.66 5.88
N ASN C 778 -9.04 28.68 5.56
CA ASN C 778 -10.03 28.00 6.37
C ASN C 778 -9.92 26.47 6.41
N CYS C 779 -9.47 25.87 5.32
CA CYS C 779 -9.35 24.41 5.26
C CYS C 779 -8.01 23.91 5.77
N LEU C 780 -6.94 24.63 5.46
CA LEU C 780 -5.61 24.17 5.83
C LEU C 780 -4.83 24.84 6.96
N PHE C 781 -4.99 26.15 7.15
CA PHE C 781 -4.19 26.82 8.17
C PHE C 781 -4.85 27.35 9.43
N GLN C 782 -6.08 27.84 9.31
CA GLN C 782 -6.81 28.39 10.45
C GLN C 782 -7.54 27.29 11.22
N PRO C 783 -7.24 27.14 12.52
CA PRO C 783 -7.90 26.11 13.32
C PRO C 783 -9.29 26.59 13.72
N VAL C 784 -10.14 25.67 14.15
CA VAL C 784 -11.49 26.07 14.59
C VAL C 784 -11.48 26.08 16.11
N ALA C 785 -12.22 27.01 16.70
CA ALA C 785 -12.29 27.12 18.15
C ALA C 785 -13.70 27.52 18.60
N ALA D 27 -28.33 -32.87 -51.45
CA ALA D 27 -29.70 -32.59 -51.96
C ALA D 27 -30.40 -31.53 -51.12
N SER D 28 -30.47 -31.78 -49.81
CA SER D 28 -31.12 -30.84 -48.89
C SER D 28 -30.38 -29.51 -48.83
N ASP D 29 -31.15 -28.43 -48.68
CA ASP D 29 -30.58 -27.09 -48.60
C ASP D 29 -29.62 -27.04 -47.42
N GLU D 30 -29.94 -27.78 -46.37
CA GLU D 30 -29.11 -27.81 -45.18
C GLU D 30 -27.67 -28.23 -45.48
N LYS D 31 -27.50 -29.33 -46.20
CA LYS D 31 -26.16 -29.79 -46.54
C LYS D 31 -25.49 -28.83 -47.53
N ARG D 32 -26.29 -28.23 -48.40
CA ARG D 32 -25.74 -27.30 -49.37
C ARG D 32 -25.21 -26.08 -48.62
N ILE D 33 -25.93 -25.69 -47.56
CA ILE D 33 -25.53 -24.56 -46.75
C ILE D 33 -24.21 -24.84 -46.03
N GLU D 34 -24.12 -26.00 -45.39
CA GLU D 34 -22.88 -26.33 -44.69
C GLU D 34 -21.71 -26.41 -45.67
N THR D 35 -21.99 -26.83 -46.91
CA THR D 35 -20.94 -26.92 -47.90
C THR D 35 -20.49 -25.50 -48.26
N LEU D 36 -21.44 -24.69 -48.72
CA LEU D 36 -21.15 -23.32 -49.08
C LEU D 36 -20.40 -22.61 -47.98
N ILE D 37 -20.77 -22.87 -46.75
CA ILE D 37 -20.11 -22.23 -45.62
C ILE D 37 -18.64 -22.62 -45.54
N SER D 38 -18.35 -23.91 -45.53
CA SER D 38 -16.96 -24.34 -45.45
C SER D 38 -16.15 -23.81 -46.65
N GLU D 39 -16.76 -23.76 -47.83
CA GLU D 39 -16.06 -23.27 -49.01
C GLU D 39 -15.71 -21.79 -48.88
N ILE D 40 -16.65 -21.00 -48.37
CA ILE D 40 -16.42 -19.58 -48.20
C ILE D 40 -15.35 -19.34 -47.12
N LYS D 41 -15.38 -20.14 -46.06
CA LYS D 41 -14.36 -20.01 -45.01
C LYS D 41 -13.01 -20.30 -45.66
N ASN D 42 -13.02 -21.23 -46.61
CA ASN D 42 -11.79 -21.60 -47.31
C ASN D 42 -11.23 -20.39 -48.04
N MET D 43 -12.12 -19.62 -48.66
CA MET D 43 -11.71 -18.43 -49.39
C MET D 43 -11.01 -17.46 -48.45
N PHE D 44 -11.67 -17.13 -47.34
CA PHE D 44 -11.09 -16.21 -46.37
C PHE D 44 -9.74 -16.69 -45.86
N ARG D 45 -9.63 -17.98 -45.59
CA ARG D 45 -8.40 -18.55 -45.08
C ARG D 45 -7.26 -18.47 -46.09
N CYS D 46 -7.60 -18.40 -47.37
CA CYS D 46 -6.60 -18.33 -48.43
C CYS D 46 -6.30 -16.91 -48.92
N MET D 47 -6.97 -15.92 -48.34
CA MET D 47 -6.74 -14.53 -48.74
C MET D 47 -5.31 -14.11 -48.48
N GLY D 48 -4.64 -13.66 -49.52
CA GLY D 48 -3.26 -13.22 -49.40
C GLY D 48 -3.14 -11.79 -49.88
N TYR D 49 -2.42 -11.60 -50.98
CA TYR D 49 -2.23 -10.26 -51.52
C TYR D 49 -3.31 -9.86 -52.52
N GLY D 50 -4.19 -10.79 -52.84
CA GLY D 50 -5.26 -10.51 -53.77
C GLY D 50 -5.43 -11.50 -54.91
N GLU D 51 -6.68 -11.89 -55.15
CA GLU D 51 -7.00 -12.84 -56.21
C GLU D 51 -7.65 -12.08 -57.35
N THR D 52 -7.07 -12.17 -58.54
CA THR D 52 -7.61 -11.46 -59.68
C THR D 52 -7.16 -12.15 -60.98
N ASN D 53 -7.80 -11.77 -62.08
CA ASN D 53 -7.51 -12.35 -63.38
C ASN D 53 -6.28 -11.70 -63.99
N PRO D 54 -5.74 -12.31 -65.05
CA PRO D 54 -4.55 -11.76 -65.71
C PRO D 54 -4.91 -10.53 -66.53
N SER D 55 -3.92 -9.70 -66.80
CA SER D 55 -4.13 -8.51 -67.63
C SER D 55 -3.23 -8.64 -68.85
N ALA D 56 -3.85 -8.87 -70.00
CA ALA D 56 -3.10 -9.00 -71.24
C ALA D 56 -2.19 -7.79 -71.44
N TYR D 57 -2.80 -6.62 -71.35
CA TYR D 57 -2.11 -5.36 -71.51
C TYR D 57 -0.86 -5.24 -70.63
N ASP D 58 -1.01 -5.42 -69.32
CA ASP D 58 0.11 -5.33 -68.40
C ASP D 58 1.12 -6.44 -68.60
N THR D 59 0.63 -7.64 -68.92
CA THR D 59 1.53 -8.75 -69.13
C THR D 59 2.38 -8.46 -70.36
N ALA D 60 1.78 -7.78 -71.33
CA ALA D 60 2.45 -7.42 -72.56
C ALA D 60 3.55 -6.40 -72.29
N TRP D 61 3.33 -5.51 -71.32
CA TRP D 61 4.36 -4.52 -71.02
C TRP D 61 5.54 -5.15 -70.28
N VAL D 62 5.24 -6.02 -69.34
CA VAL D 62 6.28 -6.70 -68.60
C VAL D 62 7.10 -7.60 -69.52
N ALA D 63 6.47 -8.06 -70.60
CA ALA D 63 7.14 -8.94 -71.57
C ALA D 63 8.15 -8.17 -72.44
N ARG D 64 8.02 -6.86 -72.52
CA ARG D 64 8.93 -6.04 -73.31
C ARG D 64 10.33 -5.93 -72.72
N ILE D 65 10.42 -5.96 -71.39
CA ILE D 65 11.70 -5.84 -70.72
C ILE D 65 12.77 -6.79 -71.25
N PRO D 66 13.86 -6.23 -71.80
CA PRO D 66 14.97 -7.04 -72.34
C PRO D 66 15.78 -7.67 -71.22
N ALA D 67 16.22 -8.90 -71.42
CA ALA D 67 17.01 -9.62 -70.42
C ALA D 67 18.09 -8.73 -69.84
N VAL D 68 18.29 -8.82 -68.53
CA VAL D 68 19.29 -8.02 -67.87
C VAL D 68 20.71 -8.37 -68.34
N ASP D 69 20.95 -9.63 -68.67
CA ASP D 69 22.28 -10.05 -69.11
C ASP D 69 22.74 -9.30 -70.37
N GLY D 70 21.86 -9.20 -71.36
CA GLY D 70 22.20 -8.50 -72.59
C GLY D 70 21.72 -9.22 -73.83
N SER D 71 21.48 -10.53 -73.71
CA SER D 71 21.03 -11.32 -74.85
C SER D 71 19.76 -10.75 -75.47
N ASP D 72 19.45 -11.20 -76.68
CA ASP D 72 18.25 -10.75 -77.37
C ASP D 72 17.04 -11.58 -76.96
N ASN D 73 16.83 -11.68 -75.65
CA ASN D 73 15.71 -12.45 -75.11
C ASN D 73 14.97 -11.66 -74.04
N PRO D 74 13.67 -11.90 -73.91
CA PRO D 74 12.91 -11.17 -72.89
C PRO D 74 13.44 -11.55 -71.50
N HIS D 75 13.45 -10.60 -70.59
CA HIS D 75 13.91 -10.84 -69.23
C HIS D 75 12.95 -11.81 -68.54
N PHE D 76 11.68 -11.79 -68.96
CA PHE D 76 10.64 -12.65 -68.42
C PHE D 76 10.01 -13.46 -69.56
N PRO D 77 10.71 -14.50 -70.04
CA PRO D 77 10.32 -15.40 -71.13
C PRO D 77 8.87 -15.90 -71.09
N GLU D 78 8.48 -16.41 -69.93
CA GLU D 78 7.14 -16.94 -69.75
C GLU D 78 6.01 -15.94 -70.03
N THR D 79 6.26 -14.65 -69.82
CA THR D 79 5.21 -13.67 -70.10
C THR D 79 4.94 -13.62 -71.60
N VAL D 80 5.99 -13.70 -72.40
CA VAL D 80 5.84 -13.69 -73.85
C VAL D 80 5.07 -14.96 -74.23
N GLU D 81 5.44 -16.06 -73.58
CA GLU D 81 4.78 -17.34 -73.83
C GLU D 81 3.30 -17.21 -73.47
N TRP D 82 3.03 -16.53 -72.35
CA TRP D 82 1.66 -16.33 -71.92
C TRP D 82 0.86 -15.67 -73.03
N ILE D 83 1.38 -14.58 -73.56
CA ILE D 83 0.71 -13.84 -74.63
C ILE D 83 0.42 -14.76 -75.81
N LEU D 84 1.38 -15.63 -76.11
CA LEU D 84 1.25 -16.54 -77.23
C LEU D 84 0.13 -17.57 -77.10
N GLN D 85 -0.07 -18.09 -75.89
CA GLN D 85 -1.08 -19.10 -75.67
C GLN D 85 -2.43 -18.61 -75.15
N ASN D 86 -2.55 -17.31 -74.91
CA ASN D 86 -3.80 -16.79 -74.37
C ASN D 86 -4.56 -15.83 -75.26
N GLN D 87 -4.35 -15.94 -76.57
CA GLN D 87 -5.07 -15.08 -77.49
C GLN D 87 -6.47 -15.66 -77.62
N LEU D 88 -7.48 -14.81 -77.75
CA LEU D 88 -8.85 -15.27 -77.87
C LEU D 88 -9.20 -15.70 -79.30
N LYS D 89 -10.34 -16.38 -79.43
CA LYS D 89 -10.80 -16.88 -80.72
C LYS D 89 -10.83 -15.79 -81.80
N ASP D 90 -11.43 -14.65 -81.50
CA ASP D 90 -11.51 -13.58 -82.47
C ASP D 90 -10.16 -12.92 -82.77
N GLY D 91 -9.10 -13.42 -82.14
CA GLY D 91 -7.77 -12.86 -82.38
C GLY D 91 -7.35 -11.74 -81.46
N SER D 92 -8.24 -11.34 -80.57
CA SER D 92 -7.94 -10.27 -79.64
C SER D 92 -7.42 -10.90 -78.36
N TRP D 93 -6.94 -10.03 -77.48
CA TRP D 93 -6.46 -10.43 -76.17
C TRP D 93 -7.36 -9.64 -75.23
N GLY D 94 -7.42 -10.04 -73.97
CA GLY D 94 -8.26 -9.34 -73.01
C GLY D 94 -9.03 -10.36 -72.20
N GLU D 95 -9.97 -9.89 -71.38
CA GLU D 95 -10.74 -10.81 -70.57
C GLU D 95 -11.95 -11.35 -71.35
N GLY D 96 -11.85 -12.61 -71.76
CA GLY D 96 -12.92 -13.24 -72.52
C GLY D 96 -14.25 -13.30 -71.77
N PHE D 97 -14.17 -13.34 -70.45
CA PHE D 97 -15.37 -13.41 -69.63
C PHE D 97 -16.32 -12.24 -69.85
N TYR D 98 -15.78 -11.08 -70.18
CA TYR D 98 -16.62 -9.90 -70.38
C TYR D 98 -16.09 -9.04 -71.50
N PHE D 99 -16.87 -8.94 -72.57
CA PHE D 99 -16.45 -8.15 -73.70
C PHE D 99 -16.61 -6.66 -73.50
N LEU D 100 -15.53 -5.93 -73.74
CA LEU D 100 -15.53 -4.47 -73.67
C LEU D 100 -14.61 -4.04 -74.80
N ALA D 101 -15.16 -3.30 -75.76
CA ALA D 101 -14.37 -2.87 -76.89
C ALA D 101 -13.02 -2.30 -76.46
N TYR D 102 -13.03 -1.23 -75.67
CA TYR D 102 -11.79 -0.62 -75.21
C TYR D 102 -10.79 -1.63 -74.66
N ASP D 103 -11.25 -2.50 -73.77
CA ASP D 103 -10.37 -3.50 -73.17
C ASP D 103 -9.68 -4.34 -74.23
N ARG D 104 -10.45 -4.80 -75.22
CA ARG D 104 -9.92 -5.64 -76.29
C ARG D 104 -8.93 -4.96 -77.22
N ILE D 105 -9.25 -3.79 -77.76
CA ILE D 105 -8.30 -3.13 -78.65
C ILE D 105 -7.06 -2.74 -77.88
N LEU D 106 -7.23 -2.33 -76.63
CA LEU D 106 -6.10 -1.93 -75.79
C LEU D 106 -5.11 -3.07 -75.63
N ALA D 107 -5.58 -4.18 -75.08
CA ALA D 107 -4.70 -5.34 -74.87
C ALA D 107 -4.13 -5.89 -76.18
N THR D 108 -4.94 -5.90 -77.22
CA THR D 108 -4.51 -6.43 -78.51
C THR D 108 -3.38 -5.60 -79.12
N LEU D 109 -3.52 -4.29 -79.09
CA LEU D 109 -2.50 -3.40 -79.62
C LEU D 109 -1.21 -3.64 -78.84
N ALA D 110 -1.33 -3.62 -77.52
CA ALA D 110 -0.17 -3.84 -76.66
C ALA D 110 0.52 -5.17 -76.92
N CYS D 111 -0.27 -6.19 -77.25
CA CYS D 111 0.30 -7.52 -77.49
C CYS D 111 0.95 -7.69 -78.86
N ILE D 112 0.39 -7.09 -79.90
CA ILE D 112 1.01 -7.24 -81.20
C ILE D 112 2.33 -6.45 -81.22
N ILE D 113 2.37 -5.32 -80.53
CA ILE D 113 3.61 -4.54 -80.48
C ILE D 113 4.71 -5.34 -79.80
N THR D 114 4.34 -6.04 -78.73
CA THR D 114 5.31 -6.83 -77.98
C THR D 114 5.84 -8.02 -78.78
N LEU D 115 4.95 -8.73 -79.47
CA LEU D 115 5.37 -9.88 -80.26
C LEU D 115 6.20 -9.40 -81.44
N THR D 116 5.82 -8.25 -82.00
CA THR D 116 6.57 -7.68 -83.11
C THR D 116 8.00 -7.31 -82.68
N LEU D 117 8.15 -6.92 -81.41
CA LEU D 117 9.47 -6.54 -80.90
C LEU D 117 10.38 -7.73 -80.65
N TRP D 118 9.80 -8.90 -80.35
CA TRP D 118 10.61 -10.09 -80.13
C TRP D 118 10.61 -10.99 -81.35
N ARG D 119 10.08 -10.46 -82.46
CA ARG D 119 10.02 -11.19 -83.72
C ARG D 119 9.47 -12.59 -83.51
N THR D 120 8.43 -12.70 -82.69
CA THR D 120 7.83 -14.00 -82.42
C THR D 120 6.32 -13.97 -82.62
N GLY D 121 5.70 -15.13 -82.63
CA GLY D 121 4.27 -15.23 -82.80
C GLY D 121 3.67 -14.50 -84.00
N GLU D 122 4.32 -14.62 -85.16
CA GLU D 122 3.83 -13.97 -86.36
C GLU D 122 2.35 -14.28 -86.61
N THR D 123 1.96 -15.52 -86.30
CA THR D 123 0.59 -15.98 -86.47
C THR D 123 -0.39 -15.13 -85.64
N GLN D 124 -0.12 -15.07 -84.34
CA GLN D 124 -0.94 -14.32 -83.41
C GLN D 124 -0.98 -12.85 -83.78
N VAL D 125 0.16 -12.33 -84.20
CA VAL D 125 0.24 -10.92 -84.58
C VAL D 125 -0.75 -10.65 -85.71
N GLN D 126 -0.72 -11.49 -86.73
CA GLN D 126 -1.61 -11.31 -87.87
C GLN D 126 -3.09 -11.36 -87.49
N LYS D 127 -3.46 -12.28 -86.60
CA LYS D 127 -4.85 -12.37 -86.17
C LYS D 127 -5.20 -11.14 -85.31
N GLY D 128 -4.26 -10.71 -84.47
CA GLY D 128 -4.50 -9.56 -83.62
C GLY D 128 -4.73 -8.33 -84.49
N ILE D 129 -3.93 -8.19 -85.52
CA ILE D 129 -4.05 -7.07 -86.44
C ILE D 129 -5.43 -7.12 -87.08
N GLU D 130 -5.86 -8.33 -87.45
CA GLU D 130 -7.17 -8.48 -88.06
C GLU D 130 -8.27 -8.05 -87.09
N PHE D 131 -8.16 -8.47 -85.84
CA PHE D 131 -9.16 -8.09 -84.85
C PHE D 131 -9.19 -6.58 -84.70
N PHE D 132 -8.01 -6.00 -84.47
CA PHE D 132 -7.89 -4.56 -84.27
C PHE D 132 -8.53 -3.75 -85.37
N ARG D 133 -8.21 -4.08 -86.62
CA ARG D 133 -8.77 -3.36 -87.76
C ARG D 133 -10.29 -3.47 -87.76
N THR D 134 -10.80 -4.68 -87.56
CA THR D 134 -12.25 -4.86 -87.55
C THR D 134 -12.89 -4.06 -86.39
N GLN D 135 -12.38 -4.24 -85.18
CA GLN D 135 -12.93 -3.54 -84.01
C GLN D 135 -12.75 -2.01 -84.07
N ALA D 136 -11.63 -1.56 -84.60
CA ALA D 136 -11.36 -0.12 -84.69
C ALA D 136 -12.39 0.61 -85.54
N GLY D 137 -13.05 -0.12 -86.43
CA GLY D 137 -14.05 0.48 -87.29
C GLY D 137 -15.47 0.38 -86.75
N LYS D 138 -15.61 0.02 -85.47
CA LYS D 138 -16.93 -0.11 -84.86
C LYS D 138 -17.03 0.61 -83.51
N MET D 139 -16.00 1.37 -83.16
CA MET D 139 -16.00 2.09 -81.89
C MET D 139 -17.14 3.09 -81.78
N GLU D 140 -17.55 3.63 -82.91
CA GLU D 140 -18.64 4.60 -82.95
C GLU D 140 -20.00 3.93 -82.79
N ASP D 141 -20.02 2.80 -82.11
CA ASP D 141 -21.27 2.08 -81.89
C ASP D 141 -21.26 1.61 -80.44
N GLU D 142 -20.24 2.03 -79.70
CA GLU D 142 -20.11 1.67 -78.30
C GLU D 142 -19.48 2.81 -77.51
N ALA D 143 -19.96 4.02 -77.81
CA ALA D 143 -19.50 5.23 -77.15
C ALA D 143 -20.15 5.32 -75.78
N ASP D 144 -21.14 4.47 -75.54
CA ASP D 144 -21.85 4.45 -74.26
C ASP D 144 -21.06 3.65 -73.24
N SER D 145 -20.07 2.88 -73.71
CA SER D 145 -19.24 2.07 -72.83
C SER D 145 -18.33 2.94 -71.96
N HIS D 146 -17.84 2.35 -70.88
CA HIS D 146 -16.94 3.08 -69.99
C HIS D 146 -15.50 2.88 -70.41
N ARG D 147 -14.76 3.98 -70.45
CA ARG D 147 -13.35 3.96 -70.84
C ARG D 147 -12.48 3.53 -69.68
N PRO D 148 -11.57 2.58 -69.91
CA PRO D 148 -10.68 2.10 -68.85
C PRO D 148 -9.84 3.28 -68.34
N SER D 149 -9.29 3.15 -67.15
CA SER D 149 -8.48 4.22 -66.55
C SER D 149 -7.23 4.52 -67.37
N GLY D 150 -7.05 5.80 -67.68
CA GLY D 150 -5.89 6.24 -68.44
C GLY D 150 -5.89 5.86 -69.91
N PHE D 151 -7.01 5.31 -70.39
CA PHE D 151 -7.09 4.89 -71.80
C PHE D 151 -6.70 5.98 -72.78
N GLU D 152 -7.22 7.19 -72.57
CA GLU D 152 -6.96 8.32 -73.45
C GLU D 152 -5.48 8.72 -73.44
N ILE D 153 -4.74 8.20 -72.47
CA ILE D 153 -3.34 8.52 -72.39
C ILE D 153 -2.49 7.37 -72.89
N VAL D 154 -2.83 6.18 -72.40
CA VAL D 154 -2.11 4.97 -72.74
C VAL D 154 -2.28 4.45 -74.18
N PHE D 155 -3.50 4.45 -74.68
CA PHE D 155 -3.78 3.95 -76.03
C PHE D 155 -3.15 4.75 -77.20
N PRO D 156 -3.39 6.08 -77.26
CA PRO D 156 -2.83 6.88 -78.35
C PRO D 156 -1.30 6.81 -78.37
N ALA D 157 -0.72 6.59 -77.19
CA ALA D 157 0.73 6.49 -77.07
C ALA D 157 1.23 5.27 -77.84
N MET D 158 0.58 4.12 -77.64
CA MET D 158 0.97 2.90 -78.32
C MET D 158 0.65 2.97 -79.81
N LEU D 159 -0.35 3.77 -80.18
CA LEU D 159 -0.70 3.92 -81.59
C LEU D 159 0.52 4.52 -82.27
N LYS D 160 1.09 5.54 -81.65
CA LYS D 160 2.27 6.23 -82.18
C LYS D 160 3.46 5.29 -82.35
N GLU D 161 3.61 4.32 -81.44
CA GLU D 161 4.71 3.37 -81.54
C GLU D 161 4.46 2.47 -82.73
N ALA D 162 3.23 1.98 -82.84
CA ALA D 162 2.84 1.08 -83.93
C ALA D 162 3.17 1.70 -85.27
N LYS D 163 2.80 2.96 -85.42
CA LYS D 163 3.04 3.70 -86.65
C LYS D 163 4.52 3.69 -87.01
N ILE D 164 5.37 4.01 -86.03
CA ILE D 164 6.81 4.03 -86.27
C ILE D 164 7.39 2.64 -86.51
N LEU D 165 6.78 1.61 -85.92
CA LEU D 165 7.26 0.24 -86.10
C LEU D 165 6.83 -0.31 -87.45
N GLY D 166 6.03 0.45 -88.18
CA GLY D 166 5.57 0.01 -89.48
C GLY D 166 4.49 -1.06 -89.45
N LEU D 167 3.53 -0.93 -88.53
CA LEU D 167 2.46 -1.92 -88.43
C LEU D 167 1.23 -1.47 -89.22
N ASP D 168 0.64 -2.40 -89.95
CA ASP D 168 -0.53 -2.13 -90.77
C ASP D 168 -1.85 -1.92 -90.01
N LEU D 169 -2.05 -0.71 -89.49
CA LEU D 169 -3.27 -0.38 -88.76
C LEU D 169 -4.04 0.73 -89.48
N PRO D 170 -5.35 0.84 -89.22
CA PRO D 170 -6.25 1.85 -89.80
C PRO D 170 -6.08 3.27 -89.24
N TYR D 171 -4.83 3.73 -89.15
CA TYR D 171 -4.50 5.04 -88.61
C TYR D 171 -5.37 6.21 -89.08
N ASP D 172 -5.94 6.11 -90.28
CA ASP D 172 -6.77 7.17 -90.82
C ASP D 172 -8.19 7.25 -90.29
N LEU D 173 -8.65 6.19 -89.63
CA LEU D 173 -10.00 6.18 -89.08
C LEU D 173 -10.17 7.35 -88.11
N PRO D 174 -11.27 8.10 -88.24
CA PRO D 174 -11.54 9.24 -87.36
C PRO D 174 -11.26 8.97 -85.88
N PHE D 175 -11.74 7.85 -85.37
CA PHE D 175 -11.54 7.46 -83.98
C PHE D 175 -10.05 7.37 -83.59
N LEU D 176 -9.28 6.63 -84.36
CA LEU D 176 -7.86 6.45 -84.09
C LEU D 176 -7.06 7.72 -84.33
N LYS D 177 -7.46 8.48 -85.34
CA LYS D 177 -6.80 9.73 -85.71
C LYS D 177 -7.05 10.81 -84.66
N GLN D 178 -8.29 10.90 -84.18
CA GLN D 178 -8.65 11.91 -83.20
C GLN D 178 -8.21 11.61 -81.78
N ILE D 179 -8.27 10.36 -81.36
CA ILE D 179 -7.85 10.03 -80.01
C ILE D 179 -6.38 10.42 -79.80
N ILE D 180 -5.63 10.51 -80.88
CA ILE D 180 -4.21 10.89 -80.79
C ILE D 180 -4.06 12.41 -80.62
N GLU D 181 -4.82 13.17 -81.39
CA GLU D 181 -4.77 14.62 -81.31
C GLU D 181 -5.27 15.09 -79.94
N LYS D 182 -6.23 14.36 -79.39
CA LYS D 182 -6.80 14.71 -78.09
C LYS D 182 -5.78 14.44 -76.97
N ARG D 183 -4.99 13.38 -77.12
CA ARG D 183 -3.97 13.06 -76.12
C ARG D 183 -2.87 14.10 -76.19
N GLU D 184 -2.68 14.66 -77.38
CA GLU D 184 -1.65 15.67 -77.57
C GLU D 184 -2.09 16.97 -76.89
N ALA D 185 -3.41 17.21 -76.88
CA ALA D 185 -3.95 18.41 -76.25
C ALA D 185 -3.97 18.27 -74.73
N LYS D 186 -4.19 17.05 -74.26
CA LYS D 186 -4.24 16.78 -72.82
C LYS D 186 -2.84 16.77 -72.21
N LEU D 187 -1.89 16.23 -72.96
CA LEU D 187 -0.51 16.16 -72.49
C LEU D 187 0.00 17.57 -72.21
N LYS D 188 -0.35 18.51 -73.08
CA LYS D 188 0.07 19.90 -72.91
C LYS D 188 -0.56 20.54 -71.68
N ARG D 189 -1.85 20.27 -71.47
CA ARG D 189 -2.57 20.86 -70.35
C ARG D 189 -2.43 20.11 -69.02
N ILE D 190 -1.27 19.54 -68.76
CA ILE D 190 -1.03 18.82 -67.52
C ILE D 190 -0.19 19.64 -66.55
N PRO D 191 -0.68 19.85 -65.32
CA PRO D 191 0.03 20.62 -64.29
C PRO D 191 1.31 19.96 -63.77
N THR D 192 2.44 20.35 -64.38
CA THR D 192 3.77 19.86 -64.05
C THR D 192 4.02 19.70 -62.56
N ASP D 193 3.90 20.82 -61.83
CA ASP D 193 4.09 20.82 -60.39
C ASP D 193 3.37 19.66 -59.71
N VAL D 194 2.07 19.55 -59.97
CA VAL D 194 1.26 18.49 -59.38
C VAL D 194 1.80 17.12 -59.76
N LEU D 195 2.23 16.99 -61.01
CA LEU D 195 2.76 15.73 -61.52
C LEU D 195 3.96 15.24 -60.69
N TYR D 196 4.78 16.18 -60.22
CA TYR D 196 5.97 15.80 -59.45
C TYR D 196 5.95 16.03 -57.94
N ALA D 197 5.14 16.98 -57.48
CA ALA D 197 5.05 17.27 -56.05
C ALA D 197 4.71 16.07 -55.18
N LEU D 198 3.59 15.42 -55.47
CA LEU D 198 3.12 14.27 -54.72
C LEU D 198 2.68 13.15 -55.67
N PRO D 199 2.63 11.91 -55.15
CA PRO D 199 2.20 10.78 -55.98
C PRO D 199 0.71 10.98 -56.32
N THR D 200 0.34 10.76 -57.58
CA THR D 200 -1.05 10.93 -57.99
C THR D 200 -1.43 9.80 -58.94
N THR D 201 -2.70 9.72 -59.32
CA THR D 201 -3.14 8.66 -60.21
C THR D 201 -2.46 8.66 -61.57
N LEU D 202 -1.82 9.77 -61.94
CA LEU D 202 -1.12 9.82 -63.23
C LEU D 202 0.01 8.80 -63.25
N LEU D 203 0.60 8.52 -62.09
CA LEU D 203 1.68 7.55 -62.01
C LEU D 203 1.20 6.17 -62.44
N TYR D 204 -0.11 6.02 -62.52
CA TYR D 204 -0.74 4.77 -62.89
C TYR D 204 -0.58 4.48 -64.38
N SER D 205 -0.30 5.53 -65.15
CA SER D 205 -0.18 5.39 -66.60
C SER D 205 1.10 5.96 -67.20
N LEU D 206 2.22 5.80 -66.52
CA LEU D 206 3.49 6.31 -67.03
C LEU D 206 3.89 5.71 -68.37
N GLU D 207 3.39 4.50 -68.64
CA GLU D 207 3.71 3.83 -69.89
C GLU D 207 3.26 4.70 -71.07
N GLY D 208 2.26 5.55 -70.81
CA GLY D 208 1.76 6.44 -71.86
C GLY D 208 2.24 7.87 -71.71
N LEU D 209 3.14 8.13 -70.76
CA LEU D 209 3.65 9.47 -70.55
C LEU D 209 5.18 9.55 -70.70
N GLN D 210 5.79 8.47 -71.18
CA GLN D 210 7.23 8.43 -71.37
C GLN D 210 7.81 9.60 -72.17
N GLU D 211 7.06 10.06 -73.18
CA GLU D 211 7.52 11.15 -74.03
C GLU D 211 7.74 12.49 -73.32
N ILE D 212 7.03 12.75 -72.22
CA ILE D 212 7.17 14.05 -71.58
C ILE D 212 7.46 14.07 -70.08
N VAL D 213 7.99 12.99 -69.54
CA VAL D 213 8.27 12.91 -68.12
C VAL D 213 9.75 13.09 -67.76
N ASP D 214 10.01 13.70 -66.60
CA ASP D 214 11.36 13.89 -66.09
C ASP D 214 11.55 12.75 -65.11
N TRP D 215 12.17 11.68 -65.57
CA TRP D 215 12.37 10.49 -64.77
C TRP D 215 13.02 10.74 -63.41
N GLN D 216 13.92 11.73 -63.33
CA GLN D 216 14.57 12.02 -62.08
C GLN D 216 13.53 12.44 -61.03
N LYS D 217 12.64 13.35 -61.40
CA LYS D 217 11.61 13.78 -60.48
C LYS D 217 10.60 12.68 -60.20
N ILE D 218 10.28 11.87 -61.20
CA ILE D 218 9.33 10.77 -61.01
C ILE D 218 9.83 9.72 -60.02
N MET D 219 11.13 9.42 -60.03
CA MET D 219 11.71 8.42 -59.14
C MET D 219 11.50 8.71 -57.66
N LYS D 220 11.27 9.98 -57.33
CA LYS D 220 11.06 10.34 -55.94
C LYS D 220 9.63 9.99 -55.47
N LEU D 221 8.80 9.53 -56.38
CA LEU D 221 7.41 9.17 -56.05
C LEU D 221 7.12 7.68 -56.11
N GLN D 222 8.18 6.87 -56.14
CA GLN D 222 8.05 5.42 -56.20
C GLN D 222 7.40 4.88 -54.90
N SER D 223 6.68 3.78 -55.00
CA SER D 223 6.03 3.19 -53.82
C SER D 223 7.07 2.48 -52.95
N LYS D 224 6.72 2.21 -51.70
CA LYS D 224 7.63 1.53 -50.79
C LYS D 224 7.97 0.15 -51.34
N ASP D 225 7.05 -0.44 -52.12
CA ASP D 225 7.29 -1.76 -52.69
C ASP D 225 7.91 -1.71 -54.09
N GLY D 226 8.36 -0.53 -54.51
CA GLY D 226 9.00 -0.40 -55.81
C GLY D 226 8.12 -0.07 -57.01
N SER D 227 6.81 -0.29 -56.90
CA SER D 227 5.93 0.01 -58.01
C SER D 227 5.60 1.49 -58.11
N PHE D 228 4.86 1.81 -59.15
CA PHE D 228 4.39 3.16 -59.38
C PHE D 228 2.88 3.03 -59.41
N LEU D 229 2.27 3.43 -58.29
CA LEU D 229 0.83 3.32 -58.09
C LEU D 229 0.30 1.92 -58.36
N SER D 230 1.14 0.94 -58.02
CA SER D 230 0.87 -0.49 -58.14
C SER D 230 0.63 -1.04 -59.53
N SER D 231 0.89 -0.24 -60.55
CA SER D 231 0.69 -0.70 -61.92
C SER D 231 1.95 -1.37 -62.46
N PRO D 232 1.83 -2.63 -62.95
CA PRO D 232 2.98 -3.35 -63.49
C PRO D 232 3.50 -2.73 -64.81
N ALA D 233 2.59 -2.42 -65.72
CA ALA D 233 2.97 -1.82 -67.00
C ALA D 233 3.70 -0.51 -66.77
N SER D 234 3.15 0.32 -65.89
CA SER D 234 3.75 1.60 -65.58
C SER D 234 5.14 1.37 -64.95
N THR D 235 5.23 0.41 -64.04
CA THR D 235 6.47 0.08 -63.37
C THR D 235 7.50 -0.53 -64.34
N ALA D 236 7.00 -1.30 -65.31
CA ALA D 236 7.87 -1.92 -66.31
C ALA D 236 8.45 -0.84 -67.22
N ALA D 237 7.63 0.15 -67.53
CA ALA D 237 8.07 1.23 -68.40
C ALA D 237 9.15 2.04 -67.68
N VAL D 238 8.90 2.36 -66.41
CA VAL D 238 9.87 3.12 -65.64
C VAL D 238 11.20 2.36 -65.64
N PHE D 239 11.13 1.04 -65.46
CA PHE D 239 12.35 0.23 -65.43
C PHE D 239 13.15 0.32 -66.73
N MET D 240 12.48 0.12 -67.86
CA MET D 240 13.16 0.18 -69.15
C MET D 240 13.82 1.54 -69.41
N ARG D 241 13.26 2.60 -68.84
CA ARG D 241 13.82 3.94 -69.01
C ARG D 241 14.81 4.35 -67.92
N THR D 242 14.75 3.68 -66.78
CA THR D 242 15.62 4.02 -65.64
C THR D 242 16.61 2.97 -65.15
N GLY D 243 16.29 1.69 -65.33
CA GLY D 243 17.19 0.65 -64.86
C GLY D 243 16.98 0.42 -63.36
N ASN D 244 16.08 1.20 -62.77
CA ASN D 244 15.78 1.14 -61.34
C ASN D 244 15.49 -0.29 -60.83
N LYS D 245 16.33 -0.76 -59.92
CA LYS D 245 16.20 -2.10 -59.34
C LYS D 245 14.91 -2.38 -58.57
N LYS D 246 14.45 -1.44 -57.76
CA LYS D 246 13.24 -1.66 -56.98
C LYS D 246 12.04 -1.93 -57.88
N CYS D 247 12.02 -1.33 -59.07
CA CYS D 247 10.93 -1.54 -60.01
C CYS D 247 10.89 -3.02 -60.34
N LEU D 248 12.07 -3.61 -60.50
CA LEU D 248 12.20 -5.02 -60.82
C LEU D 248 11.76 -5.89 -59.64
N ASP D 249 12.17 -5.53 -58.42
CA ASP D 249 11.78 -6.28 -57.24
C ASP D 249 10.25 -6.39 -57.18
N PHE D 250 9.57 -5.32 -57.56
CA PHE D 250 8.11 -5.32 -57.56
C PHE D 250 7.53 -6.31 -58.57
N LEU D 251 8.09 -6.31 -59.77
CA LEU D 251 7.64 -7.21 -60.81
C LEU D 251 7.90 -8.66 -60.39
N ASN D 252 9.04 -8.91 -59.77
CA ASN D 252 9.37 -10.25 -59.31
C ASN D 252 8.35 -10.65 -58.26
N PHE D 253 7.94 -9.66 -57.47
CA PHE D 253 6.95 -9.87 -56.43
C PHE D 253 5.62 -10.30 -57.03
N VAL D 254 5.16 -9.58 -58.04
CA VAL D 254 3.91 -9.91 -58.70
C VAL D 254 3.97 -11.28 -59.36
N LEU D 255 5.06 -11.54 -60.08
CA LEU D 255 5.23 -12.83 -60.76
C LEU D 255 5.38 -13.97 -59.79
N LYS D 256 5.83 -13.68 -58.59
CA LYS D 256 6.00 -14.71 -57.57
C LYS D 256 4.62 -15.23 -57.19
N LYS D 257 3.60 -14.44 -57.50
CA LYS D 257 2.23 -14.78 -57.18
C LYS D 257 1.50 -15.40 -58.37
N PHE D 258 1.64 -14.79 -59.54
CA PHE D 258 0.94 -15.27 -60.73
C PHE D 258 1.70 -16.17 -61.71
N GLY D 259 3.03 -16.21 -61.58
CA GLY D 259 3.82 -17.07 -62.44
C GLY D 259 4.29 -16.54 -63.78
N ASN D 260 3.40 -16.49 -64.75
CA ASN D 260 3.76 -16.03 -66.09
C ASN D 260 2.96 -14.84 -66.59
N HIS D 261 2.27 -14.14 -65.69
CA HIS D 261 1.49 -12.99 -66.09
C HIS D 261 1.33 -12.05 -64.89
N VAL D 262 0.68 -10.91 -65.12
CA VAL D 262 0.46 -9.93 -64.07
C VAL D 262 -0.88 -9.26 -64.25
N PRO D 263 -1.50 -8.82 -63.15
CA PRO D 263 -2.81 -8.14 -63.19
C PRO D 263 -2.58 -6.68 -63.59
N CYS D 264 -3.61 -5.83 -63.52
CA CYS D 264 -3.42 -4.43 -63.87
C CYS D 264 -3.07 -3.52 -62.68
N HIS D 265 -2.93 -4.11 -61.51
CA HIS D 265 -2.57 -3.39 -60.28
C HIS D 265 -2.45 -4.41 -59.15
N TYR D 266 -1.41 -4.26 -58.32
CA TYR D 266 -1.19 -5.22 -57.24
C TYR D 266 -0.25 -4.63 -56.21
N PRO D 267 -0.40 -5.04 -54.92
CA PRO D 267 -1.37 -6.01 -54.40
C PRO D 267 -2.75 -5.38 -54.19
N LEU D 268 -3.73 -6.21 -53.82
CA LEU D 268 -5.09 -5.77 -53.60
C LEU D 268 -5.56 -6.28 -52.24
N ASP D 269 -4.62 -6.46 -51.31
CA ASP D 269 -4.92 -7.00 -50.00
C ASP D 269 -5.87 -6.23 -49.08
N LEU D 270 -5.89 -4.90 -49.16
CA LEU D 270 -6.81 -4.18 -48.28
C LEU D 270 -8.19 -4.16 -48.94
N PHE D 271 -8.19 -3.90 -50.23
CA PHE D 271 -9.41 -3.83 -51.00
C PHE D 271 -10.17 -5.15 -50.94
N GLU D 272 -9.46 -6.25 -51.15
CA GLU D 272 -10.09 -7.55 -51.13
C GLU D 272 -10.70 -7.92 -49.79
N ARG D 273 -9.94 -7.72 -48.72
CA ARG D 273 -10.44 -8.06 -47.40
C ARG D 273 -11.62 -7.22 -46.97
N LEU D 274 -11.53 -5.91 -47.18
CA LEU D 274 -12.62 -5.03 -46.77
C LEU D 274 -13.92 -5.30 -47.52
N TRP D 275 -13.84 -5.56 -48.83
CA TRP D 275 -15.05 -5.83 -49.60
C TRP D 275 -15.61 -7.21 -49.33
N ALA D 276 -14.74 -8.18 -49.09
CA ALA D 276 -15.18 -9.53 -48.80
C ALA D 276 -16.00 -9.52 -47.53
N VAL D 277 -15.55 -8.75 -46.55
CA VAL D 277 -16.23 -8.64 -45.27
C VAL D 277 -17.54 -7.90 -45.45
N ASP D 278 -17.48 -6.81 -46.20
CA ASP D 278 -18.64 -5.99 -46.44
C ASP D 278 -19.72 -6.76 -47.18
N THR D 279 -19.30 -7.60 -48.13
CA THR D 279 -20.22 -8.40 -48.93
C THR D 279 -21.02 -9.39 -48.08
N VAL D 280 -20.33 -10.22 -47.30
CA VAL D 280 -21.03 -11.21 -46.47
C VAL D 280 -21.96 -10.53 -45.45
N GLU D 281 -21.52 -9.40 -44.88
CA GLU D 281 -22.34 -8.70 -43.91
C GLU D 281 -23.60 -8.10 -44.55
N ARG D 282 -23.47 -7.49 -45.73
CA ARG D 282 -24.63 -6.91 -46.42
C ARG D 282 -25.62 -8.01 -46.83
N LEU D 283 -25.09 -9.14 -47.29
CA LEU D 283 -25.95 -10.27 -47.69
C LEU D 283 -26.54 -10.96 -46.47
N GLY D 284 -26.10 -10.56 -45.28
CA GLY D 284 -26.63 -11.12 -44.05
C GLY D 284 -26.24 -12.53 -43.66
N ILE D 285 -25.06 -12.97 -44.10
CA ILE D 285 -24.58 -14.33 -43.81
C ILE D 285 -23.28 -14.32 -43.03
N ASP D 286 -22.89 -13.16 -42.51
CA ASP D 286 -21.66 -13.00 -41.75
C ASP D 286 -21.54 -13.78 -40.44
N ARG D 287 -22.66 -14.15 -39.84
CA ARG D 287 -22.57 -14.86 -38.56
C ARG D 287 -21.88 -16.21 -38.68
N HIS D 288 -21.75 -16.70 -39.91
CA HIS D 288 -21.11 -17.98 -40.14
C HIS D 288 -19.59 -17.86 -40.26
N PHE D 289 -19.09 -16.62 -40.34
CA PHE D 289 -17.66 -16.41 -40.52
C PHE D 289 -17.04 -15.44 -39.52
N LYS D 290 -17.52 -15.48 -38.28
CA LYS D 290 -17.02 -14.57 -37.27
C LYS D 290 -15.51 -14.65 -37.07
N GLU D 291 -14.99 -15.86 -36.98
CA GLU D 291 -13.55 -16.08 -36.79
C GLU D 291 -12.75 -15.55 -37.99
N GLU D 292 -13.22 -15.86 -39.19
CA GLU D 292 -12.55 -15.45 -40.43
C GLU D 292 -12.60 -13.94 -40.65
N ILE D 293 -13.69 -13.32 -40.26
CA ILE D 293 -13.82 -11.88 -40.44
C ILE D 293 -12.90 -11.18 -39.46
N LYS D 294 -12.75 -11.74 -38.27
CA LYS D 294 -11.88 -11.14 -37.28
C LYS D 294 -10.45 -11.10 -37.80
N GLU D 295 -10.00 -12.21 -38.38
CA GLU D 295 -8.64 -12.28 -38.89
C GLU D 295 -8.42 -11.32 -40.06
N ALA D 296 -9.40 -11.21 -40.95
CA ALA D 296 -9.28 -10.28 -42.08
C ALA D 296 -9.15 -8.85 -41.57
N LEU D 297 -10.08 -8.45 -40.70
CA LEU D 297 -10.07 -7.12 -40.15
C LEU D 297 -8.82 -6.81 -39.31
N ASP D 298 -8.30 -7.79 -38.57
CA ASP D 298 -7.08 -7.55 -37.79
C ASP D 298 -5.97 -7.19 -38.78
N TYR D 299 -5.96 -7.88 -39.92
CA TYR D 299 -4.98 -7.64 -40.95
C TYR D 299 -5.08 -6.20 -41.45
N VAL D 300 -6.29 -5.78 -41.81
CA VAL D 300 -6.48 -4.42 -42.31
C VAL D 300 -6.05 -3.38 -41.30
N TYR D 301 -6.44 -3.58 -40.04
CA TYR D 301 -6.10 -2.62 -39.00
C TYR D 301 -4.58 -2.48 -38.81
N SER D 302 -3.84 -3.58 -38.93
CA SER D 302 -2.39 -3.53 -38.74
C SER D 302 -1.73 -2.64 -39.79
N HIS D 303 -2.46 -2.33 -40.86
CA HIS D 303 -1.95 -1.49 -41.94
C HIS D 303 -2.73 -0.16 -42.00
N TRP D 304 -3.48 0.16 -40.95
CA TRP D 304 -4.26 1.39 -40.94
C TRP D 304 -3.37 2.61 -40.81
N ASP D 305 -3.69 3.65 -41.56
CA ASP D 305 -2.92 4.87 -41.52
C ASP D 305 -3.88 6.00 -41.20
N GLU D 306 -3.45 6.91 -40.32
CA GLU D 306 -4.30 8.03 -39.92
C GLU D 306 -4.62 8.98 -41.07
N ARG D 307 -3.91 8.83 -42.18
CA ARG D 307 -4.17 9.67 -43.36
C ARG D 307 -5.20 8.97 -44.26
N GLY D 308 -5.57 7.75 -43.89
CA GLY D 308 -6.51 7.00 -44.69
C GLY D 308 -5.73 5.91 -45.39
N ILE D 309 -6.42 4.96 -46.01
CA ILE D 309 -5.74 3.87 -46.69
C ILE D 309 -6.03 3.77 -48.18
N GLY D 310 -5.28 2.91 -48.86
CA GLY D 310 -5.46 2.70 -50.27
C GLY D 310 -5.90 1.26 -50.46
N TRP D 311 -5.86 0.74 -51.68
CA TRP D 311 -6.28 -0.64 -51.90
C TRP D 311 -5.23 -1.65 -51.46
N ALA D 312 -3.98 -1.22 -51.38
CA ALA D 312 -2.89 -2.10 -50.98
C ALA D 312 -2.16 -1.60 -49.74
N ARG D 313 -1.61 -2.55 -48.96
CA ARG D 313 -0.85 -2.22 -47.77
C ARG D 313 0.21 -1.20 -48.16
N GLU D 314 0.37 -0.17 -47.33
CA GLU D 314 1.38 0.87 -47.57
C GLU D 314 1.27 1.50 -48.96
N ASN D 315 0.06 1.63 -49.49
CA ASN D 315 -0.11 2.23 -50.82
C ASN D 315 0.46 3.66 -50.89
N PRO D 316 1.00 4.05 -52.06
CA PRO D 316 1.58 5.38 -52.24
C PRO D 316 0.60 6.49 -51.86
N VAL D 317 -0.66 6.30 -52.23
CA VAL D 317 -1.69 7.29 -51.93
C VAL D 317 -2.94 6.56 -51.48
N PRO D 318 -3.73 7.19 -50.59
CA PRO D 318 -4.95 6.57 -50.11
C PRO D 318 -6.10 6.99 -51.02
N ASP D 319 -7.23 6.29 -50.95
CA ASP D 319 -8.41 6.64 -51.75
C ASP D 319 -9.59 6.68 -50.80
N ILE D 320 -10.57 7.54 -51.08
CA ILE D 320 -11.73 7.67 -50.19
C ILE D 320 -12.61 6.42 -50.09
N ASP D 321 -12.60 5.58 -51.12
CA ASP D 321 -13.44 4.39 -51.12
C ASP D 321 -12.92 3.37 -50.11
N ASP D 322 -11.64 3.00 -50.20
CA ASP D 322 -11.06 2.06 -49.26
C ASP D 322 -11.06 2.66 -47.85
N THR D 323 -10.79 3.96 -47.74
CA THR D 323 -10.75 4.61 -46.44
C THR D 323 -12.12 4.61 -45.76
N ALA D 324 -13.16 4.94 -46.52
CA ALA D 324 -14.52 4.97 -45.99
C ALA D 324 -15.02 3.57 -45.61
N MET D 325 -14.71 2.58 -46.45
CA MET D 325 -15.09 1.19 -46.17
C MET D 325 -14.40 0.76 -44.88
N GLY D 326 -13.10 0.98 -44.83
CA GLY D 326 -12.32 0.60 -43.67
C GLY D 326 -12.76 1.32 -42.41
N LEU D 327 -13.00 2.62 -42.49
CA LEU D 327 -13.42 3.40 -41.33
C LEU D 327 -14.71 2.83 -40.74
N ARG D 328 -15.73 2.66 -41.58
CA ARG D 328 -17.00 2.13 -41.10
C ARG D 328 -16.92 0.73 -40.50
N ILE D 329 -16.38 -0.22 -41.26
CA ILE D 329 -16.27 -1.60 -40.78
C ILE D 329 -15.36 -1.78 -39.56
N LEU D 330 -14.23 -1.10 -39.53
CA LEU D 330 -13.31 -1.22 -38.41
C LEU D 330 -13.91 -0.55 -37.17
N ARG D 331 -14.60 0.56 -37.37
CA ARG D 331 -15.24 1.25 -36.25
C ARG D 331 -16.32 0.36 -35.64
N LEU D 332 -17.13 -0.26 -36.49
CA LEU D 332 -18.22 -1.12 -36.00
C LEU D 332 -17.72 -2.40 -35.33
N HIS D 333 -16.51 -2.84 -35.67
CA HIS D 333 -15.99 -4.06 -35.07
C HIS D 333 -15.08 -3.82 -33.87
N GLY D 334 -15.14 -2.60 -33.35
CA GLY D 334 -14.37 -2.26 -32.16
C GLY D 334 -12.96 -1.71 -32.28
N TYR D 335 -12.46 -1.50 -33.49
CA TYR D 335 -11.11 -0.97 -33.67
C TYR D 335 -11.06 0.53 -33.46
N ASN D 336 -9.93 0.98 -32.91
CA ASN D 336 -9.74 2.40 -32.62
C ASN D 336 -9.38 3.21 -33.85
N VAL D 337 -10.38 3.52 -34.67
CA VAL D 337 -10.13 4.32 -35.86
C VAL D 337 -10.79 5.69 -35.72
N SER D 338 -10.17 6.70 -36.31
CA SER D 338 -10.67 8.06 -36.24
C SER D 338 -11.27 8.50 -37.56
N SER D 339 -12.30 9.34 -37.49
CA SER D 339 -12.93 9.84 -38.69
C SER D 339 -12.03 10.90 -39.31
N ASP D 340 -10.96 11.25 -38.58
CA ASP D 340 -9.98 12.23 -39.05
C ASP D 340 -9.41 11.87 -40.41
N VAL D 341 -9.45 10.58 -40.74
CA VAL D 341 -8.94 10.08 -42.01
C VAL D 341 -9.65 10.70 -43.21
N LEU D 342 -10.92 11.06 -43.05
CA LEU D 342 -11.67 11.64 -44.15
C LEU D 342 -11.20 13.04 -44.56
N LYS D 343 -10.46 13.71 -43.67
CA LYS D 343 -9.96 15.05 -43.96
C LYS D 343 -9.06 15.09 -45.20
N THR D 344 -8.33 14.01 -45.43
CA THR D 344 -7.43 13.92 -46.58
C THR D 344 -8.18 14.16 -47.89
N PHE D 345 -9.45 13.78 -47.92
CA PHE D 345 -10.25 13.89 -49.14
C PHE D 345 -11.22 15.06 -49.24
N ARG D 346 -11.20 15.93 -48.24
CA ARG D 346 -12.07 17.11 -48.20
C ARG D 346 -11.40 18.29 -48.91
N ASP D 347 -12.14 18.98 -49.76
CA ASP D 347 -11.58 20.14 -50.46
C ASP D 347 -11.91 21.41 -49.69
N GLU D 348 -11.56 22.56 -50.25
CA GLU D 348 -11.81 23.85 -49.60
C GLU D 348 -13.26 24.12 -49.25
N ASN D 349 -14.19 23.66 -50.08
CA ASN D 349 -15.61 23.92 -49.84
C ASN D 349 -16.41 22.79 -49.24
N GLY D 350 -15.75 21.90 -48.52
CA GLY D 350 -16.44 20.79 -47.90
C GLY D 350 -16.91 19.72 -48.85
N GLU D 351 -16.28 19.64 -50.02
CA GLU D 351 -16.63 18.61 -51.01
C GLU D 351 -15.62 17.47 -50.87
N PHE D 352 -16.07 16.25 -51.07
CA PHE D 352 -15.17 15.11 -50.97
C PHE D 352 -14.93 14.47 -52.33
N PHE D 353 -13.68 14.04 -52.55
CA PHE D 353 -13.32 13.40 -53.80
C PHE D 353 -12.55 12.11 -53.53
N CYS D 354 -12.39 11.28 -54.55
CA CYS D 354 -11.72 10.01 -54.38
C CYS D 354 -10.25 10.13 -53.99
N PHE D 355 -9.58 11.15 -54.53
CA PHE D 355 -8.16 11.35 -54.22
C PHE D 355 -7.85 12.79 -53.85
N LEU D 356 -6.86 12.97 -52.99
CA LEU D 356 -6.44 14.29 -52.57
C LEU D 356 -5.89 15.06 -53.77
N GLY D 357 -6.38 16.28 -53.97
CA GLY D 357 -5.88 17.10 -55.08
C GLY D 357 -6.51 16.86 -56.44
N GLN D 358 -7.48 15.95 -56.52
CA GLN D 358 -8.14 15.66 -57.78
C GLN D 358 -9.64 15.77 -57.59
N THR D 359 -10.36 16.07 -58.66
CA THR D 359 -11.80 16.22 -58.58
C THR D 359 -12.54 14.98 -59.06
N GLN D 360 -11.82 13.87 -59.11
CA GLN D 360 -12.39 12.60 -59.53
C GLN D 360 -13.24 11.97 -58.42
N ARG D 361 -14.40 11.45 -58.81
CA ARG D 361 -15.30 10.78 -57.88
C ARG D 361 -16.44 10.14 -58.66
N GLY D 362 -17.06 9.12 -58.08
CA GLY D 362 -18.17 8.44 -58.74
C GLY D 362 -19.23 7.93 -57.78
N VAL D 363 -20.31 7.38 -58.31
CA VAL D 363 -21.41 6.89 -57.49
C VAL D 363 -21.02 5.84 -56.44
N THR D 364 -20.31 4.80 -56.86
CA THR D 364 -19.92 3.74 -55.92
C THR D 364 -19.09 4.23 -54.74
N ASP D 365 -18.09 5.07 -55.00
CA ASP D 365 -17.28 5.58 -53.90
C ASP D 365 -18.05 6.55 -53.01
N MET D 366 -18.87 7.42 -53.60
CA MET D 366 -19.66 8.35 -52.79
C MET D 366 -20.69 7.56 -52.00
N LEU D 367 -21.20 6.48 -52.57
CA LEU D 367 -22.16 5.67 -51.81
C LEU D 367 -21.45 5.13 -50.56
N ASN D 368 -20.26 4.57 -50.74
CA ASN D 368 -19.54 4.04 -49.57
C ASN D 368 -19.19 5.11 -48.53
N VAL D 369 -18.96 6.33 -48.98
CA VAL D 369 -18.66 7.40 -48.06
C VAL D 369 -19.96 7.71 -47.31
N ASN D 370 -21.09 7.75 -48.01
CA ASN D 370 -22.39 8.02 -47.40
C ASN D 370 -22.73 6.99 -46.32
N ARG D 371 -22.52 5.72 -46.64
CA ARG D 371 -22.81 4.66 -45.67
C ARG D 371 -21.98 4.86 -44.42
N CYS D 372 -20.70 5.18 -44.61
CA CYS D 372 -19.78 5.42 -43.50
C CYS D 372 -20.12 6.66 -42.66
N SER D 373 -20.51 7.75 -43.33
CA SER D 373 -20.82 8.99 -42.61
C SER D 373 -21.98 8.90 -41.61
N HIS D 374 -22.83 7.89 -41.75
CA HIS D 374 -23.97 7.75 -40.83
C HIS D 374 -23.56 7.12 -39.51
N VAL D 375 -22.43 6.40 -39.51
CA VAL D 375 -21.97 5.74 -38.29
C VAL D 375 -21.04 6.70 -37.55
N SER D 376 -21.58 7.86 -37.18
CA SER D 376 -20.78 8.87 -36.51
C SER D 376 -21.00 9.03 -35.03
N PHE D 377 -20.04 9.67 -34.38
CA PHE D 377 -20.07 9.93 -32.95
C PHE D 377 -20.24 11.42 -32.76
N PRO D 378 -20.64 11.85 -31.55
CA PRO D 378 -20.80 13.30 -31.37
C PRO D 378 -19.48 14.04 -31.54
N GLY D 379 -19.56 15.22 -32.15
CA GLY D 379 -18.38 16.04 -32.37
C GLY D 379 -17.66 15.83 -33.68
N GLU D 380 -18.07 14.82 -34.45
CA GLU D 380 -17.42 14.54 -35.72
C GLU D 380 -18.04 15.37 -36.86
N THR D 381 -17.62 16.62 -36.95
CA THR D 381 -18.14 17.53 -37.97
C THR D 381 -17.80 17.04 -39.37
N ILE D 382 -16.67 16.35 -39.50
CA ILE D 382 -16.26 15.85 -40.80
C ILE D 382 -17.27 14.82 -41.34
N MET D 383 -17.88 14.03 -40.46
CA MET D 383 -18.87 13.03 -40.89
C MET D 383 -20.16 13.68 -41.39
N GLU D 384 -20.58 14.75 -40.73
CA GLU D 384 -21.78 15.46 -41.12
C GLU D 384 -21.56 16.10 -42.49
N GLU D 385 -20.37 16.65 -42.70
CA GLU D 385 -20.05 17.27 -43.99
C GLU D 385 -20.01 16.20 -45.08
N ALA D 386 -19.55 15.01 -44.72
CA ALA D 386 -19.45 13.91 -45.67
C ALA D 386 -20.84 13.43 -46.04
N LYS D 387 -21.74 13.42 -45.07
CA LYS D 387 -23.12 13.02 -45.31
C LYS D 387 -23.79 14.00 -46.26
N LEU D 388 -23.68 15.30 -45.96
CA LEU D 388 -24.29 16.31 -46.80
C LEU D 388 -23.77 16.26 -48.23
N CYS D 389 -22.45 16.24 -48.39
CA CYS D 389 -21.86 16.19 -49.72
C CYS D 389 -22.36 14.99 -50.51
N THR D 390 -22.31 13.80 -49.92
CA THR D 390 -22.74 12.60 -50.61
C THR D 390 -24.23 12.56 -50.92
N GLU D 391 -25.07 12.98 -49.98
CA GLU D 391 -26.52 12.99 -50.25
C GLU D 391 -26.80 13.84 -51.49
N ARG D 392 -26.17 15.01 -51.58
CA ARG D 392 -26.36 15.87 -52.73
C ARG D 392 -25.90 15.17 -54.01
N TYR D 393 -24.67 14.68 -53.97
CA TYR D 393 -24.10 14.00 -55.12
C TYR D 393 -24.88 12.79 -55.57
N LEU D 394 -25.29 11.95 -54.62
CA LEU D 394 -26.03 10.73 -54.96
C LEU D 394 -27.43 11.01 -55.50
N ARG D 395 -28.18 11.90 -54.86
CA ARG D 395 -29.51 12.20 -55.34
C ARG D 395 -29.45 12.78 -56.74
N ASN D 396 -28.45 13.61 -57.00
CA ASN D 396 -28.29 14.19 -58.32
C ASN D 396 -27.92 13.12 -59.33
N ALA D 397 -27.18 12.11 -58.89
CA ALA D 397 -26.77 11.03 -59.77
C ALA D 397 -27.97 10.16 -60.18
N LEU D 398 -28.92 9.99 -59.27
CA LEU D 398 -30.12 9.21 -59.55
C LEU D 398 -30.97 9.87 -60.64
N GLU D 399 -30.69 11.15 -60.92
CA GLU D 399 -31.43 11.89 -61.94
C GLU D 399 -31.00 11.50 -63.35
N ASN D 400 -29.94 10.70 -63.45
CA ASN D 400 -29.43 10.30 -64.76
C ASN D 400 -29.00 8.83 -64.86
N VAL D 401 -28.95 8.14 -63.72
CA VAL D 401 -28.55 6.74 -63.71
C VAL D 401 -29.75 5.80 -63.77
N ASP D 402 -29.73 4.87 -64.72
CA ASP D 402 -30.82 3.92 -64.88
C ASP D 402 -30.57 2.63 -64.12
N ALA D 403 -31.66 2.01 -63.68
CA ALA D 403 -31.59 0.76 -62.95
C ALA D 403 -31.08 -0.32 -63.90
N PHE D 404 -30.27 -1.23 -63.38
CA PHE D 404 -29.71 -2.30 -64.17
C PHE D 404 -29.21 -1.80 -65.53
N ASP D 405 -28.48 -0.69 -65.53
CA ASP D 405 -27.94 -0.15 -66.78
C ASP D 405 -26.98 -1.18 -67.38
N LYS D 406 -27.18 -1.49 -68.66
CA LYS D 406 -26.37 -2.49 -69.34
C LYS D 406 -24.89 -2.15 -69.52
N TRP D 407 -24.54 -0.87 -69.39
CA TRP D 407 -23.16 -0.44 -69.54
C TRP D 407 -22.41 -0.36 -68.22
N ALA D 408 -23.13 -0.48 -67.11
CA ALA D 408 -22.52 -0.44 -65.78
C ALA D 408 -21.85 -1.76 -65.41
N PHE D 409 -20.85 -1.67 -64.54
CA PHE D 409 -20.13 -2.85 -64.10
C PHE D 409 -20.69 -3.47 -62.83
N LYS D 410 -21.58 -2.75 -62.16
CA LYS D 410 -22.23 -3.27 -60.97
C LYS D 410 -23.65 -3.65 -61.44
N LYS D 411 -24.18 -4.74 -60.91
CA LYS D 411 -25.51 -5.21 -61.30
C LYS D 411 -26.60 -4.12 -61.18
N ASN D 412 -26.66 -3.45 -60.04
CA ASN D 412 -27.66 -2.41 -59.88
C ASN D 412 -27.31 -1.38 -58.83
N ILE D 413 -26.40 -0.48 -59.16
CA ILE D 413 -25.99 0.54 -58.24
C ILE D 413 -27.16 1.45 -57.87
N ARG D 414 -28.03 1.75 -58.83
CA ARG D 414 -29.16 2.61 -58.53
C ARG D 414 -29.99 2.02 -57.38
N GLY D 415 -30.19 0.71 -57.41
CA GLY D 415 -30.95 0.08 -56.35
C GLY D 415 -30.24 0.24 -55.01
N GLU D 416 -28.92 0.06 -55.01
CA GLU D 416 -28.16 0.21 -53.77
C GLU D 416 -28.29 1.62 -53.22
N VAL D 417 -28.15 2.61 -54.08
CA VAL D 417 -28.26 4.01 -53.68
C VAL D 417 -29.64 4.29 -53.12
N GLU D 418 -30.68 3.95 -53.87
CA GLU D 418 -32.05 4.19 -53.42
C GLU D 418 -32.29 3.66 -52.02
N TYR D 419 -31.79 2.45 -51.76
CA TYR D 419 -31.97 1.86 -50.44
C TYR D 419 -31.19 2.66 -49.38
N ALA D 420 -29.94 3.00 -49.71
CA ALA D 420 -29.09 3.73 -48.79
C ALA D 420 -29.65 5.11 -48.42
N LEU D 421 -30.23 5.81 -49.40
CA LEU D 421 -30.79 7.13 -49.14
C LEU D 421 -32.10 7.09 -48.37
N LYS D 422 -32.98 6.15 -48.71
CA LYS D 422 -34.26 6.04 -48.02
C LYS D 422 -34.15 5.31 -46.68
N TYR D 423 -33.28 4.31 -46.60
CA TYR D 423 -33.11 3.56 -45.36
C TYR D 423 -31.68 3.65 -44.81
N PRO D 424 -31.28 4.84 -44.35
CA PRO D 424 -29.93 5.03 -43.80
C PRO D 424 -29.72 4.19 -42.54
N TRP D 425 -28.48 4.19 -42.05
CA TRP D 425 -28.05 3.48 -40.86
C TRP D 425 -29.12 3.29 -39.75
N HIS D 426 -29.62 4.40 -39.22
CA HIS D 426 -30.59 4.34 -38.13
C HIS D 426 -32.00 3.85 -38.45
N LYS D 427 -32.26 3.52 -39.71
CA LYS D 427 -33.58 3.03 -40.13
C LYS D 427 -33.49 1.72 -40.91
N SER D 428 -32.27 1.20 -41.07
CA SER D 428 -32.04 -0.02 -41.83
C SER D 428 -31.95 -1.26 -40.95
N MET D 429 -33.00 -2.07 -40.97
CA MET D 429 -33.02 -3.29 -40.18
C MET D 429 -32.24 -4.37 -40.93
N PRO D 430 -31.40 -5.15 -40.22
CA PRO D 430 -30.58 -6.22 -40.82
C PRO D 430 -31.24 -7.08 -41.90
N ARG D 431 -32.39 -7.68 -41.60
CA ARG D 431 -33.07 -8.53 -42.57
C ARG D 431 -33.45 -7.75 -43.84
N LEU D 432 -34.00 -6.56 -43.65
CA LEU D 432 -34.41 -5.74 -44.77
C LEU D 432 -33.21 -5.31 -45.64
N GLU D 433 -32.07 -5.02 -45.01
CA GLU D 433 -30.90 -4.63 -45.79
C GLU D 433 -30.40 -5.87 -46.51
N ALA D 434 -30.40 -7.02 -45.83
CA ALA D 434 -29.94 -8.25 -46.45
C ALA D 434 -30.81 -8.58 -47.68
N ARG D 435 -32.12 -8.53 -47.52
CA ARG D 435 -33.01 -8.81 -48.65
C ARG D 435 -32.75 -7.86 -49.80
N SER D 436 -32.55 -6.59 -49.48
CA SER D 436 -32.31 -5.58 -50.51
C SER D 436 -31.02 -5.87 -51.28
N TYR D 437 -29.96 -6.23 -50.56
CA TYR D 437 -28.70 -6.50 -51.22
C TYR D 437 -28.68 -7.84 -51.94
N ILE D 438 -29.46 -8.80 -51.44
CA ILE D 438 -29.51 -10.11 -52.08
C ILE D 438 -30.03 -9.93 -53.51
N GLU D 439 -30.93 -8.96 -53.68
CA GLU D 439 -31.52 -8.69 -54.99
C GLU D 439 -30.74 -7.74 -55.89
N ASN D 440 -29.76 -7.03 -55.34
CA ASN D 440 -28.96 -6.10 -56.12
C ASN D 440 -27.53 -6.56 -56.35
N TYR D 441 -27.05 -7.47 -55.51
CA TYR D 441 -25.70 -8.00 -55.60
C TYR D 441 -25.41 -8.67 -56.94
N GLY D 442 -24.32 -8.25 -57.59
CA GLY D 442 -23.93 -8.83 -58.87
C GLY D 442 -22.83 -9.85 -58.65
N PRO D 443 -23.14 -11.16 -58.67
CA PRO D 443 -22.14 -12.21 -58.46
C PRO D 443 -21.16 -12.39 -59.62
N ASP D 444 -21.50 -11.86 -60.79
CA ASP D 444 -20.63 -11.99 -61.94
C ASP D 444 -20.12 -10.63 -62.38
N ASP D 445 -20.30 -9.62 -61.53
CA ASP D 445 -19.83 -8.28 -61.85
C ASP D 445 -18.34 -8.28 -62.10
N VAL D 446 -17.90 -7.39 -63.00
CA VAL D 446 -16.50 -7.26 -63.30
C VAL D 446 -16.12 -5.83 -62.91
N TRP D 447 -14.84 -5.51 -62.94
CA TRP D 447 -14.38 -4.19 -62.54
C TRP D 447 -13.54 -3.50 -63.61
N LEU D 448 -13.49 -2.18 -63.53
CA LEU D 448 -12.74 -1.41 -64.51
C LEU D 448 -11.60 -0.59 -63.92
N GLY D 449 -10.40 -0.87 -64.40
CA GLY D 449 -9.22 -0.14 -63.98
C GLY D 449 -8.48 0.11 -65.28
N LYS D 450 -7.19 -0.14 -65.31
CA LYS D 450 -6.41 0.05 -66.53
C LYS D 450 -7.10 -0.81 -67.59
N THR D 451 -7.60 -1.97 -67.15
CA THR D 451 -8.30 -2.91 -68.00
C THR D 451 -9.42 -3.53 -67.20
N VAL D 452 -10.12 -4.48 -67.80
CA VAL D 452 -11.21 -5.15 -67.11
C VAL D 452 -10.61 -6.26 -66.23
N TYR D 453 -10.88 -6.20 -64.93
CA TYR D 453 -10.38 -7.23 -64.05
C TYR D 453 -11.53 -7.86 -63.27
N MET D 454 -11.26 -9.00 -62.63
CA MET D 454 -12.27 -9.70 -61.85
C MET D 454 -11.74 -9.94 -60.44
N MET D 455 -12.63 -9.89 -59.46
CA MET D 455 -12.26 -10.12 -58.07
C MET D 455 -13.14 -11.26 -57.53
N PRO D 456 -12.72 -12.51 -57.76
CA PRO D 456 -13.40 -13.75 -57.36
C PRO D 456 -13.78 -13.85 -55.88
N TYR D 457 -13.05 -13.15 -55.02
CA TYR D 457 -13.32 -13.20 -53.60
C TYR D 457 -14.28 -12.12 -53.15
N ILE D 458 -14.73 -11.31 -54.10
CA ILE D 458 -15.70 -10.27 -53.80
C ILE D 458 -16.95 -10.56 -54.61
N SER D 459 -16.78 -10.75 -55.92
CA SER D 459 -17.87 -11.06 -56.84
C SER D 459 -17.87 -12.55 -57.04
N ASN D 460 -18.75 -13.23 -56.30
CA ASN D 460 -18.81 -14.68 -56.36
C ASN D 460 -20.27 -15.16 -56.33
N GLU D 461 -20.52 -16.32 -56.92
CA GLU D 461 -21.86 -16.90 -56.96
C GLU D 461 -22.21 -17.65 -55.66
N LYS D 462 -21.17 -18.05 -54.91
CA LYS D 462 -21.37 -18.77 -53.67
C LYS D 462 -21.93 -17.88 -52.56
N TYR D 463 -21.48 -16.63 -52.51
CA TYR D 463 -21.99 -15.72 -51.51
C TYR D 463 -23.50 -15.58 -51.70
N LEU D 464 -23.93 -15.38 -52.94
CA LEU D 464 -25.34 -15.21 -53.25
C LEU D 464 -26.17 -16.46 -53.01
N GLU D 465 -25.63 -17.62 -53.38
CA GLU D 465 -26.35 -18.87 -53.19
C GLU D 465 -26.58 -19.10 -51.69
N LEU D 466 -25.57 -18.85 -50.88
CA LEU D 466 -25.69 -19.03 -49.45
C LEU D 466 -26.67 -18.00 -48.86
N ALA D 467 -26.56 -16.76 -49.32
CA ALA D 467 -27.43 -15.68 -48.82
C ALA D 467 -28.92 -15.97 -49.07
N LYS D 468 -29.24 -16.61 -50.19
CA LYS D 468 -30.62 -16.94 -50.49
C LYS D 468 -31.07 -18.15 -49.67
N LEU D 469 -30.28 -19.22 -49.65
CA LEU D 469 -30.64 -20.40 -48.88
C LEU D 469 -30.77 -20.09 -47.40
N ASP D 470 -29.87 -19.26 -46.88
CA ASP D 470 -29.92 -18.91 -45.47
C ASP D 470 -31.09 -17.99 -45.17
N PHE D 471 -31.37 -17.05 -46.08
CA PHE D 471 -32.48 -16.11 -45.87
C PHE D 471 -33.84 -16.81 -45.87
N ASN D 472 -34.03 -17.76 -46.77
CA ASN D 472 -35.31 -18.48 -46.82
C ASN D 472 -35.43 -19.46 -45.65
N LYS D 473 -34.32 -20.11 -45.28
CA LYS D 473 -34.34 -21.01 -44.15
C LYS D 473 -34.77 -20.23 -42.90
N VAL D 474 -34.11 -19.10 -42.65
CA VAL D 474 -34.43 -18.25 -41.49
C VAL D 474 -35.89 -17.79 -41.54
N GLN D 475 -36.31 -17.34 -42.71
CA GLN D 475 -37.69 -16.88 -42.91
C GLN D 475 -38.67 -17.99 -42.57
N SER D 476 -38.40 -19.20 -43.06
CA SER D 476 -39.26 -20.33 -42.81
C SER D 476 -39.41 -20.58 -41.32
N ILE D 477 -38.29 -20.56 -40.60
CA ILE D 477 -38.33 -20.78 -39.16
C ILE D 477 -39.17 -19.70 -38.48
N HIS D 478 -39.12 -18.48 -39.03
CA HIS D 478 -39.88 -17.36 -38.47
C HIS D 478 -41.38 -17.52 -38.69
N GLN D 479 -41.76 -18.08 -39.84
CA GLN D 479 -43.17 -18.28 -40.16
C GLN D 479 -43.82 -19.27 -39.20
N THR D 480 -43.02 -20.18 -38.65
CA THR D 480 -43.54 -21.15 -37.70
C THR D 480 -43.79 -20.39 -36.39
N GLU D 481 -42.73 -19.82 -35.83
CA GLU D 481 -42.81 -19.07 -34.59
C GLU D 481 -43.98 -18.07 -34.59
N LEU D 482 -44.20 -17.44 -35.73
CA LEU D 482 -45.27 -16.46 -35.84
C LEU D 482 -46.63 -17.11 -35.64
N GLN D 483 -46.74 -18.38 -36.02
CA GLN D 483 -48.00 -19.09 -35.86
C GLN D 483 -48.22 -19.45 -34.40
N ASP D 484 -47.16 -19.85 -33.69
CA ASP D 484 -47.28 -20.18 -32.28
C ASP D 484 -47.80 -18.96 -31.52
N LEU D 485 -47.24 -17.80 -31.81
CA LEU D 485 -47.63 -16.56 -31.15
C LEU D 485 -49.04 -16.13 -31.55
N ARG D 486 -49.36 -16.29 -32.83
CA ARG D 486 -50.66 -15.91 -33.36
C ARG D 486 -51.76 -16.79 -32.79
N ARG D 487 -51.36 -17.91 -32.18
CA ARG D 487 -52.32 -18.82 -31.56
C ARG D 487 -52.35 -18.46 -30.07
N TRP D 488 -51.24 -17.90 -29.58
CA TRP D 488 -51.12 -17.48 -28.20
C TRP D 488 -52.11 -16.35 -27.97
N TRP D 489 -52.30 -15.53 -28.99
CA TRP D 489 -53.22 -14.41 -28.90
C TRP D 489 -54.66 -14.90 -28.78
N LYS D 490 -54.89 -16.17 -29.07
CA LYS D 490 -56.23 -16.77 -28.97
C LYS D 490 -56.37 -17.43 -27.61
N SER D 491 -55.35 -18.19 -27.24
CA SER D 491 -55.33 -18.90 -25.96
C SER D 491 -55.49 -17.95 -24.78
N SER D 492 -55.14 -16.68 -24.98
CA SER D 492 -55.25 -15.69 -23.92
C SER D 492 -56.64 -15.04 -23.88
N GLY D 493 -57.35 -15.11 -25.00
CA GLY D 493 -58.67 -14.52 -25.06
C GLY D 493 -58.62 -13.01 -25.20
N PHE D 494 -57.48 -12.51 -25.68
CA PHE D 494 -57.32 -11.08 -25.87
C PHE D 494 -58.19 -10.51 -26.97
N THR D 495 -58.95 -11.37 -27.65
CA THR D 495 -59.82 -10.89 -28.71
C THR D 495 -61.03 -10.26 -28.04
N ASP D 496 -61.09 -10.40 -26.72
CA ASP D 496 -62.17 -9.83 -25.93
C ASP D 496 -61.90 -8.34 -25.73
N LEU D 497 -60.62 -8.00 -25.61
CA LEU D 497 -60.22 -6.61 -25.43
C LEU D 497 -60.68 -5.80 -26.63
N ASN D 498 -61.39 -4.71 -26.37
CA ASN D 498 -61.92 -3.85 -27.42
C ASN D 498 -61.29 -2.46 -27.46
N PHE D 499 -60.42 -2.18 -26.50
CA PHE D 499 -59.75 -0.89 -26.43
C PHE D 499 -58.37 -0.97 -27.06
N THR D 500 -58.09 -2.07 -27.74
CA THR D 500 -56.80 -2.25 -28.39
C THR D 500 -56.91 -3.14 -29.64
N ARG D 501 -56.27 -2.69 -30.72
CA ARG D 501 -56.27 -3.42 -31.98
C ARG D 501 -55.20 -4.50 -31.96
N GLU D 502 -55.52 -5.66 -32.53
CA GLU D 502 -54.58 -6.77 -32.58
C GLU D 502 -53.60 -6.56 -33.73
N ARG D 503 -52.35 -6.96 -33.51
CA ARG D 503 -51.30 -6.82 -34.52
C ARG D 503 -50.06 -7.63 -34.13
N VAL D 504 -50.27 -8.92 -33.89
CA VAL D 504 -49.17 -9.80 -33.52
C VAL D 504 -48.15 -9.88 -34.65
N THR D 505 -48.62 -9.74 -35.89
CA THR D 505 -47.71 -9.81 -37.03
C THR D 505 -46.77 -8.61 -37.05
N GLU D 506 -47.34 -7.41 -37.05
CA GLU D 506 -46.57 -6.17 -37.07
C GLU D 506 -45.56 -6.15 -35.92
N ILE D 507 -45.98 -6.64 -34.76
CA ILE D 507 -45.13 -6.66 -33.57
C ILE D 507 -44.01 -7.70 -33.62
N TYR D 508 -44.32 -8.92 -34.10
CA TYR D 508 -43.31 -9.98 -34.20
C TYR D 508 -42.24 -9.57 -35.21
N PHE D 509 -42.66 -8.85 -36.24
CA PHE D 509 -41.75 -8.38 -37.27
C PHE D 509 -40.53 -7.67 -36.72
N SER D 510 -40.72 -6.83 -35.72
CA SER D 510 -39.62 -6.07 -35.14
C SER D 510 -38.46 -6.95 -34.69
N PRO D 511 -38.66 -7.83 -33.69
CA PRO D 511 -37.55 -8.67 -33.27
C PRO D 511 -37.06 -9.62 -34.36
N ALA D 512 -37.97 -10.05 -35.23
CA ALA D 512 -37.61 -10.95 -36.31
C ALA D 512 -36.69 -10.28 -37.30
N SER D 513 -36.85 -8.97 -37.48
CA SER D 513 -36.04 -8.22 -38.43
C SER D 513 -34.59 -7.96 -38.00
N PHE D 514 -34.28 -8.04 -36.71
CA PHE D 514 -32.91 -7.80 -36.26
C PHE D 514 -32.24 -8.94 -35.49
N ILE D 515 -32.97 -9.66 -34.65
CA ILE D 515 -32.40 -10.82 -33.95
C ILE D 515 -33.15 -12.00 -34.58
N PHE D 516 -32.69 -12.38 -35.76
CA PHE D 516 -33.29 -13.43 -36.57
C PHE D 516 -32.73 -14.83 -36.40
N GLU D 517 -31.50 -14.96 -35.94
CA GLU D 517 -30.89 -16.28 -35.78
C GLU D 517 -31.78 -17.26 -35.03
N PRO D 518 -31.92 -18.49 -35.57
CA PRO D 518 -32.74 -19.56 -34.98
C PRO D 518 -32.53 -19.74 -33.46
N GLU D 519 -31.31 -19.49 -32.98
CA GLU D 519 -30.99 -19.64 -31.55
C GLU D 519 -31.76 -18.67 -30.66
N PHE D 520 -32.25 -17.58 -31.23
CA PHE D 520 -32.99 -16.57 -30.46
C PHE D 520 -34.50 -16.67 -30.63
N SER D 521 -35.01 -17.90 -30.75
CA SER D 521 -36.43 -18.12 -30.91
C SER D 521 -37.20 -17.70 -29.65
N LYS D 522 -36.69 -18.11 -28.48
CA LYS D 522 -37.31 -17.78 -27.21
C LYS D 522 -37.30 -16.26 -26.99
N CYS D 523 -36.14 -15.65 -27.24
CA CYS D 523 -36.00 -14.21 -27.09
C CYS D 523 -37.06 -13.49 -27.93
N ARG D 524 -37.26 -13.96 -29.17
CA ARG D 524 -38.26 -13.34 -30.06
C ARG D 524 -39.67 -13.51 -29.51
N GLU D 525 -39.93 -14.65 -28.87
CA GLU D 525 -41.23 -14.94 -28.29
C GLU D 525 -41.49 -13.97 -27.15
N VAL D 526 -40.58 -13.93 -26.17
CA VAL D 526 -40.74 -13.02 -25.05
C VAL D 526 -40.75 -11.57 -25.51
N TYR D 527 -39.88 -11.23 -26.45
CA TYR D 527 -39.80 -9.87 -26.97
C TYR D 527 -41.18 -9.49 -27.50
N THR D 528 -41.77 -10.38 -28.30
CA THR D 528 -43.08 -10.16 -28.90
C THR D 528 -44.22 -10.07 -27.87
N LYS D 529 -44.21 -10.94 -26.87
CA LYS D 529 -45.24 -10.94 -25.84
C LYS D 529 -45.18 -9.69 -24.96
N THR D 530 -43.98 -9.34 -24.51
CA THR D 530 -43.77 -8.17 -23.67
C THR D 530 -44.16 -6.90 -24.41
N SER D 531 -43.80 -6.84 -25.69
CA SER D 531 -44.10 -5.68 -26.52
C SER D 531 -45.60 -5.55 -26.78
N ASN D 532 -46.27 -6.68 -26.97
CA ASN D 532 -47.71 -6.64 -27.21
C ASN D 532 -48.41 -6.14 -25.94
N PHE D 533 -47.86 -6.48 -24.78
CA PHE D 533 -48.43 -6.04 -23.52
C PHE D 533 -48.19 -4.56 -23.24
N THR D 534 -47.11 -3.99 -23.75
CA THR D 534 -46.86 -2.57 -23.51
C THR D 534 -47.88 -1.76 -24.31
N VAL D 535 -48.24 -2.28 -25.48
CA VAL D 535 -49.24 -1.62 -26.32
C VAL D 535 -50.61 -1.73 -25.68
N ILE D 536 -50.90 -2.91 -25.13
CA ILE D 536 -52.19 -3.14 -24.48
C ILE D 536 -52.34 -2.24 -23.26
N LEU D 537 -51.35 -2.26 -22.38
CA LEU D 537 -51.38 -1.45 -21.17
C LEU D 537 -51.29 0.04 -21.46
N ASP D 538 -50.63 0.40 -22.56
CA ASP D 538 -50.53 1.80 -22.90
C ASP D 538 -51.92 2.30 -23.28
N ASP D 539 -52.66 1.47 -24.02
CA ASP D 539 -54.02 1.84 -24.43
C ASP D 539 -54.93 1.87 -23.20
N LEU D 540 -54.69 0.94 -22.27
CA LEU D 540 -55.47 0.83 -21.04
C LEU D 540 -55.33 2.05 -20.12
N TYR D 541 -54.11 2.53 -19.91
CA TYR D 541 -53.88 3.70 -19.06
C TYR D 541 -54.21 5.00 -19.79
N ASP D 542 -54.20 4.96 -21.11
CA ASP D 542 -54.50 6.13 -21.91
C ASP D 542 -55.96 6.06 -22.39
N ALA D 543 -56.75 5.23 -21.73
CA ALA D 543 -58.16 5.06 -22.09
C ALA D 543 -59.04 6.08 -21.38
N HIS D 544 -58.43 7.04 -20.70
CA HIS D 544 -59.15 8.08 -20.00
C HIS D 544 -60.20 7.52 -19.04
N GLY D 545 -59.87 6.41 -18.39
CA GLY D 545 -60.79 5.81 -17.44
C GLY D 545 -60.62 6.45 -16.08
N SER D 546 -60.70 5.65 -15.03
CA SER D 546 -60.55 6.17 -13.69
C SER D 546 -59.18 5.81 -13.13
N LEU D 547 -58.55 6.76 -12.47
CA LEU D 547 -57.24 6.55 -11.88
C LEU D 547 -57.34 5.49 -10.80
N ASP D 548 -58.50 5.41 -10.17
CA ASP D 548 -58.71 4.43 -9.10
C ASP D 548 -58.68 3.00 -9.65
N ASP D 549 -59.15 2.82 -10.88
CA ASP D 549 -59.14 1.48 -11.49
C ASP D 549 -57.69 1.11 -11.84
N LEU D 550 -56.97 2.06 -12.43
CA LEU D 550 -55.57 1.85 -12.79
C LEU D 550 -54.75 1.51 -11.55
N LYS D 551 -55.13 2.09 -10.41
CA LYS D 551 -54.42 1.82 -9.16
C LYS D 551 -54.54 0.35 -8.79
N LEU D 552 -55.67 -0.25 -9.18
CA LEU D 552 -55.93 -1.66 -8.90
C LEU D 552 -54.96 -2.52 -9.69
N PHE D 553 -54.70 -2.14 -10.94
CA PHE D 553 -53.79 -2.88 -11.79
C PHE D 553 -52.38 -2.75 -11.22
N THR D 554 -51.95 -1.52 -10.96
CA THR D 554 -50.63 -1.27 -10.40
C THR D 554 -50.41 -2.09 -9.13
N GLU D 555 -51.40 -2.03 -8.24
CA GLU D 555 -51.31 -2.76 -6.98
C GLU D 555 -51.26 -4.26 -7.23
N SER D 556 -52.13 -4.76 -8.11
CA SER D 556 -52.16 -6.19 -8.43
C SER D 556 -50.80 -6.70 -8.89
N VAL D 557 -50.06 -5.84 -9.58
CA VAL D 557 -48.74 -6.23 -10.06
C VAL D 557 -47.75 -6.24 -8.90
N LYS D 558 -47.91 -5.30 -7.97
CA LYS D 558 -47.01 -5.22 -6.82
C LYS D 558 -47.11 -6.44 -5.89
N ARG D 559 -48.32 -6.75 -5.44
CA ARG D 559 -48.50 -7.88 -4.54
C ARG D 559 -48.45 -9.17 -5.35
N TRP D 560 -48.62 -9.02 -6.67
CA TRP D 560 -48.59 -10.12 -7.61
C TRP D 560 -49.48 -11.29 -7.23
N ASP D 561 -50.78 -11.11 -7.42
CA ASP D 561 -51.78 -12.13 -7.14
C ASP D 561 -53.06 -11.65 -7.79
N LEU D 562 -54.17 -12.35 -7.56
CA LEU D 562 -55.44 -11.94 -8.15
C LEU D 562 -56.51 -11.79 -7.09
N SER D 563 -56.29 -10.82 -6.20
CA SER D 563 -57.22 -10.54 -5.11
C SER D 563 -58.04 -9.28 -5.40
N LEU D 564 -57.53 -8.43 -6.28
CA LEU D 564 -58.21 -7.19 -6.63
C LEU D 564 -58.97 -7.36 -7.95
N VAL D 565 -58.74 -8.49 -8.60
CA VAL D 565 -59.37 -8.79 -9.88
C VAL D 565 -60.90 -8.68 -9.80
N ASP D 566 -61.46 -9.06 -8.66
CA ASP D 566 -62.90 -9.01 -8.46
C ASP D 566 -63.43 -7.58 -8.34
N GLN D 567 -62.53 -6.60 -8.46
CA GLN D 567 -62.94 -5.20 -8.37
C GLN D 567 -62.88 -4.53 -9.74
N MET D 568 -61.69 -4.48 -10.31
CA MET D 568 -61.49 -3.85 -11.60
C MET D 568 -62.59 -4.13 -12.63
N PRO D 569 -62.79 -3.20 -13.58
CA PRO D 569 -63.82 -3.39 -14.60
C PRO D 569 -63.57 -4.71 -15.32
N GLN D 570 -64.57 -5.20 -16.06
CA GLN D 570 -64.45 -6.47 -16.75
C GLN D 570 -63.29 -6.48 -17.76
N GLN D 571 -63.26 -5.49 -18.65
CA GLN D 571 -62.21 -5.40 -19.65
C GLN D 571 -60.81 -5.39 -19.03
N MET D 572 -60.67 -4.70 -17.91
CA MET D 572 -59.38 -4.62 -17.24
C MET D 572 -59.04 -5.99 -16.64
N LYS D 573 -60.07 -6.67 -16.14
CA LYS D 573 -59.91 -7.99 -15.52
C LYS D 573 -59.29 -8.96 -16.51
N ILE D 574 -59.76 -8.91 -17.75
CA ILE D 574 -59.25 -9.79 -18.80
C ILE D 574 -57.76 -9.52 -19.04
N CYS D 575 -57.38 -8.24 -19.12
CA CYS D 575 -55.99 -7.85 -19.36
C CYS D 575 -55.05 -8.37 -18.26
N PHE D 576 -55.39 -8.10 -17.02
CA PHE D 576 -54.53 -8.54 -15.92
C PHE D 576 -54.40 -10.05 -15.85
N VAL D 577 -55.51 -10.76 -16.05
CA VAL D 577 -55.48 -12.22 -16.01
C VAL D 577 -54.47 -12.72 -17.04
N GLY D 578 -54.60 -12.21 -18.26
CA GLY D 578 -53.68 -12.60 -19.32
C GLY D 578 -52.26 -12.19 -18.96
N PHE D 579 -52.12 -10.98 -18.44
CA PHE D 579 -50.82 -10.43 -18.03
C PHE D 579 -50.17 -11.33 -16.98
N TYR D 580 -50.98 -11.76 -16.02
CA TYR D 580 -50.55 -12.61 -14.92
C TYR D 580 -50.09 -13.98 -15.43
N ASN D 581 -50.90 -14.57 -16.30
CA ASN D 581 -50.58 -15.87 -16.87
C ASN D 581 -49.32 -15.79 -17.72
N THR D 582 -49.33 -14.89 -18.70
CA THR D 582 -48.19 -14.71 -19.59
C THR D 582 -46.87 -14.55 -18.84
N PHE D 583 -46.85 -13.69 -17.82
CA PHE D 583 -45.60 -13.50 -17.10
C PHE D 583 -45.23 -14.51 -16.02
N ASN D 584 -46.18 -15.33 -15.59
CA ASN D 584 -45.84 -16.35 -14.61
C ASN D 584 -45.13 -17.42 -15.42
N ASP D 585 -45.58 -17.58 -16.65
CA ASP D 585 -44.98 -18.51 -17.59
C ASP D 585 -43.56 -18.01 -17.82
N ILE D 586 -43.45 -16.81 -18.39
CA ILE D 586 -42.15 -16.19 -18.66
C ILE D 586 -41.21 -16.26 -17.46
N ALA D 587 -41.77 -16.05 -16.26
CA ALA D 587 -40.97 -16.08 -15.04
C ALA D 587 -40.43 -17.47 -14.71
N LYS D 588 -41.22 -18.50 -14.99
CA LYS D 588 -40.79 -19.86 -14.72
C LYS D 588 -39.65 -20.18 -15.68
N GLU D 589 -39.92 -19.95 -16.97
CA GLU D 589 -38.94 -20.19 -18.02
C GLU D 589 -37.66 -19.42 -17.71
N GLY D 590 -37.82 -18.15 -17.36
CA GLY D 590 -36.67 -17.31 -17.05
C GLY D 590 -35.87 -17.80 -15.87
N ARG D 591 -36.56 -18.36 -14.86
CA ARG D 591 -35.88 -18.86 -13.67
C ARG D 591 -35.00 -20.04 -14.01
N GLU D 592 -35.52 -20.91 -14.87
CA GLU D 592 -34.79 -22.10 -15.28
C GLU D 592 -33.60 -21.77 -16.19
N ARG D 593 -33.66 -20.61 -16.85
CA ARG D 593 -32.58 -20.19 -17.74
C ARG D 593 -31.55 -19.31 -17.05
N GLN D 594 -31.98 -18.58 -16.02
CA GLN D 594 -31.09 -17.69 -15.29
C GLN D 594 -30.51 -18.33 -14.04
N GLY D 595 -31.20 -19.37 -13.53
CA GLY D 595 -30.71 -20.05 -12.35
C GLY D 595 -30.97 -19.28 -11.07
N ARG D 596 -32.11 -18.61 -11.02
CA ARG D 596 -32.51 -17.83 -9.85
C ARG D 596 -33.88 -17.24 -10.13
N ASP D 597 -34.60 -16.88 -9.07
CA ASP D 597 -35.93 -16.30 -9.23
C ASP D 597 -35.82 -15.00 -10.03
N VAL D 598 -36.74 -14.80 -10.96
CA VAL D 598 -36.74 -13.60 -11.79
C VAL D 598 -38.06 -12.86 -11.75
N LEU D 599 -39.07 -13.47 -11.13
CA LEU D 599 -40.38 -12.84 -11.02
C LEU D 599 -40.22 -11.47 -10.36
N GLY D 600 -39.33 -11.39 -9.38
CA GLY D 600 -39.07 -10.13 -8.69
C GLY D 600 -38.56 -9.10 -9.67
N TYR D 601 -37.58 -9.52 -10.48
CA TYR D 601 -36.97 -8.68 -11.50
C TYR D 601 -38.09 -8.16 -12.41
N ILE D 602 -38.93 -9.07 -12.90
CA ILE D 602 -40.05 -8.73 -13.77
C ILE D 602 -40.99 -7.71 -13.13
N GLN D 603 -41.23 -7.88 -11.83
CA GLN D 603 -42.13 -7.00 -11.09
C GLN D 603 -41.59 -5.58 -11.05
N ASN D 604 -40.29 -5.46 -10.78
CA ASN D 604 -39.65 -4.16 -10.70
C ASN D 604 -39.52 -3.47 -12.06
N VAL D 605 -39.48 -4.26 -13.14
CA VAL D 605 -39.38 -3.69 -14.47
C VAL D 605 -40.73 -3.05 -14.81
N TRP D 606 -41.81 -3.80 -14.58
CA TRP D 606 -43.14 -3.29 -14.84
C TRP D 606 -43.57 -2.20 -13.85
N LYS D 607 -43.07 -2.29 -12.62
CA LYS D 607 -43.41 -1.30 -11.60
C LYS D 607 -43.05 0.08 -12.11
N VAL D 608 -41.82 0.22 -12.61
CA VAL D 608 -41.35 1.49 -13.15
C VAL D 608 -42.15 1.90 -14.37
N GLN D 609 -42.47 0.92 -15.21
CA GLN D 609 -43.23 1.16 -16.43
C GLN D 609 -44.64 1.65 -16.12
N LEU D 610 -45.32 0.96 -15.19
CA LEU D 610 -46.67 1.35 -14.82
C LEU D 610 -46.67 2.75 -14.21
N GLU D 611 -45.65 3.06 -13.42
CA GLU D 611 -45.54 4.39 -12.81
C GLU D 611 -45.49 5.45 -13.91
N ALA D 612 -44.76 5.18 -14.98
CA ALA D 612 -44.68 6.14 -16.08
C ALA D 612 -46.06 6.32 -16.71
N TYR D 613 -46.77 5.22 -16.97
CA TYR D 613 -48.11 5.31 -17.55
C TYR D 613 -49.02 6.07 -16.59
N THR D 614 -48.89 5.78 -15.31
CA THR D 614 -49.70 6.43 -14.29
C THR D 614 -49.48 7.94 -14.29
N LYS D 615 -48.21 8.35 -14.19
CA LYS D 615 -47.92 9.78 -14.17
C LYS D 615 -48.57 10.45 -15.38
N GLU D 616 -48.51 9.79 -16.53
CA GLU D 616 -49.13 10.36 -17.73
C GLU D 616 -50.66 10.37 -17.61
N ALA D 617 -51.22 9.39 -16.91
CA ALA D 617 -52.67 9.32 -16.74
C ALA D 617 -53.15 10.49 -15.88
N GLU D 618 -52.40 10.78 -14.81
CA GLU D 618 -52.74 11.86 -13.91
C GLU D 618 -52.62 13.19 -14.63
N TRP D 619 -51.54 13.37 -15.40
CA TRP D 619 -51.36 14.61 -16.14
C TRP D 619 -52.50 14.77 -17.14
N SER D 620 -52.95 13.65 -17.70
CA SER D 620 -54.00 13.66 -18.70
C SER D 620 -55.37 14.03 -18.14
N GLU D 621 -55.81 13.34 -17.10
CA GLU D 621 -57.11 13.64 -16.50
C GLU D 621 -57.14 15.07 -15.99
N ALA D 622 -56.00 15.54 -15.48
CA ALA D 622 -55.91 16.90 -14.96
C ALA D 622 -55.67 17.89 -16.09
N LYS D 623 -55.44 17.37 -17.30
CA LYS D 623 -55.20 18.20 -18.47
C LYS D 623 -53.98 19.09 -18.26
N TYR D 624 -52.94 18.52 -17.65
CA TYR D 624 -51.71 19.25 -17.35
C TYR D 624 -50.61 19.00 -18.37
N VAL D 625 -49.93 20.06 -18.80
CA VAL D 625 -48.84 19.93 -19.76
C VAL D 625 -47.53 20.36 -19.11
N PRO D 626 -46.80 19.40 -18.52
CA PRO D 626 -45.52 19.70 -17.87
C PRO D 626 -44.53 20.36 -18.82
N SER D 627 -43.37 20.75 -18.30
CA SER D 627 -42.34 21.37 -19.13
C SER D 627 -41.70 20.26 -19.95
N PHE D 628 -40.87 20.64 -20.92
CA PHE D 628 -40.22 19.64 -21.76
C PHE D 628 -39.34 18.67 -20.98
N ASN D 629 -38.47 19.20 -20.13
CA ASN D 629 -37.58 18.36 -19.35
C ASN D 629 -38.30 17.35 -18.47
N GLU D 630 -39.37 17.78 -17.80
CA GLU D 630 -40.11 16.87 -16.95
C GLU D 630 -40.89 15.89 -17.80
N TYR D 631 -41.42 16.38 -18.91
CA TYR D 631 -42.18 15.50 -19.79
C TYR D 631 -41.27 14.41 -20.32
N ILE D 632 -40.13 14.83 -20.86
CA ILE D 632 -39.15 13.94 -21.45
C ILE D 632 -38.65 12.83 -20.53
N GLU D 633 -38.29 13.17 -19.29
CA GLU D 633 -37.80 12.15 -18.35
C GLU D 633 -38.77 11.01 -18.14
N ASN D 634 -40.06 11.32 -18.01
CA ASN D 634 -41.07 10.27 -17.83
C ASN D 634 -41.45 9.58 -19.15
N ALA D 635 -41.63 10.37 -20.20
CA ALA D 635 -42.00 9.85 -21.51
C ALA D 635 -40.92 8.94 -22.10
N SER D 636 -39.65 9.19 -21.77
CA SER D 636 -38.57 8.35 -22.26
C SER D 636 -38.85 6.93 -21.78
N VAL D 637 -39.50 6.83 -20.63
CA VAL D 637 -39.84 5.54 -20.04
C VAL D 637 -41.20 5.04 -20.51
N SER D 638 -42.17 5.95 -20.60
CA SER D 638 -43.51 5.55 -21.01
C SER D 638 -43.52 4.95 -22.42
N ILE D 639 -42.52 5.29 -23.23
CA ILE D 639 -42.46 4.76 -24.60
C ILE D 639 -42.38 3.22 -24.54
N ALA D 640 -41.98 2.70 -23.39
CA ALA D 640 -41.91 1.25 -23.11
C ALA D 640 -40.83 0.37 -23.75
N LEU D 641 -39.87 0.97 -24.46
CA LEU D 641 -38.82 0.19 -25.08
C LEU D 641 -37.91 -0.46 -24.03
N GLY D 642 -37.65 0.29 -22.95
CA GLY D 642 -36.80 -0.24 -21.90
C GLY D 642 -37.34 -1.53 -21.34
N THR D 643 -38.64 -1.54 -21.05
CA THR D 643 -39.33 -2.70 -20.50
C THR D 643 -39.14 -3.94 -21.38
N VAL D 644 -39.37 -3.76 -22.68
CA VAL D 644 -39.25 -4.86 -23.63
C VAL D 644 -37.83 -5.43 -23.64
N VAL D 645 -36.85 -4.53 -23.60
CA VAL D 645 -35.45 -4.93 -23.61
C VAL D 645 -35.06 -5.65 -22.34
N LEU D 646 -35.29 -5.00 -21.21
CA LEU D 646 -34.93 -5.58 -19.90
C LEU D 646 -35.51 -6.97 -19.63
N ILE D 647 -36.70 -7.23 -20.15
CA ILE D 647 -37.29 -8.54 -19.94
C ILE D 647 -36.80 -9.56 -20.99
N SER D 648 -36.56 -9.11 -22.22
CA SER D 648 -36.09 -10.00 -23.28
C SER D 648 -34.64 -10.44 -23.06
N ALA D 649 -33.89 -9.63 -22.30
CA ALA D 649 -32.50 -9.89 -21.99
C ALA D 649 -32.29 -11.11 -21.11
N LEU D 650 -33.38 -11.61 -20.53
CA LEU D 650 -33.29 -12.79 -19.69
C LEU D 650 -33.31 -14.05 -20.56
N PHE D 651 -33.64 -13.89 -21.83
CA PHE D 651 -33.73 -15.03 -22.72
C PHE D 651 -32.78 -15.03 -23.91
N THR D 652 -31.56 -14.55 -23.71
CA THR D 652 -30.58 -14.52 -24.80
C THR D 652 -29.78 -15.83 -24.89
N GLY D 653 -29.97 -16.71 -23.92
CA GLY D 653 -29.27 -17.97 -23.93
C GLY D 653 -28.14 -18.02 -22.91
N GLU D 654 -27.74 -16.86 -22.43
CA GLU D 654 -26.67 -16.78 -21.44
C GLU D 654 -27.17 -16.21 -20.12
N VAL D 655 -26.37 -16.36 -19.07
CA VAL D 655 -26.73 -15.85 -17.77
C VAL D 655 -26.50 -14.35 -17.69
N LEU D 656 -27.55 -13.61 -17.35
CA LEU D 656 -27.47 -12.17 -17.25
C LEU D 656 -26.87 -11.85 -15.89
N THR D 657 -25.65 -11.35 -15.88
CA THR D 657 -24.99 -11.02 -14.63
C THR D 657 -25.35 -9.59 -14.18
N ASP D 658 -25.15 -9.31 -12.90
CA ASP D 658 -25.44 -7.99 -12.35
C ASP D 658 -24.61 -6.96 -13.08
N GLU D 659 -23.38 -7.34 -13.43
CA GLU D 659 -22.46 -6.45 -14.13
C GLU D 659 -22.96 -6.06 -15.51
N VAL D 660 -23.43 -7.04 -16.28
CA VAL D 660 -23.93 -6.77 -17.62
C VAL D 660 -25.23 -5.99 -17.53
N LEU D 661 -26.06 -6.37 -16.58
CA LEU D 661 -27.34 -5.71 -16.36
C LEU D 661 -27.15 -4.26 -15.96
N SER D 662 -26.08 -3.99 -15.20
CA SER D 662 -25.80 -2.63 -14.77
C SER D 662 -25.41 -1.76 -15.95
N LYS D 663 -25.23 -2.36 -17.12
CA LYS D 663 -24.86 -1.60 -18.31
C LYS D 663 -26.01 -1.41 -19.29
N ILE D 664 -27.17 -1.98 -19.01
CA ILE D 664 -28.33 -1.82 -19.88
C ILE D 664 -29.60 -1.55 -19.08
N ASP D 665 -29.46 -1.33 -17.77
CA ASP D 665 -30.63 -1.07 -16.92
C ASP D 665 -31.16 0.36 -17.03
N ARG D 666 -32.22 0.65 -16.30
CA ARG D 666 -32.84 1.96 -16.34
C ARG D 666 -31.92 3.12 -15.93
N GLU D 667 -30.90 2.82 -15.12
CA GLU D 667 -29.97 3.85 -14.69
C GLU D 667 -28.85 4.10 -15.70
N SER D 668 -28.76 3.26 -16.73
CA SER D 668 -27.71 3.42 -17.73
C SER D 668 -28.03 4.44 -18.82
N ARG D 669 -27.01 5.15 -19.24
CA ARG D 669 -27.15 6.16 -20.30
C ARG D 669 -27.61 5.48 -21.59
N PHE D 670 -27.10 4.28 -21.82
CA PHE D 670 -27.41 3.49 -23.00
C PHE D 670 -28.92 3.23 -23.17
N LEU D 671 -29.55 2.68 -22.14
CA LEU D 671 -30.99 2.40 -22.23
C LEU D 671 -31.79 3.69 -22.29
N GLN D 672 -31.29 4.73 -21.62
CA GLN D 672 -31.96 6.02 -21.62
C GLN D 672 -32.00 6.68 -22.99
N LEU D 673 -30.89 6.63 -23.72
CA LEU D 673 -30.84 7.23 -25.06
C LEU D 673 -31.77 6.48 -26.00
N MET D 674 -31.82 5.17 -25.85
CA MET D 674 -32.70 4.36 -26.69
C MET D 674 -34.15 4.85 -26.46
N GLY D 675 -34.55 4.91 -25.20
CA GLY D 675 -35.89 5.37 -24.86
C GLY D 675 -36.18 6.78 -25.36
N LEU D 676 -35.21 7.67 -25.19
CA LEU D 676 -35.34 9.06 -25.61
C LEU D 676 -35.56 9.21 -27.12
N THR D 677 -34.72 8.55 -27.93
CA THR D 677 -34.87 8.67 -29.37
C THR D 677 -36.17 8.05 -29.90
N GLY D 678 -36.59 6.94 -29.31
CA GLY D 678 -37.83 6.32 -29.77
C GLY D 678 -39.01 7.23 -29.45
N ARG D 679 -38.96 7.82 -28.26
CA ARG D 679 -39.99 8.72 -27.78
C ARG D 679 -40.14 9.97 -28.65
N LEU D 680 -39.02 10.57 -29.04
CA LEU D 680 -39.06 11.79 -29.84
C LEU D 680 -39.52 11.53 -31.27
N VAL D 681 -39.08 10.43 -31.86
CA VAL D 681 -39.48 10.13 -33.23
C VAL D 681 -40.97 9.80 -33.27
N ASN D 682 -41.49 9.16 -32.22
CA ASN D 682 -42.92 8.83 -32.13
C ASN D 682 -43.74 10.10 -31.99
N ASP D 683 -43.30 10.98 -31.08
CA ASP D 683 -43.97 12.24 -30.79
C ASP D 683 -43.96 13.25 -31.93
N THR D 684 -42.88 13.32 -32.70
CA THR D 684 -42.85 14.26 -33.81
C THR D 684 -43.90 13.83 -34.84
N LYS D 685 -43.93 12.53 -35.13
CA LYS D 685 -44.88 11.97 -36.10
C LYS D 685 -46.33 12.05 -35.65
N THR D 686 -46.63 11.59 -34.43
CA THR D 686 -47.99 11.60 -33.93
C THR D 686 -48.54 13.00 -33.66
N TYR D 687 -47.69 14.02 -33.57
CA TYR D 687 -48.19 15.36 -33.34
C TYR D 687 -48.69 15.95 -34.65
N GLN D 688 -48.05 15.55 -35.76
CA GLN D 688 -48.40 16.04 -37.09
C GLN D 688 -49.48 15.16 -37.73
N ALA D 689 -49.73 14.00 -37.13
CA ALA D 689 -50.75 13.07 -37.63
C ALA D 689 -52.06 13.27 -36.88
N GLU D 690 -52.02 13.14 -35.56
CA GLU D 690 -53.21 13.31 -34.74
C GLU D 690 -53.42 14.76 -34.37
N ARG D 691 -54.67 15.21 -34.47
CA ARG D 691 -55.06 16.58 -34.16
C ARG D 691 -56.30 16.56 -33.27
N GLY D 692 -56.70 15.36 -32.84
CA GLY D 692 -57.88 15.20 -32.01
C GLY D 692 -57.78 15.77 -30.61
N GLN D 693 -57.16 15.02 -29.70
CA GLN D 693 -57.01 15.43 -28.30
C GLN D 693 -56.54 16.87 -28.15
N GLY D 694 -57.13 17.58 -27.20
CA GLY D 694 -56.77 18.97 -26.96
C GLY D 694 -55.41 19.17 -26.31
N GLU D 695 -55.41 19.71 -25.09
CA GLU D 695 -54.17 19.96 -24.38
C GLU D 695 -53.57 18.68 -23.80
N VAL D 696 -52.84 17.94 -24.62
CA VAL D 696 -52.21 16.71 -24.19
C VAL D 696 -50.70 16.89 -24.20
N ALA D 697 -50.05 16.37 -23.16
CA ALA D 697 -48.61 16.47 -23.04
C ALA D 697 -47.92 15.64 -24.12
N SER D 698 -46.98 16.27 -24.82
CA SER D 698 -46.21 15.61 -25.86
C SER D 698 -44.92 16.40 -26.03
N ALA D 699 -43.98 15.90 -26.83
CA ALA D 699 -42.71 16.61 -27.01
C ALA D 699 -42.90 18.03 -27.54
N ILE D 700 -43.66 18.16 -28.62
CA ILE D 700 -43.90 19.49 -29.21
C ILE D 700 -44.80 20.35 -28.30
N GLN D 701 -45.89 19.78 -27.80
CA GLN D 701 -46.81 20.51 -26.92
C GLN D 701 -46.05 21.12 -25.75
N CYS D 702 -45.21 20.31 -25.11
CA CYS D 702 -44.44 20.75 -23.97
C CYS D 702 -43.39 21.78 -24.32
N TYR D 703 -42.70 21.59 -25.44
CA TYR D 703 -41.68 22.53 -25.84
C TYR D 703 -42.30 23.86 -26.27
N MET D 704 -43.45 23.80 -26.95
CA MET D 704 -44.11 25.02 -27.39
C MET D 704 -44.65 25.81 -26.21
N LYS D 705 -44.95 25.11 -25.12
CA LYS D 705 -45.47 25.81 -23.94
C LYS D 705 -44.32 26.40 -23.13
N ASP D 706 -43.10 26.00 -23.48
CA ASP D 706 -41.90 26.50 -22.81
C ASP D 706 -41.37 27.72 -23.55
N HIS D 707 -41.58 27.73 -24.86
CA HIS D 707 -41.15 28.84 -25.70
C HIS D 707 -42.37 29.27 -26.54
N PRO D 708 -43.31 29.97 -25.88
CA PRO D 708 -44.57 30.49 -26.42
C PRO D 708 -44.55 31.25 -27.75
N LYS D 709 -43.44 31.88 -28.09
CA LYS D 709 -43.40 32.61 -29.35
C LYS D 709 -42.90 31.73 -30.49
N ILE D 710 -42.05 30.76 -30.17
CA ILE D 710 -41.50 29.85 -31.17
C ILE D 710 -42.62 29.12 -31.91
N SER D 711 -42.45 29.00 -33.23
CA SER D 711 -43.42 28.35 -34.11
C SER D 711 -43.47 26.83 -33.99
N GLU D 712 -44.58 26.26 -34.46
CA GLU D 712 -44.77 24.83 -34.44
C GLU D 712 -43.65 24.17 -35.24
N GLU D 713 -43.23 24.80 -36.33
CA GLU D 713 -42.17 24.24 -37.13
C GLU D 713 -40.84 24.38 -36.40
N GLU D 714 -40.60 25.56 -35.85
CA GLU D 714 -39.36 25.83 -35.13
C GLU D 714 -39.13 24.82 -34.01
N ALA D 715 -40.21 24.49 -33.29
CA ALA D 715 -40.14 23.51 -32.21
C ALA D 715 -39.88 22.13 -32.81
N LEU D 716 -40.61 21.82 -33.88
CA LEU D 716 -40.46 20.55 -34.56
C LEU D 716 -39.01 20.35 -34.96
N GLN D 717 -38.40 21.37 -35.54
CA GLN D 717 -37.01 21.26 -35.95
C GLN D 717 -36.11 21.08 -34.74
N HIS D 718 -36.48 21.68 -33.62
CA HIS D 718 -35.67 21.53 -32.42
C HIS D 718 -35.72 20.11 -31.88
N VAL D 719 -36.92 19.55 -31.76
CA VAL D 719 -37.05 18.18 -31.26
C VAL D 719 -36.26 17.25 -32.18
N TYR D 720 -36.33 17.50 -33.48
CA TYR D 720 -35.62 16.70 -34.46
C TYR D 720 -34.12 16.78 -34.22
N SER D 721 -33.64 17.99 -33.92
CA SER D 721 -32.21 18.21 -33.67
C SER D 721 -31.77 17.45 -32.43
N VAL D 722 -32.56 17.53 -31.37
CA VAL D 722 -32.28 16.83 -30.12
C VAL D 722 -32.19 15.33 -30.42
N MET D 723 -33.14 14.82 -31.19
CA MET D 723 -33.18 13.40 -31.55
C MET D 723 -31.91 13.02 -32.29
N GLU D 724 -31.46 13.88 -33.20
CA GLU D 724 -30.25 13.61 -33.97
C GLU D 724 -29.06 13.45 -33.02
N ASN D 725 -28.91 14.40 -32.10
CA ASN D 725 -27.81 14.35 -31.15
C ASN D 725 -27.83 13.07 -30.33
N ALA D 726 -29.02 12.68 -29.86
CA ALA D 726 -29.14 11.46 -29.06
C ALA D 726 -28.74 10.22 -29.86
N LEU D 727 -29.12 10.17 -31.15
CA LEU D 727 -28.78 9.02 -31.99
C LEU D 727 -27.28 8.93 -32.21
N GLU D 728 -26.60 10.06 -32.33
CA GLU D 728 -25.16 10.05 -32.48
C GLU D 728 -24.53 9.52 -31.19
N GLU D 729 -25.07 9.93 -30.05
CA GLU D 729 -24.56 9.45 -28.76
C GLU D 729 -24.86 7.96 -28.62
N LEU D 730 -25.97 7.53 -29.20
CA LEU D 730 -26.38 6.13 -29.14
C LEU D 730 -25.39 5.30 -29.96
N ASN D 731 -24.94 5.83 -31.08
CA ASN D 731 -23.96 5.14 -31.92
C ASN D 731 -22.71 4.88 -31.10
N ARG D 732 -22.21 5.92 -30.44
CA ARG D 732 -20.99 5.79 -29.67
C ARG D 732 -21.13 4.78 -28.53
N GLU D 733 -22.26 4.81 -27.86
CA GLU D 733 -22.52 3.87 -26.76
C GLU D 733 -22.58 2.46 -27.32
N PHE D 734 -23.30 2.32 -28.44
CA PHE D 734 -23.48 1.03 -29.08
C PHE D 734 -22.16 0.42 -29.53
N VAL D 735 -21.23 1.25 -29.97
CA VAL D 735 -19.93 0.76 -30.43
C VAL D 735 -18.86 0.57 -29.36
N ASN D 736 -18.65 1.59 -28.53
CA ASN D 736 -17.61 1.55 -27.49
C ASN D 736 -17.91 0.90 -26.14
N ASN D 737 -19.17 0.67 -25.81
CA ASN D 737 -19.49 0.06 -24.52
C ASN D 737 -19.12 -1.42 -24.50
N LYS D 738 -18.39 -1.82 -23.45
CA LYS D 738 -17.96 -3.20 -23.27
C LYS D 738 -19.13 -4.04 -22.77
N ILE D 739 -19.96 -4.51 -23.70
CA ILE D 739 -21.14 -5.31 -23.36
C ILE D 739 -21.26 -6.46 -24.37
N PRO D 740 -21.77 -7.62 -23.94
CA PRO D 740 -21.89 -8.71 -24.91
C PRO D 740 -22.76 -8.27 -26.10
N ASP D 741 -22.35 -8.67 -27.30
CA ASP D 741 -23.03 -8.30 -28.54
C ASP D 741 -24.56 -8.37 -28.57
N ILE D 742 -25.12 -9.48 -28.09
CA ILE D 742 -26.56 -9.65 -28.12
C ILE D 742 -27.32 -8.52 -27.40
N TYR D 743 -26.82 -8.06 -26.26
CA TYR D 743 -27.51 -7.00 -25.52
C TYR D 743 -27.37 -5.65 -26.21
N LYS D 744 -26.21 -5.39 -26.81
CA LYS D 744 -26.02 -4.13 -27.52
C LYS D 744 -27.03 -4.09 -28.67
N ARG D 745 -27.27 -5.26 -29.28
CA ARG D 745 -28.21 -5.38 -30.38
C ARG D 745 -29.66 -5.19 -29.92
N LEU D 746 -29.99 -5.71 -28.74
CA LEU D 746 -31.35 -5.56 -28.22
C LEU D 746 -31.70 -4.09 -27.97
N VAL D 747 -30.71 -3.33 -27.49
CA VAL D 747 -30.91 -1.92 -27.19
C VAL D 747 -30.91 -1.04 -28.43
N PHE D 748 -29.87 -1.14 -29.25
CA PHE D 748 -29.74 -0.35 -30.45
C PHE D 748 -30.78 -0.66 -31.54
N GLU D 749 -31.01 -1.94 -31.79
CA GLU D 749 -32.00 -2.33 -32.80
C GLU D 749 -33.41 -1.85 -32.43
N THR D 750 -33.74 -1.89 -31.14
CA THR D 750 -35.04 -1.43 -30.70
C THR D 750 -35.20 0.05 -31.05
N ALA D 751 -34.15 0.84 -30.84
CA ALA D 751 -34.20 2.26 -31.19
C ALA D 751 -34.37 2.35 -32.72
N ARG D 752 -33.63 1.52 -33.43
CA ARG D 752 -33.72 1.53 -34.90
C ARG D 752 -35.12 1.23 -35.42
N ILE D 753 -35.80 0.25 -34.80
CA ILE D 753 -37.17 -0.08 -35.24
C ILE D 753 -38.09 1.13 -35.14
N MET D 754 -37.94 1.92 -34.09
CA MET D 754 -38.77 3.10 -33.93
C MET D 754 -38.44 4.12 -35.03
N GLN D 755 -37.18 4.25 -35.37
CA GLN D 755 -36.81 5.18 -36.43
C GLN D 755 -37.52 4.77 -37.74
N LEU D 756 -37.59 3.48 -38.00
CA LEU D 756 -38.23 2.97 -39.21
C LEU D 756 -39.74 3.19 -39.20
N PHE D 757 -40.40 2.71 -38.15
CA PHE D 757 -41.84 2.85 -38.06
C PHE D 757 -42.34 4.28 -38.08
N TYR D 758 -41.64 5.18 -37.41
CA TYR D 758 -42.09 6.58 -37.37
C TYR D 758 -41.28 7.53 -38.24
N MET D 759 -40.64 6.98 -39.26
CA MET D 759 -39.84 7.79 -40.17
C MET D 759 -40.71 8.74 -41.00
N GLN D 760 -40.10 9.82 -41.47
CA GLN D 760 -40.78 10.80 -42.30
C GLN D 760 -40.64 10.38 -43.76
N GLY D 761 -41.74 9.93 -44.36
CA GLY D 761 -41.71 9.48 -45.74
C GLY D 761 -42.26 10.48 -46.76
N ASP D 762 -43.17 10.00 -47.59
CA ASP D 762 -43.78 10.84 -48.62
C ASP D 762 -45.30 10.72 -48.61
N SER D 767 -49.34 6.30 -47.24
CA SER D 767 -48.15 5.48 -47.45
C SER D 767 -47.64 4.91 -46.12
N HIS D 768 -48.27 5.32 -45.03
CA HIS D 768 -47.86 4.86 -43.70
C HIS D 768 -47.98 3.35 -43.53
N ASP D 769 -49.20 2.89 -43.27
CA ASP D 769 -49.46 1.47 -43.07
C ASP D 769 -49.05 0.65 -44.28
N MET D 770 -48.92 1.31 -45.43
CA MET D 770 -48.51 0.65 -46.67
C MET D 770 -47.04 0.27 -46.56
N GLU D 771 -46.26 1.14 -45.92
CA GLU D 771 -44.82 0.90 -45.73
C GLU D 771 -44.65 -0.31 -44.81
N ILE D 772 -45.28 -0.26 -43.64
CA ILE D 772 -45.19 -1.33 -42.67
C ILE D 772 -45.59 -2.67 -43.28
N LYS D 773 -46.64 -2.66 -44.09
CA LYS D 773 -47.09 -3.91 -44.72
C LYS D 773 -46.00 -4.40 -45.67
N GLU D 774 -45.39 -3.48 -46.41
CA GLU D 774 -44.33 -3.85 -47.32
C GLU D 774 -43.16 -4.44 -46.55
N HIS D 775 -42.84 -3.86 -45.39
CA HIS D 775 -41.73 -4.35 -44.58
C HIS D 775 -41.97 -5.76 -44.08
N VAL D 776 -43.20 -6.03 -43.64
CA VAL D 776 -43.58 -7.35 -43.15
C VAL D 776 -43.52 -8.38 -44.27
N LYS D 777 -44.04 -8.01 -45.44
CA LYS D 777 -44.01 -8.94 -46.58
C LYS D 777 -42.55 -9.31 -46.90
N ASN D 778 -41.70 -8.31 -47.04
CA ASN D 778 -40.30 -8.54 -47.38
C ASN D 778 -39.50 -9.32 -46.35
N CYS D 779 -39.87 -9.24 -45.09
CA CYS D 779 -39.13 -9.94 -44.06
C CYS D 779 -39.74 -11.29 -43.65
N LEU D 780 -41.06 -11.38 -43.67
CA LEU D 780 -41.71 -12.61 -43.21
C LEU D 780 -42.37 -13.52 -44.23
N PHE D 781 -42.92 -12.98 -45.31
CA PHE D 781 -43.64 -13.83 -46.27
C PHE D 781 -43.03 -14.06 -47.66
N GLN D 782 -42.53 -13.01 -48.29
CA GLN D 782 -41.93 -13.10 -49.62
C GLN D 782 -40.50 -13.66 -49.54
N PRO D 783 -40.28 -14.86 -50.10
CA PRO D 783 -38.93 -15.44 -50.05
C PRO D 783 -38.07 -14.78 -51.12
N VAL D 784 -36.78 -15.07 -51.12
CA VAL D 784 -35.87 -14.52 -52.12
C VAL D 784 -35.51 -15.58 -53.15
N ALA D 785 -35.43 -15.18 -54.40
CA ALA D 785 -35.08 -16.09 -55.48
C ALA D 785 -34.01 -15.46 -56.37
#